data_9HJU
#
_entry.id   9HJU
#
_cell.length_a   1.00
_cell.length_b   1.00
_cell.length_c   1.00
_cell.angle_alpha   90.00
_cell.angle_beta   90.00
_cell.angle_gamma   90.00
#
_symmetry.space_group_name_H-M   'P 1'
#
loop_
_entity.id
_entity.type
_entity.pdbx_description
1 polymer 'E3 ubiquitin-protein ligase ZFP91'
2 polymer 'Selenide, water dikinase 1'
3 polymer 'Transcriptional regulator QRICH1'
4 polymer 'DNA (31-MER)'
5 polymer 'DNA (31-MER)'
6 non-polymer 'ZINC ION'
#
loop_
_entity_poly.entity_id
_entity_poly.type
_entity_poly.pdbx_seq_one_letter_code
_entity_poly.pdbx_strand_id
1 'polypeptide(L)'
;MPGETEEPRPPEQQDQEGGEAAKAAPEEPQQRPPEAVAAAPAGTTSSRVLRGGRDRGRAAAAAAAAAVSRRRKAEYPRRR
RSSPSARPPDVPGQQPQAAKSPSPVQGKKSPRLLCIEKVTTDKDPKEEKEEEDDSALPQEVSIAASRPSRGWRSSRTSVS
RHRDTENTRSSRSKTGSLQLICKSEPNTDQLDYDVGEEHQSPGGISSEEEEEEEEEMLISEEEIPFKDDPRDETYKPHLE
RETPKPRRKSGKVKEEKEKKEIKVEVEVEVKEEENEIREDEEPPRKRGRRRKDDKSPRLPKRRKKPPIQYVRCEMEGCGT
VLAHPRYLQHHIKYQHLLKKKYVCPHPSCGRLFRLQKQLLRHAKHHTDQRDYICEYCARAFKSSHNLAVHRMIHTGEKPL
QCEICGFTCRQKASLNWHMKKHDADSFYQFSCNICGKKFEKKDSVVAHKAKSHPEVLIAEALAANAGALITSTDILGTNP
ESLTQPSDGQGLPLLPEPLGNSTSGECLLLEAEGMSKSYCSGTERVSLMADGKIFVGSGSSGGTEGLVMNSDILGATTEV
LIEDSDSAGP
;
A
2 'polypeptide(L)'
;MSTRESFNPESYELDKSFRLTRFTELKGTGCKVPQDVLQKLLESLQENHFQEDEQFLGAVMPRLGIGMDTCVIPLRHGGL
SLVQTTDYIYPIVDDPYMMGRIACANVLSDLYAMGVTECDNMLMLLGVSNKMTDRERDKVMPLIIQGFKDAAEEAGTSVT
GGQTVLNPWIVLGGVATTVCQPNEFIMPDNAVPGDVLVLTKPLGTQVAVAVHQWLDIPEKWNKIKLVVTQEDVELAYQEA
MMNMARLNRTAAGLMHTFNAHAATDITGFGILGHAQNLAKQQRNEVSFVIHNLPVLAKMAAVSKACGNMFGLMHGTCPET
SGGLLICLPREQAARFCAEIKSPKYGEGHQAWIIGIVEKGNRTARIIDKPRIIEVAPQVATQNVNPTPGATS
;
B,C,F,G
3 'polypeptide(L)'
;MNNSLENTISFEEYIRVKARSVPQHRMKEFLDSLASKGPEALQEFQQTATTTMVYQQGGNCIYTDSTEVAGSLLELACPV
TTSVQPQTQQEQQIQVQQPQQVQVQVQVQQSPQQVSAQLSPQLTVHQPTEQPIQVQVQIQGQAPQSAAPSIQTPSLQSPS
PSQLQAAQIQVQHVQAAQQIQAAEIPEEHIPHQQIQAQLVAGQSLAGGQQIQIQTVGALSPPPSQQGSPREGERRVGTAS
VLQPVKKRKVDMPITVSYAISGQPVATVLAIPQGQQQSYVSLRPDLLTVDSAHLYSATGTITSPTGETWTIPVYSAQPRG
DPQQQSITHIAIPQEAYNAVHVSGSPTALAAVKLEDDKEKMVGTTSVVKNSHEEVVQTLANSLFPAQFMNGNIHIPVAVQ
AVAGTYQNTAQTVHIWDPQQQPQQQTPQEQTPPPQQQQQQLQVTCSAQTVQVAEVEPQSQPQPSPELLLPNSLKPEEGLE
VWKNWAQTKNAELEKDAQNRLAPIGRRQLLRFQEDLISSAVAELNYGLCLMTREARNGEGEPYDPDVLYYIFLCIQKYLF
ENGRVDDIFSDLYYVRFTEWLHEVLKDVQPRVTPLGYVLPSHVTEEMLWECKQLGAHSPSTLLTTLMFFNTKYFLLKTVD
QHMKLAFSKVLRQTKKNPSNPKDKSTSIRYLKALGIHQTGQKVTDDMYAEQTENPENPLRCPIKLYDFYLFKCPQSVKGR
NDTFYLTPEPVVAPNSPIWYSVQPISREQMGQMLTRILVIREIQEAIAVANASTMH
;
D,E,H,I
4 'polydeoxyribonucleotide'
;(DG)(DC)(DG)(DA)(DC)(DC)(DT)(DG)(DC)(DC)(DC)(DC)(DT)(DT)(DT)(DA)(DA)(DG)(DA)(DG)
(DC)(DA)(DC)(DC)(DC)(DC)(DC)(DC)(DT)(DC)(DC)
;
K
5 'polydeoxyribonucleotide'
;(DG)(DG)(DA)(DG)(DG)(DG)(DG)(DG)(DG)(DT)(DG)(DC)(DT)(DC)(DT)(DT)(DA)(DA)(DA)(DG)
(DG)(DG)(DG)(DC)(DA)(DG)(DG)(DT)(DC)(DG)(DC)
;
L
#
# COMPACT_ATOMS: atom_id res chain seq x y z
N LYS A 304 7.68 -32.09 29.31
CA LYS A 304 8.54 -32.65 30.35
C LYS A 304 9.28 -31.57 31.12
N LYS A 305 8.88 -30.32 30.92
CA LYS A 305 9.53 -29.21 31.60
C LYS A 305 9.13 -29.19 33.06
N PRO A 306 10.06 -29.36 34.01
CA PRO A 306 9.68 -29.32 35.43
C PRO A 306 9.32 -27.90 35.85
N PRO A 307 8.58 -27.76 36.95
CA PRO A 307 8.26 -26.41 37.43
C PRO A 307 9.51 -25.63 37.81
N ILE A 308 9.43 -24.31 37.66
CA ILE A 308 10.58 -23.44 37.83
C ILE A 308 10.81 -23.17 39.31
N GLN A 309 12.04 -23.39 39.78
CA GLN A 309 12.48 -22.97 41.09
C GLN A 309 13.88 -22.37 40.97
N TYR A 310 14.21 -21.47 41.90
CA TYR A 310 15.48 -20.78 41.88
C TYR A 310 16.32 -21.21 43.08
N VAL A 311 17.56 -21.59 42.81
CA VAL A 311 18.51 -21.99 43.84
C VAL A 311 19.83 -21.28 43.58
N ARG A 312 20.48 -20.83 44.64
CA ARG A 312 21.71 -20.05 44.55
C ARG A 312 22.89 -20.90 44.99
N CYS A 313 23.99 -20.78 44.26
CA CYS A 313 25.25 -21.45 44.62
C CYS A 313 25.78 -20.78 45.88
N GLU A 314 25.67 -21.46 47.02
CA GLU A 314 26.10 -20.89 48.28
C GLU A 314 27.61 -20.73 48.37
N MET A 315 28.37 -21.37 47.50
CA MET A 315 29.82 -21.22 47.53
C MET A 315 30.21 -19.76 47.34
N GLU A 316 31.17 -19.31 48.15
CA GLU A 316 31.59 -17.92 48.08
C GLU A 316 32.20 -17.61 46.72
N GLY A 317 32.01 -16.37 46.27
CA GLY A 317 32.51 -15.93 44.98
C GLY A 317 31.63 -16.27 43.81
N CYS A 318 30.51 -16.96 44.02
CA CYS A 318 29.59 -17.35 42.94
C CYS A 318 28.18 -17.06 43.45
N GLY A 319 27.69 -15.85 43.17
CA GLY A 319 26.37 -15.45 43.60
C GLY A 319 25.30 -15.73 42.56
N THR A 320 25.65 -16.52 41.55
CA THR A 320 24.71 -16.82 40.48
C THR A 320 23.50 -17.57 41.01
N VAL A 321 22.34 -17.28 40.42
CA VAL A 321 21.09 -17.96 40.76
C VAL A 321 20.63 -18.68 39.49
N LEU A 322 20.30 -19.95 39.64
CA LEU A 322 20.01 -20.78 38.48
C LEU A 322 18.51 -21.05 38.35
N ALA A 323 18.09 -21.41 37.14
CA ALA A 323 16.67 -21.45 36.82
C ALA A 323 15.99 -22.67 37.44
N HIS A 324 16.75 -23.67 37.84
CA HIS A 324 16.18 -24.92 38.34
C HIS A 324 17.17 -25.59 39.28
N PRO A 325 16.69 -26.38 40.24
CA PRO A 325 17.62 -27.18 41.06
C PRO A 325 18.43 -28.14 40.23
N ARG A 326 17.87 -28.63 39.12
CA ARG A 326 18.60 -29.50 38.21
C ARG A 326 19.93 -28.87 37.80
N TYR A 327 19.88 -27.62 37.34
CA TYR A 327 21.06 -26.94 36.83
C TYR A 327 22.09 -26.65 37.91
N LEU A 328 21.70 -26.66 39.19
CA LEU A 328 22.67 -26.37 40.24
C LEU A 328 23.78 -27.42 40.29
N GLN A 329 23.40 -28.70 40.19
CA GLN A 329 24.42 -29.76 40.21
C GLN A 329 25.37 -29.60 39.04
N HIS A 330 24.84 -29.34 37.86
CA HIS A 330 25.68 -29.17 36.68
C HIS A 330 26.62 -27.98 36.85
N HIS A 331 26.08 -26.85 37.32
CA HIS A 331 26.93 -25.68 37.54
C HIS A 331 28.07 -26.00 38.49
N ILE A 332 27.74 -26.55 39.67
CA ILE A 332 28.77 -26.83 40.65
C ILE A 332 29.82 -27.75 40.06
N LYS A 333 29.38 -28.89 39.48
CA LYS A 333 30.32 -29.88 38.99
C LYS A 333 31.22 -29.31 37.90
N TYR A 334 30.63 -28.67 36.88
CA TYR A 334 31.40 -28.27 35.72
C TYR A 334 32.23 -27.03 35.98
N GLN A 335 31.84 -26.18 36.94
CA GLN A 335 32.58 -24.95 37.19
C GLN A 335 33.59 -25.11 38.33
N HIS A 336 33.13 -25.45 39.53
CA HIS A 336 33.97 -25.38 40.72
C HIS A 336 34.66 -26.71 41.03
N LEU A 337 33.87 -27.77 41.24
CA LEU A 337 34.45 -29.02 41.70
C LEU A 337 35.40 -29.62 40.67
N LEU A 338 35.03 -29.57 39.39
CA LEU A 338 35.86 -30.15 38.34
C LEU A 338 37.01 -29.20 38.04
N LYS A 339 38.12 -29.38 38.73
CA LYS A 339 39.34 -28.60 38.48
C LYS A 339 40.25 -29.43 37.58
N LYS A 340 40.40 -28.98 36.34
CA LYS A 340 41.19 -29.72 35.36
C LYS A 340 41.90 -28.74 34.44
N LYS A 341 42.95 -29.22 33.79
CA LYS A 341 43.70 -28.43 32.81
C LYS A 341 43.92 -29.29 31.57
N TYR A 342 43.64 -28.72 30.41
CA TYR A 342 43.90 -29.34 29.13
C TYR A 342 44.74 -28.40 28.27
N VAL A 343 45.31 -28.94 27.21
CA VAL A 343 46.13 -28.19 26.28
C VAL A 343 45.60 -28.43 24.87
N CYS A 344 45.42 -27.36 24.11
CA CYS A 344 44.94 -27.50 22.74
C CYS A 344 45.94 -28.30 21.92
N PRO A 345 45.49 -29.27 21.12
CA PRO A 345 46.45 -30.09 20.38
C PRO A 345 47.28 -29.32 19.37
N HIS A 346 46.86 -28.13 18.98
CA HIS A 346 47.57 -27.42 17.93
C HIS A 346 49.01 -27.15 18.38
N PRO A 347 50.00 -27.24 17.48
CA PRO A 347 51.39 -27.17 17.93
C PRO A 347 51.75 -25.88 18.67
N SER A 348 51.22 -24.75 18.26
CA SER A 348 51.65 -23.45 18.77
C SER A 348 50.59 -22.71 19.58
N CYS A 349 49.41 -23.28 19.77
CA CYS A 349 48.34 -22.57 20.47
C CYS A 349 48.77 -22.22 21.88
N GLY A 350 49.22 -23.21 22.64
CA GLY A 350 49.69 -22.98 24.00
C GLY A 350 48.62 -22.53 24.97
N ARG A 351 47.35 -22.66 24.63
CA ARG A 351 46.27 -22.26 25.49
C ARG A 351 45.90 -23.37 26.46
N LEU A 352 45.15 -23.02 27.50
CA LEU A 352 44.72 -23.96 28.53
C LEU A 352 43.23 -23.80 28.76
N PHE A 353 42.50 -24.91 28.70
CA PHE A 353 41.06 -24.94 28.93
C PHE A 353 40.74 -26.01 29.96
N ARG A 354 40.05 -25.61 31.03
CA ARG A 354 39.73 -26.57 32.08
C ARG A 354 38.56 -27.48 31.69
N LEU A 355 37.55 -26.94 31.01
CA LEU A 355 36.44 -27.75 30.55
C LEU A 355 36.84 -28.58 29.34
N GLN A 356 36.04 -29.60 29.06
CA GLN A 356 36.18 -30.39 27.84
C GLN A 356 35.32 -29.86 26.70
N LYS A 357 34.22 -29.18 27.04
CA LYS A 357 33.38 -28.58 26.01
C LYS A 357 34.12 -27.49 25.26
N GLN A 358 34.90 -26.67 25.98
CA GLN A 358 35.54 -25.51 25.36
C GLN A 358 36.51 -25.92 24.27
N LEU A 359 37.25 -27.01 24.48
CA LEU A 359 38.25 -27.42 23.49
C LEU A 359 37.63 -27.69 22.13
N LEU A 360 36.48 -28.36 22.11
CA LEU A 360 35.84 -28.65 20.84
C LEU A 360 35.52 -27.38 20.08
N ARG A 361 35.05 -26.35 20.78
CA ARG A 361 34.86 -25.05 20.14
C ARG A 361 36.19 -24.47 19.67
N HIS A 362 37.23 -24.59 20.50
CA HIS A 362 38.52 -24.02 20.14
C HIS A 362 39.07 -24.64 18.87
N ALA A 363 38.84 -25.94 18.67
CA ALA A 363 39.29 -26.60 17.46
C ALA A 363 38.77 -25.90 16.22
N LYS A 364 37.57 -25.31 16.30
CA LYS A 364 37.03 -24.58 15.16
C LYS A 364 37.90 -23.39 14.81
N HIS A 365 38.46 -22.71 15.81
CA HIS A 365 39.30 -21.54 15.55
C HIS A 365 40.53 -21.92 14.73
N HIS A 366 41.19 -23.03 15.10
CA HIS A 366 42.44 -23.39 14.44
C HIS A 366 42.22 -23.93 13.03
N THR A 367 41.11 -24.63 12.81
CA THR A 367 40.78 -25.12 11.48
C THR A 367 40.15 -24.00 10.67
N ASP A 368 39.66 -24.32 9.47
CA ASP A 368 39.02 -23.34 8.60
C ASP A 368 37.77 -23.93 7.96
N GLN A 369 36.97 -24.63 8.76
CA GLN A 369 35.72 -25.22 8.27
C GLN A 369 34.58 -24.24 8.50
N ARG A 370 33.98 -23.77 7.41
CA ARG A 370 32.90 -22.79 7.46
C ARG A 370 31.64 -23.44 6.90
N ASP A 371 30.70 -23.81 7.78
CA ASP A 371 29.53 -24.57 7.40
C ASP A 371 28.25 -23.73 7.40
N TYR A 372 28.36 -22.42 7.54
CA TYR A 372 27.20 -21.54 7.60
C TYR A 372 27.30 -20.52 6.47
N ILE A 373 26.27 -20.49 5.62
CA ILE A 373 26.26 -19.66 4.40
C ILE A 373 25.11 -18.68 4.51
N CYS A 374 25.42 -17.40 4.31
CA CYS A 374 24.39 -16.37 4.37
C CYS A 374 23.40 -16.54 3.23
N GLU A 375 22.14 -16.19 3.50
CA GLU A 375 21.09 -16.35 2.50
C GLU A 375 21.32 -15.44 1.31
N TYR A 376 21.77 -14.20 1.56
CA TYR A 376 21.79 -13.16 0.53
C TYR A 376 23.13 -13.11 -0.20
N CYS A 377 24.23 -12.89 0.52
CA CYS A 377 25.53 -12.68 -0.09
C CYS A 377 26.38 -13.94 -0.18
N ALA A 378 25.88 -15.08 0.31
CA ALA A 378 26.58 -16.35 0.17
C ALA A 378 27.96 -16.31 0.82
N ARG A 379 28.07 -15.65 1.97
CA ARG A 379 29.32 -15.58 2.69
C ARG A 379 29.36 -16.65 3.78
N ALA A 380 30.56 -17.19 4.00
CA ALA A 380 30.75 -18.35 4.87
C ALA A 380 31.20 -17.90 6.26
N PHE A 381 30.58 -18.47 7.29
CA PHE A 381 30.89 -18.14 8.67
C PHE A 381 31.14 -19.41 9.47
N LYS A 382 31.82 -19.25 10.59
CA LYS A 382 32.23 -20.39 11.43
C LYS A 382 31.21 -20.74 12.50
N SER A 383 30.28 -19.84 12.81
CA SER A 383 29.31 -20.07 13.87
C SER A 383 27.98 -19.45 13.49
N SER A 384 26.90 -20.01 14.04
CA SER A 384 25.56 -19.55 13.66
C SER A 384 25.31 -18.12 14.12
N HIS A 385 25.76 -17.76 15.31
CA HIS A 385 25.50 -16.42 15.83
C HIS A 385 26.27 -15.36 15.05
N ASN A 386 27.46 -15.69 14.55
CA ASN A 386 28.15 -14.75 13.66
C ASN A 386 27.31 -14.47 12.43
N LEU A 387 26.71 -15.51 11.85
CA LEU A 387 25.81 -15.31 10.72
C LEU A 387 24.61 -14.46 11.12
N ALA A 388 24.05 -14.74 12.30
CA ALA A 388 22.89 -13.98 12.76
C ALA A 388 23.22 -12.49 12.86
N VAL A 389 24.41 -12.17 13.35
CA VAL A 389 24.84 -10.78 13.39
C VAL A 389 25.04 -10.25 11.97
N HIS A 390 25.57 -11.08 11.07
CA HIS A 390 25.79 -10.63 9.70
C HIS A 390 24.49 -10.31 8.99
N ARG A 391 23.46 -11.14 9.20
CA ARG A 391 22.20 -10.94 8.48
C ARG A 391 21.63 -9.55 8.74
N MET A 392 21.97 -8.94 9.88
CA MET A 392 21.44 -7.63 10.19
C MET A 392 21.81 -6.60 9.12
N ILE A 393 22.96 -6.79 8.46
CA ILE A 393 23.34 -5.88 7.39
C ILE A 393 22.31 -5.91 6.27
N HIS A 394 21.85 -7.11 5.91
CA HIS A 394 20.96 -7.24 4.76
C HIS A 394 19.55 -6.79 5.09
N THR A 395 19.10 -7.02 6.33
CA THR A 395 17.78 -6.60 6.74
C THR A 395 17.73 -5.12 7.14
N GLY A 396 18.89 -4.49 7.36
CA GLY A 396 18.93 -3.08 7.68
C GLY A 396 18.26 -2.72 8.99
N GLU A 397 18.56 -3.47 10.04
CA GLU A 397 18.01 -3.22 11.37
C GLU A 397 19.13 -2.91 12.34
N LYS A 398 18.90 -1.90 13.18
CA LYS A 398 19.89 -1.42 14.16
C LYS A 398 19.25 -1.49 15.55
N PRO A 399 19.36 -2.62 16.25
CA PRO A 399 18.63 -2.78 17.51
C PRO A 399 19.11 -1.84 18.63
N LEU A 400 20.40 -1.80 18.90
CA LEU A 400 20.89 -1.01 20.03
C LEU A 400 20.73 0.48 19.76
N GLN A 401 20.78 1.26 20.84
CA GLN A 401 20.59 2.70 20.75
C GLN A 401 21.16 3.36 22.00
N CYS A 402 22.00 4.36 21.81
CA CYS A 402 22.53 5.12 22.94
C CYS A 402 21.40 5.86 23.65
N GLU A 403 21.50 5.92 24.97
CA GLU A 403 20.44 6.50 25.80
C GLU A 403 20.62 7.99 26.06
N ILE A 404 21.61 8.62 25.45
CA ILE A 404 21.86 10.05 25.61
C ILE A 404 21.56 10.81 24.32
N CYS A 405 22.20 10.41 23.21
CA CYS A 405 22.10 11.13 21.94
C CYS A 405 21.27 10.38 20.90
N GLY A 406 20.67 9.26 21.26
CA GLY A 406 19.84 8.54 20.30
C GLY A 406 20.58 8.06 19.08
N PHE A 407 21.78 7.52 19.26
CA PHE A 407 22.61 7.02 18.17
C PHE A 407 22.47 5.50 18.11
N THR A 408 21.97 4.99 16.99
CA THR A 408 21.63 3.58 16.85
C THR A 408 22.73 2.84 16.09
N CYS A 409 23.03 1.62 16.54
CA CYS A 409 24.06 0.79 15.95
C CYS A 409 23.56 -0.65 15.88
N ARG A 410 24.38 -1.51 15.28
CA ARG A 410 24.01 -2.91 15.07
C ARG A 410 24.58 -3.84 16.13
N GLN A 411 25.72 -3.51 16.72
CA GLN A 411 26.40 -4.41 17.64
C GLN A 411 26.88 -3.61 18.84
N LYS A 412 27.05 -4.31 19.97
CA LYS A 412 27.50 -3.63 21.17
C LYS A 412 28.91 -3.09 21.04
N ALA A 413 29.74 -3.67 20.16
CA ALA A 413 31.08 -3.14 19.95
C ALA A 413 31.02 -1.70 19.46
N SER A 414 30.10 -1.41 18.55
CA SER A 414 29.92 -0.03 18.10
C SER A 414 29.47 0.86 19.25
N LEU A 415 28.55 0.37 20.09
CA LEU A 415 28.06 1.16 21.20
C LEU A 415 29.17 1.49 22.18
N ASN A 416 30.03 0.51 22.49
CA ASN A 416 31.14 0.77 23.39
C ASN A 416 32.00 1.92 22.87
N TRP A 417 32.20 1.99 21.56
CA TRP A 417 32.96 3.10 20.99
C TRP A 417 32.22 4.41 21.20
N HIS A 418 30.89 4.40 21.03
CA HIS A 418 30.12 5.63 21.15
C HIS A 418 30.12 6.16 22.58
N MET A 419 30.11 5.27 23.57
CA MET A 419 30.11 5.70 24.96
C MET A 419 31.33 6.55 25.30
N LYS A 420 32.40 6.45 24.53
CA LYS A 420 33.57 7.30 24.78
C LYS A 420 33.23 8.76 24.59
N LYS A 421 32.46 9.09 23.55
CA LYS A 421 32.00 10.47 23.39
C LYS A 421 31.22 10.92 24.60
N HIS A 422 30.24 10.13 25.02
CA HIS A 422 29.47 10.42 26.23
C HIS A 422 30.19 9.79 27.42
N ASP A 423 31.33 10.38 27.76
CA ASP A 423 32.26 9.76 28.68
C ASP A 423 31.53 9.17 29.88
N ALA A 424 31.58 7.84 30.00
CA ALA A 424 30.85 7.12 31.01
C ALA A 424 31.72 6.23 31.88
N ASP A 425 32.99 6.03 31.52
CA ASP A 425 33.87 5.21 32.36
C ASP A 425 34.09 5.83 33.72
N SER A 426 33.78 7.12 33.89
CA SER A 426 33.94 7.75 35.19
C SER A 426 33.05 7.09 36.24
N PHE A 427 31.80 6.79 35.88
CA PHE A 427 30.86 6.17 36.81
C PHE A 427 31.04 4.66 36.89
N TYR A 428 31.87 4.07 36.03
CA TYR A 428 32.15 2.64 36.12
C TYR A 428 33.11 2.38 37.27
N GLN A 429 32.90 1.27 37.97
CA GLN A 429 33.70 0.94 39.15
C GLN A 429 34.59 -0.28 38.95
N PHE A 430 34.12 -1.28 38.21
CA PHE A 430 34.93 -2.48 38.00
C PHE A 430 36.11 -2.18 37.08
N SER A 431 37.12 -3.03 37.19
CA SER A 431 38.31 -2.87 36.35
C SER A 431 39.21 -4.09 36.56
N CYS A 432 39.93 -4.46 35.50
CA CYS A 432 40.82 -5.61 35.58
C CYS A 432 42.15 -5.19 36.21
N ASN A 433 42.73 -6.12 36.98
CA ASN A 433 43.91 -5.80 37.76
C ASN A 433 45.12 -5.47 36.88
N ILE A 434 45.23 -6.11 35.72
CA ILE A 434 46.45 -5.99 34.92
C ILE A 434 46.58 -4.60 34.32
N CYS A 435 45.64 -4.21 33.47
CA CYS A 435 45.76 -2.99 32.68
C CYS A 435 44.63 -2.00 32.97
N GLY A 436 43.98 -2.14 34.13
CA GLY A 436 42.99 -1.18 34.58
C GLY A 436 42.02 -0.74 33.51
N LYS A 437 41.18 -1.66 33.03
CA LYS A 437 40.34 -1.38 31.87
C LYS A 437 39.12 -0.53 32.19
N LYS A 438 38.67 -0.48 33.45
CA LYS A 438 37.58 0.41 33.84
C LYS A 438 36.24 -0.01 33.23
N PHE A 439 35.86 -1.27 33.45
CA PHE A 439 34.56 -1.75 33.02
C PHE A 439 33.46 -1.37 34.02
N GLU A 440 32.22 -1.55 33.57
CA GLU A 440 31.04 -1.26 34.37
C GLU A 440 30.58 -2.47 35.18
N LYS A 441 30.38 -3.61 34.52
CA LYS A 441 29.90 -4.82 35.17
C LYS A 441 31.05 -5.79 35.44
N LYS A 442 30.71 -6.94 36.00
CA LYS A 442 31.71 -7.90 36.47
C LYS A 442 32.15 -8.87 35.36
N ASP A 443 31.19 -9.58 34.76
CA ASP A 443 31.53 -10.58 33.76
C ASP A 443 32.27 -9.97 32.57
N SER A 444 32.10 -8.67 32.33
CA SER A 444 32.88 -8.01 31.30
C SER A 444 34.37 -8.14 31.56
N VAL A 445 34.77 -8.11 32.83
CA VAL A 445 36.17 -8.30 33.17
C VAL A 445 36.63 -9.71 32.80
N VAL A 446 35.75 -10.70 32.97
CA VAL A 446 36.08 -12.06 32.57
C VAL A 446 36.25 -12.13 31.05
N ALA A 447 35.36 -11.46 30.31
CA ALA A 447 35.48 -11.46 28.86
C ALA A 447 36.78 -10.80 28.42
N HIS A 448 37.17 -9.71 29.08
CA HIS A 448 38.44 -9.06 28.78
C HIS A 448 39.62 -9.97 29.09
N LYS A 449 39.57 -10.66 30.23
CA LYS A 449 40.66 -11.58 30.57
C LYS A 449 40.71 -12.75 29.59
N ALA A 450 39.57 -13.09 28.97
CA ALA A 450 39.57 -14.18 27.99
C ALA A 450 40.14 -13.72 26.66
N LYS A 451 39.57 -12.66 26.07
CA LYS A 451 40.05 -12.20 24.77
C LYS A 451 41.48 -11.67 24.88
N SER A 452 41.71 -10.76 25.82
CA SER A 452 43.04 -10.23 26.09
C SER A 452 43.49 -10.72 27.46
N HIS A 453 44.76 -10.46 27.77
CA HIS A 453 45.41 -11.03 28.95
C HIS A 453 45.11 -12.53 29.04
N PRO A 454 45.24 -13.26 27.94
CA PRO A 454 44.77 -14.65 27.93
C PRO A 454 45.57 -15.52 28.88
N GLU A 455 44.90 -16.55 29.40
CA GLU A 455 45.54 -17.53 30.29
C GLU A 455 46.10 -18.64 29.43
N VAL A 456 47.43 -18.67 29.29
CA VAL A 456 48.11 -19.61 28.41
C VAL A 456 49.41 -20.04 29.06
N LEU A 457 50.04 -21.06 28.47
CA LEU A 457 51.34 -21.52 28.91
C LEU A 457 52.46 -20.72 28.25
N MET B 1 -13.26 -16.55 -11.49
CA MET B 1 -11.97 -16.83 -10.81
C MET B 1 -12.18 -17.06 -9.32
N SER B 2 -11.35 -17.91 -8.73
CA SER B 2 -11.41 -18.19 -7.30
C SER B 2 -10.36 -17.42 -6.51
N THR B 3 -9.62 -16.51 -7.16
CA THR B 3 -8.63 -15.71 -6.44
C THR B 3 -9.31 -14.70 -5.51
N ARG B 4 -10.49 -14.19 -5.90
CA ARG B 4 -11.17 -13.21 -5.07
C ARG B 4 -11.56 -13.80 -3.72
N GLU B 5 -12.07 -15.04 -3.72
CA GLU B 5 -12.54 -15.66 -2.49
C GLU B 5 -12.29 -17.16 -2.56
N SER B 6 -12.13 -17.77 -1.39
CA SER B 6 -11.88 -19.20 -1.32
C SER B 6 -13.04 -19.98 -1.95
N PHE B 7 -12.71 -21.09 -2.60
CA PHE B 7 -13.71 -21.90 -3.26
C PHE B 7 -14.65 -22.51 -2.23
N ASN B 8 -15.94 -22.19 -2.33
CA ASN B 8 -16.95 -22.72 -1.44
C ASN B 8 -17.85 -23.68 -2.21
N PRO B 9 -17.89 -24.97 -1.87
CA PRO B 9 -18.67 -25.91 -2.70
C PRO B 9 -20.13 -25.53 -2.85
N GLU B 10 -20.75 -24.98 -1.80
CA GLU B 10 -22.17 -24.65 -1.88
C GLU B 10 -22.42 -23.58 -2.94
N SER B 11 -21.53 -22.60 -3.05
CA SER B 11 -21.72 -21.54 -4.03
C SER B 11 -21.90 -22.09 -5.44
N TYR B 12 -21.27 -23.22 -5.75
CA TYR B 12 -21.40 -23.86 -7.05
C TYR B 12 -22.29 -25.10 -6.99
N GLU B 13 -23.29 -25.09 -6.11
CA GLU B 13 -24.26 -26.17 -6.02
C GLU B 13 -23.59 -27.51 -5.73
N LEU B 14 -22.61 -27.49 -4.84
CA LEU B 14 -21.93 -28.70 -4.39
C LEU B 14 -22.10 -28.84 -2.89
N ASP B 15 -22.19 -30.09 -2.44
CA ASP B 15 -22.42 -30.36 -1.03
C ASP B 15 -21.21 -29.98 -0.19
N LYS B 16 -21.45 -29.78 1.10
CA LYS B 16 -20.37 -29.41 2.02
C LYS B 16 -19.31 -30.50 2.08
N SER B 17 -19.73 -31.77 2.10
CA SER B 17 -18.79 -32.87 2.22
C SER B 17 -17.84 -32.97 1.03
N PHE B 18 -18.16 -32.33 -0.08
CA PHE B 18 -17.34 -32.47 -1.28
C PHE B 18 -15.97 -31.85 -1.08
N ARG B 19 -14.94 -32.54 -1.57
CA ARG B 19 -13.58 -32.02 -1.58
C ARG B 19 -12.88 -32.58 -2.81
N LEU B 20 -12.23 -31.69 -3.56
CA LEU B 20 -11.59 -32.11 -4.81
C LEU B 20 -10.48 -33.12 -4.56
N THR B 21 -9.77 -32.99 -3.44
CA THR B 21 -8.64 -33.87 -3.16
C THR B 21 -9.07 -35.31 -2.90
N ARG B 22 -10.37 -35.57 -2.75
CA ARG B 22 -10.82 -36.93 -2.47
C ARG B 22 -10.56 -37.89 -3.62
N PHE B 23 -10.22 -37.38 -4.81
CA PHE B 23 -10.04 -38.21 -6.00
C PHE B 23 -8.58 -38.60 -6.23
N THR B 24 -7.79 -38.67 -5.17
CA THR B 24 -6.40 -39.10 -5.29
C THR B 24 -5.95 -39.71 -3.96
N GLU B 25 -5.19 -40.80 -4.06
CA GLU B 25 -4.64 -41.47 -2.88
C GLU B 25 -3.37 -40.74 -2.47
N LEU B 26 -3.54 -39.62 -1.77
CA LEU B 26 -2.41 -38.81 -1.35
C LEU B 26 -1.52 -39.60 -0.40
N LYS B 27 -0.21 -39.39 -0.52
CA LYS B 27 0.75 -40.06 0.34
C LYS B 27 1.92 -39.11 0.59
N GLY B 28 2.60 -39.31 1.72
CA GLY B 28 3.71 -38.44 2.09
C GLY B 28 4.88 -38.52 1.14
N THR B 29 5.04 -39.63 0.43
CA THR B 29 6.13 -39.79 -0.53
C THR B 29 5.80 -39.21 -1.90
N GLY B 30 4.61 -38.64 -2.07
CA GLY B 30 4.24 -38.02 -3.32
C GLY B 30 3.53 -38.97 -4.27
N CYS B 31 3.47 -38.54 -5.53
CA CYS B 31 2.84 -39.32 -6.59
C CYS B 31 3.72 -40.47 -7.07
N LYS B 32 4.83 -40.75 -6.39
CA LYS B 32 5.73 -41.82 -6.79
C LYS B 32 6.44 -42.36 -5.54
N VAL B 33 5.90 -43.44 -4.99
CA VAL B 33 6.51 -44.05 -3.80
C VAL B 33 7.91 -44.57 -4.10
N PRO B 34 8.14 -45.34 -5.18
CA PRO B 34 9.52 -45.80 -5.49
C PRO B 34 10.26 -44.81 -6.38
N GLN B 35 10.66 -43.69 -5.78
CA GLN B 35 11.32 -42.64 -6.55
C GLN B 35 12.49 -43.17 -7.35
N ASP B 36 13.29 -44.06 -6.74
CA ASP B 36 14.47 -44.59 -7.42
C ASP B 36 14.08 -45.34 -8.69
N VAL B 37 13.03 -46.17 -8.61
CA VAL B 37 12.65 -46.96 -9.78
C VAL B 37 12.17 -46.07 -10.91
N LEU B 38 11.35 -45.06 -10.61
CA LEU B 38 10.87 -44.16 -11.64
C LEU B 38 12.03 -43.43 -12.31
N GLN B 39 13.09 -43.12 -11.55
CA GLN B 39 14.29 -42.56 -12.18
C GLN B 39 14.86 -43.53 -13.21
N LYS B 40 14.92 -44.82 -12.86
CA LYS B 40 15.42 -45.81 -13.81
C LYS B 40 14.54 -45.87 -15.05
N LEU B 41 13.22 -45.84 -14.87
CA LEU B 41 12.32 -45.90 -16.02
C LEU B 41 12.48 -44.67 -16.91
N LEU B 42 12.57 -43.48 -16.30
CA LEU B 42 12.74 -42.27 -17.09
C LEU B 42 14.06 -42.29 -17.84
N GLU B 43 15.11 -42.80 -17.21
CA GLU B 43 16.38 -42.97 -17.92
C GLU B 43 16.22 -43.96 -19.06
N SER B 44 15.46 -45.04 -18.84
CA SER B 44 15.28 -46.04 -19.89
C SER B 44 14.59 -45.46 -21.11
N LEU B 45 13.53 -44.67 -20.90
CA LEU B 45 12.80 -44.11 -22.04
C LEU B 45 13.59 -42.97 -22.69
N GLN B 46 14.38 -42.23 -21.92
CA GLN B 46 15.19 -41.16 -22.49
C GLN B 46 16.37 -41.72 -23.28
N GLU B 47 17.05 -42.71 -22.72
CA GLU B 47 18.31 -43.18 -23.29
C GLU B 47 18.09 -43.71 -24.70
N ASN B 48 18.95 -43.28 -25.63
CA ASN B 48 18.93 -43.75 -27.01
C ASN B 48 20.36 -44.00 -27.46
N HIS B 49 20.58 -45.16 -28.08
CA HIS B 49 21.93 -45.58 -28.44
C HIS B 49 22.41 -44.98 -29.75
N PHE B 50 21.51 -44.65 -30.67
CA PHE B 50 21.91 -44.13 -31.97
C PHE B 50 22.36 -42.68 -31.93
N GLN B 51 21.98 -41.93 -30.89
CA GLN B 51 22.26 -40.51 -30.86
C GLN B 51 23.75 -40.19 -30.77
N GLU B 52 24.56 -41.13 -30.31
CA GLU B 52 26.00 -40.89 -30.23
C GLU B 52 26.61 -40.66 -31.61
N ASP B 53 26.22 -41.48 -32.60
CA ASP B 53 26.62 -41.28 -33.99
C ASP B 53 28.13 -41.04 -34.12
N GLU B 54 28.91 -41.89 -33.46
CA GLU B 54 30.36 -41.81 -33.47
C GLU B 54 30.86 -40.43 -33.03
N GLN B 55 30.09 -39.72 -32.21
CA GLN B 55 30.39 -38.38 -31.73
C GLN B 55 30.43 -37.35 -32.85
N PHE B 56 30.12 -37.75 -34.09
CA PHE B 56 30.16 -36.83 -35.24
C PHE B 56 31.54 -36.21 -35.40
N LEU B 57 32.59 -36.92 -34.97
CA LEU B 57 33.95 -36.44 -35.10
C LEU B 57 34.08 -35.02 -34.54
N GLY B 58 33.49 -34.80 -33.37
CA GLY B 58 33.53 -33.49 -32.75
C GLY B 58 32.81 -33.51 -31.43
N ALA B 59 32.60 -32.31 -30.88
CA ALA B 59 31.89 -32.13 -29.61
C ALA B 59 30.76 -31.14 -29.85
N VAL B 60 29.53 -31.64 -29.92
CA VAL B 60 28.35 -30.82 -30.14
C VAL B 60 27.30 -31.21 -29.11
N MET B 61 26.36 -30.30 -28.89
CA MET B 61 25.31 -30.53 -27.91
C MET B 61 24.51 -31.79 -28.27
N PRO B 62 24.03 -32.52 -27.29
CA PRO B 62 23.26 -33.74 -27.59
C PRO B 62 21.79 -33.44 -27.84
N ARG B 63 21.14 -34.38 -28.52
CA ARG B 63 19.70 -34.29 -28.72
C ARG B 63 18.98 -34.20 -27.38
N LEU B 64 19.29 -35.11 -26.47
CA LEU B 64 18.93 -34.96 -25.06
C LEU B 64 19.89 -33.95 -24.47
N GLY B 65 19.56 -32.67 -24.63
CA GLY B 65 20.43 -31.59 -24.25
C GLY B 65 21.17 -31.83 -22.95
N ILE B 66 20.48 -32.42 -21.97
CA ILE B 66 21.08 -32.74 -20.69
C ILE B 66 20.78 -34.15 -20.22
N GLY B 67 19.92 -34.89 -20.93
CA GLY B 67 19.64 -36.27 -20.61
C GLY B 67 18.61 -36.48 -19.52
N MET B 68 18.04 -35.42 -18.97
CA MET B 68 17.07 -35.58 -17.89
C MET B 68 15.77 -34.82 -18.13
N ASP B 69 15.83 -33.63 -18.73
CA ASP B 69 14.61 -32.87 -18.95
C ASP B 69 14.83 -31.88 -20.08
N THR B 70 13.71 -31.41 -20.64
CA THR B 70 13.69 -30.36 -21.65
C THR B 70 14.68 -30.67 -22.78
N CYS B 71 14.39 -31.76 -23.49
CA CYS B 71 15.19 -32.12 -24.65
C CYS B 71 15.16 -31.01 -25.69
N VAL B 72 16.30 -30.77 -26.32
CA VAL B 72 16.44 -29.65 -27.25
C VAL B 72 16.05 -30.06 -28.67
N ILE B 73 16.56 -31.20 -29.14
CA ILE B 73 16.13 -31.76 -30.43
C ILE B 73 16.28 -30.75 -31.55
N PRO B 74 17.49 -30.47 -32.03
CA PRO B 74 17.66 -29.52 -33.13
C PRO B 74 16.89 -29.95 -34.37
N LEU B 75 16.35 -28.96 -35.08
CA LEU B 75 15.54 -29.19 -36.26
C LEU B 75 16.37 -28.96 -37.52
N ARG B 76 15.70 -29.00 -38.67
CA ARG B 76 16.35 -28.79 -39.96
C ARG B 76 16.32 -27.32 -40.37
N HIS B 77 15.12 -26.74 -40.43
CA HIS B 77 14.97 -25.38 -40.94
C HIS B 77 15.63 -24.37 -40.02
N GLY B 78 16.48 -23.52 -40.59
CA GLY B 78 17.02 -22.39 -39.88
C GLY B 78 17.88 -22.74 -38.69
N GLY B 79 18.28 -24.01 -38.58
CA GLY B 79 19.10 -24.42 -37.47
C GLY B 79 18.48 -24.21 -36.11
N LEU B 80 17.16 -24.06 -36.07
CA LEU B 80 16.48 -23.79 -34.80
C LEU B 80 16.47 -25.04 -33.93
N SER B 81 15.87 -24.93 -32.76
CA SER B 81 15.77 -26.02 -31.81
C SER B 81 14.35 -26.09 -31.26
N LEU B 82 13.96 -27.28 -30.82
CA LEU B 82 12.60 -27.54 -30.34
C LEU B 82 12.68 -28.03 -28.90
N VAL B 83 12.63 -27.10 -27.96
CA VAL B 83 12.59 -27.45 -26.54
C VAL B 83 11.15 -27.77 -26.19
N GLN B 84 10.92 -28.95 -25.62
CA GLN B 84 9.58 -29.42 -25.34
C GLN B 84 9.59 -30.20 -24.03
N THR B 85 8.54 -30.04 -23.24
CA THR B 85 8.46 -30.64 -21.91
C THR B 85 7.05 -31.12 -21.64
N THR B 86 6.94 -32.03 -20.68
CA THR B 86 5.66 -32.58 -20.25
C THR B 86 5.70 -32.85 -18.76
N ASP B 87 4.54 -32.79 -18.12
CA ASP B 87 4.44 -33.09 -16.70
C ASP B 87 2.98 -33.31 -16.34
N TYR B 88 2.76 -34.13 -15.32
CA TYR B 88 1.40 -34.50 -14.89
C TYR B 88 1.38 -34.62 -13.38
N ILE B 89 0.41 -33.95 -12.75
CA ILE B 89 0.24 -34.01 -11.31
C ILE B 89 -1.24 -34.20 -11.00
N TYR B 90 -1.53 -35.03 -10.00
CA TYR B 90 -2.89 -35.22 -9.55
C TYR B 90 -3.29 -34.07 -8.63
N PRO B 91 -4.59 -33.82 -8.47
CA PRO B 91 -5.01 -32.67 -7.67
C PRO B 91 -4.47 -32.74 -6.25
N ILE B 92 -4.03 -31.58 -5.75
CA ILE B 92 -3.49 -31.48 -4.40
C ILE B 92 -4.07 -30.30 -3.63
N VAL B 93 -4.96 -29.52 -4.24
CA VAL B 93 -5.61 -28.40 -3.58
C VAL B 93 -7.10 -28.47 -3.87
N ASP B 94 -7.90 -28.08 -2.88
CA ASP B 94 -9.35 -28.16 -3.03
C ASP B 94 -9.84 -27.27 -4.17
N ASP B 95 -9.29 -26.07 -4.27
CA ASP B 95 -9.74 -25.11 -5.27
C ASP B 95 -9.47 -25.65 -6.68
N PRO B 96 -10.48 -25.77 -7.54
CA PRO B 96 -10.19 -26.21 -8.92
C PRO B 96 -9.46 -25.17 -9.74
N TYR B 97 -9.83 -23.89 -9.61
CA TYR B 97 -9.17 -22.84 -10.37
C TYR B 97 -7.68 -22.81 -10.06
N MET B 98 -7.34 -22.73 -8.77
CA MET B 98 -5.94 -22.69 -8.39
C MET B 98 -5.24 -23.99 -8.76
N MET B 99 -5.95 -25.11 -8.74
CA MET B 99 -5.32 -26.38 -9.13
C MET B 99 -4.95 -26.37 -10.60
N GLY B 100 -5.84 -25.86 -11.45
CA GLY B 100 -5.50 -25.74 -12.86
C GLY B 100 -4.33 -24.79 -13.09
N ARG B 101 -4.32 -23.67 -12.37
CA ARG B 101 -3.19 -22.76 -12.48
C ARG B 101 -1.90 -23.44 -12.05
N ILE B 102 -1.96 -24.26 -11.00
CA ILE B 102 -0.78 -24.97 -10.52
C ILE B 102 -0.30 -25.97 -11.57
N ALA B 103 -1.22 -26.69 -12.19
CA ALA B 103 -0.84 -27.63 -13.23
C ALA B 103 -0.16 -26.92 -14.39
N CYS B 104 -0.72 -25.79 -14.82
CA CYS B 104 -0.09 -25.04 -15.91
C CYS B 104 1.30 -24.55 -15.52
N ALA B 105 1.43 -24.03 -14.29
CA ALA B 105 2.73 -23.54 -13.85
C ALA B 105 3.76 -24.67 -13.79
N ASN B 106 3.33 -25.84 -13.31
CA ASN B 106 4.24 -26.99 -13.27
C ASN B 106 4.66 -27.39 -14.67
N VAL B 107 3.71 -27.40 -15.62
CA VAL B 107 4.06 -27.77 -16.98
C VAL B 107 5.08 -26.80 -17.55
N LEU B 108 4.88 -25.50 -17.31
CA LEU B 108 5.78 -24.49 -17.87
C LEU B 108 7.12 -24.41 -17.15
N SER B 109 7.19 -24.86 -15.89
CA SER B 109 8.41 -24.65 -15.11
C SER B 109 9.62 -25.34 -15.73
N ASP B 110 9.41 -26.45 -16.45
CA ASP B 110 10.54 -27.14 -17.05
C ASP B 110 11.25 -26.27 -18.07
N LEU B 111 10.50 -25.55 -18.90
CA LEU B 111 11.12 -24.67 -19.89
C LEU B 111 11.90 -23.55 -19.22
N TYR B 112 11.31 -22.92 -18.20
CA TYR B 112 11.99 -21.82 -17.53
C TYR B 112 13.28 -22.27 -16.87
N ALA B 113 13.44 -23.57 -16.61
CA ALA B 113 14.72 -24.05 -16.11
C ALA B 113 15.83 -23.89 -17.14
N MET B 114 15.49 -23.96 -18.42
CA MET B 114 16.46 -23.84 -19.49
C MET B 114 16.61 -22.40 -19.98
N GLY B 115 15.97 -21.44 -19.31
CA GLY B 115 16.08 -20.05 -19.68
C GLY B 115 15.11 -19.57 -20.72
N VAL B 116 14.22 -20.44 -21.20
CA VAL B 116 13.26 -20.06 -22.23
C VAL B 116 12.10 -19.32 -21.58
N THR B 117 11.90 -18.07 -21.98
CA THR B 117 10.87 -17.22 -21.39
C THR B 117 9.65 -17.07 -22.30
N GLU B 118 9.54 -17.86 -23.36
CA GLU B 118 8.41 -17.76 -24.27
C GLU B 118 7.98 -19.15 -24.71
N CYS B 119 6.66 -19.34 -24.83
CA CYS B 119 6.08 -20.62 -25.23
C CYS B 119 5.16 -20.38 -26.42
N ASP B 120 5.42 -21.07 -27.53
CA ASP B 120 4.60 -20.89 -28.72
C ASP B 120 3.24 -21.56 -28.59
N ASN B 121 3.20 -22.77 -28.04
CA ASN B 121 1.95 -23.51 -27.93
C ASN B 121 2.02 -24.39 -26.70
N MET B 122 0.84 -24.75 -26.19
CA MET B 122 0.73 -25.65 -25.05
C MET B 122 -0.50 -26.52 -25.21
N LEU B 123 -0.38 -27.77 -24.81
CA LEU B 123 -1.48 -28.72 -24.81
C LEU B 123 -1.87 -29.08 -23.39
N MET B 124 -3.06 -29.63 -23.23
CA MET B 124 -3.59 -29.96 -21.91
C MET B 124 -4.18 -31.36 -21.92
N LEU B 125 -3.86 -32.12 -20.89
CA LEU B 125 -4.46 -33.43 -20.65
C LEU B 125 -5.37 -33.30 -19.43
N LEU B 126 -6.68 -33.39 -19.66
CA LEU B 126 -7.67 -33.29 -18.59
C LEU B 126 -8.31 -34.66 -18.39
N GLY B 127 -8.23 -35.16 -17.17
CA GLY B 127 -8.81 -36.45 -16.83
C GLY B 127 -9.91 -36.31 -15.80
N VAL B 128 -11.06 -36.92 -16.07
CA VAL B 128 -12.21 -36.86 -15.19
C VAL B 128 -12.33 -38.18 -14.45
N SER B 129 -12.47 -38.12 -13.13
CA SER B 129 -12.52 -39.33 -12.32
C SER B 129 -13.82 -40.09 -12.58
N ASN B 130 -13.73 -41.43 -12.53
CA ASN B 130 -14.92 -42.25 -12.66
C ASN B 130 -15.91 -41.98 -11.53
N LYS B 131 -15.40 -41.84 -10.31
CA LYS B 131 -16.29 -41.74 -9.15
C LYS B 131 -17.06 -40.42 -9.14
N MET B 132 -16.50 -39.37 -9.71
CA MET B 132 -17.16 -38.07 -9.71
C MET B 132 -18.52 -38.16 -10.38
N THR B 133 -19.53 -37.60 -9.74
CA THR B 133 -20.88 -37.61 -10.30
C THR B 133 -20.99 -36.62 -11.45
N ASP B 134 -22.04 -36.79 -12.25
CA ASP B 134 -22.25 -35.91 -13.40
C ASP B 134 -22.42 -34.47 -12.96
N ARG B 135 -23.16 -34.25 -11.86
CA ARG B 135 -23.39 -32.89 -11.40
C ARG B 135 -22.09 -32.20 -11.01
N GLU B 136 -21.12 -32.95 -10.50
CA GLU B 136 -19.84 -32.37 -10.14
C GLU B 136 -18.97 -32.10 -11.36
N ARG B 137 -19.03 -33.00 -12.36
CA ARG B 137 -18.10 -32.89 -13.48
C ARG B 137 -18.29 -31.57 -14.24
N ASP B 138 -19.53 -31.17 -14.46
CA ASP B 138 -19.80 -29.95 -15.22
C ASP B 138 -19.67 -28.69 -14.38
N LYS B 139 -19.35 -28.81 -13.09
CA LYS B 139 -19.15 -27.66 -12.23
C LYS B 139 -17.71 -27.43 -11.83
N VAL B 140 -16.89 -28.48 -11.82
CA VAL B 140 -15.48 -28.38 -11.45
C VAL B 140 -14.59 -28.28 -12.67
N MET B 141 -14.85 -29.11 -13.68
CA MET B 141 -14.01 -29.10 -14.88
C MET B 141 -13.97 -27.75 -15.56
N PRO B 142 -15.08 -27.03 -15.72
CA PRO B 142 -14.97 -25.68 -16.31
C PRO B 142 -14.06 -24.77 -15.52
N LEU B 143 -14.09 -24.85 -14.19
CA LEU B 143 -13.19 -24.04 -13.39
C LEU B 143 -11.74 -24.44 -13.62
N ILE B 144 -11.47 -25.75 -13.70
CA ILE B 144 -10.10 -26.19 -13.94
C ILE B 144 -9.60 -25.67 -15.27
N ILE B 145 -10.42 -25.77 -16.31
CA ILE B 145 -10.00 -25.32 -17.63
C ILE B 145 -9.81 -23.81 -17.66
N GLN B 146 -10.69 -23.07 -16.98
CA GLN B 146 -10.55 -21.62 -16.92
C GLN B 146 -9.25 -21.24 -16.24
N GLY B 147 -8.91 -21.92 -15.13
CA GLY B 147 -7.65 -21.64 -14.47
C GLY B 147 -6.45 -21.97 -15.34
N PHE B 148 -6.52 -23.09 -16.05
CA PHE B 148 -5.42 -23.46 -16.93
C PHE B 148 -5.21 -22.42 -18.02
N LYS B 149 -6.31 -21.97 -18.65
CA LYS B 149 -6.19 -20.95 -19.68
C LYS B 149 -5.67 -19.63 -19.11
N ASP B 150 -6.15 -19.25 -17.92
CA ASP B 150 -5.66 -18.02 -17.31
C ASP B 150 -4.16 -18.10 -17.06
N ALA B 151 -3.69 -19.24 -16.56
CA ALA B 151 -2.26 -19.41 -16.35
C ALA B 151 -1.51 -19.33 -17.67
N ALA B 152 -2.05 -19.96 -18.72
CA ALA B 152 -1.41 -19.89 -20.03
C ALA B 152 -1.35 -18.45 -20.53
N GLU B 153 -2.42 -17.69 -20.32
CA GLU B 153 -2.42 -16.29 -20.75
C GLU B 153 -1.29 -15.51 -20.09
N GLU B 154 -1.10 -15.70 -18.79
CA GLU B 154 -0.03 -15.00 -18.10
C GLU B 154 1.35 -15.39 -18.60
N ALA B 155 1.46 -16.54 -19.25
CA ALA B 155 2.74 -17.02 -19.77
C ALA B 155 2.97 -16.63 -21.22
N GLY B 156 2.08 -15.85 -21.82
CA GLY B 156 2.27 -15.44 -23.20
C GLY B 156 2.03 -16.54 -24.20
N THR B 157 1.30 -17.58 -23.82
CA THR B 157 0.99 -18.70 -24.69
C THR B 157 -0.49 -19.04 -24.58
N SER B 158 -0.95 -19.93 -25.45
CA SER B 158 -2.34 -20.32 -25.50
C SER B 158 -2.46 -21.83 -25.53
N VAL B 159 -3.43 -22.37 -24.78
CA VAL B 159 -3.76 -23.78 -24.85
C VAL B 159 -4.69 -23.97 -26.04
N THR B 160 -4.24 -24.73 -27.03
CA THR B 160 -4.93 -24.87 -28.30
C THR B 160 -5.08 -26.33 -28.69
N GLY B 161 -5.53 -27.15 -27.75
CA GLY B 161 -5.74 -28.55 -28.02
C GLY B 161 -5.52 -29.36 -26.76
N GLY B 162 -5.47 -30.66 -26.93
CA GLY B 162 -5.23 -31.57 -25.83
C GLY B 162 -5.99 -32.86 -26.04
N GLN B 163 -6.27 -33.53 -24.92
CA GLN B 163 -7.00 -34.78 -24.94
C GLN B 163 -7.69 -34.96 -23.60
N THR B 164 -8.79 -35.69 -23.61
CA THR B 164 -9.57 -35.95 -22.40
C THR B 164 -9.85 -37.44 -22.32
N VAL B 165 -9.58 -38.04 -21.15
CA VAL B 165 -9.71 -39.48 -20.95
C VAL B 165 -10.27 -39.74 -19.56
N LEU B 166 -10.90 -40.90 -19.42
CA LEU B 166 -11.38 -41.35 -18.12
C LEU B 166 -10.24 -41.94 -17.31
N ASN B 167 -10.31 -41.76 -16.00
CA ASN B 167 -9.24 -42.18 -15.10
C ASN B 167 -9.82 -42.42 -13.72
N PRO B 168 -9.32 -43.41 -12.97
CA PRO B 168 -9.76 -43.54 -11.57
C PRO B 168 -9.47 -42.29 -10.74
N TRP B 169 -8.36 -41.62 -11.00
CA TRP B 169 -8.01 -40.38 -10.33
C TRP B 169 -7.94 -39.26 -11.34
N ILE B 170 -8.29 -38.04 -10.91
CA ILE B 170 -8.16 -36.89 -11.78
C ILE B 170 -6.69 -36.72 -12.16
N VAL B 171 -6.44 -36.61 -13.46
CA VAL B 171 -5.10 -36.39 -13.99
C VAL B 171 -5.10 -35.05 -14.70
N LEU B 172 -4.25 -34.14 -14.25
CA LEU B 172 -4.20 -32.79 -14.77
C LEU B 172 -2.77 -32.47 -15.20
N GLY B 173 -2.61 -32.06 -16.45
CA GLY B 173 -1.29 -31.76 -16.94
C GLY B 173 -1.34 -31.17 -18.34
N GLY B 174 -0.16 -31.08 -18.95
CA GLY B 174 -0.06 -30.50 -20.27
C GLY B 174 1.30 -30.76 -20.87
N VAL B 175 1.58 -30.02 -21.94
CA VAL B 175 2.85 -30.13 -22.66
C VAL B 175 3.16 -28.77 -23.27
N ALA B 176 4.36 -28.26 -23.00
CA ALA B 176 4.79 -26.96 -23.48
C ALA B 176 5.89 -27.12 -24.52
N THR B 177 5.79 -26.33 -25.59
CA THR B 177 6.74 -26.40 -26.70
C THR B 177 7.20 -25.00 -27.07
N THR B 178 8.45 -24.90 -27.52
CA THR B 178 9.01 -23.63 -27.96
C THR B 178 10.06 -23.90 -29.02
N VAL B 179 10.00 -23.15 -30.11
CA VAL B 179 11.00 -23.19 -31.17
C VAL B 179 11.81 -21.92 -31.05
N CYS B 180 13.09 -22.04 -30.70
CA CYS B 180 13.91 -20.91 -30.33
C CYS B 180 15.27 -20.99 -31.01
N GLN B 181 15.91 -19.83 -31.14
CA GLN B 181 17.25 -19.76 -31.69
C GLN B 181 18.25 -20.35 -30.70
N PRO B 182 19.46 -20.69 -31.17
CA PRO B 182 20.44 -21.29 -30.26
C PRO B 182 20.85 -20.39 -29.10
N ASN B 183 20.60 -19.09 -29.19
CA ASN B 183 21.04 -18.15 -28.17
C ASN B 183 19.93 -17.71 -27.23
N GLU B 184 18.78 -18.40 -27.24
CA GLU B 184 17.65 -18.02 -26.40
C GLU B 184 17.43 -18.96 -25.22
N PHE B 185 18.21 -20.03 -25.09
CA PHE B 185 18.07 -20.95 -23.98
C PHE B 185 19.44 -21.31 -23.43
N ILE B 186 19.52 -21.41 -22.11
CA ILE B 186 20.74 -21.80 -21.42
C ILE B 186 20.75 -23.31 -21.28
N MET B 187 21.74 -23.97 -21.87
CA MET B 187 21.86 -25.41 -21.75
C MET B 187 22.55 -25.69 -20.42
N PRO B 188 21.88 -26.34 -19.46
CA PRO B 188 22.48 -26.49 -18.12
C PRO B 188 23.51 -27.61 -18.07
N ASP B 189 24.69 -27.32 -18.64
CA ASP B 189 25.83 -28.23 -18.57
C ASP B 189 27.08 -27.55 -18.05
N ASN B 190 27.07 -26.24 -17.88
CA ASN B 190 28.22 -25.50 -17.35
C ASN B 190 28.11 -25.38 -15.84
N ALA B 191 29.24 -25.56 -15.17
CA ALA B 191 29.32 -25.33 -13.73
C ALA B 191 30.78 -25.34 -13.32
N VAL B 192 31.19 -24.33 -12.56
CA VAL B 192 32.60 -24.16 -12.20
C VAL B 192 32.68 -24.02 -10.68
N PRO B 193 33.74 -24.49 -10.04
CA PRO B 193 33.86 -24.29 -8.59
C PRO B 193 33.83 -22.82 -8.23
N GLY B 194 33.22 -22.52 -7.09
CA GLY B 194 33.04 -21.16 -6.62
C GLY B 194 31.65 -20.60 -6.82
N ASP B 195 30.84 -21.23 -7.67
CA ASP B 195 29.47 -20.77 -7.87
C ASP B 195 28.63 -21.08 -6.64
N VAL B 196 27.44 -20.48 -6.59
CA VAL B 196 26.53 -20.63 -5.47
C VAL B 196 25.14 -20.94 -6.00
N LEU B 197 24.50 -21.95 -5.42
CA LEU B 197 23.15 -22.32 -5.83
C LEU B 197 22.14 -21.30 -5.35
N VAL B 198 21.07 -21.13 -6.11
CA VAL B 198 20.01 -20.18 -5.80
C VAL B 198 18.67 -20.87 -5.98
N LEU B 199 17.77 -20.69 -5.02
CA LEU B 199 16.43 -21.25 -5.06
C LEU B 199 15.42 -20.11 -5.10
N THR B 200 14.34 -20.31 -5.85
CA THR B 200 13.34 -19.27 -6.05
C THR B 200 12.06 -19.50 -5.27
N LYS B 201 11.80 -20.72 -4.80
CA LYS B 201 10.60 -21.01 -4.04
C LYS B 201 10.96 -21.81 -2.80
N PRO B 202 10.24 -21.60 -1.69
CA PRO B 202 10.51 -22.39 -0.49
C PRO B 202 10.05 -23.82 -0.66
N LEU B 203 10.69 -24.72 0.09
CA LEU B 203 10.38 -26.14 0.03
C LEU B 203 9.20 -26.44 0.97
N GLY B 204 8.94 -27.72 1.18
CA GLY B 204 7.90 -28.14 2.11
C GLY B 204 6.49 -27.78 1.71
N THR B 205 6.19 -27.82 0.41
CA THR B 205 4.81 -27.65 -0.03
C THR B 205 4.00 -28.92 0.20
N GLN B 206 4.62 -30.09 -0.01
CA GLN B 206 3.91 -31.34 0.17
C GLN B 206 3.47 -31.53 1.62
N VAL B 207 4.30 -31.10 2.57
CA VAL B 207 3.92 -31.22 3.98
C VAL B 207 2.70 -30.36 4.27
N ALA B 208 2.70 -29.12 3.76
CA ALA B 208 1.56 -28.25 3.98
C ALA B 208 0.29 -28.83 3.34
N VAL B 209 0.42 -29.40 2.15
CA VAL B 209 -0.74 -30.01 1.50
C VAL B 209 -1.26 -31.19 2.33
N ALA B 210 -0.35 -32.06 2.78
CA ALA B 210 -0.77 -33.24 3.50
C ALA B 210 -1.44 -32.87 4.83
N VAL B 211 -0.88 -31.90 5.54
CA VAL B 211 -1.43 -31.51 6.82
C VAL B 211 -2.83 -30.93 6.65
N HIS B 212 -3.03 -30.08 5.64
CA HIS B 212 -4.33 -29.46 5.44
C HIS B 212 -5.41 -30.53 5.20
N GLN B 213 -5.04 -31.65 4.61
CA GLN B 213 -5.97 -32.75 4.41
C GLN B 213 -6.10 -33.64 5.64
N TRP B 214 -5.32 -33.37 6.69
CA TRP B 214 -5.43 -34.09 7.95
C TRP B 214 -6.33 -33.36 8.95
N LEU B 215 -6.94 -32.25 8.57
CA LEU B 215 -7.85 -31.54 9.44
C LEU B 215 -9.25 -32.16 9.47
N ASP B 216 -9.50 -33.17 8.64
CA ASP B 216 -10.78 -33.87 8.62
C ASP B 216 -10.70 -35.29 9.17
N ILE B 217 -9.51 -35.86 9.27
CA ILE B 217 -9.32 -37.21 9.79
C ILE B 217 -8.95 -37.09 11.27
N PRO B 218 -9.83 -37.45 12.20
CA PRO B 218 -9.48 -37.29 13.62
C PRO B 218 -8.27 -38.09 14.04
N GLU B 219 -8.06 -39.27 13.45
CA GLU B 219 -6.94 -40.11 13.86
C GLU B 219 -5.61 -39.44 13.60
N LYS B 220 -5.46 -38.82 12.42
CA LYS B 220 -4.19 -38.21 12.06
C LYS B 220 -3.98 -36.87 12.77
N TRP B 221 -5.03 -36.07 12.91
CA TRP B 221 -4.86 -34.73 13.45
C TRP B 221 -4.32 -34.77 14.88
N ASN B 222 -4.87 -35.65 15.72
CA ASN B 222 -4.44 -35.70 17.12
C ASN B 222 -2.94 -35.95 17.22
N LYS B 223 -2.38 -36.71 16.28
CA LYS B 223 -0.93 -36.96 16.30
C LYS B 223 -0.16 -35.67 16.09
N ILE B 224 -0.66 -34.78 15.23
CA ILE B 224 0.07 -33.57 14.84
C ILE B 224 -0.52 -32.31 15.46
N LYS B 225 -1.74 -32.37 16.00
CA LYS B 225 -2.34 -31.16 16.56
C LYS B 225 -1.48 -30.56 17.67
N LEU B 226 -0.66 -31.39 18.32
CA LEU B 226 0.15 -30.90 19.42
C LEU B 226 1.17 -29.86 18.95
N VAL B 227 1.80 -30.10 17.80
CA VAL B 227 2.95 -29.28 17.41
C VAL B 227 2.55 -28.01 16.67
N VAL B 228 1.41 -28.00 15.98
CA VAL B 228 1.02 -26.87 15.16
C VAL B 228 -0.45 -26.56 15.39
N THR B 229 -0.76 -25.27 15.50
CA THR B 229 -2.14 -24.83 15.63
C THR B 229 -2.81 -24.81 14.25
N GLN B 230 -4.14 -24.71 14.26
CA GLN B 230 -4.88 -24.75 13.00
C GLN B 230 -4.63 -23.51 12.16
N GLU B 231 -4.46 -22.34 12.81
CA GLU B 231 -4.21 -21.12 12.06
C GLU B 231 -2.90 -21.20 11.29
N ASP B 232 -1.87 -21.79 11.89
CA ASP B 232 -0.61 -21.94 11.20
C ASP B 232 -0.78 -22.83 9.97
N VAL B 233 -1.52 -23.92 10.11
CA VAL B 233 -1.76 -24.80 8.96
C VAL B 233 -2.51 -24.06 7.88
N GLU B 234 -3.51 -23.26 8.25
CA GLU B 234 -4.29 -22.52 7.26
C GLU B 234 -3.40 -21.56 6.49
N LEU B 235 -2.60 -20.77 7.19
CA LEU B 235 -1.75 -19.80 6.50
C LEU B 235 -0.67 -20.50 5.67
N ALA B 236 -0.13 -21.61 6.16
CA ALA B 236 0.86 -22.35 5.39
C ALA B 236 0.25 -22.92 4.12
N TYR B 237 -0.97 -23.47 4.22
CA TYR B 237 -1.65 -23.97 3.04
C TYR B 237 -1.90 -22.87 2.03
N GLN B 238 -2.34 -21.70 2.51
CA GLN B 238 -2.56 -20.58 1.59
C GLN B 238 -1.26 -20.17 0.90
N GLU B 239 -0.17 -20.07 1.66
CA GLU B 239 1.10 -19.68 1.07
C GLU B 239 1.57 -20.71 0.04
N ALA B 240 1.45 -22.00 0.38
CA ALA B 240 1.87 -23.04 -0.56
C ALA B 240 1.04 -23.00 -1.82
N MET B 241 -0.27 -22.80 -1.70
CA MET B 241 -1.12 -22.71 -2.89
C MET B 241 -0.73 -21.51 -3.73
N MET B 242 -0.48 -20.36 -3.11
CA MET B 242 -0.07 -19.19 -3.87
C MET B 242 1.29 -19.41 -4.53
N ASN B 243 2.25 -19.99 -3.80
CA ASN B 243 3.56 -20.24 -4.38
C ASN B 243 3.47 -21.24 -5.53
N MET B 244 2.77 -22.35 -5.30
CA MET B 244 2.68 -23.40 -6.32
C MET B 244 1.93 -22.94 -7.55
N ALA B 245 1.20 -21.83 -7.48
CA ALA B 245 0.44 -21.31 -8.61
C ALA B 245 1.11 -20.08 -9.21
N ARG B 246 2.44 -20.06 -9.19
CA ARG B 246 3.22 -18.90 -9.61
C ARG B 246 4.21 -19.30 -10.69
N LEU B 247 4.36 -18.44 -11.69
CA LEU B 247 5.25 -18.72 -12.81
C LEU B 247 6.66 -18.24 -12.52
N ASN B 248 7.63 -18.92 -13.11
CA ASN B 248 9.04 -18.58 -12.98
C ASN B 248 9.54 -17.75 -14.15
N ARG B 249 8.64 -17.01 -14.81
CA ARG B 249 9.05 -16.20 -15.95
C ARG B 249 10.13 -15.20 -15.55
N THR B 250 9.97 -14.53 -14.42
CA THR B 250 10.94 -13.53 -14.00
C THR B 250 12.30 -14.18 -13.72
N ALA B 251 12.29 -15.34 -13.05
CA ALA B 251 13.55 -16.02 -12.76
C ALA B 251 14.25 -16.45 -14.05
N ALA B 252 13.49 -16.99 -15.01
CA ALA B 252 14.09 -17.39 -16.27
C ALA B 252 14.65 -16.18 -17.02
N GLY B 253 13.93 -15.06 -17.00
CA GLY B 253 14.44 -13.87 -17.65
C GLY B 253 15.72 -13.37 -17.01
N LEU B 254 15.77 -13.37 -15.67
CA LEU B 254 16.96 -12.91 -14.98
C LEU B 254 18.12 -13.87 -15.12
N MET B 255 17.85 -15.15 -15.40
CA MET B 255 18.93 -16.12 -15.57
C MET B 255 19.92 -15.65 -16.63
N HIS B 256 19.41 -15.18 -17.77
CA HIS B 256 20.29 -14.67 -18.82
C HIS B 256 21.05 -13.44 -18.36
N THR B 257 20.38 -12.55 -17.62
CA THR B 257 21.00 -11.29 -17.24
C THR B 257 22.24 -11.52 -16.38
N PHE B 258 22.17 -12.49 -15.47
CA PHE B 258 23.21 -12.67 -14.45
C PHE B 258 24.08 -13.89 -14.73
N ASN B 259 24.28 -14.21 -16.01
CA ASN B 259 25.25 -15.22 -16.43
C ASN B 259 25.07 -16.53 -15.67
N ALA B 260 23.92 -17.15 -15.88
CA ALA B 260 23.65 -18.43 -15.24
C ALA B 260 24.36 -19.56 -15.97
N HIS B 261 24.89 -20.50 -15.21
CA HIS B 261 25.60 -21.64 -15.78
C HIS B 261 24.69 -22.85 -15.95
N ALA B 262 23.92 -23.19 -14.92
CA ALA B 262 23.02 -24.33 -14.99
C ALA B 262 21.81 -24.05 -14.11
N ALA B 263 20.72 -24.76 -14.40
CA ALA B 263 19.48 -24.60 -13.64
C ALA B 263 18.62 -25.83 -13.84
N THR B 264 17.64 -25.98 -12.96
CA THR B 264 16.70 -27.09 -13.01
C THR B 264 15.45 -26.69 -12.26
N ASP B 265 14.59 -27.66 -11.97
CA ASP B 265 13.37 -27.43 -11.21
C ASP B 265 13.24 -28.51 -10.15
N ILE B 266 12.50 -28.19 -9.09
CA ILE B 266 12.36 -29.06 -7.93
C ILE B 266 11.05 -29.84 -7.95
N THR B 267 10.47 -30.05 -9.13
CA THR B 267 9.21 -30.77 -9.25
C THR B 267 9.49 -32.26 -9.12
N GLY B 268 9.16 -32.82 -7.97
CA GLY B 268 9.36 -34.23 -7.72
C GLY B 268 10.81 -34.54 -7.33
N PHE B 269 10.98 -35.70 -6.70
CA PHE B 269 12.27 -36.22 -6.26
C PHE B 269 12.91 -35.38 -5.17
N GLY B 270 12.29 -34.29 -4.74
CA GLY B 270 12.86 -33.45 -3.72
C GLY B 270 13.99 -32.59 -4.25
N ILE B 271 14.65 -31.91 -3.31
CA ILE B 271 15.76 -31.03 -3.66
C ILE B 271 17.03 -31.83 -3.89
N LEU B 272 17.22 -32.92 -3.16
CA LEU B 272 18.47 -33.68 -3.29
C LEU B 272 18.49 -34.48 -4.59
N GLY B 273 17.38 -35.11 -4.95
CA GLY B 273 17.36 -35.91 -6.16
C GLY B 273 17.59 -35.08 -7.41
N HIS B 274 16.95 -33.91 -7.48
CA HIS B 274 17.13 -33.05 -8.65
C HIS B 274 18.54 -32.52 -8.74
N ALA B 275 19.14 -32.16 -7.59
CA ALA B 275 20.53 -31.73 -7.59
C ALA B 275 21.45 -32.86 -8.04
N GLN B 276 21.19 -34.07 -7.58
CA GLN B 276 22.00 -35.21 -8.00
C GLN B 276 21.90 -35.43 -9.51
N ASN B 277 20.68 -35.34 -10.05
CA ASN B 277 20.52 -35.47 -11.50
C ASN B 277 21.25 -34.36 -12.23
N LEU B 278 21.17 -33.13 -11.71
CA LEU B 278 21.86 -32.01 -12.34
C LEU B 278 23.37 -32.17 -12.26
N ALA B 279 23.88 -32.68 -11.15
CA ALA B 279 25.32 -32.79 -10.99
C ALA B 279 25.94 -33.69 -12.05
N LYS B 280 25.27 -34.80 -12.37
CA LYS B 280 25.83 -35.72 -13.36
C LYS B 280 25.99 -35.05 -14.72
N GLN B 281 25.15 -34.08 -15.04
CA GLN B 281 25.18 -33.47 -16.36
C GLN B 281 26.41 -32.58 -16.55
N GLN B 282 26.91 -31.98 -15.48
CA GLN B 282 27.97 -30.99 -15.59
C GLN B 282 29.19 -31.59 -16.29
N ARG B 283 29.73 -30.85 -17.26
CA ARG B 283 30.92 -31.33 -17.95
C ARG B 283 32.12 -31.42 -17.01
N ASN B 284 32.31 -30.41 -16.18
CA ASN B 284 33.44 -30.38 -15.25
C ASN B 284 33.19 -31.36 -14.11
N GLU B 285 34.17 -31.44 -13.20
CA GLU B 285 34.08 -32.32 -12.04
C GLU B 285 33.73 -31.47 -10.82
N VAL B 286 32.44 -31.18 -10.67
CA VAL B 286 31.93 -30.31 -9.62
C VAL B 286 30.83 -31.04 -8.88
N SER B 287 30.86 -30.95 -7.55
CA SER B 287 29.85 -31.56 -6.70
C SER B 287 29.19 -30.47 -5.85
N PHE B 288 27.87 -30.54 -5.74
CA PHE B 288 27.10 -29.55 -5.01
C PHE B 288 27.02 -29.90 -3.53
N VAL B 289 26.92 -28.87 -2.70
CA VAL B 289 26.70 -29.01 -1.27
C VAL B 289 25.66 -27.99 -0.87
N ILE B 290 24.62 -28.44 -0.17
CA ILE B 290 23.49 -27.60 0.21
C ILE B 290 23.53 -27.40 1.72
N HIS B 291 23.65 -26.14 2.16
CA HIS B 291 23.73 -25.82 3.57
C HIS B 291 22.43 -25.27 4.14
N ASN B 292 21.67 -24.53 3.35
CA ASN B 292 20.41 -23.94 3.80
C ASN B 292 19.24 -24.63 3.10
N LEU B 293 18.13 -24.73 3.81
CA LEU B 293 16.91 -25.35 3.27
C LEU B 293 15.72 -24.48 3.65
N PRO B 294 15.38 -23.49 2.83
CA PRO B 294 14.19 -22.68 3.12
C PRO B 294 12.93 -23.53 3.11
N VAL B 295 12.17 -23.45 4.20
CA VAL B 295 10.95 -24.23 4.36
C VAL B 295 9.84 -23.29 4.80
N LEU B 296 8.61 -23.65 4.45
CA LEU B 296 7.46 -22.87 4.87
C LEU B 296 7.35 -22.91 6.38
N ALA B 297 6.86 -21.81 6.96
CA ALA B 297 6.86 -21.67 8.42
C ALA B 297 6.13 -22.82 9.08
N LYS B 298 6.76 -23.41 10.08
CA LYS B 298 6.23 -24.45 10.95
C LYS B 298 6.17 -25.81 10.29
N MET B 299 6.47 -25.93 8.99
CA MET B 299 6.35 -27.22 8.32
C MET B 299 7.47 -28.17 8.71
N ALA B 300 8.65 -27.65 9.06
CA ALA B 300 9.74 -28.53 9.45
C ALA B 300 9.41 -29.30 10.71
N ALA B 301 8.78 -28.64 11.68
CA ALA B 301 8.38 -29.31 12.91
C ALA B 301 7.47 -30.49 12.61
N VAL B 302 6.46 -30.27 11.76
CA VAL B 302 5.57 -31.35 11.36
C VAL B 302 6.36 -32.43 10.64
N SER B 303 7.29 -32.01 9.77
CA SER B 303 8.06 -32.98 8.99
C SER B 303 8.81 -33.94 9.89
N LYS B 304 9.45 -33.41 10.94
CA LYS B 304 10.17 -34.29 11.86
C LYS B 304 9.23 -35.05 12.78
N ALA B 305 8.08 -34.46 13.13
CA ALA B 305 7.13 -35.15 13.99
C ALA B 305 6.56 -36.39 13.33
N CYS B 306 6.18 -36.29 12.06
CA CYS B 306 5.54 -37.40 11.36
C CYS B 306 6.46 -38.60 11.19
N GLY B 307 7.77 -38.44 11.39
CA GLY B 307 8.69 -39.54 11.27
C GLY B 307 9.33 -39.63 9.90
N ASN B 308 9.57 -40.85 9.42
CA ASN B 308 10.20 -41.06 8.13
C ASN B 308 9.17 -40.98 7.01
N MET B 309 8.38 -39.91 6.98
CA MET B 309 7.34 -39.72 5.98
C MET B 309 7.76 -38.72 4.90
N PHE B 310 8.32 -37.59 5.31
CA PHE B 310 8.77 -36.54 4.39
C PHE B 310 10.28 -36.37 4.40
N GLY B 311 10.88 -36.16 5.57
CA GLY B 311 12.32 -36.02 5.66
C GLY B 311 12.86 -34.83 4.93
N LEU B 312 12.23 -33.66 5.12
CA LEU B 312 12.72 -32.45 4.46
C LEU B 312 14.19 -32.23 4.76
N MET B 313 14.61 -32.51 5.99
CA MET B 313 16.01 -32.35 6.36
C MET B 313 16.92 -33.25 5.52
N HIS B 314 16.38 -34.30 4.93
CA HIS B 314 17.14 -35.17 4.03
C HIS B 314 16.97 -34.78 2.57
N GLY B 315 16.20 -33.73 2.28
CA GLY B 315 16.03 -33.29 0.91
C GLY B 315 15.41 -34.33 0.00
N THR B 316 14.38 -35.03 0.48
CA THR B 316 13.70 -36.04 -0.30
C THR B 316 12.20 -35.80 -0.41
N CYS B 317 11.67 -34.81 0.29
CA CYS B 317 10.23 -34.53 0.23
C CYS B 317 9.86 -34.08 -1.18
N PRO B 318 8.92 -34.74 -1.86
CA PRO B 318 8.54 -34.29 -3.20
C PRO B 318 7.85 -32.93 -3.16
N GLU B 319 7.98 -32.21 -4.27
CA GLU B 319 7.38 -30.89 -4.40
C GLU B 319 6.66 -30.80 -5.75
N THR B 320 5.70 -29.89 -5.81
CA THR B 320 4.94 -29.61 -7.02
C THR B 320 5.09 -28.13 -7.36
N SER B 321 5.29 -27.85 -8.65
CA SER B 321 5.49 -26.48 -9.11
C SER B 321 6.59 -25.79 -8.32
N GLY B 322 7.68 -26.51 -8.09
CA GLY B 322 8.77 -26.01 -7.30
C GLY B 322 9.54 -24.92 -8.02
N GLY B 323 10.55 -24.39 -7.33
CA GLY B 323 11.35 -23.31 -7.84
C GLY B 323 12.47 -23.80 -8.74
N LEU B 324 13.44 -22.92 -8.96
CA LEU B 324 14.58 -23.19 -9.83
C LEU B 324 15.85 -23.20 -8.98
N LEU B 325 16.68 -24.23 -9.19
CA LEU B 325 17.97 -24.34 -8.52
C LEU B 325 19.02 -23.82 -9.51
N ILE B 326 19.29 -22.53 -9.45
CA ILE B 326 20.14 -21.86 -10.43
C ILE B 326 21.56 -21.79 -9.90
N CYS B 327 22.52 -22.15 -10.74
CA CYS B 327 23.94 -22.03 -10.41
C CYS B 327 24.47 -20.74 -11.02
N LEU B 328 24.86 -19.80 -10.16
CA LEU B 328 25.37 -18.49 -10.55
C LEU B 328 26.68 -18.25 -9.82
N PRO B 329 27.52 -17.37 -10.36
CA PRO B 329 28.70 -16.94 -9.60
C PRO B 329 28.30 -16.14 -8.37
N ARG B 330 29.27 -15.91 -7.49
CA ARG B 330 28.96 -15.37 -6.17
C ARG B 330 28.34 -13.98 -6.26
N GLU B 331 29.01 -13.06 -6.97
CA GLU B 331 28.50 -11.69 -7.03
C GLU B 331 27.21 -11.61 -7.84
N GLN B 332 27.10 -12.38 -8.93
CA GLN B 332 25.86 -12.40 -9.67
C GLN B 332 24.71 -12.90 -8.80
N ALA B 333 24.96 -13.95 -8.02
CA ALA B 333 23.94 -14.45 -7.10
C ALA B 333 23.57 -13.38 -6.08
N ALA B 334 24.57 -12.69 -5.53
CA ALA B 334 24.27 -11.60 -4.61
C ALA B 334 23.34 -10.57 -5.25
N ARG B 335 23.58 -10.25 -6.52
CA ARG B 335 22.69 -9.32 -7.22
C ARG B 335 21.37 -9.99 -7.61
N PHE B 336 21.40 -11.29 -7.92
CA PHE B 336 20.20 -11.96 -8.42
C PHE B 336 19.05 -11.84 -7.43
N CYS B 337 19.30 -12.18 -6.16
CA CYS B 337 18.25 -12.14 -5.16
C CYS B 337 17.74 -10.72 -4.96
N ALA B 338 18.62 -9.72 -5.05
CA ALA B 338 18.18 -8.35 -4.85
C ALA B 338 17.17 -7.92 -5.91
N GLU B 339 17.42 -8.26 -7.17
CA GLU B 339 16.55 -7.81 -8.25
C GLU B 339 15.23 -8.57 -8.25
N ILE B 340 15.27 -9.88 -8.02
CA ILE B 340 14.04 -10.67 -8.04
C ILE B 340 13.11 -10.27 -6.90
N LYS B 341 13.65 -9.69 -5.83
CA LYS B 341 12.80 -9.29 -4.72
C LYS B 341 12.00 -8.03 -5.06
N SER B 342 12.60 -7.09 -5.79
CA SER B 342 11.95 -5.86 -6.21
C SER B 342 12.22 -5.60 -7.67
N PRO B 343 11.61 -6.37 -8.57
CA PRO B 343 11.84 -6.17 -10.00
C PRO B 343 11.32 -4.82 -10.47
N LYS B 344 11.89 -4.35 -11.58
CA LYS B 344 11.38 -3.15 -12.23
C LYS B 344 9.93 -3.34 -12.65
N TYR B 345 9.60 -4.51 -13.19
CA TYR B 345 8.22 -4.81 -13.55
C TYR B 345 7.32 -4.91 -12.31
N GLY B 346 7.90 -5.14 -11.14
CA GLY B 346 7.13 -5.25 -9.92
C GLY B 346 6.67 -6.67 -9.63
N GLU B 347 6.01 -6.81 -8.48
CA GLU B 347 5.50 -8.11 -8.03
C GLU B 347 6.66 -9.08 -7.77
N GLY B 348 7.60 -8.64 -6.95
CA GLY B 348 8.78 -9.45 -6.66
C GLY B 348 8.52 -10.51 -5.60
N HIS B 349 9.49 -11.41 -5.49
CA HIS B 349 9.45 -12.49 -4.51
C HIS B 349 10.87 -12.82 -4.08
N GLN B 350 10.99 -13.33 -2.86
CA GLN B 350 12.30 -13.58 -2.28
C GLN B 350 12.95 -14.82 -2.89
N ALA B 351 14.28 -14.86 -2.84
CA ALA B 351 15.06 -16.00 -3.27
C ALA B 351 16.21 -16.20 -2.29
N TRP B 352 16.69 -17.44 -2.21
CA TRP B 352 17.72 -17.80 -1.24
C TRP B 352 18.89 -18.47 -1.93
N ILE B 353 20.07 -18.32 -1.32
CA ILE B 353 21.27 -19.02 -1.74
C ILE B 353 21.44 -20.22 -0.81
N ILE B 354 21.17 -21.41 -1.32
CA ILE B 354 21.03 -22.59 -0.47
C ILE B 354 22.30 -23.43 -0.37
N GLY B 355 23.33 -23.12 -1.13
CA GLY B 355 24.52 -23.95 -1.08
C GLY B 355 25.64 -23.38 -1.91
N ILE B 356 26.69 -24.19 -2.05
CA ILE B 356 27.90 -23.82 -2.79
C ILE B 356 28.24 -24.94 -3.75
N VAL B 357 29.17 -24.65 -4.65
CA VAL B 357 29.66 -25.60 -5.64
C VAL B 357 31.15 -25.80 -5.41
N GLU B 358 31.58 -27.05 -5.34
CA GLU B 358 32.97 -27.37 -5.03
C GLU B 358 33.44 -28.49 -5.95
N LYS B 359 34.75 -28.64 -6.03
CA LYS B 359 35.34 -29.70 -6.86
C LYS B 359 35.02 -31.06 -6.26
N GLY B 360 34.53 -31.98 -7.09
CA GLY B 360 34.14 -33.28 -6.62
C GLY B 360 34.07 -34.32 -7.72
N ASN B 361 33.06 -35.19 -7.66
CA ASN B 361 32.89 -36.29 -8.61
C ASN B 361 31.47 -36.33 -9.15
N ARG B 362 30.91 -35.18 -9.47
CA ARG B 362 29.57 -35.08 -10.04
C ARG B 362 28.53 -35.73 -9.12
N THR B 363 28.45 -35.20 -7.90
CA THR B 363 27.49 -35.67 -6.91
C THR B 363 26.96 -34.47 -6.14
N ALA B 364 25.89 -34.68 -5.38
CA ALA B 364 25.29 -33.64 -4.57
C ALA B 364 24.91 -34.23 -3.22
N ARG B 365 25.17 -33.48 -2.16
CA ARG B 365 24.87 -33.92 -0.81
C ARG B 365 24.27 -32.76 -0.03
N ILE B 366 23.82 -33.06 1.19
CA ILE B 366 23.32 -32.06 2.12
C ILE B 366 24.09 -32.20 3.42
N ILE B 367 24.52 -31.06 3.98
CA ILE B 367 25.27 -31.11 5.22
C ILE B 367 24.47 -31.83 6.29
N ASP B 368 25.18 -32.30 7.32
CA ASP B 368 24.56 -33.13 8.35
C ASP B 368 23.40 -32.39 9.03
N LYS B 369 23.59 -31.10 9.33
CA LYS B 369 22.60 -30.31 10.06
C LYS B 369 22.27 -29.06 9.26
N PRO B 370 21.39 -29.18 8.25
CA PRO B 370 21.03 -28.00 7.46
C PRO B 370 20.42 -26.91 8.33
N ARG B 371 20.71 -25.66 7.98
CA ARG B 371 20.17 -24.51 8.68
C ARG B 371 18.78 -24.21 8.11
N ILE B 372 17.76 -24.72 8.78
CA ILE B 372 16.39 -24.56 8.29
C ILE B 372 15.99 -23.10 8.42
N ILE B 373 15.62 -22.49 7.31
CA ILE B 373 15.14 -21.11 7.28
C ILE B 373 13.63 -21.14 7.18
N GLU B 374 12.96 -20.53 8.16
CA GLU B 374 11.51 -20.44 8.17
C GLU B 374 11.10 -19.17 7.44
N VAL B 375 10.60 -19.32 6.22
CA VAL B 375 10.12 -18.19 5.44
C VAL B 375 8.77 -17.76 5.99
N ALA B 376 8.64 -16.47 6.29
CA ALA B 376 7.40 -15.97 6.84
C ALA B 376 6.32 -15.87 5.76
N PRO B 377 5.05 -15.90 6.15
CA PRO B 377 3.96 -15.74 5.15
C PRO B 377 3.73 -14.26 4.82
N GLN B 378 4.63 -13.72 3.99
CA GLN B 378 4.58 -12.30 3.67
C GLN B 378 3.28 -11.95 2.96
N VAL B 379 2.55 -10.98 3.50
CA VAL B 379 1.30 -10.52 2.92
C VAL B 379 0.38 -11.70 2.64
N MET C 1 9.46 -59.34 -31.12
CA MET C 1 9.39 -58.82 -32.52
C MET C 1 7.98 -59.06 -33.07
N SER C 2 7.69 -58.51 -34.24
CA SER C 2 6.33 -58.53 -34.77
C SER C 2 5.78 -59.95 -34.83
N THR C 3 6.51 -60.86 -35.44
CA THR C 3 6.09 -62.26 -35.54
C THR C 3 6.66 -63.12 -34.42
N ARG C 4 7.44 -62.55 -33.50
CA ARG C 4 7.99 -63.32 -32.40
C ARG C 4 6.86 -63.89 -31.55
N GLU C 5 7.20 -64.88 -30.72
CA GLU C 5 6.22 -65.47 -29.83
C GLU C 5 5.56 -64.41 -28.97
N SER C 6 4.25 -64.48 -28.86
CA SER C 6 3.51 -63.53 -28.03
C SER C 6 4.03 -63.58 -26.60
N PHE C 7 3.89 -62.47 -25.90
CA PHE C 7 4.30 -62.40 -24.50
C PHE C 7 3.74 -63.56 -23.71
N ASN C 8 4.63 -64.42 -23.20
CA ASN C 8 4.25 -65.57 -22.41
C ASN C 8 4.78 -65.39 -21.00
N PRO C 9 3.93 -65.26 -19.97
CA PRO C 9 4.47 -65.00 -18.62
C PRO C 9 5.45 -66.05 -18.15
N GLU C 10 5.25 -67.31 -18.53
CA GLU C 10 6.18 -68.36 -18.15
C GLU C 10 7.56 -68.11 -18.74
N SER C 11 7.62 -67.68 -20.00
CA SER C 11 8.91 -67.47 -20.64
C SER C 11 9.72 -66.40 -19.94
N TYR C 12 9.07 -65.31 -19.52
CA TYR C 12 9.74 -64.22 -18.83
C TYR C 12 9.63 -64.34 -17.31
N GLU C 13 9.33 -65.55 -16.82
CA GLU C 13 9.29 -65.93 -15.41
C GLU C 13 8.04 -65.42 -14.70
N LEU C 14 7.19 -64.61 -15.35
CA LEU C 14 5.98 -64.16 -14.69
C LEU C 14 5.00 -65.31 -14.53
N ASP C 15 4.21 -65.25 -13.45
CA ASP C 15 3.24 -66.28 -13.18
C ASP C 15 2.17 -66.33 -14.26
N LYS C 16 1.59 -67.53 -14.44
CA LYS C 16 0.59 -67.71 -15.48
C LYS C 16 -0.63 -66.82 -15.27
N SER C 17 -0.94 -66.50 -14.02
CA SER C 17 -2.11 -65.67 -13.73
C SER C 17 -1.96 -64.24 -14.22
N PHE C 18 -0.77 -63.83 -14.64
CA PHE C 18 -0.55 -62.46 -15.06
C PHE C 18 -1.38 -62.12 -16.29
N ARG C 19 -1.83 -60.88 -16.35
CA ARG C 19 -2.58 -60.37 -17.51
C ARG C 19 -2.40 -58.87 -17.56
N LEU C 20 -1.83 -58.37 -18.65
CA LEU C 20 -1.59 -56.93 -18.77
C LEU C 20 -2.88 -56.14 -18.72
N THR C 21 -3.92 -56.62 -19.43
CA THR C 21 -5.19 -55.91 -19.44
C THR C 21 -5.87 -55.88 -18.09
N ARG C 22 -5.44 -56.73 -17.15
CA ARG C 22 -6.06 -56.75 -15.83
C ARG C 22 -5.84 -55.44 -15.08
N PHE C 23 -4.82 -54.67 -15.44
CA PHE C 23 -4.50 -53.44 -14.72
C PHE C 23 -5.47 -52.31 -15.02
N THR C 24 -6.35 -52.48 -16.01
CA THR C 24 -7.36 -51.49 -16.33
C THR C 24 -8.72 -52.18 -16.41
N GLU C 25 -9.78 -51.40 -16.17
CA GLU C 25 -11.15 -51.91 -16.25
C GLU C 25 -11.68 -51.58 -17.64
N LEU C 26 -11.49 -52.52 -18.56
CA LEU C 26 -12.02 -52.34 -19.91
C LEU C 26 -13.53 -52.18 -19.86
N LYS C 27 -14.04 -51.21 -20.60
CA LYS C 27 -15.47 -50.92 -20.66
C LYS C 27 -15.90 -51.04 -22.13
N GLY C 28 -16.49 -52.17 -22.47
CA GLY C 28 -16.94 -52.39 -23.84
C GLY C 28 -17.99 -51.40 -24.29
N THR C 29 -18.66 -50.73 -23.35
CA THR C 29 -19.66 -49.73 -23.72
C THR C 29 -19.01 -48.60 -24.52
N GLY C 30 -17.82 -48.18 -24.14
CA GLY C 30 -17.12 -47.14 -24.85
C GLY C 30 -15.74 -46.93 -24.28
N CYS C 31 -14.88 -46.32 -25.10
CA CYS C 31 -13.55 -45.96 -24.63
C CYS C 31 -13.64 -44.96 -23.49
N LYS C 32 -14.54 -44.00 -23.62
CA LYS C 32 -14.82 -43.04 -22.55
C LYS C 32 -16.33 -42.86 -22.51
N VAL C 33 -16.95 -43.33 -21.42
CA VAL C 33 -18.42 -43.45 -21.39
C VAL C 33 -19.11 -42.11 -21.67
N PRO C 34 -18.73 -41.00 -21.04
CA PRO C 34 -19.43 -39.72 -21.29
C PRO C 34 -18.84 -38.98 -22.49
N GLN C 35 -18.82 -39.65 -23.64
CA GLN C 35 -18.18 -39.07 -24.82
C GLN C 35 -18.85 -37.77 -25.23
N ASP C 36 -20.19 -37.72 -25.19
CA ASP C 36 -20.89 -36.49 -25.56
C ASP C 36 -20.57 -35.36 -24.58
N VAL C 37 -20.25 -35.70 -23.33
CA VAL C 37 -19.78 -34.69 -22.39
C VAL C 37 -18.32 -34.39 -22.63
N LEU C 38 -17.51 -35.43 -22.80
CA LEU C 38 -16.07 -35.24 -22.96
C LEU C 38 -15.74 -34.54 -24.27
N GLN C 39 -16.52 -34.77 -25.32
CA GLN C 39 -16.33 -33.98 -26.53
C GLN C 39 -16.58 -32.50 -26.26
N LYS C 40 -17.58 -32.20 -25.42
CA LYS C 40 -17.81 -30.82 -25.03
C LYS C 40 -16.64 -30.26 -24.23
N LEU C 41 -16.07 -31.08 -23.34
CA LEU C 41 -14.90 -30.63 -22.59
C LEU C 41 -13.74 -30.33 -23.52
N LEU C 42 -13.49 -31.21 -24.49
CA LEU C 42 -12.39 -30.99 -25.42
C LEU C 42 -12.64 -29.75 -26.27
N GLU C 43 -13.89 -29.53 -26.69
CA GLU C 43 -14.21 -28.31 -27.42
C GLU C 43 -13.95 -27.08 -26.57
N SER C 44 -14.29 -27.14 -25.28
CA SER C 44 -13.97 -26.04 -24.38
C SER C 44 -12.46 -25.82 -24.31
N LEU C 45 -11.69 -26.90 -24.25
CA LEU C 45 -10.24 -26.77 -24.26
C LEU C 45 -9.76 -26.06 -25.51
N GLN C 46 -10.29 -26.45 -26.66
CA GLN C 46 -9.86 -25.91 -27.94
C GLN C 46 -10.43 -24.54 -28.26
N GLU C 47 -11.48 -24.12 -27.54
CA GLU C 47 -12.15 -22.86 -27.86
C GLU C 47 -11.32 -21.68 -27.38
N ASN C 48 -11.30 -20.62 -28.20
CA ASN C 48 -10.62 -19.38 -27.83
C ASN C 48 -11.36 -18.23 -28.49
N HIS C 49 -12.12 -17.47 -27.69
CA HIS C 49 -12.85 -16.33 -28.23
C HIS C 49 -11.94 -15.19 -28.66
N PHE C 50 -10.65 -15.24 -28.29
CA PHE C 50 -9.71 -14.17 -28.59
C PHE C 50 -8.85 -14.45 -29.82
N GLN C 51 -8.73 -15.70 -30.25
CA GLN C 51 -7.88 -16.01 -31.39
C GLN C 51 -8.38 -15.33 -32.66
N GLU C 52 -9.70 -15.08 -32.75
CA GLU C 52 -10.24 -14.47 -33.96
C GLU C 52 -9.64 -13.09 -34.20
N ASP C 53 -9.54 -12.28 -33.14
CA ASP C 53 -8.95 -10.95 -33.21
C ASP C 53 -9.41 -10.21 -34.47
N GLU C 54 -10.73 -10.02 -34.56
CA GLU C 54 -11.38 -9.34 -35.66
C GLU C 54 -11.22 -10.08 -36.99
N GLN C 55 -10.73 -11.31 -36.96
CA GLN C 55 -10.44 -12.14 -38.13
C GLN C 55 -9.27 -11.62 -38.94
N PHE C 56 -8.70 -10.47 -38.58
CA PHE C 56 -7.50 -9.95 -39.21
C PHE C 56 -7.68 -9.75 -40.71
N LEU C 57 -8.91 -9.48 -41.14
CA LEU C 57 -9.20 -9.16 -42.54
C LEU C 57 -8.64 -10.23 -43.48
N GLY C 58 -8.80 -11.49 -43.10
CA GLY C 58 -8.29 -12.58 -43.92
C GLY C 58 -8.93 -13.89 -43.55
N ALA C 59 -8.95 -14.81 -44.52
CA ALA C 59 -9.45 -16.17 -44.33
C ALA C 59 -8.33 -17.14 -43.95
N VAL C 60 -7.27 -16.64 -43.31
CA VAL C 60 -6.15 -17.49 -42.96
C VAL C 60 -6.62 -18.58 -41.99
N MET C 61 -5.82 -19.64 -41.90
CA MET C 61 -6.11 -20.71 -40.96
C MET C 61 -6.16 -20.14 -39.55
N PRO C 62 -7.11 -20.57 -38.72
CA PRO C 62 -7.16 -20.06 -37.34
C PRO C 62 -5.96 -20.54 -36.55
N ARG C 63 -5.83 -20.01 -35.33
CA ARG C 63 -4.76 -20.46 -34.45
C ARG C 63 -4.78 -21.97 -34.30
N LEU C 64 -5.98 -22.56 -34.29
CA LEU C 64 -6.14 -24.00 -34.44
C LEU C 64 -6.38 -24.31 -35.91
N GLY C 65 -5.64 -25.29 -36.44
CA GLY C 65 -5.75 -25.59 -37.86
C GLY C 65 -7.17 -25.94 -38.27
N ILE C 66 -7.88 -26.70 -37.44
CA ILE C 66 -9.25 -27.10 -37.71
C ILE C 66 -10.12 -26.86 -36.49
N GLY C 67 -9.50 -26.62 -35.33
CA GLY C 67 -10.24 -26.46 -34.11
C GLY C 67 -10.68 -27.77 -33.46
N MET C 68 -10.30 -28.91 -34.03
CA MET C 68 -10.67 -30.21 -33.50
C MET C 68 -9.45 -31.03 -33.10
N ASP C 69 -8.45 -31.12 -33.97
CA ASP C 69 -7.25 -31.89 -33.67
C ASP C 69 -6.10 -31.38 -34.53
N THR C 70 -4.89 -31.76 -34.14
CA THR C 70 -3.68 -31.44 -34.89
C THR C 70 -3.60 -29.94 -35.14
N CYS C 71 -3.48 -29.19 -34.05
CA CYS C 71 -3.41 -27.75 -34.15
C CYS C 71 -2.19 -27.32 -34.96
N VAL C 72 -2.41 -26.41 -35.90
CA VAL C 72 -1.33 -25.85 -36.72
C VAL C 72 -1.08 -24.44 -36.23
N ILE C 73 -0.02 -24.27 -35.43
CA ILE C 73 0.28 -23.01 -34.78
C ILE C 73 1.42 -22.35 -35.57
N PRO C 74 1.19 -21.19 -36.20
CA PRO C 74 2.29 -20.52 -36.89
C PRO C 74 3.38 -20.09 -35.91
N LEU C 75 4.62 -20.12 -36.39
CA LEU C 75 5.77 -19.75 -35.59
C LEU C 75 6.31 -18.39 -36.04
N ARG C 76 7.24 -17.86 -35.24
CA ARG C 76 7.80 -16.55 -35.52
C ARG C 76 8.83 -16.58 -36.64
N HIS C 77 9.49 -17.72 -36.87
CA HIS C 77 10.62 -17.80 -37.79
C HIS C 77 10.20 -18.46 -39.10
N GLY C 78 10.51 -17.80 -40.21
CA GLY C 78 10.42 -18.41 -41.51
C GLY C 78 9.04 -18.88 -41.90
N GLY C 79 7.99 -18.38 -41.26
CA GLY C 79 6.66 -18.80 -41.60
C GLY C 79 6.41 -20.28 -41.37
N LEU C 80 7.24 -20.93 -40.57
CA LEU C 80 7.05 -22.34 -40.27
C LEU C 80 5.82 -22.53 -39.39
N SER C 81 5.26 -23.73 -39.43
CA SER C 81 4.06 -24.08 -38.68
C SER C 81 4.38 -25.25 -37.76
N LEU C 82 3.97 -25.14 -36.50
CA LEU C 82 4.17 -26.18 -35.51
C LEU C 82 2.92 -27.05 -35.45
N VAL C 83 3.11 -28.36 -35.57
CA VAL C 83 2.01 -29.32 -35.55
C VAL C 83 2.26 -30.29 -34.41
N GLN C 84 1.26 -30.46 -33.55
CA GLN C 84 1.37 -31.32 -32.38
C GLN C 84 0.15 -32.21 -32.26
N THR C 85 0.32 -33.30 -31.53
CA THR C 85 -0.77 -34.22 -31.23
C THR C 85 -0.49 -34.90 -29.91
N THR C 86 -1.53 -35.48 -29.32
CA THR C 86 -1.39 -36.19 -28.05
C THR C 86 -2.49 -37.22 -27.94
N ASP C 87 -2.14 -38.39 -27.41
CA ASP C 87 -3.11 -39.46 -27.21
C ASP C 87 -2.72 -40.24 -25.97
N TYR C 88 -3.72 -40.85 -25.33
CA TYR C 88 -3.51 -41.64 -24.12
C TYR C 88 -4.48 -42.80 -24.15
N ILE C 89 -3.97 -44.01 -24.38
CA ILE C 89 -4.78 -45.21 -24.50
C ILE C 89 -4.33 -46.20 -23.44
N TYR C 90 -5.28 -46.75 -22.69
CA TYR C 90 -4.98 -47.75 -21.70
C TYR C 90 -4.80 -49.10 -22.38
N PRO C 91 -4.13 -50.05 -21.73
CA PRO C 91 -3.83 -51.33 -22.39
C PRO C 91 -5.12 -52.03 -22.84
N ILE C 92 -5.07 -52.61 -24.03
CA ILE C 92 -6.18 -53.37 -24.59
C ILE C 92 -5.73 -54.71 -25.17
N VAL C 93 -4.43 -54.98 -25.21
CA VAL C 93 -3.91 -56.28 -25.65
C VAL C 93 -2.94 -56.77 -24.58
N ASP C 94 -2.72 -58.08 -24.58
CA ASP C 94 -1.99 -58.74 -23.51
C ASP C 94 -0.49 -58.83 -23.76
N ASP C 95 0.01 -58.31 -24.89
CA ASP C 95 1.44 -58.33 -25.16
C ASP C 95 2.03 -56.95 -24.90
N PRO C 96 2.92 -56.80 -23.92
CA PRO C 96 3.47 -55.45 -23.67
C PRO C 96 4.17 -54.85 -24.87
N TYR C 97 4.86 -55.66 -25.66
CA TYR C 97 5.57 -55.13 -26.82
C TYR C 97 4.63 -54.42 -27.77
N MET C 98 3.54 -55.10 -28.17
CA MET C 98 2.62 -54.49 -29.11
C MET C 98 1.89 -53.30 -28.51
N MET C 99 1.71 -53.28 -27.18
CA MET C 99 1.01 -52.16 -26.57
C MET C 99 1.78 -50.85 -26.75
N GLY C 100 3.10 -50.88 -26.57
CA GLY C 100 3.89 -49.70 -26.86
C GLY C 100 3.82 -49.33 -28.32
N ARG C 101 3.89 -50.32 -29.20
CA ARG C 101 3.74 -50.07 -30.63
C ARG C 101 2.39 -49.43 -30.93
N ILE C 102 1.32 -49.94 -30.33
CA ILE C 102 -0.01 -49.40 -30.60
C ILE C 102 -0.12 -47.98 -30.06
N ALA C 103 0.46 -47.71 -28.89
CA ALA C 103 0.42 -46.37 -28.34
C ALA C 103 1.14 -45.39 -29.25
N CYS C 104 2.33 -45.76 -29.72
CA CYS C 104 3.06 -44.89 -30.63
C CYS C 104 2.27 -44.66 -31.92
N ALA C 105 1.69 -45.73 -32.47
CA ALA C 105 0.92 -45.59 -33.71
C ALA C 105 -0.29 -44.70 -33.50
N ASN C 106 -0.98 -44.85 -32.38
CA ASN C 106 -2.16 -44.02 -32.11
C ASN C 106 -1.77 -42.56 -31.96
N VAL C 107 -0.65 -42.30 -31.27
CA VAL C 107 -0.20 -40.91 -31.12
C VAL C 107 0.14 -40.33 -32.49
N LEU C 108 0.83 -41.10 -33.34
CA LEU C 108 1.26 -40.57 -34.63
C LEU C 108 0.10 -40.38 -35.59
N SER C 109 -0.92 -41.23 -35.53
CA SER C 109 -1.93 -41.26 -36.57
C SER C 109 -2.64 -39.92 -36.73
N ASP C 110 -2.62 -39.07 -35.70
CA ASP C 110 -3.24 -37.75 -35.84
C ASP C 110 -2.48 -36.90 -36.86
N LEU C 111 -1.14 -36.96 -36.83
CA LEU C 111 -0.35 -36.21 -37.80
C LEU C 111 -0.62 -36.69 -39.22
N TYR C 112 -0.62 -38.01 -39.42
CA TYR C 112 -0.84 -38.55 -40.75
C TYR C 112 -2.21 -38.19 -41.31
N ALA C 113 -3.13 -37.77 -40.44
CA ALA C 113 -4.40 -37.24 -40.92
C ALA C 113 -4.20 -35.93 -41.68
N MET C 114 -3.21 -35.14 -41.29
CA MET C 114 -2.92 -33.87 -41.91
C MET C 114 -1.86 -33.97 -43.01
N GLY C 115 -1.39 -35.17 -43.33
CA GLY C 115 -0.45 -35.37 -44.40
C GLY C 115 1.00 -35.27 -44.01
N VAL C 116 1.31 -34.94 -42.76
CA VAL C 116 2.70 -34.84 -42.33
C VAL C 116 3.31 -36.22 -42.31
N THR C 117 4.32 -36.44 -43.14
CA THR C 117 4.96 -37.75 -43.28
C THR C 117 6.25 -37.87 -42.48
N GLU C 118 6.64 -36.85 -41.72
CA GLU C 118 7.85 -36.89 -40.92
C GLU C 118 7.57 -36.32 -39.54
N CYS C 119 8.17 -36.93 -38.52
CA CYS C 119 8.01 -36.52 -37.15
C CYS C 119 9.38 -36.14 -36.58
N ASP C 120 9.43 -35.01 -35.88
CA ASP C 120 10.68 -34.49 -35.35
C ASP C 120 11.02 -35.07 -33.99
N ASN C 121 10.09 -34.99 -33.04
CA ASN C 121 10.32 -35.44 -31.68
C ASN C 121 9.09 -36.19 -31.19
N MET C 122 9.29 -36.99 -30.16
CA MET C 122 8.19 -37.74 -29.55
C MET C 122 8.47 -37.96 -28.08
N LEU C 123 7.57 -37.50 -27.23
CA LEU C 123 7.65 -37.76 -25.81
C LEU C 123 6.91 -39.06 -25.49
N MET C 124 6.76 -39.37 -24.21
CA MET C 124 6.10 -40.60 -23.81
C MET C 124 5.68 -40.49 -22.35
N LEU C 125 4.38 -40.66 -22.10
CA LEU C 125 3.84 -40.73 -20.74
C LEU C 125 3.63 -42.20 -20.41
N LEU C 126 4.45 -42.72 -19.50
CA LEU C 126 4.41 -44.13 -19.11
C LEU C 126 4.00 -44.17 -17.64
N GLY C 127 2.73 -44.50 -17.39
CA GLY C 127 2.23 -44.57 -16.03
C GLY C 127 2.12 -45.99 -15.52
N VAL C 128 2.97 -46.34 -14.55
CA VAL C 128 2.94 -47.66 -13.93
C VAL C 128 1.77 -47.69 -12.97
N SER C 129 1.42 -48.88 -12.49
CA SER C 129 0.22 -49.07 -11.67
C SER C 129 0.59 -49.33 -10.22
N ASN C 130 -0.21 -48.78 -9.31
CA ASN C 130 -0.06 -49.09 -7.89
C ASN C 130 -0.29 -50.58 -7.64
N LYS C 131 -1.34 -51.14 -8.24
CA LYS C 131 -1.68 -52.55 -8.06
C LYS C 131 -0.86 -53.41 -9.01
N MET C 132 0.45 -53.32 -8.87
CA MET C 132 1.39 -54.07 -9.69
C MET C 132 2.54 -54.54 -8.82
N THR C 133 2.90 -55.81 -8.94
CA THR C 133 3.97 -56.35 -8.13
C THR C 133 5.31 -55.75 -8.55
N ASP C 134 6.25 -55.78 -7.61
CA ASP C 134 7.57 -55.20 -7.89
C ASP C 134 8.24 -55.90 -9.06
N ARG C 135 8.15 -57.24 -9.12
CA ARG C 135 8.77 -57.96 -10.22
C ARG C 135 8.03 -57.73 -11.53
N GLU C 136 6.70 -57.63 -11.48
CA GLU C 136 5.93 -57.38 -12.70
C GLU C 136 6.34 -56.05 -13.33
N ARG C 137 6.51 -55.01 -12.51
CA ARG C 137 6.92 -53.72 -13.02
C ARG C 137 8.26 -53.81 -13.75
N ASP C 138 9.21 -54.55 -13.20
CA ASP C 138 10.53 -54.66 -13.82
C ASP C 138 10.54 -55.61 -15.01
N LYS C 139 9.53 -56.45 -15.16
CA LYS C 139 9.46 -57.41 -16.26
C LYS C 139 8.40 -57.06 -17.29
N VAL C 140 7.76 -55.90 -17.17
CA VAL C 140 6.70 -55.51 -18.09
C VAL C 140 7.01 -54.16 -18.71
N MET C 141 7.25 -53.16 -17.85
CA MET C 141 7.47 -51.81 -18.36
C MET C 141 8.60 -51.72 -19.37
N PRO C 142 9.76 -52.35 -19.17
CA PRO C 142 10.81 -52.26 -20.21
C PRO C 142 10.34 -52.73 -21.57
N LEU C 143 9.50 -53.75 -21.62
CA LEU C 143 8.98 -54.22 -22.90
C LEU C 143 8.14 -53.15 -23.58
N ILE C 144 7.29 -52.46 -22.81
CA ILE C 144 6.47 -51.40 -23.39
C ILE C 144 7.35 -50.28 -23.94
N ILE C 145 8.37 -49.89 -23.17
CA ILE C 145 9.27 -48.83 -23.62
C ILE C 145 9.97 -49.26 -24.91
N GLN C 146 10.46 -50.50 -24.94
CA GLN C 146 11.16 -50.96 -26.14
C GLN C 146 10.23 -51.01 -27.34
N GLY C 147 8.99 -51.44 -27.14
CA GLY C 147 8.04 -51.45 -28.24
C GLY C 147 7.74 -50.05 -28.74
N PHE C 148 7.56 -49.10 -27.82
CA PHE C 148 7.32 -47.73 -28.22
C PHE C 148 8.49 -47.18 -29.02
N LYS C 149 9.71 -47.42 -28.54
CA LYS C 149 10.89 -46.92 -29.25
C LYS C 149 11.02 -47.57 -30.62
N ASP C 150 10.76 -48.87 -30.71
CA ASP C 150 10.82 -49.55 -32.00
C ASP C 150 9.79 -48.98 -32.96
N ALA C 151 8.58 -48.74 -32.48
CA ALA C 151 7.57 -48.10 -33.32
C ALA C 151 8.02 -46.72 -33.77
N ALA C 152 8.77 -46.01 -32.92
CA ALA C 152 9.33 -44.73 -33.33
C ALA C 152 10.30 -44.90 -34.50
N GLU C 153 11.12 -45.95 -34.46
CA GLU C 153 12.04 -46.20 -35.57
C GLU C 153 11.29 -46.30 -36.88
N GLU C 154 10.24 -47.12 -36.92
CA GLU C 154 9.44 -47.24 -38.14
C GLU C 154 8.82 -45.91 -38.53
N ALA C 155 8.55 -45.05 -37.54
CA ALA C 155 7.98 -43.74 -37.80
C ALA C 155 8.98 -42.76 -38.39
N GLY C 156 10.27 -43.05 -38.33
CA GLY C 156 11.27 -42.13 -38.81
C GLY C 156 11.62 -41.03 -37.84
N THR C 157 11.47 -41.27 -36.54
CA THR C 157 11.78 -40.27 -35.52
C THR C 157 12.42 -41.00 -34.34
N SER C 158 12.51 -40.31 -33.21
CA SER C 158 13.08 -40.89 -32.00
C SER C 158 12.26 -40.46 -30.80
N VAL C 159 12.34 -41.26 -29.74
CA VAL C 159 11.65 -40.99 -28.48
C VAL C 159 12.68 -40.40 -27.52
N THR C 160 12.54 -39.11 -27.23
CA THR C 160 13.46 -38.40 -26.35
C THR C 160 12.65 -37.71 -25.27
N GLY C 161 12.88 -38.08 -24.02
CA GLY C 161 12.16 -37.49 -22.91
C GLY C 161 10.82 -38.15 -22.68
N GLY C 162 10.10 -37.61 -21.72
CA GLY C 162 8.80 -38.12 -21.36
C GLY C 162 8.52 -37.86 -19.89
N GLN C 163 7.65 -38.69 -19.32
CA GLN C 163 7.32 -38.60 -17.91
C GLN C 163 6.79 -39.94 -17.44
N THR C 164 6.86 -40.16 -16.14
CA THR C 164 6.38 -41.39 -15.52
C THR C 164 5.62 -41.03 -14.26
N VAL C 165 4.45 -41.66 -14.07
CA VAL C 165 3.58 -41.38 -12.94
C VAL C 165 3.02 -42.69 -12.40
N LEU C 166 2.51 -42.63 -11.17
CA LEU C 166 1.74 -43.73 -10.59
C LEU C 166 0.26 -43.48 -10.83
N ASN C 167 -0.42 -44.51 -11.31
CA ASN C 167 -1.80 -44.39 -11.72
C ASN C 167 -2.46 -45.75 -11.53
N PRO C 168 -3.59 -45.83 -10.81
CA PRO C 168 -4.26 -47.13 -10.65
C PRO C 168 -4.38 -47.92 -11.94
N TRP C 169 -4.42 -47.25 -13.09
CA TRP C 169 -4.45 -47.91 -14.38
C TRP C 169 -3.19 -47.55 -15.15
N ILE C 170 -2.71 -48.48 -15.97
CA ILE C 170 -1.56 -48.20 -16.82
C ILE C 170 -1.97 -47.24 -17.92
N VAL C 171 -1.19 -46.18 -18.10
CA VAL C 171 -1.45 -45.17 -19.12
C VAL C 171 -0.26 -45.11 -20.05
N LEU C 172 -0.52 -45.24 -21.34
CA LEU C 172 0.51 -45.18 -22.38
C LEU C 172 0.12 -44.12 -23.40
N GLY C 173 1.06 -43.24 -23.71
CA GLY C 173 0.77 -42.18 -24.67
C GLY C 173 2.00 -41.35 -24.92
N GLY C 174 1.81 -40.27 -25.65
CA GLY C 174 2.93 -39.39 -25.97
C GLY C 174 2.45 -38.20 -26.76
N VAL C 175 3.40 -37.32 -27.08
CA VAL C 175 3.14 -36.12 -27.85
C VAL C 175 4.10 -36.10 -29.03
N ALA C 176 3.56 -36.06 -30.24
CA ALA C 176 4.35 -36.04 -31.45
C ALA C 176 4.31 -34.63 -32.03
N THR C 177 5.49 -34.10 -32.37
CA THR C 177 5.64 -32.73 -32.82
C THR C 177 6.32 -32.69 -34.18
N THR C 178 6.06 -31.64 -34.94
CA THR C 178 6.67 -31.48 -36.26
C THR C 178 6.59 -30.01 -36.66
N VAL C 179 7.73 -29.41 -36.98
CA VAL C 179 7.80 -28.05 -37.51
C VAL C 179 7.93 -28.19 -39.01
N CYS C 180 6.81 -28.01 -39.72
CA CYS C 180 6.73 -28.29 -41.14
C CYS C 180 6.40 -27.03 -41.93
N GLN C 181 6.87 -26.99 -43.17
CA GLN C 181 6.62 -25.86 -44.04
C GLN C 181 5.18 -25.87 -44.54
N PRO C 182 4.70 -24.74 -45.05
CA PRO C 182 3.29 -24.68 -45.49
C PRO C 182 2.93 -25.70 -46.55
N ASN C 183 3.89 -26.14 -47.37
CA ASN C 183 3.61 -27.07 -48.44
C ASN C 183 3.88 -28.52 -48.04
N GLU C 184 3.71 -28.85 -46.77
CA GLU C 184 3.94 -30.21 -46.28
C GLU C 184 2.75 -30.82 -45.56
N PHE C 185 1.73 -30.04 -45.22
CA PHE C 185 0.56 -30.55 -44.52
C PHE C 185 -0.69 -30.15 -45.28
N ILE C 186 -1.71 -31.01 -45.21
CA ILE C 186 -2.98 -30.81 -45.88
C ILE C 186 -3.99 -30.34 -44.83
N MET C 187 -4.55 -29.16 -45.05
CA MET C 187 -5.50 -28.60 -44.11
C MET C 187 -6.88 -29.22 -44.35
N PRO C 188 -7.50 -29.86 -43.34
CA PRO C 188 -8.78 -30.54 -43.59
C PRO C 188 -9.93 -29.64 -43.98
N ASP C 189 -9.71 -28.33 -44.05
CA ASP C 189 -10.81 -27.41 -44.30
C ASP C 189 -11.47 -27.68 -45.66
N ASN C 190 -10.67 -27.91 -46.70
CA ASN C 190 -11.21 -28.00 -48.05
C ASN C 190 -12.05 -29.26 -48.23
N ALA C 191 -12.96 -29.20 -49.19
CA ALA C 191 -13.79 -30.33 -49.60
C ALA C 191 -14.68 -29.87 -50.74
N VAL C 192 -15.22 -30.83 -51.49
CA VAL C 192 -16.06 -30.51 -52.64
C VAL C 192 -17.08 -31.63 -52.84
N PRO C 193 -18.30 -31.27 -53.23
CA PRO C 193 -19.29 -32.30 -53.55
C PRO C 193 -18.84 -33.19 -54.69
N GLY C 194 -19.29 -34.45 -54.66
CA GLY C 194 -18.91 -35.43 -55.64
C GLY C 194 -17.76 -36.33 -55.22
N ASP C 195 -17.29 -36.21 -53.98
CA ASP C 195 -16.15 -36.96 -53.50
C ASP C 195 -16.58 -38.27 -52.87
N VAL C 196 -15.61 -39.15 -52.64
CA VAL C 196 -15.84 -40.46 -52.05
C VAL C 196 -14.85 -40.64 -50.90
N LEU C 197 -15.36 -41.09 -49.75
CA LEU C 197 -14.52 -41.28 -48.58
C LEU C 197 -13.83 -42.63 -48.63
N VAL C 198 -12.61 -42.68 -48.10
CA VAL C 198 -11.80 -43.88 -48.12
C VAL C 198 -11.31 -44.16 -46.70
N LEU C 199 -11.44 -45.42 -46.27
CA LEU C 199 -10.96 -45.86 -44.97
C LEU C 199 -9.79 -46.82 -45.17
N THR C 200 -8.68 -46.56 -44.50
CA THR C 200 -7.46 -47.32 -44.68
C THR C 200 -7.32 -48.47 -43.69
N LYS C 201 -8.25 -48.63 -42.76
CA LYS C 201 -8.21 -49.73 -41.80
C LYS C 201 -9.62 -50.21 -41.54
N PRO C 202 -9.79 -51.48 -41.17
CA PRO C 202 -11.12 -52.00 -40.86
C PRO C 202 -11.58 -51.59 -39.47
N LEU C 203 -12.88 -51.69 -39.26
CA LEU C 203 -13.49 -51.37 -37.98
C LEU C 203 -13.64 -52.63 -37.13
N GLY C 204 -13.94 -52.42 -35.85
CA GLY C 204 -14.21 -53.50 -34.93
C GLY C 204 -13.07 -53.93 -34.04
N THR C 205 -12.03 -53.12 -33.90
CA THR C 205 -10.92 -53.48 -33.03
C THR C 205 -11.38 -53.59 -31.58
N GLN C 206 -12.22 -52.65 -31.13
CA GLN C 206 -12.69 -52.68 -29.76
C GLN C 206 -13.44 -53.97 -29.46
N VAL C 207 -14.30 -54.39 -30.39
CA VAL C 207 -15.07 -55.61 -30.18
C VAL C 207 -14.15 -56.81 -30.05
N ALA C 208 -13.15 -56.90 -30.93
CA ALA C 208 -12.24 -58.04 -30.90
C ALA C 208 -11.47 -58.08 -29.58
N VAL C 209 -10.92 -56.94 -29.16
CA VAL C 209 -10.13 -56.94 -27.94
C VAL C 209 -11.01 -57.28 -26.73
N ALA C 210 -12.20 -56.69 -26.66
CA ALA C 210 -13.09 -56.98 -25.53
C ALA C 210 -13.48 -58.45 -25.51
N VAL C 211 -13.79 -59.03 -26.68
CA VAL C 211 -14.22 -60.41 -26.73
C VAL C 211 -13.08 -61.34 -26.34
N HIS C 212 -11.86 -61.03 -26.76
CA HIS C 212 -10.73 -61.87 -26.34
C HIS C 212 -10.46 -61.74 -24.85
N GLN C 213 -10.72 -60.55 -24.28
CA GLN C 213 -10.68 -60.44 -22.82
C GLN C 213 -11.81 -61.23 -22.16
N TRP C 214 -12.91 -61.44 -22.87
CA TRP C 214 -14.03 -62.21 -22.34
C TRP C 214 -13.79 -63.72 -22.38
N LEU C 215 -12.79 -64.18 -23.12
CA LEU C 215 -12.55 -65.61 -23.21
C LEU C 215 -12.18 -66.20 -21.85
N ASP C 216 -11.37 -65.48 -21.08
CA ASP C 216 -10.93 -66.00 -19.78
C ASP C 216 -12.11 -66.25 -18.86
N ILE C 217 -12.96 -65.24 -18.68
CA ILE C 217 -14.12 -65.39 -17.80
C ILE C 217 -15.18 -66.23 -18.52
N PRO C 218 -15.71 -67.29 -17.90
CA PRO C 218 -16.66 -68.15 -18.59
C PRO C 218 -18.12 -67.72 -18.51
N GLU C 219 -18.47 -66.79 -17.62
CA GLU C 219 -19.85 -66.38 -17.49
C GLU C 219 -20.31 -65.42 -18.58
N LYS C 220 -19.38 -64.82 -19.31
CA LYS C 220 -19.72 -63.91 -20.40
C LYS C 220 -19.60 -64.55 -21.78
N TRP C 221 -18.63 -65.45 -21.96
CA TRP C 221 -18.44 -66.11 -23.25
C TRP C 221 -19.68 -66.88 -23.69
N ASN C 222 -20.52 -67.31 -22.74
CA ASN C 222 -21.63 -68.20 -23.07
C ASN C 222 -22.61 -67.54 -24.03
N LYS C 223 -22.96 -66.28 -23.77
CA LYS C 223 -23.99 -65.63 -24.57
C LYS C 223 -23.50 -65.25 -25.97
N ILE C 224 -22.19 -65.33 -26.23
CA ILE C 224 -21.64 -65.11 -27.56
C ILE C 224 -21.09 -66.39 -28.16
N LYS C 225 -21.19 -67.52 -27.47
CA LYS C 225 -20.67 -68.78 -28.00
C LYS C 225 -21.37 -69.15 -29.30
N LEU C 226 -22.68 -68.92 -29.39
CA LEU C 226 -23.43 -69.33 -30.57
C LEU C 226 -22.94 -68.59 -31.81
N VAL C 227 -22.73 -67.28 -31.71
CA VAL C 227 -22.38 -66.48 -32.89
C VAL C 227 -21.00 -66.88 -33.40
N VAL C 228 -20.02 -67.02 -32.50
CA VAL C 228 -18.65 -67.31 -32.89
C VAL C 228 -18.03 -68.25 -31.87
N THR C 229 -16.92 -68.86 -32.27
CA THR C 229 -16.14 -69.76 -31.42
C THR C 229 -14.86 -69.06 -30.98
N GLN C 230 -14.03 -69.79 -30.24
CA GLN C 230 -12.77 -69.21 -29.76
C GLN C 230 -11.73 -69.12 -30.86
N GLU C 231 -11.77 -70.03 -31.84
CA GLU C 231 -10.85 -69.93 -32.97
C GLU C 231 -11.10 -68.66 -33.77
N ASP C 232 -12.38 -68.34 -34.02
CA ASP C 232 -12.69 -67.15 -34.79
C ASP C 232 -12.22 -65.89 -34.08
N VAL C 233 -12.37 -65.84 -32.75
CA VAL C 233 -11.91 -64.69 -31.99
C VAL C 233 -10.40 -64.59 -32.04
N GLU C 234 -9.70 -65.73 -32.03
CA GLU C 234 -8.25 -65.71 -32.08
C GLU C 234 -7.75 -65.03 -33.35
N LEU C 235 -8.28 -65.44 -34.50
CA LEU C 235 -7.88 -64.82 -35.75
C LEU C 235 -8.30 -63.36 -35.81
N ALA C 236 -9.53 -63.06 -35.38
CA ALA C 236 -9.98 -61.67 -35.36
C ALA C 236 -9.16 -60.84 -34.39
N TYR C 237 -8.87 -61.40 -33.21
CA TYR C 237 -8.07 -60.67 -32.23
C TYR C 237 -6.65 -60.43 -32.75
N GLN C 238 -6.05 -61.45 -33.37
CA GLN C 238 -4.72 -61.27 -33.93
C GLN C 238 -4.72 -60.21 -35.03
N GLU C 239 -5.73 -60.24 -35.90
CA GLU C 239 -5.81 -59.25 -36.96
C GLU C 239 -5.94 -57.84 -36.39
N ALA C 240 -6.84 -57.65 -35.42
CA ALA C 240 -7.02 -56.34 -34.81
C ALA C 240 -5.74 -55.88 -34.13
N MET C 241 -5.06 -56.78 -33.42
CA MET C 241 -3.79 -56.46 -32.79
C MET C 241 -2.70 -56.19 -33.82
N MET C 242 -2.90 -56.60 -35.07
CA MET C 242 -1.96 -56.33 -36.13
C MET C 242 -2.27 -55.02 -36.86
N ASN C 243 -3.54 -54.76 -37.13
CA ASN C 243 -3.90 -53.53 -37.84
C ASN C 243 -3.69 -52.30 -36.96
N MET C 244 -4.14 -52.35 -35.72
CA MET C 244 -4.06 -51.19 -34.86
C MET C 244 -2.62 -50.86 -34.45
N ALA C 245 -1.67 -51.74 -34.73
CA ALA C 245 -0.27 -51.49 -34.50
C ALA C 245 0.47 -51.10 -35.78
N ARG C 246 -0.24 -50.59 -36.77
CA ARG C 246 0.31 -50.28 -38.08
C ARG C 246 0.29 -48.78 -38.30
N LEU C 247 1.44 -48.22 -38.68
CA LEU C 247 1.52 -46.80 -38.95
C LEU C 247 0.86 -46.47 -40.29
N ASN C 248 0.47 -45.20 -40.43
CA ASN C 248 -0.18 -44.71 -41.64
C ASN C 248 0.77 -43.86 -42.49
N ARG C 249 2.08 -44.13 -42.44
CA ARG C 249 3.02 -43.35 -43.23
C ARG C 249 2.70 -43.46 -44.71
N THR C 250 2.41 -44.67 -45.19
CA THR C 250 2.05 -44.84 -46.60
C THR C 250 0.78 -44.06 -46.92
N ALA C 251 -0.20 -44.09 -46.02
CA ALA C 251 -1.42 -43.32 -46.25
C ALA C 251 -1.13 -41.83 -46.30
N ALA C 252 -0.27 -41.35 -45.41
CA ALA C 252 0.06 -39.91 -45.40
C ALA C 252 0.77 -39.50 -46.66
N GLY C 253 1.75 -40.29 -47.11
CA GLY C 253 2.49 -39.93 -48.31
C GLY C 253 1.60 -39.90 -49.55
N LEU C 254 0.74 -40.90 -49.70
CA LEU C 254 -0.13 -40.97 -50.86
C LEU C 254 -1.26 -39.94 -50.79
N MET C 255 -1.50 -39.32 -49.64
CA MET C 255 -2.52 -38.29 -49.55
C MET C 255 -2.19 -37.11 -50.45
N HIS C 256 -0.91 -36.68 -50.45
CA HIS C 256 -0.50 -35.60 -51.32
C HIS C 256 -0.56 -36.01 -52.78
N THR C 257 -0.05 -37.20 -53.09
CA THR C 257 0.09 -37.62 -54.48
C THR C 257 -1.25 -37.74 -55.19
N PHE C 258 -2.36 -37.82 -54.45
CA PHE C 258 -3.65 -38.09 -55.04
C PHE C 258 -4.65 -36.97 -54.78
N ASN C 259 -4.18 -35.78 -54.40
CA ASN C 259 -5.03 -34.59 -54.35
C ASN C 259 -6.10 -34.71 -53.27
N ALA C 260 -5.70 -35.13 -52.08
CA ALA C 260 -6.65 -35.30 -50.99
C ALA C 260 -7.10 -33.94 -50.46
N HIS C 261 -8.41 -33.76 -50.36
CA HIS C 261 -8.97 -32.53 -49.82
C HIS C 261 -8.82 -32.49 -48.31
N ALA C 262 -9.40 -33.47 -47.62
CA ALA C 262 -9.36 -33.51 -46.17
C ALA C 262 -9.39 -34.97 -45.71
N ALA C 263 -8.92 -35.20 -44.49
CA ALA C 263 -8.88 -36.53 -43.92
C ALA C 263 -8.85 -36.42 -42.41
N THR C 264 -9.19 -37.53 -41.75
CA THR C 264 -9.20 -37.58 -40.29
C THR C 264 -9.00 -39.03 -39.86
N ASP C 265 -8.63 -39.20 -38.60
CA ASP C 265 -8.36 -40.51 -38.03
C ASP C 265 -9.55 -40.96 -37.18
N ILE C 266 -9.85 -42.26 -37.26
CA ILE C 266 -10.96 -42.85 -36.53
C ILE C 266 -10.37 -43.43 -35.25
N THR C 267 -10.32 -42.61 -34.20
CA THR C 267 -9.72 -43.02 -32.94
C THR C 267 -10.61 -42.57 -31.78
N GLY C 268 -11.22 -43.52 -31.09
CA GLY C 268 -11.94 -43.24 -29.88
C GLY C 268 -13.41 -42.89 -30.06
N PHE C 269 -13.68 -41.74 -30.68
CA PHE C 269 -15.03 -41.25 -30.79
C PHE C 269 -15.91 -42.06 -31.73
N GLY C 270 -15.33 -42.97 -32.50
CA GLY C 270 -16.08 -43.74 -33.46
C GLY C 270 -16.12 -43.09 -34.82
N ILE C 271 -16.45 -43.90 -35.83
CA ILE C 271 -16.45 -43.41 -37.20
C ILE C 271 -17.49 -42.30 -37.36
N LEU C 272 -18.69 -42.48 -36.82
CA LEU C 272 -19.72 -41.47 -36.95
C LEU C 272 -19.29 -40.17 -36.28
N GLY C 273 -18.82 -40.26 -35.04
CA GLY C 273 -18.43 -39.06 -34.32
C GLY C 273 -17.29 -38.33 -35.02
N HIS C 274 -16.29 -39.06 -35.48
CA HIS C 274 -15.16 -38.41 -36.15
C HIS C 274 -15.57 -37.80 -37.48
N ALA C 275 -16.43 -38.48 -38.24
CA ALA C 275 -16.92 -37.91 -39.48
C ALA C 275 -17.72 -36.64 -39.23
N GLN C 276 -18.57 -36.65 -38.19
CA GLN C 276 -19.33 -35.46 -37.85
C GLN C 276 -18.41 -34.31 -37.47
N ASN C 277 -17.38 -34.59 -36.67
CA ASN C 277 -16.43 -33.56 -36.30
C ASN C 277 -15.70 -33.02 -37.52
N LEU C 278 -15.37 -33.90 -38.47
CA LEU C 278 -14.74 -33.45 -39.70
C LEU C 278 -15.65 -32.53 -40.49
N ALA C 279 -16.94 -32.82 -40.51
CA ALA C 279 -17.89 -32.00 -41.25
C ALA C 279 -18.11 -30.63 -40.63
N LYS C 280 -17.60 -30.39 -39.44
CA LYS C 280 -17.84 -29.13 -38.74
C LYS C 280 -16.78 -28.07 -39.02
N GLN C 281 -15.78 -28.36 -39.84
CA GLN C 281 -14.77 -27.36 -40.19
C GLN C 281 -14.54 -27.32 -41.70
N GLN C 282 -15.54 -27.67 -42.49
CA GLN C 282 -15.44 -27.60 -43.94
C GLN C 282 -15.89 -26.22 -44.41
N ARG C 283 -15.08 -25.59 -45.27
CA ARG C 283 -15.48 -24.31 -45.84
C ARG C 283 -16.74 -24.46 -46.67
N ASN C 284 -16.82 -25.51 -47.47
CA ASN C 284 -18.02 -25.76 -48.23
C ASN C 284 -19.15 -26.25 -47.33
N GLU C 285 -20.37 -26.20 -47.86
CA GLU C 285 -21.55 -26.69 -47.15
C GLU C 285 -21.88 -28.07 -47.69
N VAL C 286 -21.17 -29.08 -47.16
CA VAL C 286 -21.25 -30.45 -47.65
C VAL C 286 -21.46 -31.39 -46.49
N SER C 287 -21.94 -32.59 -46.81
CA SER C 287 -22.23 -33.61 -45.81
C SER C 287 -21.76 -34.96 -46.32
N PHE C 288 -21.44 -35.85 -45.39
CA PHE C 288 -20.95 -37.18 -45.70
C PHE C 288 -22.00 -38.23 -45.38
N VAL C 289 -22.13 -39.22 -46.26
CA VAL C 289 -23.00 -40.36 -46.06
C VAL C 289 -22.20 -41.62 -46.33
N ILE C 290 -22.29 -42.60 -45.43
CA ILE C 290 -21.51 -43.83 -45.52
C ILE C 290 -22.45 -44.95 -45.93
N HIS C 291 -22.23 -45.51 -47.11
CA HIS C 291 -23.02 -46.60 -47.63
C HIS C 291 -22.34 -47.95 -47.47
N ASN C 292 -21.28 -48.04 -46.67
CA ASN C 292 -20.52 -49.27 -46.55
C ASN C 292 -19.55 -49.14 -45.39
N LEU C 293 -19.39 -50.22 -44.63
CA LEU C 293 -18.49 -50.25 -43.48
C LEU C 293 -17.70 -51.55 -43.51
N PRO C 294 -16.36 -51.51 -43.50
CA PRO C 294 -15.56 -52.74 -43.51
C PRO C 294 -15.24 -53.30 -42.12
N VAL C 295 -16.23 -53.98 -41.53
CA VAL C 295 -16.07 -54.50 -40.18
C VAL C 295 -15.16 -55.73 -40.21
N LEU C 296 -14.38 -55.91 -39.15
CA LEU C 296 -13.51 -57.06 -39.02
C LEU C 296 -14.32 -58.35 -39.13
N ALA C 297 -13.60 -59.46 -39.32
CA ALA C 297 -14.26 -60.74 -39.51
C ALA C 297 -15.11 -61.10 -38.30
N LYS C 298 -16.37 -61.45 -38.56
CA LYS C 298 -17.31 -61.96 -37.56
C LYS C 298 -17.59 -60.95 -36.45
N MET C 299 -17.11 -59.71 -36.57
CA MET C 299 -17.31 -58.72 -35.52
C MET C 299 -18.60 -57.93 -35.70
N ALA C 300 -19.36 -58.19 -36.76
CA ALA C 300 -20.68 -57.59 -36.92
C ALA C 300 -21.75 -58.38 -36.19
N ALA C 301 -21.68 -59.70 -36.25
CA ALA C 301 -22.64 -60.54 -35.53
C ALA C 301 -22.47 -60.36 -34.02
N VAL C 302 -21.23 -60.27 -33.55
CA VAL C 302 -20.99 -60.23 -32.11
C VAL C 302 -21.67 -59.04 -31.48
N SER C 303 -21.57 -57.87 -32.09
CA SER C 303 -22.17 -56.67 -31.51
C SER C 303 -23.67 -56.84 -31.32
N LYS C 304 -24.33 -57.54 -32.26
CA LYS C 304 -25.73 -57.85 -32.09
C LYS C 304 -25.95 -58.75 -30.88
N ALA C 305 -25.08 -59.74 -30.68
CA ALA C 305 -25.19 -60.64 -29.55
C ALA C 305 -24.96 -59.95 -28.21
N CYS C 306 -24.40 -58.74 -28.22
CA CYS C 306 -24.20 -57.96 -27.01
C CYS C 306 -25.17 -56.79 -26.92
N GLY C 307 -26.34 -56.90 -27.54
CA GLY C 307 -27.33 -55.83 -27.43
C GLY C 307 -26.78 -54.52 -27.95
N ASN C 308 -26.92 -53.48 -27.15
CA ASN C 308 -26.50 -52.13 -27.53
C ASN C 308 -25.27 -51.67 -26.76
N MET C 309 -24.45 -52.61 -26.28
CA MET C 309 -23.23 -52.20 -25.56
C MET C 309 -22.17 -51.71 -26.53
N PHE C 310 -22.00 -52.39 -27.67
CA PHE C 310 -20.99 -51.99 -28.65
C PHE C 310 -21.53 -50.95 -29.63
N GLY C 311 -22.58 -51.31 -30.37
CA GLY C 311 -23.15 -50.41 -31.36
C GLY C 311 -22.21 -50.09 -32.51
N LEU C 312 -21.57 -51.13 -33.06
CA LEU C 312 -20.64 -50.91 -34.16
C LEU C 312 -21.35 -50.40 -35.40
N MET C 313 -22.53 -50.93 -35.72
CA MET C 313 -23.23 -50.53 -36.93
C MET C 313 -23.62 -49.06 -36.89
N HIS C 314 -24.05 -48.57 -35.73
CA HIS C 314 -24.41 -47.17 -35.59
C HIS C 314 -23.21 -46.24 -35.71
N GLY C 315 -21.99 -46.77 -35.68
CA GLY C 315 -20.80 -45.96 -35.79
C GLY C 315 -20.30 -45.38 -34.48
N THR C 316 -21.02 -45.61 -33.38
CA THR C 316 -20.58 -45.08 -32.09
C THR C 316 -19.49 -45.93 -31.44
N CYS C 317 -19.24 -47.13 -31.96
CA CYS C 317 -18.26 -48.01 -31.33
C CYS C 317 -16.88 -47.38 -31.40
N PRO C 318 -16.16 -47.29 -30.28
CA PRO C 318 -14.83 -46.68 -30.31
C PRO C 318 -13.81 -47.56 -31.00
N GLU C 319 -12.77 -46.91 -31.53
CA GLU C 319 -11.63 -47.61 -32.11
C GLU C 319 -10.36 -46.93 -31.65
N THR C 320 -9.27 -47.70 -31.65
CA THR C 320 -7.96 -47.21 -31.24
C THR C 320 -6.97 -47.43 -32.37
N SER C 321 -6.18 -46.40 -32.67
CA SER C 321 -5.22 -46.47 -33.76
C SER C 321 -5.90 -46.84 -35.08
N GLY C 322 -7.09 -46.29 -35.28
CA GLY C 322 -7.84 -46.58 -36.49
C GLY C 322 -7.23 -45.91 -37.70
N GLY C 323 -7.78 -46.25 -38.87
CA GLY C 323 -7.25 -45.75 -40.13
C GLY C 323 -7.52 -44.28 -40.36
N LEU C 324 -7.54 -43.88 -41.62
CA LEU C 324 -7.78 -42.49 -42.00
C LEU C 324 -9.03 -42.42 -42.86
N LEU C 325 -9.88 -41.44 -42.59
CA LEU C 325 -11.11 -41.22 -43.36
C LEU C 325 -10.84 -40.14 -44.40
N ILE C 326 -10.13 -40.53 -45.46
CA ILE C 326 -9.68 -39.59 -46.47
C ILE C 326 -10.82 -39.29 -47.43
N CYS C 327 -10.96 -38.02 -47.79
CA CYS C 327 -11.93 -37.57 -48.78
C CYS C 327 -11.20 -37.24 -50.08
N LEU C 328 -11.46 -38.02 -51.11
CA LEU C 328 -10.78 -37.91 -52.39
C LEU C 328 -11.80 -37.78 -53.51
N PRO C 329 -11.40 -37.24 -54.66
CA PRO C 329 -12.30 -37.27 -55.83
C PRO C 329 -12.52 -38.69 -56.31
N ARG C 330 -13.60 -38.87 -57.07
CA ARG C 330 -13.98 -40.21 -57.50
C ARG C 330 -12.89 -40.84 -58.35
N GLU C 331 -12.32 -40.07 -59.29
CA GLU C 331 -11.32 -40.63 -60.18
C GLU C 331 -10.02 -40.92 -59.45
N GLN C 332 -9.58 -40.00 -58.59
CA GLN C 332 -8.34 -40.22 -57.85
C GLN C 332 -8.47 -41.37 -56.86
N ALA C 333 -9.63 -41.48 -56.20
CA ALA C 333 -9.79 -42.46 -55.13
C ALA C 333 -9.59 -43.88 -55.65
N ALA C 334 -10.18 -44.20 -56.80
CA ALA C 334 -10.04 -45.55 -57.34
C ALA C 334 -8.58 -45.94 -57.49
N ARG C 335 -7.73 -44.97 -57.84
CA ARG C 335 -6.30 -45.25 -57.96
C ARG C 335 -5.63 -45.34 -56.60
N PHE C 336 -6.11 -44.59 -55.61
CA PHE C 336 -5.48 -44.60 -54.29
C PHE C 336 -5.53 -46.00 -53.68
N CYS C 337 -6.70 -46.65 -53.77
CA CYS C 337 -6.81 -48.02 -53.28
C CYS C 337 -5.90 -48.95 -54.05
N ALA C 338 -5.82 -48.77 -55.37
CA ALA C 338 -4.95 -49.63 -56.17
C ALA C 338 -3.50 -49.46 -55.76
N GLU C 339 -3.06 -48.21 -55.54
CA GLU C 339 -1.67 -47.99 -55.15
C GLU C 339 -1.38 -48.55 -53.77
N ILE C 340 -2.29 -48.35 -52.81
CA ILE C 340 -2.03 -48.81 -51.45
C ILE C 340 -2.06 -50.34 -51.39
N LYS C 341 -2.89 -50.98 -52.21
CA LYS C 341 -3.00 -52.44 -52.16
C LYS C 341 -1.68 -53.11 -52.55
N SER C 342 -1.00 -52.58 -53.56
CA SER C 342 0.23 -53.17 -54.09
C SER C 342 1.31 -52.10 -54.16
N PRO C 343 1.87 -51.71 -53.02
CA PRO C 343 2.95 -50.72 -53.04
C PRO C 343 4.20 -51.27 -53.69
N LYS C 344 4.99 -50.36 -54.27
CA LYS C 344 6.27 -50.76 -54.83
C LYS C 344 7.22 -51.26 -53.75
N TYR C 345 7.25 -50.57 -52.60
CA TYR C 345 8.17 -50.95 -51.54
C TYR C 345 7.77 -52.28 -50.91
N GLY C 346 6.45 -52.52 -50.77
CA GLY C 346 5.94 -53.75 -50.20
C GLY C 346 4.94 -53.44 -49.10
N GLU C 347 4.70 -54.44 -48.26
CA GLU C 347 3.77 -54.32 -47.13
C GLU C 347 2.41 -53.83 -47.61
N GLY C 348 1.80 -54.63 -48.47
CA GLY C 348 0.51 -54.27 -49.02
C GLY C 348 -0.58 -54.22 -47.97
N HIS C 349 -1.50 -53.27 -48.14
CA HIS C 349 -2.66 -53.13 -47.25
C HIS C 349 -3.83 -52.64 -48.07
N GLN C 350 -5.03 -52.97 -47.61
CA GLN C 350 -6.25 -52.72 -48.37
C GLN C 350 -6.94 -51.45 -47.88
N ALA C 351 -7.63 -50.78 -48.81
CA ALA C 351 -8.45 -49.63 -48.50
C ALA C 351 -9.77 -49.75 -49.25
N TRP C 352 -10.80 -49.12 -48.69
CA TRP C 352 -12.17 -49.26 -49.20
C TRP C 352 -12.76 -47.88 -49.44
N ILE C 353 -13.76 -47.84 -50.32
CA ILE C 353 -14.56 -46.64 -50.56
C ILE C 353 -15.89 -46.84 -49.85
N ILE C 354 -16.16 -46.01 -48.84
CA ILE C 354 -17.25 -46.27 -47.91
C ILE C 354 -18.46 -45.41 -48.21
N GLY C 355 -18.25 -44.19 -48.69
CA GLY C 355 -19.34 -43.25 -48.78
C GLY C 355 -19.10 -42.18 -49.82
N ILE C 356 -20.04 -41.23 -49.86
CA ILE C 356 -20.05 -40.14 -50.82
C ILE C 356 -20.27 -38.84 -50.08
N VAL C 357 -19.80 -37.75 -50.69
CA VAL C 357 -19.97 -36.40 -50.15
C VAL C 357 -21.05 -35.71 -50.95
N GLU C 358 -22.09 -35.26 -50.27
CA GLU C 358 -23.25 -34.65 -50.91
C GLU C 358 -23.61 -33.35 -50.19
N LYS C 359 -24.20 -32.43 -50.94
CA LYS C 359 -24.56 -31.13 -50.38
C LYS C 359 -25.55 -31.31 -49.23
N GLY C 360 -25.29 -30.65 -48.11
CA GLY C 360 -26.12 -30.82 -46.93
C GLY C 360 -26.00 -29.69 -45.93
N ASN C 361 -25.97 -30.03 -44.65
CA ASN C 361 -25.97 -29.07 -43.56
C ASN C 361 -24.70 -29.20 -42.71
N ARG C 362 -23.57 -29.45 -43.36
CA ARG C 362 -22.29 -29.53 -42.68
C ARG C 362 -22.35 -30.51 -41.51
N THR C 363 -22.90 -31.70 -41.78
CA THR C 363 -22.95 -32.76 -40.79
C THR C 363 -22.93 -34.10 -41.51
N ALA C 364 -22.50 -35.13 -40.80
CA ALA C 364 -22.34 -36.47 -41.35
C ALA C 364 -23.35 -37.41 -40.73
N ARG C 365 -23.87 -38.33 -41.54
CA ARG C 365 -24.84 -39.31 -41.08
C ARG C 365 -24.64 -40.60 -41.85
N ILE C 366 -25.15 -41.69 -41.30
CA ILE C 366 -25.00 -43.02 -41.87
C ILE C 366 -26.37 -43.53 -42.28
N ILE C 367 -26.40 -44.26 -43.40
CA ILE C 367 -27.65 -44.76 -43.96
C ILE C 367 -28.27 -45.76 -42.99
N ASP C 368 -29.55 -46.09 -43.21
CA ASP C 368 -30.29 -46.90 -42.24
C ASP C 368 -29.64 -48.25 -42.01
N LYS C 369 -29.27 -48.95 -43.08
CA LYS C 369 -28.75 -50.31 -43.00
C LYS C 369 -27.47 -50.42 -43.82
N PRO C 370 -26.37 -49.89 -43.29
CA PRO C 370 -25.10 -49.98 -44.03
C PRO C 370 -24.73 -51.42 -44.31
N ARG C 371 -24.24 -51.66 -45.53
CA ARG C 371 -23.74 -52.99 -45.88
C ARG C 371 -22.43 -53.26 -45.15
N ILE C 372 -22.26 -54.50 -44.74
CA ILE C 372 -21.07 -54.94 -44.01
C ILE C 372 -20.29 -55.86 -44.92
N ILE C 373 -19.07 -55.47 -45.28
CA ILE C 373 -18.19 -56.28 -46.09
C ILE C 373 -17.18 -56.94 -45.16
N GLU C 374 -17.11 -58.27 -45.20
CA GLU C 374 -16.29 -59.02 -44.26
C GLU C 374 -14.83 -59.04 -44.73
N VAL C 375 -13.93 -58.63 -43.85
CA VAL C 375 -12.50 -58.63 -44.13
C VAL C 375 -11.87 -59.75 -43.32
N ALA C 376 -11.26 -60.71 -44.02
CA ALA C 376 -10.58 -61.81 -43.37
C ALA C 376 -9.08 -61.58 -43.35
N PRO C 377 -8.36 -62.06 -42.34
CA PRO C 377 -6.91 -61.83 -42.29
C PRO C 377 -6.23 -62.39 -43.53
N GLN C 378 -5.24 -61.65 -44.01
CA GLN C 378 -4.49 -62.06 -45.20
C GLN C 378 -3.71 -63.33 -44.88
N VAL C 379 -4.15 -64.46 -45.44
CA VAL C 379 -3.49 -65.73 -45.22
C VAL C 379 -3.41 -66.04 -43.73
N ASN D 471 32.94 -2.81 -49.63
CA ASN D 471 33.42 -3.46 -48.41
C ASN D 471 34.41 -4.58 -48.72
N SER D 472 34.54 -4.90 -50.01
CA SER D 472 35.48 -5.92 -50.49
C SER D 472 35.26 -7.27 -49.81
N LEU D 473 34.08 -7.49 -49.24
CA LEU D 473 33.71 -8.77 -48.64
C LEU D 473 32.52 -9.32 -49.42
N LYS D 474 32.71 -10.51 -50.00
CA LYS D 474 31.71 -11.10 -50.89
C LYS D 474 31.14 -12.37 -50.28
N PRO D 475 29.97 -12.33 -49.65
CA PRO D 475 29.36 -13.58 -49.16
C PRO D 475 29.08 -14.58 -50.26
N GLU D 476 28.86 -14.10 -51.49
CA GLU D 476 28.53 -15.00 -52.59
C GLU D 476 29.67 -15.97 -52.86
N GLU D 477 30.92 -15.50 -52.78
CA GLU D 477 32.05 -16.38 -53.02
C GLU D 477 32.09 -17.50 -51.97
N GLY D 478 31.89 -17.15 -50.70
CA GLY D 478 31.88 -18.16 -49.66
C GLY D 478 30.75 -19.17 -49.86
N LEU D 479 29.56 -18.68 -50.20
CA LEU D 479 28.44 -19.59 -50.45
C LEU D 479 28.76 -20.52 -51.61
N GLU D 480 29.35 -20.00 -52.68
CA GLU D 480 29.68 -20.83 -53.84
C GLU D 480 30.71 -21.89 -53.49
N VAL D 481 31.74 -21.51 -52.74
CA VAL D 481 32.75 -22.49 -52.34
C VAL D 481 32.11 -23.57 -51.47
N TRP D 482 31.25 -23.17 -50.54
CA TRP D 482 30.56 -24.15 -49.71
C TRP D 482 29.70 -25.08 -50.56
N LYS D 483 28.99 -24.54 -51.54
CA LYS D 483 28.15 -25.37 -52.39
C LYS D 483 28.99 -26.37 -53.16
N ASN D 484 30.10 -25.92 -53.73
CA ASN D 484 30.97 -26.84 -54.47
C ASN D 484 31.47 -27.96 -53.58
N TRP D 485 31.97 -27.61 -52.39
CA TRP D 485 32.46 -28.65 -51.48
C TRP D 485 31.33 -29.58 -51.07
N ALA D 486 30.15 -29.03 -50.80
CA ALA D 486 29.05 -29.85 -50.32
C ALA D 486 28.64 -30.88 -51.37
N GLN D 487 28.48 -30.45 -52.62
CA GLN D 487 28.13 -31.41 -53.66
C GLN D 487 29.25 -32.42 -53.87
N THR D 488 30.50 -31.97 -53.82
CA THR D 488 31.61 -32.90 -53.99
C THR D 488 31.60 -33.97 -52.90
N LYS D 489 31.35 -33.57 -51.65
CA LYS D 489 31.30 -34.54 -50.56
C LYS D 489 30.10 -35.46 -50.69
N ASN D 490 28.93 -34.90 -51.04
CA ASN D 490 27.75 -35.73 -51.24
C ASN D 490 28.00 -36.80 -52.28
N ALA D 491 28.79 -36.47 -53.31
CA ALA D 491 29.15 -37.48 -54.30
C ALA D 491 29.85 -38.66 -53.63
N GLU D 492 30.82 -38.39 -52.77
CA GLU D 492 31.55 -39.45 -52.08
C GLU D 492 30.73 -40.07 -50.95
N LEU D 493 29.76 -39.36 -50.41
CA LEU D 493 28.98 -39.89 -49.30
C LEU D 493 28.21 -41.14 -49.71
N GLU D 494 27.64 -41.15 -50.92
CA GLU D 494 26.87 -42.31 -51.37
C GLU D 494 27.78 -43.46 -51.77
N LYS D 495 28.93 -43.16 -52.37
CA LYS D 495 29.81 -44.23 -52.84
C LYS D 495 30.30 -45.09 -51.69
N ASP D 496 30.68 -44.47 -50.58
CA ASP D 496 31.15 -45.24 -49.43
C ASP D 496 30.09 -46.20 -48.89
N ALA D 497 28.81 -45.93 -49.19
CA ALA D 497 27.71 -46.79 -48.78
C ALA D 497 27.63 -46.96 -47.27
N GLN D 498 28.22 -46.04 -46.51
CA GLN D 498 28.17 -46.06 -45.05
C GLN D 498 27.08 -45.09 -44.63
N ASN D 499 25.87 -45.62 -44.48
CA ASN D 499 24.73 -44.79 -44.09
C ASN D 499 24.83 -44.41 -42.61
N ARG D 500 25.10 -43.14 -42.35
CA ARG D 500 25.15 -42.61 -41.00
C ARG D 500 24.14 -41.47 -40.89
N LEU D 501 23.28 -41.54 -39.88
CA LEU D 501 22.18 -40.60 -39.77
C LEU D 501 22.69 -39.20 -39.45
N ALA D 502 21.92 -38.20 -39.90
CA ALA D 502 22.24 -36.82 -39.61
C ALA D 502 21.94 -36.50 -38.15
N PRO D 503 22.56 -35.46 -37.59
CA PRO D 503 22.33 -35.11 -36.18
C PRO D 503 21.14 -34.18 -35.99
N ILE D 504 19.98 -34.59 -36.50
CA ILE D 504 18.74 -33.86 -36.33
C ILE D 504 17.66 -34.81 -35.85
N GLY D 505 16.52 -34.25 -35.47
CA GLY D 505 15.47 -35.04 -34.86
C GLY D 505 14.96 -36.15 -35.77
N ARG D 506 14.65 -35.81 -37.01
CA ARG D 506 14.11 -36.78 -37.96
C ARG D 506 15.25 -37.58 -38.59
N ARG D 507 15.01 -38.88 -38.75
CA ARG D 507 16.02 -39.78 -39.30
C ARG D 507 16.18 -39.52 -40.79
N GLN D 508 17.36 -39.06 -41.18
CA GLN D 508 17.70 -38.82 -42.58
C GLN D 508 19.15 -39.19 -42.81
N LEU D 509 19.48 -39.52 -44.05
CA LEU D 509 20.85 -39.83 -44.40
C LEU D 509 21.69 -38.55 -44.30
N LEU D 510 22.83 -38.65 -43.63
CA LEU D 510 23.67 -37.48 -43.43
C LEU D 510 24.10 -36.90 -44.78
N ARG D 511 23.58 -35.71 -45.09
CA ARG D 511 23.97 -34.99 -46.29
C ARG D 511 24.21 -33.53 -45.93
N PHE D 512 25.13 -32.90 -46.64
CA PHE D 512 25.46 -31.50 -46.41
C PHE D 512 24.59 -30.65 -47.33
N GLN D 513 23.69 -29.88 -46.75
CA GLN D 513 22.79 -29.06 -47.53
C GLN D 513 23.57 -28.04 -48.34
N GLU D 514 23.26 -27.92 -49.62
CA GLU D 514 23.98 -26.98 -50.47
C GLU D 514 23.83 -25.55 -49.98
N ASP D 515 22.62 -25.17 -49.58
CA ASP D 515 22.40 -23.87 -48.96
C ASP D 515 22.85 -23.91 -47.51
N LEU D 516 23.68 -22.93 -47.13
CA LEU D 516 24.24 -22.93 -45.79
C LEU D 516 23.17 -22.80 -44.72
N ILE D 517 22.15 -21.97 -44.97
CA ILE D 517 21.26 -21.54 -43.90
C ILE D 517 20.54 -22.74 -43.28
N SER D 518 20.03 -23.63 -44.11
CA SER D 518 19.20 -24.74 -43.63
C SER D 518 20.04 -25.93 -43.21
N SER D 519 21.00 -25.71 -42.30
CA SER D 519 21.86 -26.77 -41.81
C SER D 519 21.97 -26.69 -40.29
N ALA D 520 22.14 -27.85 -39.67
CA ALA D 520 22.25 -27.94 -38.22
C ALA D 520 23.63 -27.48 -37.76
N VAL D 521 23.74 -27.21 -36.46
CA VAL D 521 24.99 -26.71 -35.90
C VAL D 521 26.08 -27.78 -36.03
N ALA D 522 25.76 -29.02 -35.68
CA ALA D 522 26.76 -30.09 -35.77
C ALA D 522 27.21 -30.29 -37.20
N GLU D 523 26.26 -30.33 -38.14
CA GLU D 523 26.62 -30.53 -39.54
C GLU D 523 27.48 -29.39 -40.06
N LEU D 524 27.10 -28.15 -39.73
CA LEU D 524 27.88 -27.01 -40.20
C LEU D 524 29.28 -27.02 -39.62
N ASN D 525 29.41 -27.32 -38.33
CA ASN D 525 30.72 -27.42 -37.70
C ASN D 525 31.57 -28.48 -38.39
N TYR D 526 31.01 -29.68 -38.58
CA TYR D 526 31.77 -30.76 -39.17
C TYR D 526 32.17 -30.43 -40.60
N GLY D 527 31.28 -29.77 -41.35
CA GLY D 527 31.61 -29.40 -42.71
C GLY D 527 32.70 -28.36 -42.78
N LEU D 528 32.62 -27.33 -41.95
CA LEU D 528 33.65 -26.31 -41.95
C LEU D 528 34.99 -26.87 -41.48
N CYS D 529 34.96 -27.87 -40.60
CA CYS D 529 36.20 -28.55 -40.22
C CYS D 529 36.84 -29.20 -41.44
N LEU D 530 36.07 -30.00 -42.18
CA LEU D 530 36.59 -30.66 -43.37
C LEU D 530 36.89 -29.67 -44.48
N MET D 531 36.14 -28.56 -44.53
CA MET D 531 36.33 -27.58 -45.60
C MET D 531 37.74 -27.03 -45.59
N THR D 532 38.40 -27.03 -44.44
CA THR D 532 39.76 -26.47 -44.36
C THR D 532 40.73 -27.27 -45.24
N ARG D 533 40.61 -28.60 -45.23
CA ARG D 533 41.54 -29.45 -45.94
C ARG D 533 41.08 -29.84 -47.33
N GLU D 534 39.79 -29.69 -47.65
CA GLU D 534 39.24 -30.11 -48.92
C GLU D 534 38.75 -28.96 -49.79
N ALA D 535 38.85 -27.72 -49.32
CA ALA D 535 38.49 -26.59 -50.15
C ALA D 535 39.40 -26.54 -51.37
N ARG D 536 38.80 -26.36 -52.55
CA ARG D 536 39.52 -26.36 -53.81
C ARG D 536 39.23 -25.06 -54.57
N ASN D 537 40.27 -24.50 -55.18
CA ASN D 537 40.12 -23.27 -55.92
C ASN D 537 39.29 -23.51 -57.19
N GLY D 538 39.08 -22.44 -57.96
CA GLY D 538 38.35 -22.57 -59.20
C GLY D 538 39.03 -23.51 -60.19
N GLU D 539 40.36 -23.52 -60.18
CA GLU D 539 41.13 -24.40 -61.06
C GLU D 539 41.37 -25.78 -60.46
N GLY D 540 40.84 -26.05 -59.27
CA GLY D 540 41.03 -27.32 -58.61
C GLY D 540 42.25 -27.40 -57.72
N GLU D 541 43.01 -26.32 -57.60
CA GLU D 541 44.16 -26.33 -56.71
C GLU D 541 43.72 -26.01 -55.27
N PRO D 542 44.39 -26.58 -54.27
CA PRO D 542 44.04 -26.27 -52.88
C PRO D 542 44.25 -24.80 -52.57
N TYR D 543 43.39 -24.26 -51.72
CA TYR D 543 43.45 -22.86 -51.36
C TYR D 543 44.68 -22.58 -50.51
N ASP D 544 45.12 -21.33 -50.53
CA ASP D 544 46.23 -20.91 -49.69
C ASP D 544 45.73 -20.63 -48.27
N PRO D 545 46.62 -20.74 -47.27
CA PRO D 545 46.20 -20.40 -45.91
C PRO D 545 45.73 -18.96 -45.77
N ASP D 546 46.28 -18.04 -46.56
CA ASP D 546 45.90 -16.64 -46.46
C ASP D 546 44.49 -16.38 -46.98
N VAL D 547 43.93 -17.27 -47.78
CA VAL D 547 42.64 -17.06 -48.39
C VAL D 547 41.54 -17.94 -47.80
N LEU D 548 41.88 -19.05 -47.13
CA LEU D 548 40.85 -19.83 -46.45
C LEU D 548 40.18 -18.99 -45.36
N TYR D 549 40.96 -18.16 -44.68
CA TYR D 549 40.39 -17.28 -43.66
C TYR D 549 39.40 -16.31 -44.28
N TYR D 550 39.74 -15.76 -45.44
CA TYR D 550 38.81 -14.87 -46.13
C TYR D 550 37.54 -15.61 -46.54
N ILE D 551 37.68 -16.83 -47.04
CA ILE D 551 36.52 -17.62 -47.44
C ILE D 551 35.62 -17.87 -46.24
N PHE D 552 36.21 -18.23 -45.10
CA PHE D 552 35.39 -18.50 -43.91
C PHE D 552 34.73 -17.23 -43.40
N LEU D 553 35.43 -16.09 -43.48
CA LEU D 553 34.80 -14.83 -43.11
C LEU D 553 33.60 -14.53 -44.01
N CYS D 554 33.74 -14.78 -45.31
CA CYS D 554 32.62 -14.58 -46.22
C CYS D 554 31.46 -15.52 -45.87
N ILE D 555 31.77 -16.76 -45.53
CA ILE D 555 30.72 -17.70 -45.12
C ILE D 555 29.99 -17.19 -43.90
N GLN D 556 30.74 -16.71 -42.90
CA GLN D 556 30.11 -16.22 -41.68
C GLN D 556 29.26 -15.00 -41.97
N LYS D 557 29.74 -14.09 -42.83
CA LYS D 557 28.94 -12.96 -43.25
C LYS D 557 27.65 -13.41 -43.91
N TYR D 558 27.73 -14.48 -44.71
CA TYR D 558 26.52 -15.03 -45.31
C TYR D 558 25.57 -15.54 -44.24
N LEU D 559 26.08 -16.25 -43.24
CA LEU D 559 25.22 -16.75 -42.18
C LEU D 559 24.58 -15.62 -41.38
N PHE D 560 25.37 -14.59 -41.06
CA PHE D 560 24.84 -13.48 -40.26
C PHE D 560 23.74 -12.75 -41.01
N GLU D 561 23.91 -12.54 -42.31
CA GLU D 561 22.97 -11.76 -43.09
C GLU D 561 21.76 -12.56 -43.54
N ASN D 562 21.65 -13.83 -43.16
CA ASN D 562 20.52 -14.68 -43.52
C ASN D 562 19.76 -15.17 -42.29
N GLY D 563 19.90 -14.49 -41.15
CA GLY D 563 19.13 -14.77 -39.97
C GLY D 563 19.81 -15.65 -38.95
N ARG D 564 20.83 -16.41 -39.36
CA ARG D 564 21.54 -17.26 -38.42
C ARG D 564 22.32 -16.41 -37.41
N VAL D 565 22.39 -16.89 -36.17
CA VAL D 565 23.11 -16.19 -35.10
C VAL D 565 24.39 -16.92 -34.72
N ASP D 566 24.87 -17.83 -35.57
CA ASP D 566 26.04 -18.61 -35.22
C ASP D 566 27.32 -17.83 -35.52
N ASP D 567 28.20 -17.74 -34.53
CA ASP D 567 29.52 -17.13 -34.68
C ASP D 567 30.53 -18.27 -34.82
N ILE D 568 30.86 -18.60 -36.06
CA ILE D 568 31.64 -19.81 -36.32
C ILE D 568 33.01 -19.77 -35.66
N PHE D 569 33.47 -18.59 -35.25
CA PHE D 569 34.80 -18.46 -34.69
C PHE D 569 34.83 -18.48 -33.16
N SER D 570 33.79 -17.97 -32.50
CA SER D 570 33.82 -17.78 -31.06
C SER D 570 32.99 -18.81 -30.28
N ASP D 571 31.86 -19.24 -30.82
CA ASP D 571 30.94 -20.08 -30.05
C ASP D 571 31.60 -21.39 -29.66
N LEU D 572 31.14 -21.95 -28.54
CA LEU D 572 31.75 -23.17 -28.01
C LEU D 572 31.52 -24.36 -28.94
N TYR D 573 30.34 -24.42 -29.58
CA TYR D 573 30.06 -25.55 -30.46
C TYR D 573 31.06 -25.63 -31.60
N TYR D 574 31.61 -24.50 -32.03
CA TYR D 574 32.54 -24.43 -33.14
C TYR D 574 33.99 -24.44 -32.68
N VAL D 575 34.26 -24.92 -31.46
CA VAL D 575 35.64 -24.95 -30.98
C VAL D 575 36.48 -25.91 -31.81
N ARG D 576 35.88 -27.00 -32.28
CA ARG D 576 36.62 -27.93 -33.14
C ARG D 576 37.07 -27.25 -34.41
N PHE D 577 36.21 -26.41 -35.00
CA PHE D 577 36.55 -25.75 -36.26
C PHE D 577 37.76 -24.85 -36.11
N THR D 578 37.84 -24.09 -35.01
CA THR D 578 38.94 -23.14 -34.85
C THR D 578 40.28 -23.85 -34.75
N GLU D 579 40.31 -25.02 -34.10
CA GLU D 579 41.57 -25.73 -33.96
C GLU D 579 42.15 -26.11 -35.32
N TRP D 580 41.31 -26.60 -36.22
CA TRP D 580 41.78 -26.96 -37.55
C TRP D 580 42.17 -25.71 -38.34
N LEU D 581 41.32 -24.69 -38.30
CA LEU D 581 41.68 -23.42 -38.92
C LEU D 581 42.98 -22.88 -38.30
N HIS D 582 43.17 -23.09 -37.01
CA HIS D 582 44.38 -22.62 -36.35
C HIS D 582 45.61 -23.31 -36.91
N GLU D 583 45.57 -24.64 -37.02
CA GLU D 583 46.74 -25.34 -37.53
C GLU D 583 46.97 -25.06 -39.01
N VAL D 584 45.91 -24.70 -39.75
CA VAL D 584 46.11 -24.27 -41.13
C VAL D 584 46.81 -22.91 -41.17
N LEU D 585 46.39 -21.98 -40.29
CA LEU D 585 46.90 -20.62 -40.36
C LEU D 585 48.27 -20.44 -39.70
N LYS D 586 48.63 -21.30 -38.76
CA LYS D 586 49.86 -21.07 -37.99
C LYS D 586 51.09 -21.09 -38.90
N ASP D 587 51.13 -22.03 -39.84
CA ASP D 587 52.30 -22.19 -40.69
C ASP D 587 52.48 -21.04 -41.68
N VAL D 588 51.47 -20.17 -41.83
CA VAL D 588 51.54 -19.13 -42.84
C VAL D 588 52.73 -18.23 -42.58
N GLN D 589 53.35 -17.76 -43.66
CA GLN D 589 54.39 -16.75 -43.62
C GLN D 589 54.15 -15.80 -44.79
N PRO D 590 54.52 -14.52 -44.64
CA PRO D 590 54.39 -13.60 -45.78
C PRO D 590 55.21 -14.12 -46.97
N ARG D 591 54.60 -14.04 -48.15
CA ARG D 591 55.23 -14.54 -49.36
C ARG D 591 56.02 -13.44 -50.04
N VAL D 592 57.22 -13.78 -50.50
CA VAL D 592 58.06 -12.90 -51.27
C VAL D 592 58.10 -13.43 -52.69
N THR D 593 57.68 -12.60 -53.65
CA THR D 593 57.66 -13.01 -55.05
C THR D 593 59.09 -13.08 -55.58
N PRO D 594 59.29 -13.80 -56.69
CA PRO D 594 60.63 -13.82 -57.29
C PRO D 594 61.14 -12.43 -57.64
N LEU D 595 60.24 -11.50 -57.97
CA LEU D 595 60.66 -10.12 -58.20
C LEU D 595 61.24 -9.51 -56.94
N GLY D 596 60.62 -9.78 -55.79
CA GLY D 596 61.16 -9.32 -54.51
C GLY D 596 60.13 -8.77 -53.55
N TYR D 597 59.11 -8.09 -54.07
CA TYR D 597 58.12 -7.47 -53.20
C TYR D 597 57.28 -8.54 -52.51
N VAL D 598 56.98 -8.30 -51.23
CA VAL D 598 56.18 -9.24 -50.44
C VAL D 598 54.72 -9.17 -50.89
N LEU D 599 54.08 -10.33 -50.94
CA LEU D 599 52.68 -10.37 -51.33
C LEU D 599 51.81 -9.85 -50.18
N PRO D 600 50.96 -8.85 -50.41
CA PRO D 600 50.10 -8.37 -49.31
C PRO D 600 48.99 -9.36 -49.02
N SER D 601 48.62 -9.43 -47.75
CA SER D 601 47.58 -10.37 -47.32
C SER D 601 46.24 -10.00 -47.94
N HIS D 602 45.40 -11.02 -48.13
CA HIS D 602 44.11 -10.84 -48.77
C HIS D 602 43.00 -10.48 -47.79
N VAL D 603 43.27 -10.51 -46.48
CA VAL D 603 42.28 -10.19 -45.46
C VAL D 603 42.71 -8.88 -44.78
N THR D 604 41.76 -7.96 -44.64
CA THR D 604 42.03 -6.62 -44.15
C THR D 604 41.20 -6.34 -42.91
N GLU D 605 41.51 -5.22 -42.25
CA GLU D 605 40.81 -4.86 -41.03
C GLU D 605 39.34 -4.56 -41.30
N GLU D 606 39.04 -3.86 -42.39
CA GLU D 606 37.64 -3.56 -42.70
C GLU D 606 36.86 -4.85 -42.96
N MET D 607 37.53 -5.90 -43.43
CA MET D 607 36.86 -7.17 -43.61
C MET D 607 36.37 -7.72 -42.27
N LEU D 608 37.21 -7.63 -41.24
CA LEU D 608 36.77 -8.06 -39.92
C LEU D 608 35.70 -7.14 -39.36
N TRP D 609 35.87 -5.82 -39.53
CA TRP D 609 34.89 -4.88 -38.98
C TRP D 609 33.52 -5.09 -39.59
N GLU D 610 33.45 -5.29 -40.91
CA GLU D 610 32.17 -5.50 -41.57
C GLU D 610 31.60 -6.88 -41.23
N CYS D 611 32.46 -7.86 -41.00
CA CYS D 611 32.03 -9.21 -40.69
C CYS D 611 31.63 -9.37 -39.22
N LYS D 612 31.80 -8.34 -38.40
CA LYS D 612 31.41 -8.35 -37.00
C LYS D 612 32.27 -9.28 -36.16
N GLN D 613 33.51 -9.51 -36.58
CA GLN D 613 34.49 -10.20 -35.76
C GLN D 613 35.27 -9.27 -34.86
N LEU D 614 34.98 -7.97 -34.90
CA LEU D 614 35.59 -6.99 -34.03
C LEU D 614 34.51 -6.01 -33.56
N GLY D 615 34.76 -5.38 -32.42
CA GLY D 615 33.85 -4.40 -31.87
C GLY D 615 33.34 -4.83 -30.50
N ALA D 616 32.09 -4.46 -30.22
CA ALA D 616 31.47 -4.69 -28.92
C ALA D 616 30.09 -5.31 -29.09
N HIS D 617 30.01 -6.36 -29.91
CA HIS D 617 28.75 -7.07 -30.09
C HIS D 617 28.60 -8.23 -29.12
N SER D 618 29.66 -8.99 -28.88
CA SER D 618 29.64 -10.11 -27.96
C SER D 618 30.95 -10.12 -27.17
N PRO D 619 30.95 -10.78 -26.01
CA PRO D 619 32.18 -10.77 -25.19
C PRO D 619 33.41 -11.26 -25.94
N SER D 620 33.29 -12.33 -26.72
CA SER D 620 34.44 -12.84 -27.45
C SER D 620 34.92 -11.83 -28.48
N THR D 621 33.99 -11.17 -29.16
CA THR D 621 34.37 -10.16 -30.14
C THR D 621 35.10 -9.00 -29.48
N LEU D 622 34.63 -8.56 -28.32
CA LEU D 622 35.30 -7.47 -27.62
C LEU D 622 36.70 -7.87 -27.17
N LEU D 623 36.84 -9.09 -26.67
CA LEU D 623 38.16 -9.58 -26.29
C LEU D 623 39.10 -9.60 -27.50
N THR D 624 38.60 -10.09 -28.63
CA THR D 624 39.42 -10.14 -29.84
C THR D 624 39.77 -8.73 -30.31
N THR D 625 38.84 -7.79 -30.18
CA THR D 625 39.12 -6.41 -30.58
C THR D 625 40.22 -5.81 -29.72
N LEU D 626 40.17 -6.03 -28.41
CA LEU D 626 41.23 -5.51 -27.54
C LEU D 626 42.56 -6.16 -27.88
N MET D 627 42.56 -7.48 -28.12
CA MET D 627 43.80 -8.15 -28.52
C MET D 627 44.35 -7.57 -29.81
N PHE D 628 43.46 -7.32 -30.78
CA PHE D 628 43.89 -6.78 -32.06
C PHE D 628 44.50 -5.39 -31.89
N PHE D 629 43.86 -4.54 -31.11
CA PHE D 629 44.41 -3.20 -30.90
C PHE D 629 45.73 -3.25 -30.16
N ASN D 630 45.86 -4.13 -29.17
CA ASN D 630 47.11 -4.27 -28.47
C ASN D 630 48.21 -4.72 -29.42
N THR D 631 47.92 -5.68 -30.29
CA THR D 631 48.92 -6.13 -31.25
C THR D 631 49.29 -5.01 -32.22
N LYS D 632 48.30 -4.24 -32.68
CA LYS D 632 48.56 -3.18 -33.64
C LYS D 632 49.43 -2.08 -33.04
N TYR D 633 49.08 -1.61 -31.86
CA TYR D 633 49.74 -0.45 -31.28
C TYR D 633 50.90 -0.84 -30.37
N PHE D 634 50.63 -1.63 -29.33
CA PHE D 634 51.69 -2.05 -28.42
C PHE D 634 52.70 -2.97 -29.08
N LEU D 635 52.39 -3.53 -30.25
CA LEU D 635 53.34 -4.30 -31.03
C LEU D 635 53.63 -5.65 -30.40
N LEU D 636 52.63 -6.27 -29.77
CA LEU D 636 52.76 -7.61 -29.23
C LEU D 636 52.54 -8.61 -30.36
N LYS D 637 53.51 -9.51 -30.56
CA LYS D 637 53.51 -10.39 -31.73
C LYS D 637 53.71 -11.86 -31.37
N THR D 638 53.51 -12.24 -30.11
CA THR D 638 53.67 -13.64 -29.71
C THR D 638 52.87 -13.89 -28.45
N VAL D 639 52.27 -15.07 -28.37
CA VAL D 639 51.41 -15.39 -27.23
C VAL D 639 52.21 -15.31 -25.93
N ASP D 640 53.41 -15.87 -25.93
CA ASP D 640 54.22 -15.86 -24.71
C ASP D 640 54.55 -14.42 -24.30
N GLN D 641 54.94 -13.59 -25.26
CA GLN D 641 55.17 -12.18 -24.98
C GLN D 641 53.88 -11.45 -24.68
N HIS D 642 52.75 -11.93 -25.19
CA HIS D 642 51.50 -11.21 -25.12
C HIS D 642 50.77 -11.40 -23.80
N MET D 643 51.10 -12.45 -23.04
CA MET D 643 50.44 -12.68 -21.76
C MET D 643 50.90 -11.71 -20.69
N LYS D 644 52.06 -11.08 -20.86
CA LYS D 644 52.59 -10.19 -19.82
C LYS D 644 51.60 -9.09 -19.49
N LEU D 645 50.78 -8.68 -20.46
CA LEU D 645 49.84 -7.59 -20.24
C LEU D 645 48.90 -7.93 -19.09
N ALA D 646 48.67 -6.94 -18.23
CA ALA D 646 47.80 -7.11 -17.08
C ALA D 646 47.09 -5.79 -16.80
N PHE D 647 46.02 -5.87 -16.01
CA PHE D 647 45.25 -4.67 -15.70
C PHE D 647 46.11 -3.64 -14.99
N SER D 648 46.91 -4.07 -14.01
CA SER D 648 47.67 -3.13 -13.20
C SER D 648 48.73 -2.41 -14.02
N LYS D 649 49.53 -3.15 -14.77
CA LYS D 649 50.63 -2.53 -15.52
C LYS D 649 50.15 -1.77 -16.74
N VAL D 650 48.88 -1.89 -17.11
CA VAL D 650 48.29 -1.07 -18.16
C VAL D 650 47.72 0.17 -17.49
N LEU D 651 48.54 1.22 -17.41
CA LEU D 651 48.17 2.41 -16.67
C LEU D 651 47.39 3.37 -17.55
N ARG D 652 46.28 3.86 -17.04
CA ARG D 652 45.49 4.89 -17.71
C ARG D 652 45.88 6.25 -17.13
N GLN D 653 46.23 7.18 -18.00
CA GLN D 653 46.59 8.53 -17.59
C GLN D 653 45.98 9.52 -18.56
N THR D 654 45.03 10.33 -18.08
CA THR D 654 44.46 11.38 -18.91
C THR D 654 45.58 12.30 -19.37
N LYS D 655 45.60 12.61 -20.66
CA LYS D 655 46.71 13.35 -21.22
C LYS D 655 46.87 14.71 -20.55
N LYS D 656 48.11 15.07 -20.24
CA LYS D 656 48.38 16.32 -19.54
C LYS D 656 47.96 17.52 -20.37
N ASN D 657 48.22 17.48 -21.69
CA ASN D 657 47.96 18.61 -22.57
C ASN D 657 46.79 18.32 -23.49
N PRO D 658 45.59 18.82 -23.21
CA PRO D 658 44.53 18.79 -24.21
C PRO D 658 44.80 19.79 -25.32
N SER D 659 44.29 19.46 -26.51
CA SER D 659 44.52 20.34 -27.66
C SER D 659 43.96 21.73 -27.39
N ASN D 660 42.77 21.81 -26.83
CA ASN D 660 42.15 23.06 -26.43
C ASN D 660 41.59 22.91 -25.02
N PRO D 661 41.52 23.99 -24.24
CA PRO D 661 41.01 23.84 -22.87
C PRO D 661 39.62 23.22 -22.80
N LYS D 662 38.77 23.47 -23.80
CA LYS D 662 37.42 22.90 -23.76
C LYS D 662 37.47 21.38 -23.76
N ASP D 663 38.32 20.79 -24.58
CA ASP D 663 38.41 19.33 -24.67
C ASP D 663 39.32 18.79 -23.56
N LYS D 664 39.36 17.46 -23.46
CA LYS D 664 40.22 16.79 -22.49
C LYS D 664 40.63 15.45 -23.10
N SER D 665 41.81 15.40 -23.68
CA SER D 665 42.28 14.20 -24.35
C SER D 665 42.56 13.09 -23.35
N THR D 666 42.29 11.85 -23.76
CA THR D 666 42.51 10.67 -22.94
C THR D 666 43.22 9.61 -23.76
N SER D 667 44.07 8.83 -23.10
CA SER D 667 44.81 7.77 -23.78
C SER D 667 45.25 6.74 -22.76
N ILE D 668 45.64 5.57 -23.28
CA ILE D 668 46.09 4.44 -22.47
C ILE D 668 47.52 4.11 -22.86
N ARG D 669 48.33 3.76 -21.86
CA ARG D 669 49.75 3.51 -22.06
C ARG D 669 50.13 2.16 -21.47
N TYR D 670 51.27 1.64 -21.93
CA TYR D 670 51.81 0.37 -21.43
C TYR D 670 53.32 0.41 -21.55
N LEU D 671 54.01 -0.02 -20.50
CA LEU D 671 55.48 -0.02 -20.48
C LEU D 671 55.96 -1.39 -20.92
N LYS D 672 56.15 -1.55 -22.23
CA LYS D 672 56.60 -2.80 -22.80
C LYS D 672 58.12 -2.88 -22.91
N ALA D 673 58.84 -1.84 -22.50
CA ALA D 673 60.29 -1.87 -22.54
C ALA D 673 60.81 -2.86 -21.50
N LEU D 674 61.72 -3.74 -21.92
CA LEU D 674 62.32 -4.73 -21.05
C LEU D 674 63.79 -4.37 -20.83
N GLY D 675 64.19 -4.25 -19.57
CA GLY D 675 65.56 -3.89 -19.26
C GLY D 675 65.76 -3.92 -17.76
N ILE D 676 66.97 -3.53 -17.36
CA ILE D 676 67.32 -3.51 -15.93
C ILE D 676 66.43 -2.52 -15.18
N HIS D 677 66.12 -1.39 -15.82
CA HIS D 677 65.25 -0.38 -15.22
C HIS D 677 65.75 0.02 -13.83
N GLN D 678 67.06 0.28 -13.75
CA GLN D 678 67.72 0.61 -12.50
C GLN D 678 68.08 2.09 -12.46
N THR D 679 67.64 2.78 -11.41
CA THR D 679 67.98 4.17 -11.16
C THR D 679 67.67 5.04 -12.38
N GLY D 680 66.40 4.98 -12.80
CA GLY D 680 65.94 5.80 -13.91
C GLY D 680 66.56 5.47 -15.24
N GLN D 681 67.25 4.35 -15.36
CA GLN D 681 67.84 3.94 -16.62
C GLN D 681 66.85 3.11 -17.41
N LYS D 682 66.87 3.27 -18.73
CA LYS D 682 65.98 2.57 -19.66
C LYS D 682 64.53 3.02 -19.50
N VAL D 683 64.27 4.03 -18.68
CA VAL D 683 62.93 4.54 -18.44
C VAL D 683 62.86 5.96 -18.98
N THR D 684 61.93 6.20 -19.90
CA THR D 684 61.72 7.52 -20.46
C THR D 684 60.27 7.64 -20.91
N ASP D 685 59.77 8.88 -20.94
CA ASP D 685 58.37 9.11 -21.26
C ASP D 685 58.05 8.69 -22.69
N ASP D 686 58.97 8.93 -23.62
CA ASP D 686 58.69 8.70 -25.03
C ASP D 686 58.89 7.25 -25.46
N MET D 687 59.32 6.36 -24.56
CA MET D 687 59.61 4.98 -24.94
C MET D 687 58.39 4.08 -24.80
N TYR D 688 57.73 4.09 -23.65
CA TYR D 688 56.66 3.12 -23.41
C TYR D 688 55.55 3.28 -24.42
N ALA D 689 55.00 2.14 -24.85
CA ALA D 689 53.97 2.13 -25.89
C ALA D 689 52.71 2.84 -25.40
N GLU D 690 51.97 3.42 -26.34
CA GLU D 690 50.84 4.26 -26.01
C GLU D 690 49.67 3.95 -26.93
N GLN D 691 48.47 4.24 -26.44
CA GLN D 691 47.24 4.11 -27.19
C GLN D 691 46.72 5.50 -27.57
N THR D 692 46.33 5.66 -28.82
CA THR D 692 45.74 6.91 -29.28
C THR D 692 44.24 6.88 -28.96
N GLU D 693 43.51 7.86 -29.50
CA GLU D 693 42.06 7.89 -29.35
C GLU D 693 41.45 8.33 -30.68
N ASN D 694 40.40 7.63 -31.09
CA ASN D 694 39.73 7.90 -32.37
C ASN D 694 38.41 8.58 -32.12
N PRO D 695 38.28 9.89 -32.36
CA PRO D 695 36.99 10.56 -32.22
C PRO D 695 36.16 10.60 -33.49
N GLU D 696 36.73 10.21 -34.63
CA GLU D 696 35.97 10.25 -35.89
C GLU D 696 34.82 9.26 -35.85
N ASN D 697 35.09 8.02 -35.48
CA ASN D 697 34.08 6.98 -35.37
C ASN D 697 34.18 6.36 -33.98
N PRO D 698 33.29 6.71 -33.05
CA PRO D 698 33.44 6.20 -31.67
C PRO D 698 33.35 4.69 -31.57
N LEU D 699 32.69 4.03 -32.52
CA LEU D 699 32.51 2.57 -32.42
C LEU D 699 33.86 1.86 -32.41
N ARG D 700 34.79 2.31 -33.25
CA ARG D 700 36.09 1.68 -33.39
C ARG D 700 37.15 2.27 -32.47
N CYS D 701 36.78 3.19 -31.60
CA CYS D 701 37.76 3.87 -30.75
C CYS D 701 38.34 2.91 -29.73
N PRO D 702 39.66 2.72 -29.67
CA PRO D 702 40.22 1.80 -28.66
C PRO D 702 39.86 2.17 -27.24
N ILE D 703 39.84 3.47 -26.93
CA ILE D 703 39.57 3.89 -25.56
C ILE D 703 38.16 3.51 -25.15
N LYS D 704 37.19 3.72 -26.04
CA LYS D 704 35.81 3.38 -25.71
C LYS D 704 35.66 1.88 -25.46
N LEU D 705 36.29 1.06 -26.30
CA LEU D 705 36.19 -0.38 -26.12
C LEU D 705 36.89 -0.83 -24.85
N TYR D 706 38.03 -0.24 -24.52
CA TYR D 706 38.71 -0.58 -23.27
C TYR D 706 37.85 -0.20 -22.06
N ASP D 707 37.23 0.98 -22.10
CA ASP D 707 36.34 1.38 -21.01
C ASP D 707 35.16 0.44 -20.90
N PHE D 708 34.59 0.03 -22.04
CA PHE D 708 33.48 -0.91 -22.00
C PHE D 708 33.91 -2.24 -21.42
N TYR D 709 35.10 -2.71 -21.79
CA TYR D 709 35.63 -3.96 -21.25
C TYR D 709 35.76 -3.90 -19.74
N LEU D 710 36.41 -2.84 -19.23
CA LEU D 710 36.53 -2.70 -17.78
C LEU D 710 35.17 -2.48 -17.12
N PHE D 711 34.19 -1.99 -17.88
CA PHE D 711 32.86 -1.77 -17.32
C PHE D 711 32.10 -3.08 -17.13
N LYS D 712 32.51 -4.15 -17.80
CA LYS D 712 31.82 -5.42 -17.75
C LYS D 712 32.57 -6.50 -16.98
N CYS D 713 33.89 -6.40 -16.86
CA CYS D 713 34.63 -7.39 -16.11
C CYS D 713 34.27 -7.28 -14.63
N PRO D 714 34.41 -8.36 -13.87
CA PRO D 714 34.06 -8.31 -12.45
C PRO D 714 34.92 -7.32 -11.69
N GLN D 715 34.35 -6.74 -10.64
CA GLN D 715 35.06 -5.73 -9.85
C GLN D 715 36.30 -6.31 -9.19
N SER D 716 36.31 -7.61 -8.90
CA SER D 716 37.43 -8.20 -8.19
C SER D 716 38.66 -8.33 -9.07
N VAL D 717 38.47 -8.42 -10.39
CA VAL D 717 39.60 -8.66 -11.29
C VAL D 717 40.50 -7.44 -11.37
N LYS D 718 39.91 -6.24 -11.43
CA LYS D 718 40.70 -5.04 -11.63
C LYS D 718 41.76 -4.90 -10.55
N GLY D 719 42.99 -4.59 -10.98
CA GLY D 719 44.09 -4.40 -10.08
C GLY D 719 44.91 -5.63 -9.76
N ARG D 720 44.72 -6.73 -10.49
CA ARG D 720 45.50 -7.94 -10.29
C ARG D 720 46.55 -8.07 -11.39
N ASN D 721 47.71 -8.60 -11.02
CA ASN D 721 48.86 -8.66 -11.92
C ASN D 721 48.92 -9.94 -12.74
N ASP D 722 48.07 -10.92 -12.48
CA ASP D 722 48.26 -12.24 -13.08
C ASP D 722 47.92 -12.23 -14.57
N THR D 723 46.78 -11.64 -14.95
CA THR D 723 46.30 -11.78 -16.31
C THR D 723 45.42 -10.60 -16.69
N PHE D 724 45.19 -10.46 -17.99
CA PHE D 724 44.40 -9.37 -18.58
C PHE D 724 43.17 -9.85 -19.31
N TYR D 725 43.25 -10.99 -20.00
CA TYR D 725 42.13 -11.52 -20.78
C TYR D 725 41.36 -12.54 -19.96
N LEU D 726 40.05 -12.35 -19.87
CA LEU D 726 39.18 -13.19 -19.07
C LEU D 726 38.28 -14.03 -19.98
N THR D 727 38.05 -15.27 -19.59
CA THR D 727 37.18 -16.15 -20.36
C THR D 727 35.76 -15.58 -20.37
N PRO D 728 35.18 -15.34 -21.54
CA PRO D 728 33.83 -14.75 -21.56
C PRO D 728 32.81 -15.69 -20.93
N GLU D 729 31.80 -15.10 -20.30
CA GLU D 729 30.74 -15.90 -19.72
C GLU D 729 29.97 -16.63 -20.82
N PRO D 730 29.47 -17.84 -20.52
CA PRO D 730 28.79 -18.60 -21.58
C PRO D 730 27.52 -17.92 -22.08
N VAL D 731 26.68 -17.43 -21.18
CA VAL D 731 25.41 -16.79 -21.53
C VAL D 731 25.47 -15.33 -21.11
N VAL D 732 25.09 -14.44 -22.01
CA VAL D 732 25.04 -13.01 -21.74
C VAL D 732 23.81 -12.43 -22.42
N ALA D 733 23.25 -11.40 -21.80
CA ALA D 733 22.07 -10.73 -22.33
C ALA D 733 22.41 -9.29 -22.68
N PRO D 734 21.55 -8.59 -23.43
CA PRO D 734 21.87 -7.19 -23.75
C PRO D 734 22.11 -6.33 -22.53
N ASN D 735 21.37 -6.57 -21.43
CA ASN D 735 21.46 -5.76 -20.23
C ASN D 735 22.17 -6.49 -19.10
N SER D 736 23.06 -7.41 -19.42
CA SER D 736 23.78 -8.15 -18.39
C SER D 736 24.91 -7.28 -17.85
N PRO D 737 24.92 -6.96 -16.55
CA PRO D 737 25.99 -6.09 -16.04
C PRO D 737 27.40 -6.64 -16.21
N ILE D 738 27.56 -7.96 -16.15
CA ILE D 738 28.87 -8.59 -16.21
C ILE D 738 28.91 -9.53 -17.39
N TRP D 739 29.98 -9.45 -18.19
CA TRP D 739 30.16 -10.27 -19.37
C TRP D 739 31.25 -11.32 -19.23
N TYR D 740 32.19 -11.16 -18.31
CA TYR D 740 33.38 -11.98 -18.24
C TYR D 740 33.52 -12.62 -16.87
N SER D 741 34.13 -13.80 -16.86
CA SER D 741 34.42 -14.52 -15.63
C SER D 741 35.76 -14.03 -15.07
N VAL D 742 36.28 -14.73 -14.07
CA VAL D 742 37.54 -14.37 -13.43
C VAL D 742 38.63 -15.39 -13.75
N GLN D 743 38.40 -16.27 -14.72
CA GLN D 743 39.38 -17.28 -15.09
C GLN D 743 40.05 -16.84 -16.38
N PRO D 744 41.33 -16.50 -16.38
CA PRO D 744 41.95 -16.00 -17.61
C PRO D 744 41.95 -17.04 -18.71
N ILE D 745 41.87 -16.57 -19.96
CA ILE D 745 41.84 -17.47 -21.11
C ILE D 745 43.11 -18.29 -21.14
N SER D 746 42.96 -19.58 -21.45
CA SER D 746 44.10 -20.48 -21.45
C SER D 746 45.05 -20.16 -22.59
N ARG D 747 46.29 -20.63 -22.45
CA ARG D 747 47.30 -20.36 -23.48
C ARG D 747 46.85 -20.87 -24.84
N GLU D 748 46.13 -22.00 -24.87
CA GLU D 748 45.69 -22.55 -26.14
C GLU D 748 44.75 -21.59 -26.86
N GLN D 749 43.79 -21.02 -26.15
CA GLN D 749 42.84 -20.10 -26.77
C GLN D 749 43.53 -18.83 -27.24
N MET D 750 44.46 -18.30 -26.43
CA MET D 750 45.19 -17.10 -26.83
C MET D 750 46.01 -17.36 -28.09
N GLY D 751 46.68 -18.51 -28.15
CA GLY D 751 47.40 -18.85 -29.37
C GLY D 751 46.49 -19.02 -30.56
N GLN D 752 45.32 -19.63 -30.34
CA GLN D 752 44.37 -19.81 -31.43
C GLN D 752 43.90 -18.48 -31.99
N MET D 753 43.57 -17.53 -31.12
CA MET D 753 43.02 -16.26 -31.55
C MET D 753 44.09 -15.21 -31.82
N LEU D 754 45.37 -15.55 -31.66
CA LEU D 754 46.44 -14.65 -32.06
C LEU D 754 46.96 -14.95 -33.46
N THR D 755 46.99 -16.23 -33.85
CA THR D 755 47.37 -16.55 -35.22
C THR D 755 46.40 -15.96 -36.22
N ARG D 756 45.11 -15.91 -35.87
CA ARG D 756 44.11 -15.33 -36.76
C ARG D 756 44.24 -13.82 -36.91
N ILE D 757 44.98 -13.16 -36.02
CA ILE D 757 45.09 -11.71 -36.07
C ILE D 757 46.47 -11.25 -36.53
N LEU D 758 47.44 -12.15 -36.65
CA LEU D 758 48.68 -11.80 -37.32
C LEU D 758 48.52 -11.78 -38.84
N VAL D 759 47.67 -12.67 -39.37
CA VAL D 759 47.52 -12.78 -40.82
C VAL D 759 46.92 -11.51 -41.38
N ILE D 760 46.15 -10.77 -40.59
CA ILE D 760 45.53 -9.54 -41.08
C ILE D 760 46.61 -8.59 -41.60
N ARG D 761 46.23 -7.76 -42.58
CA ARG D 761 47.21 -6.94 -43.28
C ARG D 761 47.76 -5.83 -42.41
N GLU D 762 46.88 -5.09 -41.73
CA GLU D 762 47.34 -3.93 -40.96
C GLU D 762 48.29 -4.34 -39.84
N ILE D 763 48.02 -5.49 -39.20
CA ILE D 763 48.95 -5.96 -38.18
C ILE D 763 50.30 -6.29 -38.80
N GLN D 764 50.29 -6.87 -40.00
CA GLN D 764 51.56 -7.15 -40.68
C GLN D 764 52.32 -5.87 -40.96
N GLU D 765 51.63 -4.83 -41.42
CA GLU D 765 52.29 -3.55 -41.68
C GLU D 765 52.85 -2.96 -40.40
N ALA D 766 52.08 -3.01 -39.32
CA ALA D 766 52.55 -2.45 -38.05
C ALA D 766 53.78 -3.21 -37.55
N ILE D 767 53.76 -4.54 -37.68
CA ILE D 767 54.91 -5.34 -37.28
C ILE D 767 56.13 -4.95 -38.10
N ALA D 768 55.96 -4.82 -39.42
CA ALA D 768 57.08 -4.48 -40.28
C ALA D 768 57.66 -3.12 -39.94
N VAL D 769 56.80 -2.12 -39.72
CA VAL D 769 57.27 -0.76 -39.52
C VAL D 769 58.13 -0.68 -38.25
N ALA D 770 57.61 -1.19 -37.14
CA ALA D 770 58.41 -1.19 -35.92
C ALA D 770 59.59 -2.15 -36.01
N ASN D 771 59.38 -3.32 -36.60
CA ASN D 771 60.47 -4.26 -36.78
C ASN D 771 61.54 -3.70 -37.69
N ALA D 772 61.14 -3.02 -38.77
CA ALA D 772 62.12 -2.51 -39.73
C ALA D 772 63.07 -1.53 -39.08
N SER D 773 62.54 -0.61 -38.28
CA SER D 773 63.38 0.37 -37.59
C SER D 773 63.81 -0.15 -36.23
N ASN E 471 18.92 -10.70 -65.47
CA ASN E 471 17.87 -10.52 -64.48
C ASN E 471 17.30 -9.10 -64.54
N SER E 472 16.02 -9.00 -64.89
CA SER E 472 15.35 -7.72 -65.00
C SER E 472 14.49 -7.40 -63.77
N LEU E 473 14.59 -8.20 -62.72
CA LEU E 473 13.80 -8.02 -61.51
C LEU E 473 14.72 -7.81 -60.32
N LYS E 474 14.38 -6.81 -59.49
CA LYS E 474 15.24 -6.38 -58.39
C LYS E 474 14.57 -6.67 -57.05
N PRO E 475 14.93 -7.76 -56.37
CA PRO E 475 14.34 -8.03 -55.06
C PRO E 475 14.64 -6.95 -54.02
N GLU E 476 15.81 -6.32 -54.09
CA GLU E 476 16.19 -5.36 -53.06
C GLU E 476 15.25 -4.18 -53.04
N GLU E 477 14.82 -3.72 -54.21
CA GLU E 477 13.89 -2.60 -54.27
C GLU E 477 12.57 -2.95 -53.58
N GLY E 478 12.06 -4.16 -53.83
CA GLY E 478 10.86 -4.59 -53.15
C GLY E 478 11.03 -4.67 -51.65
N LEU E 479 12.18 -5.19 -51.20
CA LEU E 479 12.45 -5.24 -49.77
C LEU E 479 12.48 -3.84 -49.18
N GLU E 480 13.08 -2.88 -49.88
CA GLU E 480 13.15 -1.51 -49.37
C GLU E 480 11.76 -0.89 -49.29
N VAL E 481 10.93 -1.11 -50.31
CA VAL E 481 9.56 -0.58 -50.27
C VAL E 481 8.80 -1.17 -49.10
N TRP E 482 8.91 -2.49 -48.91
CA TRP E 482 8.24 -3.13 -47.79
C TRP E 482 8.74 -2.59 -46.47
N LYS E 483 10.05 -2.34 -46.37
CA LYS E 483 10.61 -1.83 -45.12
C LYS E 483 10.03 -0.45 -44.79
N ASN E 484 10.00 0.43 -45.78
CA ASN E 484 9.45 1.77 -45.53
C ASN E 484 7.98 1.70 -45.14
N TRP E 485 7.21 0.90 -45.88
CA TRP E 485 5.79 0.75 -45.54
C TRP E 485 5.62 0.22 -44.13
N ALA E 486 6.41 -0.79 -43.75
CA ALA E 486 6.29 -1.38 -42.43
C ALA E 486 6.64 -0.38 -41.34
N GLN E 487 7.68 0.43 -41.58
CA GLN E 487 8.02 1.45 -40.59
C GLN E 487 6.88 2.43 -40.41
N THR E 488 6.28 2.89 -41.52
CA THR E 488 5.18 3.84 -41.40
C THR E 488 4.00 3.21 -40.67
N LYS E 489 3.65 1.96 -41.01
CA LYS E 489 2.51 1.31 -40.37
C LYS E 489 2.76 1.05 -38.91
N ASN E 490 3.98 0.67 -38.54
CA ASN E 490 4.31 0.47 -37.13
C ASN E 490 4.23 1.77 -36.36
N ALA E 491 4.70 2.86 -36.96
CA ALA E 491 4.57 4.17 -36.32
C ALA E 491 3.10 4.50 -36.08
N GLU E 492 2.26 4.28 -37.09
CA GLU E 492 0.83 4.53 -36.91
C GLU E 492 0.24 3.65 -35.83
N LEU E 493 0.62 2.37 -35.81
CA LEU E 493 0.07 1.43 -34.83
C LEU E 493 0.44 1.83 -33.42
N GLU E 494 1.70 2.23 -33.20
CA GLU E 494 2.10 2.64 -31.86
C GLU E 494 1.52 4.00 -31.49
N LYS E 495 1.26 4.86 -32.48
CA LYS E 495 0.59 6.13 -32.18
C LYS E 495 -0.84 5.90 -31.72
N ASP E 496 -1.62 5.13 -32.49
CA ASP E 496 -3.01 4.92 -32.12
C ASP E 496 -3.12 4.10 -30.84
N ALA E 497 -2.29 3.08 -30.69
CA ALA E 497 -2.15 2.34 -29.43
C ALA E 497 -3.43 1.61 -29.05
N GLN E 498 -3.93 0.78 -29.97
CA GLN E 498 -4.95 -0.21 -29.66
C GLN E 498 -4.27 -1.58 -29.65
N ASN E 499 -4.32 -2.26 -28.50
CA ASN E 499 -3.59 -3.51 -28.31
C ASN E 499 -4.35 -4.64 -28.98
N ARG E 500 -3.79 -5.16 -30.06
CA ARG E 500 -4.35 -6.32 -30.75
C ARG E 500 -3.24 -7.34 -30.94
N LEU E 501 -3.52 -8.59 -30.57
CA LEU E 501 -2.51 -9.64 -30.61
C LEU E 501 -2.21 -10.05 -32.06
N ALA E 502 -0.99 -10.56 -32.25
CA ALA E 502 -0.60 -11.07 -33.56
C ALA E 502 -1.19 -12.45 -33.80
N PRO E 503 -1.38 -12.83 -35.07
CA PRO E 503 -1.96 -14.16 -35.35
C PRO E 503 -1.11 -15.31 -34.83
N ILE E 504 0.22 -15.14 -34.76
CA ILE E 504 1.08 -16.24 -34.37
C ILE E 504 0.75 -16.70 -32.95
N GLY E 505 1.19 -17.92 -32.63
CA GLY E 505 0.86 -18.50 -31.34
C GLY E 505 1.36 -17.66 -30.18
N ARG E 506 2.60 -17.19 -30.26
CA ARG E 506 3.15 -16.33 -29.22
C ARG E 506 2.28 -15.09 -29.08
N ARG E 507 1.95 -14.73 -27.85
CA ARG E 507 1.14 -13.55 -27.58
C ARG E 507 2.06 -12.34 -27.60
N GLN E 508 2.20 -11.71 -28.76
CA GLN E 508 3.01 -10.52 -28.93
C GLN E 508 2.20 -9.47 -29.67
N LEU E 509 2.42 -8.21 -29.32
CA LEU E 509 1.68 -7.13 -29.95
C LEU E 509 1.86 -7.19 -31.47
N LEU E 510 0.77 -6.98 -32.19
CA LEU E 510 0.82 -7.05 -33.64
C LEU E 510 1.86 -6.08 -34.17
N ARG E 511 2.67 -6.56 -35.10
CA ARG E 511 3.71 -5.74 -35.73
C ARG E 511 4.03 -6.33 -37.09
N PHE E 512 4.65 -5.50 -37.93
CA PHE E 512 5.07 -5.90 -39.27
C PHE E 512 6.59 -5.95 -39.29
N GLN E 513 7.14 -7.14 -39.47
CA GLN E 513 8.59 -7.32 -39.43
C GLN E 513 9.23 -6.59 -40.60
N GLU E 514 10.37 -5.94 -40.33
CA GLU E 514 11.08 -5.24 -41.39
C GLU E 514 11.52 -6.21 -42.48
N ASP E 515 12.03 -7.37 -42.09
CA ASP E 515 12.39 -8.40 -43.05
C ASP E 515 11.15 -9.21 -43.43
N LEU E 516 10.93 -9.37 -44.73
CA LEU E 516 9.74 -10.09 -45.19
C LEU E 516 9.68 -11.51 -44.67
N ILE E 517 10.85 -12.14 -44.48
CA ILE E 517 10.87 -13.57 -44.19
C ILE E 517 10.16 -13.86 -42.88
N SER E 518 10.44 -13.08 -41.84
CA SER E 518 9.88 -13.36 -40.52
C SER E 518 8.36 -13.23 -40.48
N SER E 519 7.77 -12.51 -41.45
CA SER E 519 6.33 -12.29 -41.42
C SER E 519 5.57 -13.59 -41.58
N ALA E 520 4.48 -13.73 -40.84
CA ALA E 520 3.63 -14.89 -40.94
C ALA E 520 2.72 -14.78 -42.17
N VAL E 521 2.06 -15.89 -42.49
CA VAL E 521 1.19 -15.90 -43.67
C VAL E 521 0.07 -14.89 -43.51
N ALA E 522 -0.59 -14.89 -42.35
CA ALA E 522 -1.68 -13.96 -42.11
C ALA E 522 -1.16 -12.52 -42.10
N GLU E 523 -0.06 -12.28 -41.40
CA GLU E 523 0.50 -10.93 -41.32
C GLU E 523 0.90 -10.44 -42.70
N LEU E 524 1.57 -11.28 -43.48
CA LEU E 524 1.99 -10.89 -44.81
C LEU E 524 0.79 -10.62 -45.71
N ASN E 525 -0.23 -11.48 -45.64
CA ASN E 525 -1.41 -11.29 -46.47
C ASN E 525 -2.11 -9.98 -46.13
N TYR E 526 -2.27 -9.70 -44.83
CA TYR E 526 -2.88 -8.45 -44.43
C TYR E 526 -2.05 -7.25 -44.87
N GLY E 527 -0.73 -7.35 -44.74
CA GLY E 527 0.11 -6.22 -45.09
C GLY E 527 0.11 -5.92 -46.58
N LEU E 528 0.13 -6.97 -47.41
CA LEU E 528 0.14 -6.76 -48.86
C LEU E 528 -1.12 -6.02 -49.30
N CYS E 529 -2.26 -6.38 -48.73
CA CYS E 529 -3.50 -5.68 -49.05
C CYS E 529 -3.40 -4.20 -48.69
N LEU E 530 -2.88 -3.90 -47.50
CA LEU E 530 -2.70 -2.51 -47.11
C LEU E 530 -1.56 -1.86 -47.87
N MET E 531 -0.62 -2.65 -48.39
CA MET E 531 0.51 -2.07 -49.10
C MET E 531 0.06 -1.31 -50.33
N THR E 532 -0.94 -1.83 -51.04
CA THR E 532 -1.42 -1.15 -52.24
C THR E 532 -1.95 0.24 -51.91
N ARG E 533 -2.75 0.36 -50.85
CA ARG E 533 -3.30 1.66 -50.48
C ARG E 533 -2.21 2.63 -50.05
N GLU E 534 -1.25 2.16 -49.26
CA GLU E 534 -0.31 3.04 -48.57
C GLU E 534 1.08 3.06 -49.20
N ALA E 535 1.30 2.35 -50.30
CA ALA E 535 2.57 2.44 -51.00
C ALA E 535 2.82 3.88 -51.41
N ARG E 536 4.06 4.34 -51.26
CA ARG E 536 4.42 5.73 -51.50
C ARG E 536 5.56 5.80 -52.49
N ASN E 537 5.27 6.29 -53.70
CA ASN E 537 6.30 6.65 -54.66
C ASN E 537 6.68 8.13 -54.54
N GLY E 538 5.69 9.01 -54.67
CA GLY E 538 5.88 10.41 -54.41
C GLY E 538 5.75 10.73 -52.93
N GLU E 539 5.96 12.01 -52.60
CA GLU E 539 5.86 12.43 -51.21
C GLU E 539 4.45 12.22 -50.67
N GLY E 540 3.44 12.52 -51.47
CA GLY E 540 2.06 12.27 -51.09
C GLY E 540 1.33 11.43 -52.12
N GLU E 541 2.06 10.93 -53.12
CA GLU E 541 1.48 10.16 -54.20
C GLU E 541 1.92 8.71 -54.10
N PRO E 542 1.02 7.75 -54.23
CA PRO E 542 1.40 6.34 -54.23
C PRO E 542 1.98 5.93 -55.59
N TYR E 543 2.28 4.64 -55.70
CA TYR E 543 2.83 4.11 -56.93
C TYR E 543 1.75 3.93 -58.00
N ASP E 544 2.18 4.04 -59.25
CA ASP E 544 1.30 3.76 -60.37
C ASP E 544 0.99 2.25 -60.41
N PRO E 545 -0.19 1.85 -60.90
CA PRO E 545 -0.54 0.43 -60.89
C PRO E 545 0.50 -0.46 -61.56
N ASP E 546 1.05 -0.03 -62.70
CA ASP E 546 2.04 -0.86 -63.39
C ASP E 546 3.28 -1.05 -62.53
N VAL E 547 3.85 0.05 -62.05
CA VAL E 547 5.02 -0.06 -61.20
C VAL E 547 4.68 -0.74 -59.89
N LEU E 548 3.46 -0.53 -59.37
CA LEU E 548 3.07 -1.20 -58.14
C LEU E 548 3.11 -2.71 -58.32
N TYR E 549 2.57 -3.20 -59.43
CA TYR E 549 2.66 -4.63 -59.72
C TYR E 549 4.11 -5.05 -59.91
N TYR E 550 4.96 -4.17 -60.43
CA TYR E 550 6.37 -4.48 -60.57
C TYR E 550 7.02 -4.72 -59.21
N ILE E 551 6.79 -3.81 -58.26
CA ILE E 551 7.35 -4.02 -56.92
C ILE E 551 6.74 -5.25 -56.26
N PHE E 552 5.47 -5.56 -56.52
CA PHE E 552 4.93 -6.79 -55.95
C PHE E 552 5.63 -8.02 -56.51
N LEU E 553 5.92 -8.02 -57.81
CA LEU E 553 6.71 -9.11 -58.38
C LEU E 553 8.10 -9.18 -57.74
N CYS E 554 8.69 -8.01 -57.47
CA CYS E 554 9.98 -7.97 -56.79
C CYS E 554 9.89 -8.62 -55.41
N ILE E 555 8.81 -8.32 -54.67
CA ILE E 555 8.62 -8.92 -53.36
C ILE E 555 8.47 -10.43 -53.48
N GLN E 556 7.74 -10.89 -54.50
CA GLN E 556 7.61 -12.33 -54.71
C GLN E 556 8.97 -12.97 -54.96
N LYS E 557 9.79 -12.35 -55.80
CA LYS E 557 11.12 -12.90 -56.07
C LYS E 557 11.96 -12.92 -54.80
N TYR E 558 11.89 -11.85 -54.00
CA TYR E 558 12.65 -11.81 -52.75
C TYR E 558 12.22 -12.94 -51.82
N LEU E 559 10.91 -13.16 -51.71
CA LEU E 559 10.41 -14.24 -50.86
C LEU E 559 10.90 -15.58 -51.37
N PHE E 560 10.87 -15.79 -52.70
CA PHE E 560 11.32 -17.05 -53.25
C PHE E 560 12.80 -17.30 -52.97
N GLU E 561 13.62 -16.25 -53.09
CA GLU E 561 15.06 -16.45 -53.01
C GLU E 561 15.51 -16.89 -51.61
N ASN E 562 14.73 -16.59 -50.58
CA ASN E 562 15.15 -16.79 -49.20
C ASN E 562 14.57 -18.05 -48.58
N GLY E 563 13.98 -18.94 -49.37
CA GLY E 563 13.43 -20.17 -48.86
C GLY E 563 12.00 -20.08 -48.37
N ARG E 564 11.43 -18.87 -48.31
CA ARG E 564 10.03 -18.69 -47.92
C ARG E 564 9.18 -18.93 -49.17
N VAL E 565 8.95 -20.21 -49.44
CA VAL E 565 8.33 -20.63 -50.71
C VAL E 565 6.81 -20.52 -50.55
N ASP E 566 6.24 -19.48 -51.15
CA ASP E 566 4.80 -19.33 -51.26
C ASP E 566 4.52 -18.37 -52.40
N ASP E 567 3.32 -18.48 -52.96
CA ASP E 567 2.90 -17.66 -54.09
C ASP E 567 1.83 -16.69 -53.63
N ILE E 568 2.05 -15.39 -53.89
CA ILE E 568 1.10 -14.36 -53.46
C ILE E 568 -0.01 -14.12 -54.47
N PHE E 569 0.06 -14.71 -55.67
CA PHE E 569 -0.94 -14.50 -56.70
C PHE E 569 -1.84 -15.71 -56.93
N SER E 570 -1.49 -16.89 -56.39
CA SER E 570 -2.29 -18.08 -56.60
C SER E 570 -2.55 -18.89 -55.34
N ASP E 571 -1.85 -18.64 -54.26
CA ASP E 571 -2.12 -19.37 -53.02
C ASP E 571 -3.50 -19.01 -52.48
N LEU E 572 -4.15 -20.00 -51.86
CA LEU E 572 -5.50 -19.79 -51.37
C LEU E 572 -5.54 -18.72 -50.29
N TYR E 573 -4.57 -18.73 -49.38
CA TYR E 573 -4.56 -17.76 -48.29
C TYR E 573 -4.30 -16.34 -48.81
N TYR E 574 -3.50 -16.22 -49.87
CA TYR E 574 -3.27 -14.93 -50.50
C TYR E 574 -4.32 -14.66 -51.57
N VAL E 575 -5.57 -14.59 -51.12
CA VAL E 575 -6.69 -14.28 -52.01
C VAL E 575 -7.13 -12.82 -51.89
N ARG E 576 -7.02 -12.22 -50.70
CA ARG E 576 -7.36 -10.81 -50.55
C ARG E 576 -6.39 -9.92 -51.30
N PHE E 577 -5.09 -10.25 -51.24
CA PHE E 577 -4.09 -9.43 -51.91
C PHE E 577 -4.34 -9.38 -53.42
N THR E 578 -4.64 -10.52 -54.03
CA THR E 578 -4.91 -10.53 -55.46
C THR E 578 -6.10 -9.65 -55.79
N GLU E 579 -7.17 -9.73 -54.99
CA GLU E 579 -8.36 -8.93 -55.25
C GLU E 579 -8.05 -7.45 -55.17
N TRP E 580 -7.34 -7.03 -54.12
CA TRP E 580 -7.06 -5.61 -53.95
C TRP E 580 -6.11 -5.09 -55.02
N LEU E 581 -5.09 -5.88 -55.36
CA LEU E 581 -4.20 -5.50 -56.44
C LEU E 581 -4.97 -5.38 -57.75
N HIS E 582 -5.91 -6.28 -58.00
CA HIS E 582 -6.76 -6.17 -59.18
C HIS E 582 -7.56 -4.88 -59.17
N GLU E 583 -8.18 -4.56 -58.04
CA GLU E 583 -8.89 -3.29 -57.94
C GLU E 583 -7.98 -2.13 -58.32
N VAL E 584 -6.73 -2.18 -57.88
CA VAL E 584 -5.76 -1.15 -58.27
C VAL E 584 -5.56 -1.15 -59.77
N LEU E 585 -5.36 -2.33 -60.36
CA LEU E 585 -5.05 -2.46 -61.79
C LEU E 585 -6.23 -3.02 -62.58
N LYS E 586 -7.46 -2.84 -62.09
CA LYS E 586 -8.62 -3.44 -62.75
C LYS E 586 -8.67 -3.08 -64.23
N ASP E 587 -8.24 -1.86 -64.57
CA ASP E 587 -8.14 -1.44 -65.95
C ASP E 587 -6.86 -0.64 -66.11
N VAL E 588 -6.41 -0.51 -67.36
CA VAL E 588 -5.12 0.15 -67.64
C VAL E 588 -5.44 1.64 -67.76
N GLN E 589 -5.51 2.30 -66.61
CA GLN E 589 -5.74 3.74 -66.60
C GLN E 589 -4.60 4.50 -67.27
N PRO E 590 -3.31 4.21 -66.97
CA PRO E 590 -2.19 4.93 -67.61
C PRO E 590 -1.82 4.37 -68.98
N ARG E 591 -2.84 4.16 -69.82
CA ARG E 591 -2.59 3.67 -71.17
C ARG E 591 -1.74 4.68 -71.94
N VAL E 592 -0.71 4.18 -72.63
CA VAL E 592 0.15 5.06 -73.41
C VAL E 592 -0.66 5.70 -74.54
N THR E 593 -0.26 6.90 -74.92
CA THR E 593 -0.83 7.64 -76.03
C THR E 593 0.29 8.19 -76.89
N PRO E 594 0.02 8.47 -78.17
CA PRO E 594 1.08 9.00 -79.03
C PRO E 594 1.70 10.28 -78.51
N LEU E 595 0.91 11.13 -77.86
CA LEU E 595 1.40 12.36 -77.25
C LEU E 595 1.56 12.17 -75.75
N GLY E 596 2.41 13.00 -75.16
CA GLY E 596 2.64 12.91 -73.73
C GLY E 596 3.22 11.56 -73.34
N TYR E 597 2.52 10.84 -72.48
CA TYR E 597 2.99 9.54 -72.04
C TYR E 597 2.94 8.54 -73.18
N VAL E 598 4.11 8.08 -73.62
CA VAL E 598 4.22 7.20 -74.78
C VAL E 598 4.87 5.88 -74.36
N LEU E 599 5.67 5.91 -73.30
CA LEU E 599 6.46 4.75 -72.93
C LEU E 599 5.57 3.62 -72.42
N PRO E 600 5.60 2.44 -73.03
CA PRO E 600 4.86 1.31 -72.47
C PRO E 600 5.38 0.93 -71.10
N SER E 601 4.57 0.17 -70.36
CA SER E 601 4.95 -0.25 -69.02
C SER E 601 6.24 -1.05 -69.07
N HIS E 602 7.10 -0.82 -68.07
CA HIS E 602 8.38 -1.52 -68.00
C HIS E 602 8.23 -3.00 -67.70
N VAL E 603 7.03 -3.46 -67.32
CA VAL E 603 6.82 -4.88 -67.07
C VAL E 603 6.98 -5.64 -68.37
N THR E 604 7.80 -6.68 -68.35
CA THR E 604 8.10 -7.48 -69.54
C THR E 604 7.86 -8.95 -69.24
N GLU E 605 7.57 -9.71 -70.30
CA GLU E 605 7.23 -11.11 -70.13
C GLU E 605 8.39 -11.91 -69.55
N GLU E 606 9.61 -11.61 -69.97
CA GLU E 606 10.76 -12.36 -69.49
C GLU E 606 10.97 -12.16 -67.99
N MET E 607 10.68 -10.96 -67.49
CA MET E 607 10.77 -10.72 -66.05
C MET E 607 9.84 -11.63 -65.28
N LEU E 608 8.60 -11.76 -65.75
CA LEU E 608 7.65 -12.65 -65.10
C LEU E 608 8.08 -14.11 -65.25
N TRP E 609 8.66 -14.46 -66.41
CA TRP E 609 9.16 -15.81 -66.61
C TRP E 609 10.22 -16.16 -65.57
N GLU E 610 11.17 -15.26 -65.35
CA GLU E 610 12.21 -15.51 -64.35
C GLU E 610 11.66 -15.42 -62.93
N CYS E 611 10.56 -14.69 -62.73
CA CYS E 611 9.94 -14.64 -61.41
C CYS E 611 9.26 -15.95 -61.03
N LYS E 612 9.12 -16.88 -61.96
CA LYS E 612 8.49 -18.18 -61.76
C LYS E 612 6.98 -18.08 -61.61
N GLN E 613 6.39 -16.92 -61.86
CA GLN E 613 4.94 -16.76 -61.76
C GLN E 613 4.23 -17.15 -63.05
N LEU E 614 4.97 -17.57 -64.08
CA LEU E 614 4.41 -17.89 -65.38
C LEU E 614 4.85 -19.24 -65.92
N GLY E 615 5.76 -19.94 -65.24
CA GLY E 615 6.23 -21.21 -65.70
C GLY E 615 5.30 -22.35 -65.31
N ALA E 616 5.72 -23.56 -65.70
CA ALA E 616 4.95 -24.77 -65.42
C ALA E 616 5.51 -25.47 -64.17
N HIS E 617 5.38 -24.78 -63.04
CA HIS E 617 5.87 -25.27 -61.76
C HIS E 617 4.76 -25.74 -60.84
N SER E 618 3.67 -24.99 -60.75
CA SER E 618 2.47 -25.33 -60.00
C SER E 618 1.27 -25.15 -60.92
N PRO E 619 0.15 -25.82 -60.62
CA PRO E 619 -0.96 -25.80 -61.58
C PRO E 619 -1.46 -24.40 -61.88
N SER E 620 -1.49 -23.51 -60.89
CA SER E 620 -1.93 -22.15 -61.13
C SER E 620 -1.00 -21.44 -62.10
N THR E 621 0.31 -21.63 -61.94
CA THR E 621 1.25 -20.99 -62.84
C THR E 621 1.11 -21.50 -64.26
N LEU E 622 0.92 -22.81 -64.43
CA LEU E 622 0.72 -23.36 -65.77
C LEU E 622 -0.57 -22.84 -66.39
N LEU E 623 -1.65 -22.75 -65.60
CA LEU E 623 -2.89 -22.22 -66.12
C LEU E 623 -2.72 -20.76 -66.55
N THR E 624 -2.02 -19.97 -65.74
CA THR E 624 -1.76 -18.59 -66.10
C THR E 624 -0.88 -18.51 -67.35
N THR E 625 0.05 -19.45 -67.52
CA THR E 625 0.87 -19.47 -68.72
C THR E 625 0.02 -19.74 -69.96
N LEU E 626 -0.92 -20.67 -69.86
CA LEU E 626 -1.84 -20.90 -70.97
C LEU E 626 -2.68 -19.67 -71.25
N MET E 627 -3.17 -19.00 -70.21
CA MET E 627 -3.93 -17.79 -70.42
C MET E 627 -3.09 -16.73 -71.11
N PHE E 628 -1.84 -16.57 -70.69
CA PHE E 628 -0.94 -15.61 -71.30
C PHE E 628 -0.71 -15.92 -72.78
N PHE E 629 -0.43 -17.18 -73.09
CA PHE E 629 -0.20 -17.56 -74.48
C PHE E 629 -1.45 -17.32 -75.31
N ASN E 630 -2.62 -17.67 -74.78
CA ASN E 630 -3.85 -17.49 -75.53
C ASN E 630 -4.11 -16.01 -75.81
N THR E 631 -3.91 -15.16 -74.80
CA THR E 631 -4.14 -13.73 -75.02
C THR E 631 -3.09 -13.14 -75.96
N LYS E 632 -1.86 -13.66 -75.94
CA LYS E 632 -0.81 -13.10 -76.79
C LYS E 632 -1.01 -13.50 -78.24
N TYR E 633 -1.36 -14.77 -78.49
CA TYR E 633 -1.42 -15.30 -79.85
C TYR E 633 -2.84 -15.35 -80.42
N PHE E 634 -3.80 -15.83 -79.65
CA PHE E 634 -5.18 -15.85 -80.10
C PHE E 634 -5.90 -14.52 -79.85
N LEU E 635 -5.25 -13.58 -79.17
CA LEU E 635 -5.77 -12.23 -78.97
C LEU E 635 -7.10 -12.26 -78.20
N LEU E 636 -7.08 -12.91 -77.05
CA LEU E 636 -8.22 -12.97 -76.15
C LEU E 636 -8.13 -11.77 -75.21
N LYS E 637 -9.01 -10.79 -75.41
CA LYS E 637 -8.96 -9.55 -74.66
C LYS E 637 -10.11 -9.39 -73.67
N THR E 638 -11.13 -10.22 -73.74
CA THR E 638 -12.31 -10.10 -72.89
C THR E 638 -12.54 -11.39 -72.12
N VAL E 639 -13.14 -11.26 -70.94
CA VAL E 639 -13.49 -12.43 -70.16
C VAL E 639 -14.47 -13.30 -70.93
N ASP E 640 -15.38 -12.68 -71.66
CA ASP E 640 -16.35 -13.44 -72.45
C ASP E 640 -15.66 -14.31 -73.49
N GLN E 641 -14.66 -13.76 -74.18
CA GLN E 641 -13.98 -14.53 -75.22
C GLN E 641 -13.22 -15.70 -74.60
N HIS E 642 -12.52 -15.47 -73.49
CA HIS E 642 -11.82 -16.58 -72.83
C HIS E 642 -12.80 -17.66 -72.39
N MET E 643 -13.92 -17.25 -71.78
CA MET E 643 -14.92 -18.22 -71.35
C MET E 643 -15.53 -18.95 -72.55
N LYS E 644 -15.54 -18.30 -73.71
CA LYS E 644 -16.07 -18.95 -74.91
C LYS E 644 -15.19 -20.10 -75.38
N LEU E 645 -13.91 -20.09 -75.02
CA LEU E 645 -13.01 -21.18 -75.40
C LEU E 645 -13.44 -22.47 -74.72
N ALA E 646 -13.16 -23.59 -75.37
CA ALA E 646 -13.54 -24.89 -74.84
C ALA E 646 -12.55 -25.94 -75.32
N PHE E 647 -12.51 -27.06 -74.60
CA PHE E 647 -11.58 -28.13 -74.94
C PHE E 647 -11.85 -28.68 -76.33
N SER E 648 -13.12 -28.87 -76.67
CA SER E 648 -13.45 -29.47 -77.96
C SER E 648 -13.02 -28.58 -79.12
N LYS E 649 -13.20 -27.27 -78.98
CA LYS E 649 -12.97 -26.37 -80.10
C LYS E 649 -11.53 -26.41 -80.59
N VAL E 650 -10.57 -26.38 -79.67
CA VAL E 650 -9.17 -26.39 -80.06
C VAL E 650 -8.84 -27.72 -80.72
N LEU E 651 -8.16 -27.66 -81.87
CA LEU E 651 -7.85 -28.84 -82.66
C LEU E 651 -6.33 -28.99 -82.78
N ARG E 652 -5.83 -30.16 -82.41
CA ARG E 652 -4.42 -30.46 -82.58
C ARG E 652 -4.11 -30.65 -84.07
N GLN E 653 -2.90 -30.25 -84.46
CA GLN E 653 -2.49 -30.37 -85.86
C GLN E 653 -0.98 -30.55 -85.92
N THR E 654 -0.54 -31.49 -86.75
CA THR E 654 0.88 -31.76 -86.95
C THR E 654 1.24 -31.64 -88.42
N LYS E 655 0.77 -30.57 -89.07
CA LYS E 655 0.94 -30.44 -90.51
C LYS E 655 2.42 -30.52 -90.89
N LYS E 656 2.69 -31.26 -91.97
CA LYS E 656 4.05 -31.40 -92.46
C LYS E 656 4.55 -30.07 -93.02
N ASN E 657 5.75 -29.67 -92.62
CA ASN E 657 6.35 -28.46 -93.15
C ASN E 657 6.76 -28.68 -94.60
N PRO E 658 6.36 -27.82 -95.53
CA PRO E 658 6.83 -27.99 -96.92
C PRO E 658 8.35 -27.94 -97.03
N SER E 659 9.01 -27.12 -96.22
CA SER E 659 10.46 -27.02 -96.30
C SER E 659 11.15 -28.25 -95.76
N ASN E 660 10.66 -28.78 -94.63
CA ASN E 660 11.28 -29.92 -93.97
C ASN E 660 10.38 -31.15 -94.13
N PRO E 661 10.72 -32.11 -94.98
CA PRO E 661 9.84 -33.28 -95.17
C PRO E 661 9.64 -34.04 -93.87
N LYS E 662 8.41 -34.52 -93.67
CA LYS E 662 8.04 -35.32 -92.51
C LYS E 662 8.31 -34.60 -91.19
N ASP E 663 8.49 -33.29 -91.23
CA ASP E 663 8.72 -32.54 -89.99
C ASP E 663 7.50 -32.62 -89.07
N LYS E 664 6.30 -32.51 -89.64
CA LYS E 664 5.07 -32.57 -88.87
C LYS E 664 5.13 -31.61 -87.68
N SER E 665 5.39 -30.34 -87.98
CA SER E 665 5.45 -29.32 -86.94
C SER E 665 4.13 -29.28 -86.18
N THR E 666 4.22 -29.20 -84.86
CA THR E 666 3.05 -29.26 -84.00
C THR E 666 2.54 -27.85 -83.72
N SER E 667 1.25 -27.63 -83.97
CA SER E 667 0.65 -26.31 -83.81
C SER E 667 -0.71 -26.47 -83.15
N ILE E 668 -1.28 -25.33 -82.74
CA ILE E 668 -2.60 -25.27 -82.11
C ILE E 668 -3.51 -24.49 -83.04
N ARG E 669 -4.68 -25.06 -83.35
CA ARG E 669 -5.63 -24.48 -84.27
C ARG E 669 -6.86 -24.01 -83.51
N TYR E 670 -7.33 -22.80 -83.82
CA TYR E 670 -8.53 -22.27 -83.19
C TYR E 670 -9.23 -21.39 -84.23
N LEU E 671 -10.34 -21.87 -84.77
CA LEU E 671 -11.10 -21.10 -85.75
C LEU E 671 -11.89 -20.01 -85.06
N LYS E 672 -11.61 -18.75 -85.43
CA LYS E 672 -12.31 -17.62 -84.84
C LYS E 672 -13.81 -17.75 -85.09
N ALA E 673 -14.60 -17.55 -84.04
CA ALA E 673 -16.04 -17.60 -84.14
C ALA E 673 -16.74 -16.26 -83.95
N LEU E 674 -16.07 -15.30 -83.30
CA LEU E 674 -16.68 -13.99 -83.12
C LEU E 674 -16.83 -13.23 -84.43
N GLY E 675 -15.89 -13.43 -85.36
CA GLY E 675 -15.98 -12.74 -86.64
C GLY E 675 -17.24 -13.12 -87.38
N ILE E 676 -17.88 -12.12 -88.00
CA ILE E 676 -19.09 -12.33 -88.77
C ILE E 676 -18.90 -11.96 -90.24
N HIS E 677 -17.81 -11.31 -90.61
CA HIS E 677 -17.56 -10.91 -91.98
C HIS E 677 -16.84 -12.01 -92.74
N GLN E 678 -16.91 -11.92 -94.07
CA GLN E 678 -16.19 -12.83 -94.97
C GLN E 678 -16.42 -14.30 -94.57
N THR E 679 -17.68 -14.63 -94.32
CA THR E 679 -18.08 -15.98 -93.94
C THR E 679 -18.22 -16.81 -95.21
N GLY E 680 -17.20 -17.61 -95.52
CA GLY E 680 -17.21 -18.46 -96.69
C GLY E 680 -16.72 -17.80 -97.95
N GLN E 681 -16.56 -16.47 -97.96
CA GLN E 681 -16.10 -15.79 -99.16
C GLN E 681 -14.69 -16.24 -99.53
N LYS E 682 -13.81 -16.36 -98.53
CA LYS E 682 -12.43 -16.80 -98.72
C LYS E 682 -12.21 -18.09 -97.95
N VAL E 683 -10.98 -18.60 -98.03
CA VAL E 683 -10.64 -19.83 -97.32
C VAL E 683 -10.67 -19.59 -95.82
N THR E 684 -10.92 -20.65 -95.07
CA THR E 684 -10.88 -20.59 -93.62
C THR E 684 -9.47 -20.78 -93.06
N ASP E 685 -8.49 -21.01 -93.92
CA ASP E 685 -7.12 -21.20 -93.44
C ASP E 685 -6.60 -19.97 -92.73
N ASP E 686 -6.92 -18.78 -93.24
CA ASP E 686 -6.53 -17.54 -92.60
C ASP E 686 -7.51 -17.11 -91.51
N MET E 687 -8.58 -17.89 -91.28
CA MET E 687 -9.59 -17.54 -90.30
C MET E 687 -9.33 -18.13 -88.92
N TYR E 688 -8.24 -18.89 -88.74
CA TYR E 688 -7.90 -19.46 -87.45
C TYR E 688 -6.52 -18.93 -87.02
N ALA E 689 -6.45 -18.46 -85.78
CA ALA E 689 -5.17 -18.10 -85.19
C ALA E 689 -4.39 -19.34 -84.81
N GLU E 690 -3.07 -19.20 -84.72
CA GLU E 690 -2.21 -20.34 -84.44
C GLU E 690 -0.98 -19.89 -83.66
N GLN E 691 -0.39 -20.84 -82.93
CA GLN E 691 0.86 -20.62 -82.24
C GLN E 691 1.71 -21.87 -82.40
N THR E 692 2.99 -21.68 -82.72
CA THR E 692 3.89 -22.78 -83.02
C THR E 692 4.83 -23.03 -81.86
N GLU E 693 5.76 -23.98 -82.05
CA GLU E 693 6.73 -24.31 -81.02
C GLU E 693 7.92 -23.37 -81.09
N ASN E 694 8.65 -23.30 -79.96
CA ASN E 694 9.84 -22.48 -79.83
C ASN E 694 10.98 -23.37 -79.34
N PRO E 695 11.66 -24.07 -80.25
CA PRO E 695 12.70 -25.01 -79.81
C PRO E 695 13.86 -24.35 -79.08
N GLU E 696 14.04 -23.03 -79.25
CA GLU E 696 15.16 -22.37 -78.59
C GLU E 696 15.07 -22.51 -77.07
N ASN E 697 13.86 -22.43 -76.52
CA ASN E 697 13.62 -22.53 -75.09
C ASN E 697 12.54 -23.58 -74.87
N PRO E 698 12.92 -24.85 -74.73
CA PRO E 698 11.90 -25.91 -74.60
C PRO E 698 10.95 -25.68 -73.43
N LEU E 699 11.45 -25.16 -72.31
CA LEU E 699 10.60 -24.93 -71.15
C LEU E 699 9.52 -23.89 -71.41
N ARG E 700 9.64 -23.09 -72.46
CA ARG E 700 8.65 -22.05 -72.77
C ARG E 700 7.85 -22.36 -74.03
N CYS E 701 7.98 -23.56 -74.57
CA CYS E 701 7.24 -23.91 -75.79
C CYS E 701 5.74 -23.98 -75.49
N PRO E 702 4.90 -23.25 -76.21
CA PRO E 702 3.45 -23.35 -75.95
C PRO E 702 2.89 -24.75 -76.18
N ILE E 703 3.47 -25.51 -77.11
CA ILE E 703 2.93 -26.85 -77.40
C ILE E 703 3.14 -27.77 -76.21
N LYS E 704 4.36 -27.80 -75.66
CA LYS E 704 4.64 -28.65 -74.52
C LYS E 704 3.81 -28.22 -73.31
N LEU E 705 3.67 -26.91 -73.11
CA LEU E 705 2.86 -26.41 -72.00
C LEU E 705 1.41 -26.82 -72.15
N TYR E 706 0.88 -26.74 -73.38
CA TYR E 706 -0.49 -27.16 -73.62
C TYR E 706 -0.68 -28.66 -73.38
N ASP E 707 0.24 -29.47 -73.90
CA ASP E 707 0.13 -30.91 -73.68
C ASP E 707 0.25 -31.26 -72.21
N PHE E 708 1.13 -30.57 -71.49
CA PHE E 708 1.27 -30.81 -70.05
C PHE E 708 -0.05 -30.53 -69.33
N TYR E 709 -0.72 -29.45 -69.70
CA TYR E 709 -2.01 -29.14 -69.07
C TYR E 709 -3.02 -30.24 -69.31
N LEU E 710 -3.13 -30.70 -70.56
CA LEU E 710 -4.03 -31.82 -70.85
C LEU E 710 -3.50 -33.12 -70.26
N PHE E 711 -2.18 -33.31 -70.25
CA PHE E 711 -1.59 -34.49 -69.66
C PHE E 711 -1.78 -34.55 -68.15
N LYS E 712 -2.18 -33.44 -67.52
CA LYS E 712 -2.35 -33.36 -66.08
C LYS E 712 -3.75 -32.90 -65.71
N CYS E 713 -4.74 -33.24 -66.52
CA CYS E 713 -6.13 -32.93 -66.24
C CYS E 713 -6.97 -34.19 -66.39
N PRO E 714 -8.13 -34.26 -65.76
CA PRO E 714 -8.93 -35.48 -65.81
C PRO E 714 -9.30 -35.84 -67.25
N GLN E 715 -9.30 -37.15 -67.53
CA GLN E 715 -9.67 -37.63 -68.85
C GLN E 715 -11.15 -37.41 -69.15
N SER E 716 -11.99 -37.29 -68.13
CA SER E 716 -13.40 -37.05 -68.33
C SER E 716 -13.68 -35.68 -68.96
N VAL E 717 -12.70 -34.78 -68.97
CA VAL E 717 -12.91 -33.43 -69.47
C VAL E 717 -12.39 -33.24 -70.90
N LYS E 718 -11.43 -34.06 -71.34
CA LYS E 718 -10.92 -33.92 -72.69
C LYS E 718 -12.04 -34.14 -73.70
N GLY E 719 -12.20 -33.18 -74.61
CA GLY E 719 -13.26 -33.22 -75.60
C GLY E 719 -14.55 -32.55 -75.18
N ARG E 720 -14.67 -32.12 -73.92
CA ARG E 720 -15.87 -31.45 -73.45
C ARG E 720 -15.86 -30.00 -73.90
N ASN E 721 -16.97 -29.55 -74.48
CA ASN E 721 -17.06 -28.20 -75.01
C ASN E 721 -17.52 -27.17 -73.97
N ASP E 722 -17.72 -27.58 -72.73
CA ASP E 722 -18.28 -26.67 -71.74
C ASP E 722 -17.26 -25.64 -71.27
N THR E 723 -16.02 -26.06 -71.02
CA THR E 723 -15.01 -25.17 -70.45
C THR E 723 -13.63 -25.63 -70.88
N PHE E 724 -12.64 -24.77 -70.59
CA PHE E 724 -11.25 -25.05 -70.93
C PHE E 724 -10.34 -24.90 -69.73
N TYR E 725 -10.63 -23.96 -68.85
CA TYR E 725 -9.78 -23.64 -67.71
C TYR E 725 -10.35 -24.31 -66.46
N LEU E 726 -9.50 -25.10 -65.79
CA LEU E 726 -9.91 -25.93 -64.67
C LEU E 726 -9.24 -25.47 -63.39
N THR E 727 -10.00 -25.43 -62.31
CA THR E 727 -9.47 -24.96 -61.03
C THR E 727 -8.38 -25.91 -60.54
N PRO E 728 -7.27 -25.38 -60.03
CA PRO E 728 -6.24 -26.26 -59.45
C PRO E 728 -6.76 -27.01 -58.24
N GLU E 729 -6.23 -28.21 -58.04
CA GLU E 729 -6.52 -28.96 -56.83
C GLU E 729 -5.87 -28.27 -55.63
N PRO E 730 -6.51 -28.30 -54.46
CA PRO E 730 -5.89 -27.67 -53.28
C PRO E 730 -4.56 -28.28 -52.92
N VAL E 731 -4.40 -29.59 -53.12
CA VAL E 731 -3.19 -30.31 -52.76
C VAL E 731 -2.63 -30.95 -54.02
N VAL E 732 -1.33 -30.81 -54.24
CA VAL E 732 -0.66 -31.41 -55.39
C VAL E 732 0.75 -31.78 -54.99
N ALA E 733 1.20 -32.92 -55.50
CA ALA E 733 2.56 -33.41 -55.30
C ALA E 733 3.31 -33.41 -56.63
N PRO E 734 4.64 -33.38 -56.60
CA PRO E 734 5.39 -33.37 -57.87
C PRO E 734 5.08 -34.56 -58.75
N ASN E 735 4.79 -35.72 -58.17
CA ASN E 735 4.49 -36.92 -58.93
C ASN E 735 3.00 -37.18 -59.06
N SER E 736 2.16 -36.24 -58.67
CA SER E 736 0.72 -36.44 -58.76
C SER E 736 0.31 -36.57 -60.22
N PRO E 737 -0.32 -37.67 -60.63
CA PRO E 737 -0.73 -37.79 -62.04
C PRO E 737 -1.69 -36.70 -62.48
N ILE E 738 -2.48 -36.14 -61.56
CA ILE E 738 -3.48 -35.13 -61.88
C ILE E 738 -3.27 -33.94 -60.97
N TRP E 739 -3.30 -32.73 -61.55
CA TRP E 739 -3.24 -31.49 -60.80
C TRP E 739 -4.55 -30.69 -60.83
N TYR E 740 -5.37 -30.86 -61.85
CA TYR E 740 -6.53 -30.03 -62.07
C TYR E 740 -7.81 -30.82 -61.80
N SER E 741 -8.82 -30.11 -61.32
CA SER E 741 -10.11 -30.71 -61.01
C SER E 741 -11.10 -30.48 -62.14
N VAL E 742 -12.29 -31.08 -61.99
CA VAL E 742 -13.32 -30.96 -63.02
C VAL E 742 -14.12 -29.67 -62.88
N GLN E 743 -14.03 -28.99 -61.76
CA GLN E 743 -14.80 -27.77 -61.57
C GLN E 743 -14.25 -26.67 -62.46
N PRO E 744 -15.06 -26.06 -63.33
CA PRO E 744 -14.54 -24.99 -64.19
C PRO E 744 -14.11 -23.77 -63.39
N ILE E 745 -13.14 -23.05 -63.94
CA ILE E 745 -12.64 -21.85 -63.28
C ILE E 745 -13.80 -20.88 -63.03
N SER E 746 -13.67 -20.10 -61.96
CA SER E 746 -14.67 -19.09 -61.66
C SER E 746 -14.51 -17.89 -62.58
N ARG E 747 -15.63 -17.22 -62.87
CA ARG E 747 -15.59 -16.04 -63.72
C ARG E 747 -14.79 -14.93 -63.06
N GLU E 748 -14.92 -14.78 -61.74
CA GLU E 748 -14.14 -13.77 -61.03
C GLU E 748 -12.65 -14.04 -61.16
N GLN E 749 -12.24 -15.29 -60.96
CA GLN E 749 -10.83 -15.64 -61.11
C GLN E 749 -10.38 -15.48 -62.55
N MET E 750 -11.24 -15.82 -63.50
CA MET E 750 -10.90 -15.63 -64.91
C MET E 750 -10.63 -14.17 -65.22
N GLY E 751 -11.48 -13.28 -64.70
CA GLY E 751 -11.25 -11.85 -64.91
C GLY E 751 -9.99 -11.37 -64.21
N GLN E 752 -9.75 -11.84 -63.00
CA GLN E 752 -8.56 -11.43 -62.27
C GLN E 752 -7.30 -11.84 -63.02
N MET E 753 -7.27 -13.06 -63.56
CA MET E 753 -6.11 -13.51 -64.31
C MET E 753 -5.98 -12.76 -65.62
N LEU E 754 -7.07 -12.64 -66.38
CA LEU E 754 -7.03 -11.93 -67.65
C LEU E 754 -6.69 -10.46 -67.43
N THR E 755 -7.28 -9.85 -66.40
CA THR E 755 -6.96 -8.47 -66.09
C THR E 755 -5.51 -8.30 -65.68
N ARG E 756 -4.92 -9.30 -65.05
CA ARG E 756 -3.53 -9.21 -64.59
C ARG E 756 -2.52 -9.44 -65.70
N ILE E 757 -2.93 -10.03 -66.83
CA ILE E 757 -1.98 -10.35 -67.88
C ILE E 757 -1.89 -9.27 -68.95
N LEU E 758 -2.89 -8.38 -69.03
CA LEU E 758 -2.85 -7.34 -70.05
C LEU E 758 -1.75 -6.33 -69.80
N VAL E 759 -1.29 -6.20 -68.55
CA VAL E 759 -0.27 -5.22 -68.23
C VAL E 759 1.09 -5.58 -68.82
N ILE E 760 1.26 -6.82 -69.28
CA ILE E 760 2.55 -7.25 -69.81
C ILE E 760 2.84 -6.53 -71.13
N ARG E 761 4.13 -6.31 -71.40
CA ARG E 761 4.53 -5.61 -72.61
C ARG E 761 4.05 -6.34 -73.86
N GLU E 762 4.33 -7.65 -73.95
CA GLU E 762 3.99 -8.39 -75.16
C GLU E 762 2.49 -8.41 -75.38
N ILE E 763 1.70 -8.50 -74.32
CA ILE E 763 0.26 -8.46 -74.48
C ILE E 763 -0.18 -7.10 -75.01
N GLN E 764 0.41 -6.03 -74.49
CA GLN E 764 0.11 -4.69 -75.00
C GLN E 764 0.40 -4.62 -76.49
N GLU E 765 1.57 -5.10 -76.92
CA GLU E 765 1.93 -5.05 -78.33
C GLU E 765 0.98 -5.89 -79.17
N ALA E 766 0.65 -7.09 -78.70
CA ALA E 766 -0.21 -7.97 -79.47
C ALA E 766 -1.59 -7.37 -79.65
N ILE E 767 -2.17 -6.83 -78.56
CA ILE E 767 -3.50 -6.25 -78.66
C ILE E 767 -3.46 -4.99 -79.53
N ALA E 768 -2.36 -4.23 -79.48
CA ALA E 768 -2.25 -3.06 -80.33
C ALA E 768 -2.21 -3.46 -81.80
N VAL E 769 -1.49 -4.52 -82.13
CA VAL E 769 -1.38 -4.92 -83.54
C VAL E 769 -2.61 -5.67 -84.02
N ALA E 770 -3.41 -6.22 -83.11
CA ALA E 770 -4.62 -6.93 -83.53
C ALA E 770 -5.61 -5.99 -84.21
N ASN E 771 -6.05 -4.96 -83.48
CA ASN E 771 -6.95 -3.98 -84.06
C ASN E 771 -6.27 -3.12 -85.13
N ALA E 772 -4.95 -3.19 -85.23
CA ALA E 772 -4.23 -2.48 -86.28
C ALA E 772 -4.45 -3.10 -87.66
N SER E 773 -5.07 -4.28 -87.73
CA SER E 773 -5.34 -4.93 -88.99
C SER E 773 -6.62 -4.38 -89.63
N MET F 1 4.22 13.96 57.13
CA MET F 1 5.01 15.18 56.81
C MET F 1 6.10 14.85 55.80
N SER F 2 6.54 15.88 55.06
CA SER F 2 7.58 15.66 54.06
C SER F 2 8.94 15.43 54.71
N THR F 3 9.29 16.25 55.71
CA THR F 3 10.63 16.17 56.30
C THR F 3 10.88 14.82 56.93
N ARG F 4 9.90 14.30 57.68
CA ARG F 4 10.09 13.02 58.34
C ARG F 4 10.39 11.93 57.31
N GLU F 5 11.34 11.05 57.65
CA GLU F 5 11.78 10.06 56.68
C GLU F 5 10.64 9.17 56.23
N SER F 6 9.79 8.75 57.16
CA SER F 6 8.67 7.87 56.83
C SER F 6 7.56 8.06 57.84
N PHE F 7 6.37 7.57 57.47
CA PHE F 7 5.21 7.61 58.33
C PHE F 7 5.26 6.43 59.29
N ASN F 8 5.45 6.71 60.58
CA ASN F 8 5.54 5.67 61.59
C ASN F 8 4.22 5.61 62.34
N PRO F 9 3.45 4.52 62.23
CA PRO F 9 2.13 4.49 62.87
C PRO F 9 2.17 4.75 64.37
N GLU F 10 3.20 4.28 65.07
CA GLU F 10 3.25 4.45 66.51
C GLU F 10 3.25 5.92 66.90
N SER F 11 4.00 6.74 66.17
CA SER F 11 4.10 8.16 66.51
C SER F 11 2.74 8.82 66.51
N TYR F 12 1.89 8.49 65.53
CA TYR F 12 0.55 9.04 65.46
C TYR F 12 -0.43 8.29 66.34
N GLU F 13 0.05 7.34 67.15
CA GLU F 13 -0.78 6.64 68.13
C GLU F 13 -1.74 5.65 67.47
N LEU F 14 -1.34 5.07 66.34
CA LEU F 14 -2.10 4.03 65.69
C LEU F 14 -1.45 2.67 65.94
N ASP F 15 -2.21 1.61 65.70
CA ASP F 15 -1.69 0.27 65.88
C ASP F 15 -0.50 0.04 64.95
N LYS F 16 0.51 -0.68 65.45
CA LYS F 16 1.71 -0.90 64.67
C LYS F 16 1.42 -1.67 63.39
N SER F 17 0.52 -2.64 63.46
CA SER F 17 0.20 -3.47 62.30
C SER F 17 -0.52 -2.68 61.21
N PHE F 18 -0.98 -1.47 61.49
CA PHE F 18 -1.72 -0.69 60.51
C PHE F 18 -0.89 -0.48 59.26
N ARG F 19 -1.51 -0.72 58.10
CA ARG F 19 -0.89 -0.45 56.80
C ARG F 19 -1.94 0.19 55.91
N LEU F 20 -1.59 1.31 55.29
CA LEU F 20 -2.55 1.99 54.42
C LEU F 20 -2.93 1.09 53.25
N THR F 21 -1.96 0.36 52.70
CA THR F 21 -2.23 -0.52 51.56
C THR F 21 -3.12 -1.70 51.93
N ARG F 22 -3.36 -1.94 53.22
CA ARG F 22 -4.18 -3.08 53.62
C ARG F 22 -5.58 -2.97 53.05
N PHE F 23 -6.14 -1.77 53.02
CA PHE F 23 -7.52 -1.60 52.58
C PHE F 23 -7.69 -2.02 51.12
N THR F 24 -6.75 -1.65 50.27
CA THR F 24 -6.79 -2.08 48.88
C THR F 24 -6.37 -3.55 48.77
N GLU F 25 -6.79 -4.18 47.68
CA GLU F 25 -6.43 -5.56 47.37
C GLU F 25 -5.54 -5.52 46.12
N LEU F 26 -4.24 -5.38 46.34
CA LEU F 26 -3.30 -5.30 45.22
C LEU F 26 -3.33 -6.60 44.42
N LYS F 27 -3.19 -6.46 43.11
CA LYS F 27 -3.14 -7.60 42.20
C LYS F 27 -1.92 -7.45 41.29
N GLY F 28 -1.42 -8.59 40.82
CA GLY F 28 -0.25 -8.56 39.96
C GLY F 28 -0.47 -7.72 38.72
N THR F 29 -1.64 -7.82 38.12
CA THR F 29 -2.00 -7.01 36.96
C THR F 29 -2.39 -5.59 37.33
N GLY F 30 -2.24 -5.20 38.59
CA GLY F 30 -2.55 -3.85 39.00
C GLY F 30 -4.05 -3.60 39.00
N CYS F 31 -4.40 -2.31 39.05
CA CYS F 31 -5.81 -1.93 39.01
C CYS F 31 -6.44 -2.30 37.67
N LYS F 32 -5.63 -2.50 36.64
CA LYS F 32 -6.13 -2.83 35.31
C LYS F 32 -6.09 -4.34 35.07
N VAL F 33 -6.86 -5.07 35.87
CA VAL F 33 -6.91 -6.52 35.70
C VAL F 33 -7.39 -6.90 34.31
N PRO F 34 -8.47 -6.31 33.76
CA PRO F 34 -8.72 -6.44 32.32
C PRO F 34 -8.02 -5.33 31.55
N GLN F 35 -7.22 -5.69 30.55
CA GLN F 35 -6.52 -4.71 29.73
C GLN F 35 -7.30 -4.38 28.47
N ASP F 36 -7.58 -5.40 27.65
CA ASP F 36 -8.34 -5.17 26.42
C ASP F 36 -9.75 -4.69 26.73
N VAL F 37 -10.39 -5.26 27.75
CA VAL F 37 -11.77 -4.90 28.07
C VAL F 37 -11.83 -3.47 28.57
N LEU F 38 -10.94 -3.10 29.50
CA LEU F 38 -10.92 -1.72 29.99
C LEU F 38 -10.53 -0.76 28.88
N GLN F 39 -9.60 -1.16 28.01
CA GLN F 39 -9.25 -0.31 26.88
C GLN F 39 -10.47 -0.05 25.99
N LYS F 40 -11.23 -1.11 25.70
CA LYS F 40 -12.42 -0.95 24.88
C LYS F 40 -13.46 -0.07 25.57
N LEU F 41 -13.61 -0.24 26.89
CA LEU F 41 -14.55 0.59 27.63
C LEU F 41 -14.14 2.06 27.57
N LEU F 42 -12.85 2.34 27.78
CA LEU F 42 -12.36 3.71 27.72
C LEU F 42 -12.57 4.29 26.33
N GLU F 43 -12.33 3.50 25.29
CA GLU F 43 -12.60 3.96 23.93
C GLU F 43 -14.07 4.27 23.73
N SER F 44 -14.94 3.41 24.29
CA SER F 44 -16.38 3.64 24.17
C SER F 44 -16.80 4.93 24.84
N LEU F 45 -16.22 5.22 26.02
CA LEU F 45 -16.51 6.50 26.68
C LEU F 45 -16.21 7.67 25.76
N GLN F 46 -15.06 7.65 25.10
CA GLN F 46 -14.68 8.70 24.17
C GLN F 46 -15.23 8.47 22.77
N GLU F 47 -15.87 7.33 22.52
CA GLU F 47 -16.44 7.06 21.21
C GLU F 47 -17.54 8.07 20.92
N ASN F 48 -17.42 8.76 19.79
CA ASN F 48 -18.41 9.75 19.37
C ASN F 48 -18.41 9.82 17.86
N HIS F 49 -19.61 9.90 17.28
CA HIS F 49 -19.80 9.90 15.84
C HIS F 49 -20.29 11.25 15.30
N PHE F 50 -21.19 11.92 16.01
CA PHE F 50 -21.73 13.18 15.52
C PHE F 50 -20.66 14.25 15.41
N GLN F 51 -19.51 14.07 16.07
CA GLN F 51 -18.47 15.08 16.05
C GLN F 51 -17.76 15.18 14.70
N GLU F 52 -17.95 14.20 13.81
CA GLU F 52 -17.33 14.29 12.49
C GLU F 52 -17.87 15.48 11.71
N ASP F 53 -19.18 15.68 11.73
CA ASP F 53 -19.85 16.83 11.12
C ASP F 53 -19.25 17.13 9.75
N GLU F 54 -19.29 16.13 8.87
CA GLU F 54 -18.71 16.22 7.53
C GLU F 54 -17.24 16.63 7.60
N GLN F 55 -16.57 16.26 8.68
CA GLN F 55 -15.21 16.73 8.96
C GLN F 55 -15.13 18.25 8.97
N PHE F 56 -16.27 18.92 9.11
CA PHE F 56 -16.34 20.38 9.05
C PHE F 56 -15.70 20.88 7.75
N LEU F 57 -15.87 20.11 6.69
CA LEU F 57 -15.41 20.48 5.35
C LEU F 57 -13.90 20.75 5.34
N GLY F 58 -13.13 19.91 6.03
CA GLY F 58 -11.69 20.05 6.04
C GLY F 58 -11.07 19.21 7.15
N ALA F 59 -9.80 19.51 7.41
CA ALA F 59 -9.04 18.83 8.45
C ALA F 59 -9.36 19.47 9.80
N VAL F 60 -10.60 19.23 10.25
CA VAL F 60 -11.07 19.84 11.48
C VAL F 60 -10.26 19.34 12.66
N MET F 61 -9.95 20.24 13.59
CA MET F 61 -9.27 19.84 14.81
C MET F 61 -10.16 18.90 15.63
N PRO F 62 -9.59 17.91 16.30
CA PRO F 62 -10.43 16.95 17.05
C PRO F 62 -10.79 17.49 18.42
N ARG F 63 -12.10 17.64 18.67
CA ARG F 63 -12.55 17.98 20.01
C ARG F 63 -12.10 16.95 21.03
N LEU F 64 -11.97 15.69 20.60
CA LEU F 64 -11.48 14.66 21.49
C LEU F 64 -10.04 14.92 21.94
N GLY F 65 -9.31 15.75 21.21
CA GLY F 65 -7.92 16.02 21.54
C GLY F 65 -7.02 14.85 21.19
N ILE F 66 -6.39 14.26 22.20
CA ILE F 66 -5.58 13.06 21.96
C ILE F 66 -6.47 11.86 21.66
N GLY F 67 -7.76 11.96 21.93
CA GLY F 67 -8.68 10.84 21.79
C GLY F 67 -8.74 10.01 23.05
N MET F 68 -7.58 9.64 23.59
CA MET F 68 -7.50 8.79 24.76
C MET F 68 -7.08 9.54 26.03
N ASP F 69 -6.59 10.76 25.92
CA ASP F 69 -6.10 11.49 27.08
C ASP F 69 -6.24 12.99 26.88
N THR F 70 -6.57 13.69 27.96
CA THR F 70 -6.55 15.16 28.01
C THR F 70 -7.31 15.75 26.82
N CYS F 71 -8.61 15.50 26.82
CA CYS F 71 -9.47 16.06 25.79
C CYS F 71 -9.46 17.58 25.85
N VAL F 72 -9.44 18.22 24.68
CA VAL F 72 -9.43 19.67 24.56
C VAL F 72 -10.76 20.10 23.94
N ILE F 73 -11.47 20.99 24.62
CA ILE F 73 -12.81 21.39 24.21
C ILE F 73 -12.82 22.88 23.86
N PRO F 74 -12.97 23.25 22.59
CA PRO F 74 -13.05 24.69 22.26
C PRO F 74 -14.23 25.36 22.93
N LEU F 75 -14.05 26.62 23.29
CA LEU F 75 -15.06 27.40 23.98
C LEU F 75 -15.73 28.40 23.05
N ARG F 76 -16.95 28.78 23.41
CA ARG F 76 -17.73 29.70 22.57
C ARG F 76 -17.05 31.05 22.44
N HIS F 77 -16.57 31.59 23.55
CA HIS F 77 -16.11 32.97 23.62
C HIS F 77 -14.67 33.03 24.09
N GLY F 78 -13.90 33.94 23.49
CA GLY F 78 -12.50 34.11 23.80
C GLY F 78 -11.55 33.36 22.92
N GLY F 79 -12.05 32.44 22.09
CA GLY F 79 -11.16 31.63 21.26
C GLY F 79 -10.21 30.79 22.09
N LEU F 80 -10.68 30.31 23.25
CA LEU F 80 -9.87 29.54 24.17
C LEU F 80 -10.28 28.07 24.11
N SER F 81 -9.44 27.23 24.71
CA SER F 81 -9.67 25.79 24.74
C SER F 81 -9.61 25.31 26.19
N LEU F 82 -10.62 24.55 26.60
CA LEU F 82 -10.63 23.96 27.93
C LEU F 82 -9.95 22.60 27.88
N VAL F 83 -8.97 22.41 28.76
CA VAL F 83 -8.17 21.20 28.80
C VAL F 83 -8.23 20.66 30.22
N GLN F 84 -8.92 19.54 30.41
CA GLN F 84 -9.07 18.95 31.72
C GLN F 84 -8.89 17.44 31.65
N THR F 85 -8.46 16.86 32.77
CA THR F 85 -8.17 15.44 32.86
C THR F 85 -8.64 14.93 34.21
N THR F 86 -8.72 13.60 34.32
CA THR F 86 -9.12 12.97 35.57
C THR F 86 -8.45 11.60 35.66
N ASP F 87 -8.01 11.24 36.87
CA ASP F 87 -7.41 9.94 37.10
C ASP F 87 -7.54 9.60 38.58
N TYR F 88 -7.82 8.33 38.86
CA TYR F 88 -8.03 7.85 40.22
C TYR F 88 -7.07 6.70 40.51
N ILE F 89 -6.38 6.79 41.64
CA ILE F 89 -5.36 5.81 42.01
C ILE F 89 -5.63 5.36 43.44
N TYR F 90 -5.72 4.05 43.65
CA TYR F 90 -5.91 3.51 44.98
C TYR F 90 -4.59 3.57 45.76
N PRO F 91 -4.65 3.59 47.08
CA PRO F 91 -3.41 3.62 47.85
C PRO F 91 -2.51 2.45 47.51
N ILE F 92 -1.23 2.76 47.26
CA ILE F 92 -0.20 1.76 47.02
C ILE F 92 1.07 2.04 47.82
N VAL F 93 1.06 3.04 48.69
CA VAL F 93 2.21 3.41 49.50
C VAL F 93 1.75 3.54 50.94
N ASP F 94 2.68 3.31 51.87
CA ASP F 94 2.33 3.24 53.29
C ASP F 94 2.34 4.59 53.97
N ASP F 95 2.82 5.65 53.31
CA ASP F 95 2.85 6.98 53.90
C ASP F 95 1.71 7.80 53.32
N PRO F 96 0.67 8.12 54.10
CA PRO F 96 -0.49 8.79 53.49
C PRO F 96 -0.16 10.14 52.87
N TYR F 97 0.74 10.91 53.47
CA TYR F 97 1.14 12.17 52.89
C TYR F 97 1.72 11.98 51.50
N MET F 98 2.69 11.06 51.38
CA MET F 98 3.31 10.80 50.09
C MET F 98 2.29 10.25 49.12
N MET F 99 1.32 9.47 49.60
CA MET F 99 0.33 8.89 48.71
C MET F 99 -0.62 9.95 48.16
N GLY F 100 -1.02 10.91 48.98
CA GLY F 100 -1.81 12.02 48.48
C GLY F 100 -1.04 12.85 47.47
N ARG F 101 0.25 13.10 47.75
CA ARG F 101 1.08 13.81 46.78
C ARG F 101 1.14 13.03 45.47
N ILE F 102 1.28 11.71 45.55
CA ILE F 102 1.32 10.87 44.35
C ILE F 102 0.02 10.96 43.58
N ALA F 103 -1.10 10.96 44.28
CA ALA F 103 -2.39 11.08 43.61
C ALA F 103 -2.49 12.40 42.86
N CYS F 104 -2.08 13.49 43.51
CA CYS F 104 -2.13 14.79 42.83
C CYS F 104 -1.21 14.81 41.61
N ALA F 105 -0.01 14.26 41.75
CA ALA F 105 0.92 14.24 40.63
C ALA F 105 0.36 13.41 39.48
N ASN F 106 -0.25 12.27 39.78
CA ASN F 106 -0.84 11.45 38.73
C ASN F 106 -1.96 12.19 38.03
N VAL F 107 -2.80 12.90 38.80
CA VAL F 107 -3.88 13.65 38.18
C VAL F 107 -3.34 14.73 37.25
N LEU F 108 -2.30 15.44 37.69
CA LEU F 108 -1.76 16.53 36.90
C LEU F 108 -0.94 16.06 35.71
N SER F 109 -0.39 14.84 35.75
CA SER F 109 0.52 14.40 34.70
C SER F 109 -0.14 14.46 33.32
N ASP F 110 -1.44 14.22 33.24
CA ASP F 110 -2.09 14.19 31.93
C ASP F 110 -2.02 15.55 31.25
N LEU F 111 -2.20 16.64 32.01
CA LEU F 111 -2.03 17.96 31.43
C LEU F 111 -0.63 18.17 30.90
N TYR F 112 0.38 17.77 31.67
CA TYR F 112 1.76 17.97 31.26
C TYR F 112 2.10 17.18 30.01
N ALA F 113 1.31 16.17 29.67
CA ALA F 113 1.50 15.43 28.43
C ALA F 113 1.16 16.27 27.21
N MET F 114 0.50 17.42 27.39
CA MET F 114 0.22 18.33 26.29
C MET F 114 0.84 19.70 26.53
N GLY F 115 1.89 19.77 27.33
CA GLY F 115 2.63 21.01 27.52
C GLY F 115 1.81 22.13 28.13
N VAL F 116 0.95 21.81 29.09
CA VAL F 116 0.20 22.81 29.84
C VAL F 116 0.95 22.98 31.16
N THR F 117 1.85 23.97 31.19
CA THR F 117 2.70 24.16 32.36
C THR F 117 1.89 24.53 33.59
N GLU F 118 0.90 25.40 33.43
CA GLU F 118 0.17 25.99 34.54
C GLU F 118 -1.27 25.49 34.57
N CYS F 119 -1.79 25.28 35.78
CA CYS F 119 -3.13 24.75 35.98
C CYS F 119 -3.99 25.80 36.69
N ASP F 120 -5.29 25.78 36.38
CA ASP F 120 -6.22 26.76 36.94
C ASP F 120 -6.82 26.28 38.26
N ASN F 121 -7.53 25.16 38.23
CA ASN F 121 -8.22 24.63 39.41
C ASN F 121 -8.08 23.12 39.44
N MET F 122 -8.19 22.57 40.64
CA MET F 122 -8.13 21.12 40.83
C MET F 122 -9.17 20.70 41.84
N LEU F 123 -9.87 19.60 41.54
CA LEU F 123 -10.84 19.00 42.44
C LEU F 123 -10.24 17.74 43.05
N MET F 124 -10.87 17.27 44.13
CA MET F 124 -10.35 16.14 44.89
C MET F 124 -11.48 15.19 45.23
N LEU F 125 -11.25 13.90 44.98
CA LEU F 125 -12.16 12.83 45.39
C LEU F 125 -11.48 12.05 46.50
N LEU F 126 -12.11 12.03 47.68
CA LEU F 126 -11.53 11.43 48.88
C LEU F 126 -12.42 10.27 49.31
N GLY F 127 -12.10 9.06 48.84
CA GLY F 127 -12.83 7.88 49.26
C GLY F 127 -12.47 7.52 50.67
N VAL F 128 -13.47 7.10 51.45
CA VAL F 128 -13.29 6.71 52.84
C VAL F 128 -13.63 5.23 52.95
N SER F 129 -12.75 4.46 53.59
CA SER F 129 -12.91 3.02 53.65
C SER F 129 -13.95 2.64 54.68
N ASN F 130 -14.87 1.74 54.30
CA ASN F 130 -15.82 1.20 55.26
C ASN F 130 -15.11 0.46 56.38
N LYS F 131 -14.14 -0.39 56.02
CA LYS F 131 -13.41 -1.19 56.99
C LYS F 131 -12.25 -0.41 57.59
N MET F 132 -12.55 0.78 58.11
CA MET F 132 -11.55 1.64 58.73
C MET F 132 -12.12 2.15 60.05
N THR F 133 -11.41 1.88 61.14
CA THR F 133 -11.86 2.31 62.45
C THR F 133 -11.98 3.83 62.49
N ASP F 134 -13.02 4.32 63.17
CA ASP F 134 -13.27 5.76 63.20
C ASP F 134 -12.04 6.53 63.67
N ARG F 135 -11.30 5.97 64.62
CA ARG F 135 -10.13 6.67 65.14
C ARG F 135 -9.03 6.78 64.09
N GLU F 136 -8.84 5.73 63.29
CA GLU F 136 -7.83 5.77 62.24
C GLU F 136 -8.17 6.83 61.19
N ARG F 137 -9.43 6.90 60.78
CA ARG F 137 -9.82 7.83 59.73
C ARG F 137 -9.51 9.27 60.10
N ASP F 138 -9.46 9.57 61.40
CA ASP F 138 -9.19 10.92 61.86
C ASP F 138 -7.70 11.23 61.94
N LYS F 139 -6.84 10.25 61.66
CA LYS F 139 -5.40 10.46 61.70
C LYS F 139 -4.73 10.30 60.34
N VAL F 140 -5.43 9.81 59.33
CA VAL F 140 -4.88 9.53 58.01
C VAL F 140 -5.42 10.50 56.97
N MET F 141 -6.73 10.70 56.96
CA MET F 141 -7.34 11.58 55.96
C MET F 141 -6.79 13.01 56.03
N PRO F 142 -6.57 13.60 57.20
CA PRO F 142 -5.90 14.91 57.22
C PRO F 142 -4.55 14.89 56.53
N LEU F 143 -3.77 13.82 56.71
CA LEU F 143 -2.47 13.74 56.05
C LEU F 143 -2.63 13.64 54.55
N ILE F 144 -3.57 12.83 54.07
CA ILE F 144 -3.76 12.71 52.63
C ILE F 144 -4.19 14.06 52.04
N ILE F 145 -5.10 14.75 52.72
CA ILE F 145 -5.55 16.05 52.25
C ILE F 145 -4.38 17.03 52.21
N GLN F 146 -3.56 17.04 53.26
CA GLN F 146 -2.44 17.97 53.30
C GLN F 146 -1.45 17.68 52.17
N GLY F 147 -1.18 16.40 51.91
CA GLY F 147 -0.30 16.07 50.80
C GLY F 147 -0.87 16.51 49.47
N PHE F 148 -2.16 16.27 49.25
CA PHE F 148 -2.79 16.71 48.01
C PHE F 148 -2.65 18.22 47.84
N LYS F 149 -2.93 18.97 48.91
CA LYS F 149 -2.88 20.42 48.81
C LYS F 149 -1.45 20.92 48.59
N ASP F 150 -0.47 20.29 49.26
CA ASP F 150 0.91 20.70 49.05
C ASP F 150 1.35 20.43 47.62
N ALA F 151 0.99 19.28 47.07
CA ALA F 151 1.31 18.99 45.68
C ALA F 151 0.66 20.01 44.76
N ALA F 152 -0.60 20.36 45.03
CA ALA F 152 -1.27 21.37 44.21
C ALA F 152 -0.54 22.71 44.28
N GLU F 153 -0.09 23.08 45.49
CA GLU F 153 0.69 24.30 45.63
C GLU F 153 1.96 24.24 44.80
N GLU F 154 2.64 23.09 44.81
CA GLU F 154 3.86 22.93 44.03
C GLU F 154 3.59 23.00 42.53
N ALA F 155 2.35 22.77 42.10
CA ALA F 155 1.98 22.81 40.69
C ALA F 155 1.36 24.13 40.29
N GLY F 156 1.38 25.13 41.16
CA GLY F 156 0.84 26.43 40.81
C GLY F 156 -0.67 26.50 40.76
N THR F 157 -1.36 25.62 41.47
CA THR F 157 -2.82 25.63 41.51
C THR F 157 -3.28 25.32 42.92
N SER F 158 -4.54 25.61 43.19
CA SER F 158 -5.15 25.40 44.50
C SER F 158 -6.30 24.41 44.36
N VAL F 159 -6.36 23.45 45.27
CA VAL F 159 -7.41 22.44 45.26
C VAL F 159 -8.62 23.02 45.99
N THR F 160 -9.68 23.31 45.23
CA THR F 160 -10.91 23.89 45.77
C THR F 160 -12.08 23.04 45.30
N GLY F 161 -12.95 22.66 46.23
CA GLY F 161 -14.05 21.78 45.92
C GLY F 161 -13.62 20.33 45.89
N GLY F 162 -14.57 19.48 45.58
CA GLY F 162 -14.34 18.06 45.51
C GLY F 162 -15.54 17.29 46.01
N GLN F 163 -15.31 16.06 46.44
CA GLN F 163 -16.37 15.19 46.91
C GLN F 163 -15.76 14.13 47.80
N THR F 164 -16.54 13.69 48.80
CA THR F 164 -16.12 12.64 49.72
C THR F 164 -17.19 11.55 49.74
N VAL F 165 -16.78 10.32 49.47
CA VAL F 165 -17.69 9.18 49.41
C VAL F 165 -17.05 8.01 50.13
N LEU F 166 -17.88 7.05 50.50
CA LEU F 166 -17.43 5.84 51.19
C LEU F 166 -17.38 4.67 50.21
N ASN F 167 -16.26 3.96 50.20
CA ASN F 167 -16.01 2.85 49.32
C ASN F 167 -15.24 1.79 50.09
N PRO F 168 -15.37 0.51 49.75
CA PRO F 168 -14.58 -0.50 50.46
C PRO F 168 -13.09 -0.24 50.39
N TRP F 169 -12.60 0.30 49.29
CA TRP F 169 -11.20 0.67 49.13
C TRP F 169 -11.08 2.18 49.08
N ILE F 170 -10.04 2.71 49.73
CA ILE F 170 -9.77 4.15 49.63
C ILE F 170 -9.54 4.50 48.17
N VAL F 171 -10.21 5.54 47.70
CA VAL F 171 -10.08 6.02 46.33
C VAL F 171 -9.57 7.44 46.39
N LEU F 172 -8.44 7.68 45.71
CA LEU F 172 -7.83 9.00 45.64
C LEU F 172 -7.75 9.43 44.19
N GLY F 173 -8.05 10.71 43.94
CA GLY F 173 -7.99 11.23 42.59
C GLY F 173 -8.51 12.66 42.56
N GLY F 174 -8.75 13.12 41.34
CA GLY F 174 -9.24 14.48 41.17
C GLY F 174 -9.34 14.83 39.71
N VAL F 175 -9.65 16.10 39.46
CA VAL F 175 -9.75 16.63 38.11
C VAL F 175 -8.90 17.90 38.02
N ALA F 176 -8.01 17.94 37.05
CA ALA F 176 -7.16 19.10 36.80
C ALA F 176 -7.60 19.76 35.50
N THR F 177 -7.87 21.06 35.55
CA THR F 177 -8.44 21.79 34.43
C THR F 177 -7.66 23.06 34.17
N THR F 178 -7.62 23.48 32.91
CA THR F 178 -6.91 24.67 32.50
C THR F 178 -7.58 25.27 31.28
N VAL F 179 -7.87 26.57 31.34
CA VAL F 179 -8.41 27.32 30.21
C VAL F 179 -7.24 28.07 29.58
N CYS F 180 -6.80 27.63 28.41
CA CYS F 180 -5.56 28.11 27.82
C CYS F 180 -5.76 28.41 26.34
N GLN F 181 -4.89 29.27 25.83
CA GLN F 181 -4.90 29.64 24.42
C GLN F 181 -4.32 28.53 23.56
N PRO F 182 -4.57 28.56 22.25
CA PRO F 182 -4.13 27.44 21.40
C PRO F 182 -2.62 27.21 21.43
N ASN F 183 -1.82 28.26 21.57
CA ASN F 183 -0.37 28.12 21.56
C ASN F 183 0.18 27.58 22.88
N GLU F 184 -0.66 27.45 23.91
CA GLU F 184 -0.17 27.03 25.22
C GLU F 184 0.10 25.54 25.29
N PHE F 185 -0.58 24.73 24.48
CA PHE F 185 -0.45 23.28 24.54
C PHE F 185 0.03 22.72 23.21
N ILE F 186 0.35 21.43 23.22
CA ILE F 186 0.90 20.73 22.06
C ILE F 186 -0.01 19.54 21.76
N MET F 187 -0.65 19.56 20.60
CA MET F 187 -1.47 18.45 20.17
C MET F 187 -0.58 17.32 19.68
N PRO F 188 -0.67 16.11 20.23
CA PRO F 188 0.28 15.04 19.88
C PRO F 188 -0.10 14.26 18.63
N ASP F 189 0.10 14.90 17.47
CA ASP F 189 -0.18 14.24 16.20
C ASP F 189 0.83 14.62 15.11
N ASN F 190 1.99 15.16 15.48
CA ASN F 190 2.96 15.67 14.51
C ASN F 190 4.19 14.79 14.39
N ALA F 191 4.16 13.56 14.93
CA ALA F 191 5.34 12.71 14.87
C ALA F 191 5.72 12.42 13.43
N VAL F 192 7.03 12.44 13.17
CA VAL F 192 7.54 12.18 11.82
C VAL F 192 8.67 11.16 11.91
N PRO F 193 8.94 10.46 10.82
CA PRO F 193 10.04 9.48 10.84
C PRO F 193 11.38 10.13 11.14
N GLY F 194 12.25 9.37 11.80
CA GLY F 194 13.55 9.86 12.20
C GLY F 194 13.60 10.45 13.59
N ASP F 195 12.46 10.60 14.26
CA ASP F 195 12.43 11.15 15.60
C ASP F 195 12.91 10.13 16.62
N VAL F 196 12.99 10.55 17.88
CA VAL F 196 13.39 9.68 18.98
C VAL F 196 12.43 9.89 20.14
N LEU F 197 12.33 8.87 20.97
CA LEU F 197 11.43 8.89 22.13
C LEU F 197 12.24 9.10 23.40
N VAL F 198 11.70 9.91 24.31
CA VAL F 198 12.36 10.27 25.55
C VAL F 198 11.45 9.91 26.71
N LEU F 199 12.00 9.27 27.73
CA LEU F 199 11.27 8.91 28.93
C LEU F 199 11.81 9.71 30.10
N THR F 200 10.92 10.36 30.84
CA THR F 200 11.34 11.25 31.92
C THR F 200 11.39 10.56 33.28
N LYS F 201 10.74 9.42 33.45
CA LYS F 201 10.77 8.69 34.70
C LYS F 201 11.00 7.21 34.44
N PRO F 202 11.72 6.52 35.32
CA PRO F 202 12.01 5.10 35.09
C PRO F 202 10.77 4.24 35.24
N LEU F 203 10.82 3.08 34.59
CA LEU F 203 9.75 2.10 34.66
C LEU F 203 9.89 1.27 35.93
N GLY F 204 9.00 0.29 36.09
CA GLY F 204 9.11 -0.66 37.18
C GLY F 204 8.71 -0.13 38.54
N THR F 205 7.92 0.93 38.60
CA THR F 205 7.43 1.40 39.89
C THR F 205 6.47 0.38 40.50
N GLN F 206 5.64 -0.25 39.68
CA GLN F 206 4.65 -1.20 40.20
C GLN F 206 5.34 -2.36 40.89
N VAL F 207 6.42 -2.87 40.31
CA VAL F 207 7.11 -4.01 40.91
C VAL F 207 7.70 -3.60 42.25
N ALA F 208 8.33 -2.43 42.31
CA ALA F 208 8.94 -1.99 43.56
C ALA F 208 7.88 -1.80 44.64
N VAL F 209 6.74 -1.24 44.28
CA VAL F 209 5.66 -1.05 45.25
C VAL F 209 5.13 -2.39 45.74
N ALA F 210 4.86 -3.30 44.81
CA ALA F 210 4.29 -4.59 45.18
C ALA F 210 5.22 -5.39 46.07
N VAL F 211 6.51 -5.42 45.72
CA VAL F 211 7.44 -6.28 46.46
C VAL F 211 7.54 -5.84 47.91
N HIS F 212 7.47 -4.53 48.16
CA HIS F 212 7.54 -4.05 49.54
C HIS F 212 6.43 -4.62 50.40
N GLN F 213 5.29 -4.97 49.78
CA GLN F 213 4.22 -5.62 50.53
C GLN F 213 4.60 -7.05 50.92
N TRP F 214 5.39 -7.72 50.08
CA TRP F 214 5.82 -9.09 50.35
C TRP F 214 6.88 -9.18 51.42
N LEU F 215 7.50 -8.05 51.79
CA LEU F 215 8.59 -8.09 52.76
C LEU F 215 8.15 -8.67 54.10
N ASP F 216 6.85 -8.62 54.41
CA ASP F 216 6.35 -9.16 55.67
C ASP F 216 5.83 -10.59 55.52
N ILE F 217 5.12 -10.89 54.44
CA ILE F 217 4.58 -12.22 54.23
C ILE F 217 5.73 -13.17 53.95
N PRO F 218 5.92 -14.23 54.74
CA PRO F 218 7.02 -15.17 54.48
C PRO F 218 6.77 -16.06 53.28
N GLU F 219 5.51 -16.29 52.89
CA GLU F 219 5.23 -17.17 51.77
C GLU F 219 5.67 -16.53 50.45
N LYS F 220 5.29 -15.27 50.23
CA LYS F 220 5.64 -14.60 48.97
C LYS F 220 7.10 -14.19 48.96
N TRP F 221 7.66 -13.81 50.11
CA TRP F 221 9.04 -13.38 50.17
C TRP F 221 9.99 -14.49 49.71
N ASN F 222 9.72 -15.72 50.13
CA ASN F 222 10.62 -16.82 49.79
C ASN F 222 10.73 -17.03 48.29
N LYS F 223 9.72 -16.64 47.51
CA LYS F 223 9.77 -16.81 46.07
C LYS F 223 10.84 -15.94 45.43
N ILE F 224 11.28 -14.87 46.10
CA ILE F 224 12.29 -13.98 45.54
C ILE F 224 13.39 -13.70 46.55
N LYS F 225 13.45 -14.50 47.63
CA LYS F 225 14.48 -14.26 48.63
C LYS F 225 15.88 -14.36 48.05
N LEU F 226 16.04 -15.06 46.92
CA LEU F 226 17.36 -15.27 46.34
C LEU F 226 17.73 -14.18 45.34
N VAL F 227 16.78 -13.81 44.48
CA VAL F 227 17.08 -12.85 43.42
C VAL F 227 17.42 -11.49 44.00
N VAL F 228 16.59 -11.00 44.92
CA VAL F 228 16.71 -9.65 45.46
C VAL F 228 16.69 -9.73 46.97
N THR F 229 17.62 -9.03 47.62
CA THR F 229 17.65 -8.95 49.07
C THR F 229 16.60 -7.96 49.56
N GLN F 230 16.66 -7.62 50.84
CA GLN F 230 15.63 -6.77 51.44
C GLN F 230 16.03 -5.30 51.48
N GLU F 231 17.31 -4.99 51.76
CA GLU F 231 17.72 -3.60 51.83
C GLU F 231 17.60 -2.92 50.47
N ASP F 232 17.98 -3.63 49.39
CA ASP F 232 17.83 -3.06 48.06
C ASP F 232 16.36 -2.90 47.70
N VAL F 233 15.50 -3.82 48.16
CA VAL F 233 14.07 -3.64 47.95
C VAL F 233 13.58 -2.37 48.63
N GLU F 234 14.04 -2.13 49.85
CA GLU F 234 13.63 -0.91 50.56
C GLU F 234 14.14 0.33 49.84
N LEU F 235 15.37 0.28 49.33
CA LEU F 235 15.88 1.43 48.57
C LEU F 235 15.05 1.66 47.31
N ALA F 236 14.70 0.59 46.60
CA ALA F 236 13.87 0.74 45.41
C ALA F 236 12.51 1.30 45.76
N TYR F 237 11.93 0.86 46.88
CA TYR F 237 10.66 1.40 47.34
C TYR F 237 10.77 2.90 47.60
N GLN F 238 11.83 3.31 48.31
CA GLN F 238 12.00 4.73 48.60
C GLN F 238 12.12 5.54 47.31
N GLU F 239 12.89 5.02 46.36
CA GLU F 239 13.13 5.76 45.12
C GLU F 239 11.87 5.83 44.27
N ALA F 240 11.13 4.73 44.18
CA ALA F 240 9.87 4.75 43.43
C ALA F 240 8.86 5.68 44.06
N MET F 241 8.75 5.66 45.39
CA MET F 241 7.85 6.57 46.08
C MET F 241 8.26 8.02 45.82
N MET F 242 9.55 8.30 45.87
CA MET F 242 10.01 9.65 45.59
C MET F 242 9.82 10.02 44.13
N ASN F 243 10.06 9.08 43.22
CA ASN F 243 9.90 9.36 41.80
C ASN F 243 8.43 9.61 41.44
N MET F 244 7.52 8.80 41.97
CA MET F 244 6.12 8.97 41.66
C MET F 244 5.54 10.29 42.16
N ALA F 245 6.25 10.96 43.07
CA ALA F 245 5.74 12.18 43.69
C ALA F 245 6.32 13.45 43.09
N ARG F 246 7.11 13.34 42.02
CA ARG F 246 7.62 14.54 41.36
C ARG F 246 6.51 15.13 40.49
N LEU F 247 6.86 16.14 39.70
CA LEU F 247 5.93 16.75 38.78
C LEU F 247 6.63 16.95 37.45
N ASN F 248 5.86 16.84 36.36
CA ASN F 248 6.38 16.96 35.01
C ASN F 248 6.31 18.38 34.48
N ARG F 249 6.29 19.38 35.37
CA ARG F 249 6.23 20.76 34.92
C ARG F 249 7.48 21.14 34.12
N THR F 250 8.65 20.73 34.61
CA THR F 250 9.88 20.96 33.86
C THR F 250 9.85 20.22 32.53
N ALA F 251 9.27 19.02 32.53
CA ALA F 251 9.14 18.27 31.28
C ALA F 251 8.30 19.05 30.27
N ALA F 252 7.18 19.63 30.71
CA ALA F 252 6.35 20.42 29.80
C ALA F 252 7.09 21.66 29.31
N GLY F 253 7.80 22.34 30.21
CA GLY F 253 8.54 23.53 29.79
C GLY F 253 9.58 23.20 28.73
N LEU F 254 10.38 22.16 28.96
CA LEU F 254 11.37 21.78 27.97
C LEU F 254 10.72 21.21 26.72
N MET F 255 9.52 20.62 26.86
CA MET F 255 8.77 20.17 25.70
C MET F 255 8.47 21.32 24.77
N HIS F 256 7.97 22.43 25.32
CA HIS F 256 7.76 23.61 24.50
C HIS F 256 9.07 24.16 23.97
N THR F 257 10.11 24.17 24.80
CA THR F 257 11.38 24.76 24.39
C THR F 257 11.99 24.00 23.21
N PHE F 258 11.90 22.67 23.22
CA PHE F 258 12.68 21.83 22.32
C PHE F 258 11.83 21.14 21.26
N ASN F 259 10.83 21.85 20.74
CA ASN F 259 10.15 21.47 19.50
C ASN F 259 9.63 20.03 19.55
N ALA F 260 8.96 19.69 20.65
CA ALA F 260 8.38 18.36 20.77
C ALA F 260 7.17 18.23 19.86
N HIS F 261 6.96 17.01 19.35
CA HIS F 261 5.84 16.71 18.47
C HIS F 261 4.67 16.10 19.23
N ALA F 262 4.90 14.99 19.93
CA ALA F 262 3.85 14.29 20.65
C ALA F 262 4.39 13.82 21.99
N ALA F 263 3.47 13.62 22.94
CA ALA F 263 3.84 13.13 24.26
C ALA F 263 2.63 12.45 24.89
N THR F 264 2.92 11.63 25.89
CA THR F 264 1.87 10.91 26.61
C THR F 264 2.40 10.54 27.99
N ASP F 265 1.48 10.20 28.88
CA ASP F 265 1.83 9.85 30.25
C ASP F 265 1.73 8.34 30.42
N ILE F 266 2.77 7.74 31.00
CA ILE F 266 2.80 6.29 31.21
C ILE F 266 2.14 6.05 32.57
N THR F 267 0.81 5.99 32.55
CA THR F 267 0.02 5.75 33.75
C THR F 267 -0.97 4.64 33.45
N GLY F 268 -0.89 3.54 34.18
CA GLY F 268 -1.73 2.39 33.92
C GLY F 268 -1.31 1.71 32.64
N PHE F 269 -2.01 0.63 32.32
CA PHE F 269 -1.68 -0.14 31.13
C PHE F 269 -0.20 -0.52 31.16
N GLY F 270 0.60 0.13 30.31
CA GLY F 270 2.03 -0.09 30.32
C GLY F 270 2.68 0.85 29.33
N ILE F 271 4.01 0.78 29.26
CA ILE F 271 4.73 1.61 28.30
C ILE F 271 4.34 1.21 26.88
N LEU F 272 4.28 -0.10 26.61
CA LEU F 272 3.88 -0.55 25.28
C LEU F 272 2.41 -0.23 25.00
N GLY F 273 1.55 -0.44 25.99
CA GLY F 273 0.14 -0.14 25.81
C GLY F 273 -0.10 1.32 25.51
N HIS F 274 0.60 2.20 26.22
CA HIS F 274 0.47 3.64 25.98
C HIS F 274 1.14 4.05 24.67
N ALA F 275 2.26 3.42 24.33
CA ALA F 275 2.91 3.74 23.06
C ALA F 275 2.00 3.37 21.89
N GLN F 276 1.32 2.22 21.96
CA GLN F 276 0.35 1.86 20.93
C GLN F 276 -0.76 2.89 20.86
N ASN F 277 -1.23 3.35 22.02
CA ASN F 277 -2.28 4.37 22.05
C ASN F 277 -1.81 5.65 21.35
N LEU F 278 -0.58 6.07 21.64
CA LEU F 278 -0.06 7.29 21.02
C LEU F 278 0.07 7.15 19.52
N ALA F 279 0.53 5.99 19.04
CA ALA F 279 0.81 5.83 17.62
C ALA F 279 -0.45 6.03 16.78
N LYS F 280 -1.62 5.68 17.31
CA LYS F 280 -2.84 5.78 16.53
C LYS F 280 -3.17 7.23 16.18
N GLN F 281 -2.83 8.17 17.06
CA GLN F 281 -3.18 9.57 16.83
C GLN F 281 -2.35 10.20 15.72
N GLN F 282 -1.16 9.70 15.45
CA GLN F 282 -0.26 10.36 14.52
C GLN F 282 -0.92 10.53 13.16
N ARG F 283 -0.83 11.74 12.60
CA ARG F 283 -1.36 11.97 11.25
C ARG F 283 -0.59 11.17 10.21
N ASN F 284 0.73 11.11 10.34
CA ASN F 284 1.55 10.41 9.38
C ASN F 284 1.51 8.90 9.63
N GLU F 285 2.24 8.16 8.81
CA GLU F 285 2.35 6.70 8.96
C GLU F 285 3.66 6.40 9.66
N VAL F 286 3.66 6.54 10.99
CA VAL F 286 4.85 6.39 11.81
C VAL F 286 4.59 5.32 12.85
N SER F 287 5.52 4.37 12.98
CA SER F 287 5.45 3.31 13.96
C SER F 287 6.62 3.44 14.92
N PHE F 288 6.34 3.35 16.21
CA PHE F 288 7.38 3.49 17.23
C PHE F 288 8.04 2.15 17.51
N VAL F 289 9.34 2.20 17.80
CA VAL F 289 10.11 1.04 18.22
C VAL F 289 10.89 1.43 19.46
N ILE F 290 10.75 0.63 20.52
CA ILE F 290 11.37 0.92 21.81
C ILE F 290 12.53 -0.05 22.00
N HIS F 291 13.75 0.49 22.10
CA HIS F 291 14.95 -0.32 22.23
C HIS F 291 15.41 -0.48 23.68
N ASN F 292 15.31 0.57 24.49
CA ASN F 292 15.76 0.55 25.87
C ASN F 292 14.55 0.52 26.81
N LEU F 293 14.83 0.24 28.08
CA LEU F 293 13.80 0.21 29.12
C LEU F 293 14.47 0.54 30.45
N PRO F 294 14.41 1.78 30.89
CA PRO F 294 14.95 2.13 32.22
C PRO F 294 14.09 1.51 33.31
N VAL F 295 14.71 0.71 34.17
CA VAL F 295 14.02 0.03 35.26
C VAL F 295 14.81 0.26 36.53
N LEU F 296 14.11 0.46 37.64
CA LEU F 296 14.75 0.65 38.93
C LEU F 296 15.69 -0.50 39.22
N ALA F 297 16.68 -0.28 40.08
CA ALA F 297 17.69 -1.31 40.33
C ALA F 297 17.04 -2.56 40.93
N LYS F 298 17.47 -3.72 40.42
CA LYS F 298 17.03 -5.01 40.95
C LYS F 298 15.51 -5.18 40.81
N MET F 299 14.96 -4.73 39.69
CA MET F 299 13.54 -4.90 39.41
C MET F 299 13.26 -5.78 38.20
N ALA F 300 14.14 -5.78 37.20
CA ALA F 300 13.97 -6.71 36.09
C ALA F 300 14.11 -8.15 36.57
N ALA F 301 15.07 -8.41 37.46
CA ALA F 301 15.24 -9.76 37.98
C ALA F 301 14.02 -10.21 38.76
N VAL F 302 13.42 -9.30 39.54
CA VAL F 302 12.20 -9.65 40.27
C VAL F 302 11.07 -9.96 39.31
N SER F 303 10.97 -9.19 38.22
CA SER F 303 9.95 -9.49 37.21
C SER F 303 10.17 -10.86 36.61
N LYS F 304 11.41 -11.21 36.30
CA LYS F 304 11.69 -12.56 35.79
C LYS F 304 11.28 -13.62 36.81
N ALA F 305 11.63 -13.41 38.08
CA ALA F 305 11.32 -14.40 39.10
C ALA F 305 9.81 -14.59 39.25
N CYS F 306 9.06 -13.49 39.22
CA CYS F 306 7.62 -13.55 39.45
C CYS F 306 6.84 -14.05 38.23
N GLY F 307 7.52 -14.42 37.15
CA GLY F 307 6.80 -14.98 36.01
C GLY F 307 5.87 -13.96 35.38
N ASN F 308 4.70 -14.43 34.95
CA ASN F 308 3.74 -13.60 34.23
C ASN F 308 3.05 -12.58 35.12
N MET F 309 3.39 -12.50 36.40
CA MET F 309 2.69 -11.58 37.30
C MET F 309 2.91 -10.13 36.89
N PHE F 310 4.13 -9.76 36.52
CA PHE F 310 4.49 -8.38 36.25
C PHE F 310 4.78 -8.14 34.77
N GLY F 311 5.73 -8.85 34.18
CA GLY F 311 6.03 -8.71 32.77
C GLY F 311 6.59 -7.35 32.37
N LEU F 312 7.62 -6.89 33.08
CA LEU F 312 8.27 -5.63 32.69
C LEU F 312 8.81 -5.69 31.28
N MET F 313 9.44 -6.81 30.91
CA MET F 313 10.14 -6.87 29.62
C MET F 313 9.19 -6.61 28.47
N HIS F 314 7.99 -7.19 28.51
CA HIS F 314 7.03 -7.01 27.44
C HIS F 314 6.39 -5.62 27.46
N GLY F 315 6.59 -4.85 28.53
CA GLY F 315 6.07 -3.50 28.59
C GLY F 315 4.62 -3.37 28.93
N THR F 316 3.99 -4.41 29.47
CA THR F 316 2.59 -4.38 29.86
C THR F 316 2.40 -4.14 31.35
N CYS F 317 3.45 -3.86 32.09
CA CYS F 317 3.32 -3.64 33.52
C CYS F 317 2.64 -2.30 33.79
N PRO F 318 1.65 -2.24 34.68
CA PRO F 318 1.02 -0.96 34.98
C PRO F 318 1.97 -0.04 35.73
N GLU F 319 1.75 1.26 35.57
CA GLU F 319 2.55 2.28 36.24
C GLU F 319 1.64 3.34 36.83
N THR F 320 2.12 3.99 37.89
CA THR F 320 1.39 5.06 38.56
C THR F 320 2.28 6.30 38.60
N SER F 321 1.72 7.43 38.19
CA SER F 321 2.46 8.69 38.15
C SER F 321 3.75 8.53 37.34
N GLY F 322 3.64 7.85 36.20
CA GLY F 322 4.80 7.64 35.36
C GLY F 322 5.18 8.88 34.59
N GLY F 323 6.31 8.80 33.91
CA GLY F 323 6.86 9.92 33.19
C GLY F 323 6.22 10.12 31.84
N LEU F 324 6.80 11.04 31.07
CA LEU F 324 6.33 11.38 29.75
C LEU F 324 7.07 10.59 28.70
N LEU F 325 6.40 10.32 27.58
CA LEU F 325 6.98 9.64 26.44
C LEU F 325 6.92 10.62 25.26
N ILE F 326 7.96 11.45 25.17
CA ILE F 326 7.98 12.55 24.20
C ILE F 326 8.50 12.03 22.87
N CYS F 327 8.31 12.80 21.80
CA CYS F 327 8.81 12.45 20.47
C CYS F 327 9.51 13.68 19.89
N LEU F 328 10.82 13.75 20.05
CA LEU F 328 11.62 14.88 19.62
C LEU F 328 12.59 14.47 18.52
N PRO F 329 13.06 15.40 17.71
CA PRO F 329 14.17 15.10 16.81
C PRO F 329 15.42 14.73 17.59
N ARG F 330 16.42 14.20 16.87
CA ARG F 330 17.58 13.64 17.55
C ARG F 330 18.34 14.70 18.35
N GLU F 331 18.69 15.82 17.70
CA GLU F 331 19.51 16.82 18.38
C GLU F 331 18.75 17.48 19.52
N GLN F 332 17.47 17.74 19.34
CA GLN F 332 16.67 18.32 20.42
C GLN F 332 16.60 17.35 21.60
N ALA F 333 16.38 16.07 21.32
CA ALA F 333 16.36 15.09 22.40
C ALA F 333 17.70 15.04 23.12
N ALA F 334 18.80 15.07 22.36
CA ALA F 334 20.12 15.05 22.99
C ALA F 334 20.29 16.25 23.91
N ARG F 335 19.83 17.42 23.46
CA ARG F 335 19.87 18.60 24.34
C ARG F 335 18.81 18.53 25.42
N PHE F 336 17.69 17.84 25.15
CA PHE F 336 16.62 17.73 26.14
C PHE F 336 17.12 17.11 27.43
N CYS F 337 17.77 15.94 27.33
CA CYS F 337 18.21 15.24 28.53
C CYS F 337 19.27 16.03 29.29
N ALA F 338 20.16 16.71 28.57
CA ALA F 338 21.20 17.48 29.24
C ALA F 338 20.61 18.60 30.07
N GLU F 339 19.61 19.29 29.54
CA GLU F 339 19.02 20.43 30.26
C GLU F 339 18.23 19.96 31.46
N ILE F 340 17.38 18.94 31.28
CA ILE F 340 16.57 18.44 32.39
C ILE F 340 17.46 17.80 33.46
N LYS F 341 18.55 17.15 33.04
CA LYS F 341 19.41 16.47 34.01
C LYS F 341 20.06 17.46 34.97
N SER F 342 20.55 18.58 34.46
CA SER F 342 21.26 19.58 35.26
C SER F 342 20.72 20.97 34.93
N PRO F 343 19.51 21.29 35.38
CA PRO F 343 18.95 22.62 35.13
C PRO F 343 19.26 23.59 36.25
N LYS F 344 19.39 24.86 35.85
CA LYS F 344 19.59 25.92 36.83
C LYS F 344 18.31 26.23 37.59
N TYR F 345 17.15 26.10 36.93
CA TYR F 345 15.89 26.50 37.54
C TYR F 345 15.60 25.67 38.79
N GLY F 346 15.64 24.35 38.68
CA GLY F 346 15.29 23.48 39.78
C GLY F 346 16.29 22.37 40.03
N GLU F 347 15.79 21.24 40.55
CA GLU F 347 16.65 20.12 40.86
C GLU F 347 16.83 19.22 39.63
N GLY F 348 17.94 18.51 39.59
CA GLY F 348 18.26 17.67 38.45
C GLY F 348 17.53 16.34 38.47
N HIS F 349 17.16 15.89 37.28
CA HIS F 349 16.49 14.61 37.12
C HIS F 349 16.77 14.08 35.73
N GLN F 350 17.03 12.77 35.65
CA GLN F 350 17.52 12.18 34.42
C GLN F 350 16.39 11.93 33.42
N ALA F 351 16.78 11.73 32.16
CA ALA F 351 15.85 11.34 31.11
C ALA F 351 16.62 10.49 30.10
N TRP F 352 15.95 9.47 29.57
CA TRP F 352 16.58 8.51 28.67
C TRP F 352 15.88 8.49 27.32
N ILE F 353 16.65 8.24 26.28
CA ILE F 353 16.11 8.00 24.95
C ILE F 353 15.93 6.50 24.78
N ILE F 354 14.70 6.07 24.48
CA ILE F 354 14.35 4.67 24.54
C ILE F 354 13.94 4.09 23.19
N GLY F 355 13.76 4.89 22.15
CA GLY F 355 13.28 4.34 20.91
C GLY F 355 13.55 5.24 19.73
N ILE F 356 13.07 4.81 18.57
CA ILE F 356 13.18 5.55 17.32
C ILE F 356 11.85 5.44 16.60
N VAL F 357 11.41 6.54 16.00
CA VAL F 357 10.12 6.58 15.31
C VAL F 357 10.33 6.08 13.89
N GLU F 358 9.86 4.87 13.61
CA GLU F 358 9.93 4.27 12.30
C GLU F 358 8.67 4.60 11.50
N LYS F 359 8.75 4.43 10.19
CA LYS F 359 7.69 4.82 9.27
C LYS F 359 6.88 3.62 8.80
N GLY F 360 5.57 3.84 8.64
CA GLY F 360 4.74 3.03 7.76
C GLY F 360 3.45 2.51 8.39
N ASN F 361 3.51 2.08 9.65
CA ASN F 361 2.47 1.17 10.15
C ASN F 361 1.50 1.78 11.15
N ARG F 362 1.87 2.86 11.85
CA ARG F 362 1.05 3.37 12.96
C ARG F 362 0.87 2.31 14.04
N THR F 363 1.97 1.65 14.40
CA THR F 363 1.96 0.64 15.44
C THR F 363 3.19 0.80 16.32
N ALA F 364 3.09 0.32 17.55
CA ALA F 364 4.19 0.36 18.50
C ALA F 364 4.64 -1.06 18.82
N ARG F 365 5.92 -1.22 19.11
CA ARG F 365 6.49 -2.53 19.36
C ARG F 365 7.77 -2.38 20.17
N ILE F 366 8.17 -3.49 20.79
CA ILE F 366 9.42 -3.57 21.54
C ILE F 366 10.27 -4.65 20.89
N ILE F 367 11.54 -4.34 20.63
CA ILE F 367 12.41 -5.31 20.00
C ILE F 367 12.44 -6.59 20.84
N ASP F 368 12.69 -7.72 20.18
CA ASP F 368 12.56 -9.01 20.84
C ASP F 368 13.46 -9.13 22.06
N LYS F 369 14.60 -8.43 22.06
CA LYS F 369 15.57 -8.50 23.16
C LYS F 369 15.94 -7.08 23.59
N PRO F 370 15.04 -6.38 24.26
CA PRO F 370 15.33 -5.00 24.65
C PRO F 370 16.44 -4.93 25.68
N ARG F 371 17.19 -3.84 25.62
CA ARG F 371 18.26 -3.61 26.58
C ARG F 371 17.71 -2.97 27.84
N ILE F 372 18.22 -3.41 28.99
CA ILE F 372 17.75 -2.95 30.29
C ILE F 372 18.80 -2.02 30.87
N ILE F 373 18.40 -0.80 31.18
CA ILE F 373 19.29 0.21 31.76
C ILE F 373 18.94 0.28 33.25
N GLU F 374 19.76 -0.38 34.06
CA GLU F 374 19.52 -0.42 35.51
C GLU F 374 19.79 0.97 36.07
N VAL F 375 18.71 1.70 36.39
CA VAL F 375 18.87 3.03 36.94
C VAL F 375 19.59 2.94 38.28
N ALA F 376 20.66 3.71 38.42
CA ALA F 376 21.42 3.69 39.65
C ALA F 376 20.56 4.17 40.81
N PRO F 377 20.79 3.66 42.01
CA PRO F 377 19.93 4.04 43.16
C PRO F 377 20.27 5.42 43.69
N GLN F 378 20.15 6.43 42.83
CA GLN F 378 20.42 7.82 43.18
C GLN F 378 21.79 7.95 43.86
N VAL F 379 22.81 7.45 43.15
CA VAL F 379 24.18 7.51 43.65
C VAL F 379 25.07 8.17 42.59
N MET G 1 -32.21 0.64 23.08
CA MET G 1 -32.72 0.23 24.41
C MET G 1 -33.41 1.40 25.12
N SER G 2 -33.26 2.61 24.56
CA SER G 2 -33.87 3.78 25.17
C SER G 2 -35.39 3.67 25.20
N THR G 3 -36.00 3.21 24.11
CA THR G 3 -37.45 3.13 24.05
C THR G 3 -38.00 2.07 25.02
N ARG G 4 -37.21 1.05 25.33
CA ARG G 4 -37.68 0.00 26.23
C ARG G 4 -38.11 0.59 27.56
N GLU G 5 -39.27 0.15 28.05
CA GLU G 5 -39.86 0.73 29.25
C GLU G 5 -39.27 0.17 30.53
N SER G 6 -38.52 -0.93 30.47
CA SER G 6 -37.97 -1.54 31.68
C SER G 6 -36.76 -2.38 31.30
N PHE G 7 -36.11 -2.91 32.33
CA PHE G 7 -34.95 -3.78 32.14
C PHE G 7 -35.40 -5.23 32.18
N ASN G 8 -35.03 -5.98 31.14
CA ASN G 8 -35.37 -7.40 31.02
C ASN G 8 -34.09 -8.21 31.02
N PRO G 9 -33.64 -8.72 32.16
CA PRO G 9 -32.39 -9.51 32.16
C PRO G 9 -32.44 -10.69 31.21
N GLU G 10 -33.60 -11.32 31.05
CA GLU G 10 -33.70 -12.44 30.13
C GLU G 10 -33.52 -12.01 28.69
N SER G 11 -33.79 -10.74 28.37
CA SER G 11 -33.64 -10.24 27.02
C SER G 11 -32.18 -9.96 26.65
N TYR G 12 -31.26 -10.02 27.61
CA TYR G 12 -29.84 -9.82 27.35
C TYR G 12 -29.04 -11.08 27.67
N GLU G 13 -29.67 -12.25 27.52
CA GLU G 13 -29.00 -13.54 27.73
C GLU G 13 -28.42 -13.62 29.14
N LEU G 14 -29.15 -13.10 30.12
CA LEU G 14 -28.73 -13.13 31.51
C LEU G 14 -29.80 -13.80 32.37
N ASP G 15 -29.34 -14.54 33.36
CA ASP G 15 -30.26 -15.17 34.30
C ASP G 15 -31.05 -14.12 35.06
N LYS G 16 -32.32 -14.43 35.35
CA LYS G 16 -33.17 -13.48 36.06
C LYS G 16 -32.63 -13.13 37.43
N SER G 17 -31.75 -13.96 37.99
CA SER G 17 -31.21 -13.70 39.32
C SER G 17 -30.29 -12.50 39.36
N PHE G 18 -29.87 -11.97 38.22
CA PHE G 18 -28.96 -10.83 38.20
C PHE G 18 -29.67 -9.56 38.61
N ARG G 19 -29.09 -8.83 39.55
CA ARG G 19 -29.59 -7.53 39.99
C ARG G 19 -28.43 -6.55 40.01
N LEU G 20 -28.61 -5.40 39.36
CA LEU G 20 -27.56 -4.40 39.30
C LEU G 20 -27.19 -3.89 40.69
N THR G 21 -28.19 -3.67 41.53
CA THR G 21 -27.95 -3.16 42.87
C THR G 21 -27.29 -4.19 43.78
N ARG G 22 -27.19 -5.44 43.33
CA ARG G 22 -26.60 -6.49 44.17
C ARG G 22 -25.15 -6.22 44.53
N PHE G 23 -24.48 -5.35 43.78
CA PHE G 23 -23.05 -5.16 43.93
C PHE G 23 -22.66 -4.13 44.99
N THR G 24 -23.63 -3.53 45.68
CA THR G 24 -23.36 -2.50 46.66
C THR G 24 -24.06 -2.83 47.97
N GLU G 25 -23.36 -2.60 49.08
CA GLU G 25 -23.92 -2.79 50.42
C GLU G 25 -24.75 -1.58 50.76
N LEU G 26 -26.01 -1.58 50.34
CA LEU G 26 -26.89 -0.44 50.54
C LEU G 26 -27.25 -0.33 52.02
N LYS G 27 -26.74 0.71 52.68
CA LYS G 27 -27.06 1.01 54.05
C LYS G 27 -28.09 2.14 54.11
N GLY G 28 -28.81 2.20 55.23
CA GLY G 28 -29.83 3.23 55.38
C GLY G 28 -29.26 4.62 55.23
N THR G 29 -28.06 4.85 55.77
CA THR G 29 -27.39 6.13 55.58
C THR G 29 -27.04 6.38 54.13
N GLY G 30 -27.05 5.35 53.29
CA GLY G 30 -26.77 5.52 51.87
C GLY G 30 -25.30 5.39 51.59
N CYS G 31 -24.74 6.37 50.87
CA CYS G 31 -23.33 6.32 50.51
C CYS G 31 -22.44 6.43 51.75
N LYS G 32 -22.70 7.43 52.60
CA LYS G 32 -21.84 7.75 53.73
C LYS G 32 -22.60 7.50 55.03
N VAL G 33 -22.03 6.65 55.89
CA VAL G 33 -22.59 6.40 57.21
C VAL G 33 -22.53 7.68 58.04
N PRO G 34 -21.38 8.36 58.10
CA PRO G 34 -21.31 9.61 58.87
C PRO G 34 -21.53 10.83 58.01
N GLN G 35 -22.13 11.85 58.63
CA GLN G 35 -22.25 13.17 58.03
C GLN G 35 -21.39 14.21 58.71
N ASP G 36 -21.22 14.14 60.02
CA ASP G 36 -20.33 15.07 60.72
C ASP G 36 -18.89 14.90 60.27
N VAL G 37 -18.41 13.65 60.17
CA VAL G 37 -17.04 13.42 59.75
C VAL G 37 -16.87 13.75 58.28
N LEU G 38 -17.81 13.31 57.43
CA LEU G 38 -17.73 13.60 56.00
C LEU G 38 -17.80 15.11 55.75
N GLN G 39 -18.70 15.80 56.45
CA GLN G 39 -18.77 17.24 56.31
C GLN G 39 -17.47 17.90 56.74
N LYS G 40 -16.89 17.43 57.85
CA LYS G 40 -15.64 18.01 58.32
C LYS G 40 -14.52 17.79 57.30
N LEU G 41 -14.47 16.60 56.70
CA LEU G 41 -13.44 16.31 55.70
C LEU G 41 -13.63 17.19 54.46
N LEU G 42 -14.87 17.33 54.01
CA LEU G 42 -15.12 18.18 52.84
C LEU G 42 -14.74 19.63 53.13
N GLU G 43 -15.06 20.13 54.33
CA GLU G 43 -14.66 21.47 54.70
C GLU G 43 -13.14 21.59 54.75
N SER G 44 -12.47 20.53 55.22
CA SER G 44 -11.02 20.54 55.26
C SER G 44 -10.43 20.64 53.86
N LEU G 45 -10.98 19.90 52.91
CA LEU G 45 -10.43 19.92 51.55
C LEU G 45 -10.89 21.14 50.75
N GLN G 46 -11.91 21.86 51.22
CA GLN G 46 -12.36 23.09 50.58
C GLN G 46 -11.83 24.34 51.28
N GLU G 47 -10.91 24.18 52.23
CA GLU G 47 -10.38 25.30 53.01
C GLU G 47 -8.89 25.48 52.69
N ASN G 48 -8.49 26.71 52.40
CA ASN G 48 -7.10 27.04 52.11
C ASN G 48 -6.81 28.42 52.69
N HIS G 49 -5.84 28.48 53.61
CA HIS G 49 -5.55 29.74 54.28
C HIS G 49 -5.02 30.78 53.28
N PHE G 50 -4.15 30.37 52.36
CA PHE G 50 -3.63 31.31 51.37
C PHE G 50 -4.72 31.87 50.48
N GLN G 51 -5.89 31.22 50.45
CA GLN G 51 -6.97 31.68 49.58
C GLN G 51 -7.55 33.00 50.05
N GLU G 52 -7.56 33.24 51.37
CA GLU G 52 -8.20 34.45 51.89
C GLU G 52 -7.53 35.70 51.37
N ASP G 53 -6.20 35.79 51.52
CA ASP G 53 -5.42 36.92 51.02
C ASP G 53 -6.04 38.25 51.46
N GLU G 54 -6.32 38.36 52.76
CA GLU G 54 -6.89 39.57 53.35
C GLU G 54 -8.01 40.14 52.50
N GLN G 55 -8.79 39.27 51.85
CA GLN G 55 -9.89 39.67 50.98
C GLN G 55 -9.45 40.56 49.84
N PHE G 56 -8.15 40.54 49.51
CA PHE G 56 -7.59 41.42 48.48
C PHE G 56 -7.94 42.88 48.77
N LEU G 57 -7.95 43.24 50.04
CA LEU G 57 -8.26 44.60 50.46
C LEU G 57 -9.58 45.07 49.87
N GLY G 58 -10.57 44.17 49.87
CA GLY G 58 -11.87 44.50 49.33
C GLY G 58 -12.83 43.35 49.52
N ALA G 59 -13.97 43.44 48.83
CA ALA G 59 -15.02 42.43 48.92
C ALA G 59 -14.84 41.45 47.77
N VAL G 60 -13.90 40.51 47.96
CA VAL G 60 -13.67 39.48 46.96
C VAL G 60 -14.75 38.42 47.07
N MET G 61 -15.31 38.04 45.92
CA MET G 61 -16.29 36.96 45.91
C MET G 61 -15.61 35.65 46.27
N PRO G 62 -16.31 34.75 46.97
CA PRO G 62 -15.67 33.50 47.37
C PRO G 62 -15.20 32.71 46.16
N ARG G 63 -14.02 32.10 46.29
CA ARG G 63 -13.50 31.23 45.24
C ARG G 63 -14.09 29.83 45.32
N LEU G 64 -14.77 29.49 46.40
CA LEU G 64 -15.45 28.22 46.54
C LEU G 64 -16.87 28.24 45.99
N GLY G 65 -17.22 29.26 45.22
CA GLY G 65 -18.55 29.33 44.64
C GLY G 65 -19.61 29.39 45.73
N ILE G 66 -20.50 28.40 45.74
CA ILE G 66 -21.49 28.31 46.81
C ILE G 66 -20.81 28.27 48.17
N GLY G 67 -19.54 27.90 48.21
CA GLY G 67 -18.81 27.74 49.46
C GLY G 67 -18.67 26.28 49.80
N MET G 68 -19.77 25.54 49.61
CA MET G 68 -19.78 24.09 49.82
C MET G 68 -19.83 23.31 48.52
N ASP G 69 -20.31 23.91 47.43
CA ASP G 69 -20.47 23.20 46.16
C ASP G 69 -20.29 24.17 45.00
N THR G 70 -20.00 23.60 43.83
CA THR G 70 -19.94 24.34 42.57
C THR G 70 -19.05 25.57 42.70
N CYS G 71 -17.77 25.30 42.92
CA CYS G 71 -16.79 26.37 43.11
C CYS G 71 -16.65 27.20 41.84
N VAL G 72 -16.51 28.52 42.03
CA VAL G 72 -16.28 29.46 40.93
C VAL G 72 -14.85 29.97 41.06
N ILE G 73 -14.09 29.87 39.98
CA ILE G 73 -12.67 30.19 39.97
C ILE G 73 -12.43 31.28 38.93
N PRO G 74 -12.00 32.48 39.33
CA PRO G 74 -11.70 33.51 38.33
C PRO G 74 -10.57 33.06 37.41
N LEU G 75 -10.67 33.46 36.15
CA LEU G 75 -9.67 33.14 35.14
C LEU G 75 -8.87 34.37 34.77
N ARG G 76 -7.76 34.12 34.07
CA ARG G 76 -6.90 35.21 33.64
C ARG G 76 -7.46 35.94 32.42
N HIS G 77 -8.28 35.27 31.60
CA HIS G 77 -8.70 35.79 30.31
C HIS G 77 -10.12 36.34 30.40
N GLY G 78 -10.27 37.64 30.20
CA GLY G 78 -11.58 38.23 29.99
C GLY G 78 -12.49 38.26 31.19
N GLY G 79 -11.96 38.07 32.39
CA GLY G 79 -12.80 38.07 33.57
C GLY G 79 -13.75 36.90 33.66
N LEU G 80 -13.51 35.83 32.90
CA LEU G 80 -14.36 34.66 32.95
C LEU G 80 -14.18 33.93 34.26
N SER G 81 -15.17 33.11 34.61
CA SER G 81 -15.15 32.31 35.82
C SER G 81 -15.36 30.86 35.45
N LEU G 82 -14.51 29.97 35.97
CA LEU G 82 -14.63 28.55 35.70
C LEU G 82 -15.46 27.91 36.81
N VAL G 83 -16.61 27.37 36.45
CA VAL G 83 -17.54 26.76 37.39
C VAL G 83 -17.65 25.28 37.06
N GLN G 84 -17.32 24.42 38.02
CA GLN G 84 -17.35 22.99 37.78
C GLN G 84 -17.75 22.26 39.05
N THR G 85 -18.32 21.07 38.87
CA THR G 85 -18.84 20.26 39.97
C THR G 85 -18.44 18.81 39.75
N THR G 86 -18.37 18.06 40.84
CA THR G 86 -18.07 16.64 40.80
C THR G 86 -18.95 15.91 41.79
N ASP G 87 -19.43 14.73 41.41
CA ASP G 87 -20.27 13.93 42.29
C ASP G 87 -20.30 12.49 41.77
N TYR G 88 -19.99 11.55 42.66
CA TYR G 88 -19.97 10.13 42.34
C TYR G 88 -20.96 9.40 43.22
N ILE G 89 -21.63 8.39 42.66
CA ILE G 89 -22.61 7.59 43.37
C ILE G 89 -22.51 6.14 42.91
N TYR G 90 -23.17 5.27 43.65
CA TYR G 90 -23.25 3.85 43.33
C TYR G 90 -24.63 3.50 42.82
N PRO G 91 -24.77 2.40 42.09
CA PRO G 91 -26.10 2.03 41.58
C PRO G 91 -27.08 1.81 42.72
N ILE G 92 -28.30 2.31 42.52
CA ILE G 92 -29.39 2.13 43.46
C ILE G 92 -30.64 1.66 42.73
N VAL G 93 -30.62 1.75 41.40
CA VAL G 93 -31.74 1.37 40.55
C VAL G 93 -31.32 0.17 39.70
N ASP G 94 -32.22 -0.80 39.57
CA ASP G 94 -31.91 -2.01 38.82
C ASP G 94 -31.66 -1.72 37.35
N ASP G 95 -32.44 -0.82 36.76
CA ASP G 95 -32.31 -0.54 35.34
C ASP G 95 -30.94 0.03 35.02
N PRO G 96 -30.17 -0.55 34.10
CA PRO G 96 -28.86 0.02 33.76
C PRO G 96 -28.96 1.36 33.06
N TYR G 97 -29.78 1.43 32.00
CA TYR G 97 -29.85 2.66 31.22
C TYR G 97 -30.33 3.82 32.07
N MET G 98 -31.36 3.60 32.89
CA MET G 98 -31.87 4.68 33.75
C MET G 98 -30.85 5.04 34.82
N MET G 99 -29.97 4.12 35.18
CA MET G 99 -28.93 4.43 36.15
C MET G 99 -27.95 5.46 35.59
N GLY G 100 -27.58 5.32 34.31
CA GLY G 100 -26.69 6.29 33.71
C GLY G 100 -27.30 7.68 33.69
N ARG G 101 -28.58 7.78 33.33
CA ARG G 101 -29.25 9.07 33.34
C ARG G 101 -29.26 9.67 34.73
N ILE G 102 -29.50 8.84 35.76
CA ILE G 102 -29.49 9.35 37.12
C ILE G 102 -28.11 9.86 37.49
N ALA G 103 -27.07 9.12 37.12
CA ALA G 103 -25.71 9.56 37.42
C ALA G 103 -25.39 10.88 36.74
N CYS G 104 -25.79 11.03 35.48
CA CYS G 104 -25.56 12.29 34.79
C CYS G 104 -26.32 13.43 35.45
N ALA G 105 -27.58 13.18 35.84
CA ALA G 105 -28.37 14.23 36.47
C ALA G 105 -27.78 14.64 37.81
N ASN G 106 -27.18 13.69 38.53
CA ASN G 106 -26.57 14.04 39.82
C ASN G 106 -25.41 15.01 39.64
N VAL G 107 -24.56 14.77 38.64
CA VAL G 107 -23.39 15.62 38.44
C VAL G 107 -23.82 17.05 38.10
N LEU G 108 -24.80 17.18 37.21
CA LEU G 108 -25.24 18.50 36.77
C LEU G 108 -26.12 19.20 37.79
N SER G 109 -26.64 18.48 38.78
CA SER G 109 -27.52 19.10 39.76
C SER G 109 -26.79 20.21 40.51
N ASP G 110 -25.55 19.96 40.92
CA ASP G 110 -24.77 20.99 41.58
C ASP G 110 -24.57 22.19 40.67
N LEU G 111 -24.31 21.94 39.38
CA LEU G 111 -24.07 23.02 38.43
C LEU G 111 -25.32 23.90 38.28
N TYR G 112 -26.49 23.27 38.16
CA TYR G 112 -27.72 24.05 37.99
C TYR G 112 -28.09 24.82 39.25
N ALA G 113 -27.54 24.45 40.41
CA ALA G 113 -27.85 25.17 41.64
C ALA G 113 -27.20 26.54 41.68
N MET G 114 -26.19 26.79 40.85
CA MET G 114 -25.53 28.08 40.77
C MET G 114 -26.13 28.97 39.70
N GLY G 115 -27.20 28.52 39.04
CA GLY G 115 -27.82 29.26 37.98
C GLY G 115 -27.32 28.91 36.59
N VAL G 116 -26.21 28.17 36.49
CA VAL G 116 -25.66 27.82 35.18
C VAL G 116 -26.63 26.89 34.47
N THR G 117 -26.97 27.23 33.23
CA THR G 117 -27.90 26.44 32.43
C THR G 117 -27.20 25.56 31.39
N GLU G 118 -26.13 26.06 30.79
CA GLU G 118 -25.44 25.37 29.72
C GLU G 118 -24.05 24.95 30.19
N CYS G 119 -23.62 23.76 29.75
CA CYS G 119 -22.34 23.19 30.16
C CYS G 119 -21.47 22.94 28.94
N ASP G 120 -20.15 23.00 29.13
CA ASP G 120 -19.21 22.84 28.04
C ASP G 120 -18.79 21.38 27.85
N ASN G 121 -18.21 20.78 28.88
CA ASN G 121 -17.71 19.42 28.81
C ASN G 121 -18.15 18.66 30.04
N MET G 122 -18.08 17.33 29.96
CA MET G 122 -18.51 16.48 31.08
C MET G 122 -17.76 15.16 30.98
N LEU G 123 -16.74 15.01 31.82
CA LEU G 123 -16.06 13.72 31.94
C LEU G 123 -16.94 12.76 32.75
N MET G 124 -16.52 11.50 32.80
CA MET G 124 -17.25 10.50 33.54
C MET G 124 -16.29 9.47 34.12
N LEU G 125 -16.75 8.81 35.18
CA LEU G 125 -16.00 7.75 35.84
C LEU G 125 -16.86 6.49 35.80
N LEU G 126 -16.31 5.43 35.22
CA LEU G 126 -17.00 4.14 35.10
C LEU G 126 -16.29 3.14 35.99
N GLY G 127 -16.87 2.87 37.16
CA GLY G 127 -16.33 1.86 38.05
C GLY G 127 -16.93 0.50 37.76
N VAL G 128 -16.16 -0.39 37.14
CA VAL G 128 -16.63 -1.72 36.79
C VAL G 128 -16.22 -2.67 37.91
N SER G 129 -17.20 -3.37 38.47
CA SER G 129 -16.94 -4.23 39.61
C SER G 129 -16.12 -5.44 39.19
N ASN G 130 -15.20 -5.85 40.07
CA ASN G 130 -14.42 -7.06 39.83
C ASN G 130 -15.25 -8.31 40.07
N LYS G 131 -16.31 -8.22 40.88
CA LYS G 131 -17.20 -9.36 41.08
C LYS G 131 -18.09 -9.64 39.88
N MET G 132 -18.30 -8.63 39.03
CA MET G 132 -19.16 -8.81 37.87
C MET G 132 -18.63 -9.91 36.97
N THR G 133 -19.54 -10.71 36.43
CA THR G 133 -19.15 -11.75 35.48
C THR G 133 -18.72 -11.13 34.15
N ASP G 134 -17.76 -11.78 33.49
CA ASP G 134 -17.23 -11.24 32.25
C ASP G 134 -18.32 -11.08 31.20
N ARG G 135 -19.21 -12.08 31.08
CA ARG G 135 -20.25 -12.00 30.07
C ARG G 135 -21.20 -10.83 30.34
N GLU G 136 -21.56 -10.61 31.61
CA GLU G 136 -22.46 -9.51 31.95
C GLU G 136 -21.83 -8.16 31.63
N ARG G 137 -20.54 -8.00 31.96
CA ARG G 137 -19.91 -6.69 31.82
C ARG G 137 -19.96 -6.21 30.38
N ASP G 138 -19.68 -7.10 29.42
CA ASP G 138 -19.69 -6.71 28.02
C ASP G 138 -21.06 -6.31 27.53
N LYS G 139 -22.12 -6.60 28.28
CA LYS G 139 -23.48 -6.26 27.89
C LYS G 139 -24.15 -5.25 28.81
N VAL G 140 -23.74 -5.18 30.08
CA VAL G 140 -24.37 -4.27 31.02
C VAL G 140 -23.72 -2.89 30.99
N MET G 141 -22.39 -2.85 31.02
CA MET G 141 -21.71 -1.55 31.02
C MET G 141 -22.09 -0.69 29.83
N PRO G 142 -22.16 -1.20 28.60
CA PRO G 142 -22.56 -0.32 27.48
C PRO G 142 -23.90 0.34 27.69
N LEU G 143 -24.82 -0.31 28.42
CA LEU G 143 -26.10 0.33 28.72
C LEU G 143 -25.90 1.57 29.57
N ILE G 144 -25.01 1.50 30.56
CA ILE G 144 -24.75 2.66 31.42
C ILE G 144 -24.10 3.78 30.62
N ILE G 145 -23.12 3.44 29.78
CA ILE G 145 -22.43 4.46 28.99
C ILE G 145 -23.41 5.15 28.04
N GLN G 146 -24.24 4.35 27.36
CA GLN G 146 -25.19 4.92 26.42
C GLN G 146 -26.19 5.83 27.13
N GLY G 147 -26.69 5.38 28.28
CA GLY G 147 -27.61 6.22 29.03
C GLY G 147 -26.97 7.51 29.49
N PHE G 148 -25.71 7.43 29.95
CA PHE G 148 -25.02 8.63 30.40
C PHE G 148 -24.83 9.61 29.25
N LYS G 149 -24.45 9.10 28.07
CA LYS G 149 -24.29 9.96 26.91
C LYS G 149 -25.62 10.57 26.49
N ASP G 150 -26.71 9.79 26.57
CA ASP G 150 -28.01 10.34 26.24
C ASP G 150 -28.41 11.45 27.19
N ALA G 151 -28.12 11.28 28.49
CA ALA G 151 -28.41 12.33 29.45
C ALA G 151 -27.57 13.58 29.15
N ALA G 152 -26.31 13.38 28.79
CA ALA G 152 -25.47 14.52 28.41
C ALA G 152 -26.05 15.25 27.21
N GLU G 153 -26.52 14.49 26.22
CA GLU G 153 -27.20 15.10 25.08
C GLU G 153 -28.40 15.91 25.52
N GLU G 154 -29.22 15.34 26.40
CA GLU G 154 -30.33 16.10 26.96
C GLU G 154 -29.87 17.37 27.63
N ALA G 155 -28.67 17.37 28.21
CA ALA G 155 -28.13 18.53 28.89
C ALA G 155 -27.40 19.48 27.96
N GLY G 156 -27.44 19.23 26.65
CA GLY G 156 -26.70 20.08 25.73
C GLY G 156 -25.21 20.02 25.94
N THR G 157 -24.68 18.83 26.19
CA THR G 157 -23.27 18.63 26.45
C THR G 157 -22.84 17.29 25.88
N SER G 158 -21.54 17.15 25.64
CA SER G 158 -20.97 15.94 25.07
C SER G 158 -19.95 15.36 26.03
N VAL G 159 -19.98 14.05 26.20
CA VAL G 159 -18.99 13.34 27.00
C VAL G 159 -17.78 13.06 26.12
N THR G 160 -16.64 13.64 26.48
CA THR G 160 -15.44 13.58 25.64
C THR G 160 -14.24 13.13 26.46
N GLY G 161 -14.46 12.23 27.42
CA GLY G 161 -13.37 11.73 28.22
C GLY G 161 -13.90 10.94 29.39
N GLY G 162 -12.99 10.59 30.28
CA GLY G 162 -13.34 9.87 31.48
C GLY G 162 -12.22 8.94 31.90
N GLN G 163 -12.57 8.00 32.78
CA GLN G 163 -11.62 7.04 33.32
C GLN G 163 -12.38 5.81 33.78
N THR G 164 -11.72 4.66 33.69
CA THR G 164 -12.29 3.39 34.10
C THR G 164 -11.40 2.79 35.19
N VAL G 165 -12.02 2.32 36.27
CA VAL G 165 -11.31 1.73 37.40
C VAL G 165 -12.04 0.49 37.87
N LEU G 166 -11.30 -0.35 38.60
CA LEU G 166 -11.87 -1.53 39.23
C LEU G 166 -12.19 -1.21 40.68
N ASN G 167 -13.35 -1.67 41.13
CA ASN G 167 -13.84 -1.29 42.44
C ASN G 167 -14.92 -2.28 42.88
N PRO G 168 -14.82 -2.87 44.07
CA PRO G 168 -15.84 -3.85 44.49
C PRO G 168 -17.27 -3.39 44.21
N TRP G 169 -17.55 -2.10 44.36
CA TRP G 169 -18.85 -1.53 44.06
C TRP G 169 -18.75 -0.69 42.80
N ILE G 170 -19.73 -0.86 41.90
CA ILE G 170 -19.79 0.00 40.72
C ILE G 170 -19.85 1.45 41.16
N VAL G 171 -18.95 2.27 40.61
CA VAL G 171 -18.89 3.69 40.92
C VAL G 171 -19.16 4.46 39.64
N LEU G 172 -20.17 5.33 39.69
CA LEU G 172 -20.56 6.15 38.56
C LEU G 172 -20.54 7.61 38.95
N GLY G 173 -20.07 8.46 38.06
CA GLY G 173 -20.00 9.88 38.33
C GLY G 173 -19.28 10.59 37.22
N GLY G 174 -19.08 11.89 37.43
CA GLY G 174 -18.39 12.70 36.44
C GLY G 174 -18.23 14.11 36.94
N VAL G 175 -17.54 14.91 36.13
CA VAL G 175 -17.28 16.31 36.42
C VAL G 175 -17.78 17.14 35.25
N ALA G 176 -18.59 18.15 35.55
CA ALA G 176 -19.13 19.06 34.55
C ALA G 176 -18.51 20.43 34.75
N THR G 177 -18.01 21.02 33.65
CA THR G 177 -17.32 22.30 33.69
C THR G 177 -18.04 23.30 32.79
N THR G 178 -18.17 24.53 33.28
CA THR G 178 -18.74 25.62 32.49
C THR G 178 -17.91 26.87 32.70
N VAL G 179 -17.49 27.49 31.61
CA VAL G 179 -16.76 28.75 31.63
C VAL G 179 -17.74 29.83 31.20
N CYS G 180 -18.15 30.69 32.14
CA CYS G 180 -19.25 31.61 31.91
C CYS G 180 -18.88 32.98 32.43
N GLN G 181 -19.56 33.98 31.87
CA GLN G 181 -19.39 35.37 32.27
C GLN G 181 -20.05 35.63 33.62
N PRO G 182 -19.71 36.74 34.27
CA PRO G 182 -20.29 37.01 35.60
C PRO G 182 -21.80 37.15 35.60
N ASN G 183 -22.41 37.44 34.44
CA ASN G 183 -23.86 37.62 34.35
C ASN G 183 -24.56 36.35 33.88
N GLU G 184 -24.03 35.19 34.23
CA GLU G 184 -24.62 33.92 33.84
C GLU G 184 -24.82 32.94 35.00
N PHE G 185 -24.30 33.24 36.19
CA PHE G 185 -24.50 32.41 37.36
C PHE G 185 -24.94 33.28 38.52
N ILE G 186 -25.46 32.63 39.56
CA ILE G 186 -26.01 33.30 40.74
C ILE G 186 -25.23 32.85 41.96
N MET G 187 -24.63 33.80 42.66
CA MET G 187 -23.95 33.48 43.91
C MET G 187 -24.99 33.38 45.02
N PRO G 188 -25.10 32.25 45.72
CA PRO G 188 -26.18 32.09 46.72
C PRO G 188 -25.81 32.68 48.07
N ASP G 189 -25.78 34.01 48.14
CA ASP G 189 -25.51 34.69 49.41
C ASP G 189 -26.37 35.93 49.59
N ASN G 190 -27.37 36.17 48.73
CA ASN G 190 -28.18 37.38 48.79
C ASN G 190 -29.52 37.17 49.46
N ALA G 191 -29.72 36.02 50.13
CA ALA G 191 -30.99 35.76 50.78
C ALA G 191 -31.28 36.83 51.83
N VAL G 192 -32.54 37.27 51.87
CA VAL G 192 -32.96 38.31 52.80
C VAL G 192 -34.23 37.84 53.50
N PRO G 193 -34.49 38.36 54.70
CA PRO G 193 -35.70 37.96 55.42
C PRO G 193 -36.96 38.27 54.62
N GLY G 194 -37.95 37.39 54.76
CA GLY G 194 -39.21 37.56 54.05
C GLY G 194 -39.21 36.87 52.70
N ASP G 195 -38.61 35.68 52.64
CA ASP G 195 -38.54 34.90 51.41
C ASP G 195 -39.02 33.48 51.71
N VAL G 196 -39.20 32.72 50.64
CA VAL G 196 -39.76 31.37 50.72
C VAL G 196 -38.85 30.41 49.96
N LEU G 197 -38.66 29.21 50.51
CA LEU G 197 -37.84 28.19 49.90
C LEU G 197 -38.72 27.29 49.04
N VAL G 198 -38.27 26.98 47.84
CA VAL G 198 -39.03 26.20 46.88
C VAL G 198 -38.24 24.94 46.54
N LEU G 199 -38.85 23.78 46.76
CA LEU G 199 -38.27 22.50 46.42
C LEU G 199 -38.95 21.98 45.16
N THR G 200 -38.15 21.68 44.13
CA THR G 200 -38.68 21.39 42.80
C THR G 200 -38.93 19.91 42.54
N LYS G 201 -38.59 19.04 43.49
CA LYS G 201 -38.80 17.61 43.32
C LYS G 201 -39.31 17.02 44.63
N PRO G 202 -40.03 15.91 44.56
CA PRO G 202 -40.55 15.30 45.79
C PRO G 202 -39.44 14.65 46.60
N LEU G 203 -39.52 14.80 47.91
CA LEU G 203 -38.54 14.23 48.81
C LEU G 203 -38.87 12.78 49.12
N GLY G 204 -37.83 11.97 49.30
CA GLY G 204 -38.00 10.59 49.73
C GLY G 204 -37.86 9.55 48.64
N THR G 205 -36.86 9.70 47.77
CA THR G 205 -36.56 8.66 46.80
C THR G 205 -35.78 7.50 47.42
N GLN G 206 -34.92 7.79 48.39
CA GLN G 206 -34.11 6.74 49.01
C GLN G 206 -34.99 5.72 49.71
N VAL G 207 -36.04 6.17 50.40
CA VAL G 207 -36.94 5.26 51.09
C VAL G 207 -37.54 4.27 50.08
N ALA G 208 -38.07 4.79 48.98
CA ALA G 208 -38.69 3.93 47.99
C ALA G 208 -37.69 2.94 47.41
N VAL G 209 -36.49 3.42 47.08
CA VAL G 209 -35.50 2.55 46.45
C VAL G 209 -35.09 1.44 47.42
N ALA G 210 -34.81 1.80 48.67
CA ALA G 210 -34.37 0.80 49.65
C ALA G 210 -35.46 -0.23 49.90
N VAL G 211 -36.71 0.21 50.05
CA VAL G 211 -37.78 -0.75 50.32
C VAL G 211 -38.01 -1.63 49.10
N HIS G 212 -37.89 -1.06 47.90
CA HIS G 212 -38.02 -1.90 46.70
C HIS G 212 -36.92 -2.95 46.64
N GLN G 213 -35.71 -2.59 47.07
CA GLN G 213 -34.66 -3.59 47.15
C GLN G 213 -35.01 -4.67 48.18
N TRP G 214 -35.57 -4.28 49.32
CA TRP G 214 -36.03 -5.27 50.29
C TRP G 214 -37.19 -6.11 49.77
N LEU G 215 -37.83 -5.71 48.68
CA LEU G 215 -39.03 -6.39 48.21
C LEU G 215 -38.79 -7.89 48.05
N ASP G 216 -37.65 -8.27 47.48
CA ASP G 216 -37.42 -9.68 47.17
C ASP G 216 -37.31 -10.52 48.43
N ILE G 217 -36.45 -10.11 49.37
CA ILE G 217 -36.19 -10.92 50.56
C ILE G 217 -37.38 -10.81 51.51
N PRO G 218 -37.90 -11.93 52.02
CA PRO G 218 -39.07 -11.86 52.91
C PRO G 218 -38.75 -11.61 54.38
N GLU G 219 -37.47 -11.70 54.79
CA GLU G 219 -37.15 -11.52 56.19
C GLU G 219 -37.54 -10.12 56.67
N LYS G 220 -37.23 -9.10 55.89
CA LYS G 220 -37.54 -7.73 56.26
C LYS G 220 -38.88 -7.27 55.69
N TRP G 221 -39.27 -7.80 54.53
CA TRP G 221 -40.51 -7.37 53.89
C TRP G 221 -41.74 -7.66 54.73
N ASN G 222 -41.65 -8.61 55.67
CA ASN G 222 -42.83 -9.00 56.44
C ASN G 222 -43.38 -7.83 57.24
N LYS G 223 -42.50 -7.08 57.91
CA LYS G 223 -42.95 -5.98 58.75
C LYS G 223 -43.38 -4.76 57.91
N ILE G 224 -42.73 -4.53 56.78
CA ILE G 224 -43.09 -3.39 55.95
C ILE G 224 -44.49 -3.57 55.36
N LYS G 225 -44.89 -4.81 55.10
CA LYS G 225 -46.22 -5.05 54.54
C LYS G 225 -47.31 -4.52 55.46
N LEU G 226 -47.07 -4.52 56.77
CA LEU G 226 -48.09 -4.06 57.71
C LEU G 226 -48.39 -2.58 57.52
N VAL G 227 -47.36 -1.76 57.30
CA VAL G 227 -47.56 -0.32 57.25
C VAL G 227 -48.05 0.12 55.86
N VAL G 228 -47.55 -0.51 54.81
CA VAL G 228 -47.91 -0.15 53.45
C VAL G 228 -48.15 -1.42 52.65
N THR G 229 -48.97 -1.31 51.60
CA THR G 229 -49.18 -2.41 50.69
C THR G 229 -48.00 -2.55 49.74
N GLN G 230 -47.84 -3.76 49.20
CA GLN G 230 -46.74 -4.01 48.28
C GLN G 230 -46.88 -3.20 47.00
N GLU G 231 -48.10 -3.10 46.47
CA GLU G 231 -48.28 -2.47 45.16
C GLU G 231 -47.91 -1.00 45.19
N ASP G 232 -47.83 -0.38 46.36
CA ASP G 232 -47.38 1.00 46.43
C ASP G 232 -45.92 1.14 46.01
N VAL G 233 -45.09 0.16 46.34
CA VAL G 233 -43.67 0.24 46.02
C VAL G 233 -43.45 0.30 44.51
N GLU G 234 -44.18 -0.53 43.77
CA GLU G 234 -43.94 -0.61 42.33
C GLU G 234 -44.11 0.74 41.65
N LEU G 235 -45.20 1.45 41.99
CA LEU G 235 -45.42 2.77 41.42
C LEU G 235 -44.52 3.81 42.07
N ALA G 236 -44.31 3.71 43.38
CA ALA G 236 -43.40 4.63 44.06
C ALA G 236 -41.98 4.45 43.56
N TYR G 237 -41.56 3.20 43.34
CA TYR G 237 -40.23 2.95 42.79
C TYR G 237 -40.08 3.58 41.42
N GLN G 238 -41.10 3.43 40.57
CA GLN G 238 -41.03 4.02 39.23
C GLN G 238 -40.99 5.54 39.30
N GLU G 239 -41.78 6.14 40.19
CA GLU G 239 -41.75 7.59 40.32
C GLU G 239 -40.38 8.07 40.80
N ALA G 240 -39.82 7.40 41.80
CA ALA G 240 -38.49 7.77 42.27
C ALA G 240 -37.46 7.61 41.16
N MET G 241 -37.54 6.54 40.38
CA MET G 241 -36.63 6.34 39.26
C MET G 241 -36.75 7.50 38.26
N MET G 242 -37.98 7.90 37.96
CA MET G 242 -38.17 8.94 36.94
C MET G 242 -37.82 10.33 37.48
N ASN G 243 -38.14 10.59 38.76
CA ASN G 243 -37.78 11.87 39.34
C ASN G 243 -36.28 12.05 39.51
N MET G 244 -35.51 10.96 39.45
CA MET G 244 -34.07 11.03 39.53
C MET G 244 -33.40 11.08 38.15
N ALA G 245 -34.18 11.14 37.08
CA ALA G 245 -33.64 11.18 35.73
C ALA G 245 -34.04 12.42 34.95
N ARG G 246 -34.75 13.36 35.56
CA ARG G 246 -35.14 14.60 34.92
C ARG G 246 -34.26 15.74 35.43
N LEU G 247 -33.61 16.44 34.51
CA LEU G 247 -32.67 17.48 34.88
C LEU G 247 -33.40 18.71 35.41
N ASN G 248 -32.70 19.47 36.27
CA ASN G 248 -33.21 20.73 36.78
C ASN G 248 -32.94 21.89 35.83
N ARG G 249 -32.63 21.60 34.56
CA ARG G 249 -32.27 22.65 33.63
C ARG G 249 -33.38 23.69 33.50
N THR G 250 -34.63 23.23 33.38
CA THR G 250 -35.74 24.18 33.29
C THR G 250 -35.82 25.03 34.55
N ALA G 251 -35.68 24.41 35.72
CA ALA G 251 -35.70 25.18 36.96
C ALA G 251 -34.56 26.19 37.02
N ALA G 252 -33.40 25.84 36.46
CA ALA G 252 -32.29 26.77 36.45
C ALA G 252 -32.62 28.03 35.67
N GLY G 253 -33.24 27.87 34.50
CA GLY G 253 -33.59 29.03 33.70
C GLY G 253 -34.57 29.94 34.43
N LEU G 254 -35.50 29.37 35.18
CA LEU G 254 -36.49 30.18 35.87
C LEU G 254 -35.91 30.91 37.07
N MET G 255 -34.78 30.46 37.62
CA MET G 255 -34.15 31.23 38.69
C MET G 255 -33.76 32.61 38.19
N HIS G 256 -33.20 32.68 36.98
CA HIS G 256 -32.82 33.98 36.42
C HIS G 256 -34.02 34.88 36.26
N THR G 257 -35.14 34.32 35.78
CA THR G 257 -36.32 35.11 35.51
C THR G 257 -36.99 35.63 36.78
N PHE G 258 -36.73 35.00 37.94
CA PHE G 258 -37.54 35.24 39.12
C PHE G 258 -36.68 35.65 40.32
N ASN G 259 -35.54 36.30 40.07
CA ASN G 259 -34.75 36.92 41.12
C ASN G 259 -34.41 35.93 42.23
N ALA G 260 -33.90 34.77 41.84
CA ALA G 260 -33.49 33.75 42.79
C ALA G 260 -32.30 34.26 43.59
N HIS G 261 -32.51 34.50 44.89
CA HIS G 261 -31.41 35.00 45.72
C HIS G 261 -30.39 33.91 46.00
N ALA G 262 -30.83 32.67 46.14
CA ALA G 262 -29.91 31.57 46.42
C ALA G 262 -30.57 30.26 46.00
N ALA G 263 -29.73 29.23 45.83
CA ALA G 263 -30.22 27.92 45.47
C ALA G 263 -29.17 26.88 45.84
N THR G 264 -29.61 25.63 45.94
CA THR G 264 -28.71 24.52 46.24
C THR G 264 -29.32 23.25 45.66
N ASP G 265 -28.61 22.14 45.82
CA ASP G 265 -29.07 20.84 45.34
C ASP G 265 -29.27 19.92 46.53
N ILE G 266 -30.41 19.23 46.55
CA ILE G 266 -30.75 18.32 47.66
C ILE G 266 -30.26 16.94 47.22
N THR G 267 -29.09 16.57 47.73
CA THR G 267 -28.49 15.28 47.41
C THR G 267 -27.47 14.92 48.48
N GLY G 268 -27.52 13.69 48.97
CA GLY G 268 -26.54 13.20 49.91
C GLY G 268 -26.87 13.50 51.36
N PHE G 269 -26.77 14.76 51.76
CA PHE G 269 -26.95 15.14 53.16
C PHE G 269 -28.42 15.32 53.55
N GLY G 270 -29.33 15.37 52.58
CA GLY G 270 -30.74 15.55 52.86
C GLY G 270 -31.17 17.01 52.83
N ILE G 271 -32.49 17.18 52.90
CA ILE G 271 -33.06 18.53 52.79
C ILE G 271 -32.58 19.41 53.93
N LEU G 272 -32.60 18.89 55.16
CA LEU G 272 -32.04 19.63 56.28
C LEU G 272 -30.52 19.63 56.27
N GLY G 273 -29.90 18.64 55.62
CA GLY G 273 -28.46 18.64 55.51
C GLY G 273 -27.94 19.81 54.71
N HIS G 274 -28.59 20.12 53.59
CA HIS G 274 -28.18 21.24 52.77
C HIS G 274 -28.83 22.56 53.17
N ALA G 275 -29.91 22.53 53.95
CA ALA G 275 -30.49 23.78 54.42
C ALA G 275 -29.53 24.54 55.31
N GLN G 276 -28.85 23.84 56.22
CA GLN G 276 -27.87 24.51 57.07
C GLN G 276 -26.69 25.04 56.25
N ASN G 277 -26.17 24.23 55.33
CA ASN G 277 -25.04 24.66 54.53
C ASN G 277 -25.40 25.89 53.70
N LEU G 278 -26.57 25.88 53.07
CA LEU G 278 -27.00 27.04 52.29
C LEU G 278 -27.15 28.28 53.16
N ALA G 279 -27.51 28.08 54.44
CA ALA G 279 -27.69 29.22 55.33
C ALA G 279 -26.35 29.81 55.76
N LYS G 280 -25.36 28.96 56.01
CA LYS G 280 -24.11 29.43 56.61
C LYS G 280 -23.35 30.40 55.72
N GLN G 281 -23.60 30.39 54.41
CA GLN G 281 -22.91 31.28 53.49
C GLN G 281 -23.66 32.57 53.21
N GLN G 282 -24.89 32.71 53.70
CA GLN G 282 -25.64 33.94 53.46
C GLN G 282 -24.98 35.10 54.20
N ARG G 283 -24.70 36.18 53.46
CA ARG G 283 -24.05 37.34 54.09
C ARG G 283 -25.02 38.13 54.96
N ASN G 284 -26.32 37.91 54.80
CA ASN G 284 -27.32 38.52 55.66
C ASN G 284 -27.68 37.57 56.80
N GLU G 285 -27.96 38.14 57.97
CA GLU G 285 -28.35 37.36 59.14
C GLU G 285 -29.75 36.80 58.90
N VAL G 286 -29.84 35.53 58.51
CA VAL G 286 -31.10 34.91 58.16
C VAL G 286 -31.13 33.48 58.68
N SER G 287 -32.33 32.91 58.72
CA SER G 287 -32.54 31.52 59.06
C SER G 287 -33.65 30.95 58.19
N PHE G 288 -33.59 29.65 57.94
CA PHE G 288 -34.58 28.95 57.15
C PHE G 288 -35.43 28.06 58.04
N VAL G 289 -36.73 27.98 57.75
CA VAL G 289 -37.64 27.09 58.44
C VAL G 289 -38.44 26.33 57.40
N ILE G 290 -38.49 25.01 57.52
CA ILE G 290 -39.18 24.14 56.58
C ILE G 290 -40.52 23.80 57.20
N HIS G 291 -41.59 24.45 56.72
CA HIS G 291 -42.93 24.21 57.22
C HIS G 291 -43.64 23.05 56.54
N ASN G 292 -43.02 22.46 55.52
CA ASN G 292 -43.66 21.40 54.75
C ASN G 292 -42.58 20.51 54.14
N LEU G 293 -42.77 19.20 54.24
CA LEU G 293 -41.90 18.25 53.56
C LEU G 293 -42.72 17.46 52.56
N PRO G 294 -42.65 17.76 51.26
CA PRO G 294 -43.44 17.00 50.27
C PRO G 294 -42.89 15.60 50.02
N VAL G 295 -43.19 14.69 50.95
CA VAL G 295 -42.68 13.33 50.86
C VAL G 295 -43.32 12.61 49.69
N LEU G 296 -42.63 11.57 49.21
CA LEU G 296 -43.16 10.74 48.14
C LEU G 296 -44.28 9.85 48.67
N ALA G 297 -45.11 9.35 47.74
CA ALA G 297 -46.33 8.63 48.10
C ALA G 297 -46.10 7.59 49.18
N LYS G 298 -46.72 7.80 50.35
CA LYS G 298 -46.72 6.83 51.44
C LYS G 298 -45.33 6.53 52.00
N MET G 299 -44.29 7.20 51.49
CA MET G 299 -42.95 6.94 51.98
C MET G 299 -42.81 7.39 53.42
N ALA G 300 -43.52 8.44 53.82
CA ALA G 300 -43.45 8.91 55.20
C ALA G 300 -43.92 7.84 56.17
N ALA G 301 -45.02 7.17 55.85
CA ALA G 301 -45.49 6.09 56.70
C ALA G 301 -44.48 4.95 56.74
N VAL G 302 -43.89 4.62 55.59
CA VAL G 302 -42.91 3.55 55.53
C VAL G 302 -41.73 3.87 56.44
N SER G 303 -41.28 5.12 56.45
CA SER G 303 -40.17 5.50 57.32
C SER G 303 -40.50 5.27 58.79
N LYS G 304 -41.79 5.30 59.14
CA LYS G 304 -42.17 5.09 60.53
C LYS G 304 -41.87 3.66 60.98
N ALA G 305 -41.92 2.70 60.04
CA ALA G 305 -41.65 1.31 60.40
C ALA G 305 -40.23 1.13 60.91
N CYS G 306 -39.25 1.72 60.22
CA CYS G 306 -37.86 1.66 60.61
C CYS G 306 -37.55 2.91 61.42
N GLY G 307 -37.13 2.72 62.67
CA GLY G 307 -36.98 3.85 63.57
C GLY G 307 -35.95 4.87 63.10
N ASN G 308 -34.79 4.40 62.64
CA ASN G 308 -33.68 5.28 62.34
C ASN G 308 -32.99 5.02 61.00
N MET G 309 -33.25 3.88 60.35
CA MET G 309 -32.52 3.58 59.13
C MET G 309 -32.75 4.64 58.06
N PHE G 310 -33.93 5.25 58.04
CA PHE G 310 -34.26 6.28 57.05
C PHE G 310 -34.30 7.68 57.66
N GLY G 311 -35.09 7.88 58.71
CA GLY G 311 -35.11 9.16 59.39
C GLY G 311 -35.55 10.32 58.52
N LEU G 312 -36.60 10.11 57.71
CA LEU G 312 -37.06 11.18 56.83
C LEU G 312 -37.59 12.37 57.62
N MET G 313 -38.35 12.11 58.70
CA MET G 313 -39.04 13.20 59.37
C MET G 313 -38.07 14.27 59.87
N HIS G 314 -36.94 13.85 60.43
CA HIS G 314 -35.92 14.81 60.83
C HIS G 314 -35.26 15.49 59.65
N GLY G 315 -35.49 15.00 58.43
CA GLY G 315 -34.98 15.62 57.23
C GLY G 315 -33.64 15.12 56.75
N THR G 316 -32.92 14.37 57.57
CA THR G 316 -31.61 13.86 57.18
C THR G 316 -31.72 12.51 56.48
N CYS G 317 -32.58 12.45 55.47
CA CYS G 317 -32.71 11.27 54.63
C CYS G 317 -31.92 11.47 53.35
N PRO G 318 -30.93 10.64 53.05
CA PRO G 318 -30.14 10.86 51.83
C PRO G 318 -31.03 10.82 50.60
N GLU G 319 -30.72 11.69 49.64
CA GLU G 319 -31.43 11.74 48.37
C GLU G 319 -30.42 11.73 47.24
N THR G 320 -30.83 11.17 46.10
CA THR G 320 -29.98 11.08 44.92
C THR G 320 -30.66 11.83 43.79
N SER G 321 -29.90 12.73 43.15
CA SER G 321 -30.41 13.52 42.04
C SER G 321 -31.68 14.28 42.43
N GLY G 322 -31.70 14.78 43.66
CA GLY G 322 -32.85 15.51 44.14
C GLY G 322 -32.95 16.89 43.52
N GLY G 323 -34.09 17.54 43.79
CA GLY G 323 -34.36 18.84 43.22
C GLY G 323 -33.61 19.95 43.92
N LEU G 324 -33.87 21.17 43.47
CA LEU G 324 -33.21 22.35 44.00
C LEU G 324 -33.97 22.89 45.21
N LEU G 325 -33.43 23.96 45.79
CA LEU G 325 -34.06 24.63 46.93
C LEU G 325 -33.82 26.14 46.74
N ILE G 326 -34.77 26.81 46.09
CA ILE G 326 -34.59 28.18 45.64
C ILE G 326 -35.25 29.12 46.63
N CYS G 327 -34.54 30.17 47.04
CA CYS G 327 -35.06 31.14 48.01
C CYS G 327 -35.57 32.39 47.29
N LEU G 328 -36.65 32.21 46.54
CA LEU G 328 -37.30 33.33 45.89
C LEU G 328 -38.04 34.19 46.90
N PRO G 329 -38.36 35.44 46.55
CA PRO G 329 -39.27 36.23 47.39
C PRO G 329 -40.67 35.64 47.35
N ARG G 330 -41.51 36.12 48.27
CA ARG G 330 -42.86 35.57 48.37
C ARG G 330 -43.65 35.76 47.09
N GLU G 331 -43.57 36.96 46.50
CA GLU G 331 -44.35 37.24 45.29
C GLU G 331 -43.90 36.38 44.12
N GLN G 332 -42.58 36.23 43.95
CA GLN G 332 -42.07 35.47 42.81
C GLN G 332 -42.47 34.00 42.90
N ALA G 333 -42.43 33.44 44.11
CA ALA G 333 -42.70 32.01 44.27
C ALA G 333 -44.05 31.63 43.67
N ALA G 334 -45.06 32.49 43.83
CA ALA G 334 -46.38 32.18 43.30
C ALA G 334 -46.30 31.86 41.82
N ARG G 335 -45.67 32.74 41.04
CA ARG G 335 -45.57 32.52 39.59
C ARG G 335 -44.52 31.47 39.24
N PHE G 336 -43.47 31.34 40.06
CA PHE G 336 -42.41 30.39 39.75
C PHE G 336 -42.96 28.96 39.68
N CYS G 337 -43.66 28.54 40.73
CA CYS G 337 -44.23 27.20 40.73
C CYS G 337 -45.22 27.03 39.58
N ALA G 338 -46.07 28.04 39.36
CA ALA G 338 -47.01 27.96 38.25
C ALA G 338 -46.28 27.84 36.92
N GLU G 339 -45.25 28.65 36.72
CA GLU G 339 -44.53 28.62 35.44
C GLU G 339 -43.88 27.26 35.21
N ILE G 340 -43.23 26.70 36.23
CA ILE G 340 -42.61 25.39 36.08
C ILE G 340 -43.67 24.30 35.93
N LYS G 341 -44.89 24.53 36.41
CA LYS G 341 -45.94 23.53 36.28
C LYS G 341 -46.46 23.47 34.86
N SER G 342 -46.57 24.60 34.18
CA SER G 342 -47.14 24.69 32.84
C SER G 342 -46.21 25.49 31.94
N PRO G 343 -45.08 24.91 31.55
CA PRO G 343 -44.18 25.62 30.62
C PRO G 343 -44.80 25.76 29.24
N LYS G 344 -44.29 26.72 28.49
CA LYS G 344 -44.77 26.93 27.13
C LYS G 344 -44.57 25.67 26.28
N TYR G 345 -43.39 25.06 26.37
CA TYR G 345 -43.12 23.85 25.61
C TYR G 345 -43.78 22.62 26.24
N GLY G 346 -43.87 22.57 27.56
CA GLY G 346 -44.49 21.44 28.24
C GLY G 346 -43.57 20.74 29.22
N GLU G 347 -43.89 19.49 29.54
CA GLU G 347 -43.09 18.69 30.47
C GLU G 347 -42.95 19.38 31.82
N GLY G 348 -44.03 19.99 32.28
CA GLY G 348 -44.01 20.66 33.57
C GLY G 348 -44.02 19.68 34.72
N HIS G 349 -43.65 20.17 35.89
CA HIS G 349 -43.62 19.37 37.11
C HIS G 349 -43.92 20.26 38.30
N GLN G 350 -44.42 19.65 39.36
CA GLN G 350 -44.85 20.39 40.54
C GLN G 350 -43.66 20.78 41.41
N ALA G 351 -43.73 21.98 41.98
CA ALA G 351 -42.75 22.46 42.94
C ALA G 351 -43.49 22.93 44.19
N TRP G 352 -42.95 22.57 45.36
CA TRP G 352 -43.61 22.83 46.63
C TRP G 352 -42.84 23.89 47.41
N ILE G 353 -43.58 24.82 48.01
CA ILE G 353 -42.98 25.84 48.87
C ILE G 353 -42.81 25.25 50.26
N ILE G 354 -41.64 24.66 50.51
CA ILE G 354 -41.47 23.88 51.74
C ILE G 354 -41.58 24.75 52.97
N GLY G 355 -41.12 25.99 52.89
CA GLY G 355 -41.09 26.83 54.07
C GLY G 355 -40.84 28.28 53.76
N ILE G 356 -40.44 29.02 54.80
CA ILE G 356 -40.23 30.45 54.73
C ILE G 356 -38.85 30.77 55.29
N VAL G 357 -38.53 32.07 55.32
CA VAL G 357 -37.24 32.55 55.80
C VAL G 357 -37.49 33.65 56.83
N GLU G 358 -36.74 33.61 57.92
CA GLU G 358 -36.83 34.62 58.97
C GLU G 358 -35.44 35.06 59.39
N LYS G 359 -35.35 36.31 59.83
CA LYS G 359 -34.09 36.87 60.27
C LYS G 359 -33.62 36.21 61.57
N GLY G 360 -32.32 36.10 61.73
CA GLY G 360 -31.76 35.54 62.94
C GLY G 360 -30.47 34.79 62.65
N ASN G 361 -30.16 33.85 63.53
CA ASN G 361 -28.91 33.12 63.44
C ASN G 361 -28.81 32.36 62.12
N ARG G 362 -27.59 32.24 61.62
CA ARG G 362 -27.32 31.56 60.34
C ARG G 362 -27.42 30.05 60.56
N THR G 363 -28.64 29.55 60.60
CA THR G 363 -28.88 28.13 60.77
C THR G 363 -30.24 27.76 60.17
N ALA G 364 -30.41 26.47 59.92
CA ALA G 364 -31.64 25.93 59.36
C ALA G 364 -32.30 25.04 60.40
N ARG G 365 -33.61 24.82 60.23
CA ARG G 365 -34.39 24.10 61.22
C ARG G 365 -35.70 23.64 60.58
N ILE G 366 -36.10 22.41 60.90
CA ILE G 366 -37.41 21.89 60.52
C ILE G 366 -38.30 21.97 61.76
N ILE G 367 -39.50 22.53 61.59
CA ILE G 367 -40.35 22.77 62.74
C ILE G 367 -40.58 21.47 63.52
N ASP G 368 -40.91 21.64 64.80
CA ASP G 368 -41.10 20.47 65.66
C ASP G 368 -42.21 19.57 65.16
N LYS G 369 -43.20 20.13 64.46
CA LYS G 369 -44.37 19.39 63.99
C LYS G 369 -44.52 19.63 62.49
N PRO G 370 -43.63 19.07 61.68
CA PRO G 370 -43.71 19.31 60.23
C PRO G 370 -44.93 18.66 59.61
N ARG G 371 -45.47 19.33 58.59
CA ARG G 371 -46.56 18.77 57.81
C ARG G 371 -46.00 17.97 56.64
N ILE G 372 -46.79 17.02 56.17
CA ILE G 372 -46.38 16.11 55.10
C ILE G 372 -47.39 16.20 53.97
N ILE G 373 -46.90 16.29 52.74
CA ILE G 373 -47.72 16.26 51.54
C ILE G 373 -47.32 15.05 50.72
N GLU G 374 -48.28 14.24 50.32
CA GLU G 374 -48.05 13.03 49.55
C GLU G 374 -48.24 13.35 48.07
N VAL G 375 -47.13 13.53 47.36
CA VAL G 375 -47.21 13.87 45.95
C VAL G 375 -47.97 12.79 45.19
N ALA G 376 -48.83 13.21 44.27
CA ALA G 376 -49.62 12.28 43.50
C ALA G 376 -48.77 11.69 42.38
N PRO G 377 -48.60 10.37 42.33
CA PRO G 377 -47.85 9.78 41.21
C PRO G 377 -48.59 9.95 39.89
N GLN G 378 -47.81 10.02 38.81
CA GLN G 378 -48.34 10.23 37.47
C GLN G 378 -48.39 8.89 36.74
N VAL G 379 -49.56 8.55 36.20
CA VAL G 379 -49.73 7.31 35.46
C VAL G 379 -51.01 7.37 34.64
N ASN H 471 -19.75 66.63 22.61
CA ASN H 471 -18.48 65.92 22.68
C ASN H 471 -18.69 64.43 22.47
N SER H 472 -17.71 63.64 22.90
CA SER H 472 -17.80 62.18 22.79
C SER H 472 -16.84 61.57 23.80
N LEU H 473 -17.04 60.29 24.07
CA LEU H 473 -16.14 59.56 24.94
C LEU H 473 -14.91 59.09 24.16
N LYS H 474 -13.78 59.05 24.86
CA LYS H 474 -12.51 58.61 24.27
C LYS H 474 -11.99 57.43 25.07
N PRO H 475 -12.35 56.20 24.69
CA PRO H 475 -11.82 55.04 25.41
C PRO H 475 -10.30 55.00 25.42
N GLU H 476 -9.66 55.52 24.39
CA GLU H 476 -8.19 55.47 24.33
C GLU H 476 -7.58 56.28 25.46
N GLU H 477 -8.18 57.41 25.82
CA GLU H 477 -7.65 58.20 26.93
C GLU H 477 -7.73 57.42 28.23
N GLY H 478 -8.87 56.77 28.49
CA GLY H 478 -8.98 55.97 29.69
C GLY H 478 -7.99 54.81 29.71
N LEU H 479 -7.82 54.16 28.57
CA LEU H 479 -6.85 53.07 28.50
C LEU H 479 -5.45 53.57 28.76
N GLU H 480 -5.10 54.75 28.22
CA GLU H 480 -3.76 55.31 28.45
C GLU H 480 -3.56 55.64 29.91
N VAL H 481 -4.57 56.23 30.55
CA VAL H 481 -4.47 56.52 31.98
C VAL H 481 -4.27 55.25 32.77
N TRP H 482 -5.07 54.22 32.48
CA TRP H 482 -4.92 52.95 33.17
C TRP H 482 -3.54 52.36 32.94
N LYS H 483 -3.02 52.48 31.72
CA LYS H 483 -1.71 51.91 31.40
C LYS H 483 -0.60 52.63 32.17
N ASN H 484 -0.66 53.96 32.22
CA ASN H 484 0.34 54.71 33.00
C ASN H 484 0.28 54.31 34.46
N TRP H 485 -0.94 54.26 35.03
CA TRP H 485 -1.07 53.87 36.42
C TRP H 485 -0.57 52.45 36.65
N ALA H 486 -0.86 51.55 35.71
CA ALA H 486 -0.45 50.17 35.85
C ALA H 486 1.06 50.03 35.82
N GLN H 487 1.72 50.74 34.91
CA GLN H 487 3.18 50.70 34.87
C GLN H 487 3.77 51.26 36.16
N THR H 488 3.24 52.38 36.64
CA THR H 488 3.74 52.96 37.87
C THR H 488 3.56 51.99 39.04
N LYS H 489 2.38 51.38 39.14
CA LYS H 489 2.11 50.48 40.25
C LYS H 489 2.95 49.20 40.14
N ASN H 490 3.19 48.72 38.92
CA ASN H 490 4.06 47.56 38.75
C ASN H 490 5.48 47.88 39.18
N ALA H 491 5.97 49.08 38.83
CA ALA H 491 7.29 49.48 39.28
C ALA H 491 7.34 49.54 40.81
N GLU H 492 6.31 50.12 41.43
CA GLU H 492 6.28 50.18 42.89
C GLU H 492 6.25 48.78 43.50
N LEU H 493 5.44 47.88 42.93
CA LEU H 493 5.34 46.52 43.45
C LEU H 493 6.67 45.81 43.35
N GLU H 494 7.35 45.94 42.21
CA GLU H 494 8.67 45.32 42.06
C GLU H 494 9.65 45.90 43.06
N LYS H 495 9.60 47.23 43.27
CA LYS H 495 10.51 47.86 44.21
C LYS H 495 10.32 47.31 45.63
N ASP H 496 9.07 47.31 46.10
CA ASP H 496 8.83 46.81 47.46
C ASP H 496 9.07 45.29 47.54
N ALA H 497 8.80 44.57 46.46
CA ALA H 497 9.12 43.14 46.37
C ALA H 497 8.52 42.36 47.53
N GLN H 498 7.19 42.36 47.58
CA GLN H 498 6.44 41.61 48.58
C GLN H 498 5.96 40.28 48.01
N ASN H 499 5.59 39.38 48.92
CA ASN H 499 5.04 38.07 48.55
C ASN H 499 3.53 38.18 48.51
N ARG H 500 3.02 38.78 47.43
CA ARG H 500 1.60 39.03 47.25
C ARG H 500 1.11 38.21 46.07
N LEU H 501 -0.02 37.54 46.25
CA LEU H 501 -0.58 36.64 45.24
C LEU H 501 -1.86 37.24 44.67
N ALA H 502 -2.05 37.08 43.36
CA ALA H 502 -3.23 37.62 42.71
C ALA H 502 -4.47 36.82 43.11
N PRO H 503 -5.66 37.42 43.02
CA PRO H 503 -6.90 36.72 43.39
C PRO H 503 -7.50 35.94 42.22
N ILE H 504 -6.71 35.03 41.66
CA ILE H 504 -7.13 34.19 40.54
C ILE H 504 -6.76 32.75 40.84
N GLY H 505 -7.29 31.84 40.03
CA GLY H 505 -7.04 30.42 40.24
C GLY H 505 -5.56 30.08 40.16
N ARG H 506 -4.88 30.57 39.13
CA ARG H 506 -3.45 30.35 39.01
C ARG H 506 -2.71 31.06 40.13
N ARG H 507 -1.61 30.46 40.56
CA ARG H 507 -0.73 31.08 41.56
C ARG H 507 0.23 32.00 40.83
N GLN H 508 -0.15 33.27 40.75
CA GLN H 508 0.58 34.27 39.98
C GLN H 508 0.80 35.52 40.84
N LEU H 509 2.01 36.04 40.81
CA LEU H 509 2.30 37.29 41.51
C LEU H 509 1.40 38.40 40.99
N LEU H 510 0.87 39.19 41.90
CA LEU H 510 -0.06 40.27 41.51
C LEU H 510 0.67 41.29 40.65
N ARG H 511 0.19 41.48 39.43
CA ARG H 511 0.72 42.48 38.52
C ARG H 511 -0.46 43.05 37.74
N PHE H 512 -0.79 44.30 38.00
CA PHE H 512 -1.95 44.92 37.36
C PHE H 512 -1.74 44.94 35.85
N GLN H 513 -2.63 44.27 35.13
CA GLN H 513 -2.46 44.11 33.69
C GLN H 513 -2.35 45.47 33.01
N GLU H 514 -1.38 45.59 32.11
CA GLU H 514 -1.24 46.83 31.33
C GLU H 514 -2.48 47.09 30.48
N ASP H 515 -3.29 46.08 30.22
CA ASP H 515 -4.53 46.22 29.47
C ASP H 515 -5.70 45.87 30.39
N LEU H 516 -6.79 46.63 30.25
CA LEU H 516 -7.92 46.46 31.16
C LEU H 516 -8.56 45.09 31.03
N ILE H 517 -8.64 44.56 29.80
CA ILE H 517 -9.50 43.41 29.55
C ILE H 517 -9.04 42.20 30.36
N SER H 518 -7.72 41.96 30.38
CA SER H 518 -7.22 40.77 31.06
C SER H 518 -7.45 40.82 32.56
N SER H 519 -7.57 42.03 33.13
CA SER H 519 -7.72 42.15 34.57
C SER H 519 -9.01 41.50 35.04
N ALA H 520 -8.94 40.81 36.17
CA ALA H 520 -10.11 40.19 36.76
C ALA H 520 -10.96 41.24 37.48
N VAL H 521 -12.07 40.80 38.07
CA VAL H 521 -12.97 41.73 38.73
C VAL H 521 -12.32 42.30 40.00
N ALA H 522 -11.72 41.43 40.80
CA ALA H 522 -11.11 41.90 42.05
C ALA H 522 -9.91 42.80 41.77
N GLU H 523 -9.04 42.40 40.83
CA GLU H 523 -7.90 43.23 40.50
C GLU H 523 -8.34 44.59 39.95
N LEU H 524 -9.34 44.58 39.06
CA LEU H 524 -9.85 45.83 38.52
C LEU H 524 -10.39 46.72 39.64
N ASN H 525 -11.21 46.14 40.52
CA ASN H 525 -11.81 46.94 41.60
C ASN H 525 -10.73 47.54 42.48
N TYR H 526 -9.74 46.74 42.87
CA TYR H 526 -8.68 47.25 43.73
C TYR H 526 -7.90 48.35 43.02
N GLY H 527 -7.62 48.16 41.73
CA GLY H 527 -6.87 49.17 41.00
C GLY H 527 -7.60 50.49 40.93
N LEU H 528 -8.89 50.45 40.59
CA LEU H 528 -9.67 51.68 40.50
C LEU H 528 -9.78 52.37 41.85
N CYS H 529 -9.83 51.61 42.95
CA CYS H 529 -9.82 52.22 44.27
C CYS H 529 -8.52 52.98 44.52
N LEU H 530 -7.38 52.38 44.14
CA LEU H 530 -6.10 53.06 44.30
C LEU H 530 -5.92 54.17 43.29
N MET H 531 -6.64 54.14 42.17
CA MET H 531 -6.47 55.16 41.15
C MET H 531 -6.93 56.52 41.65
N THR H 532 -8.02 56.56 42.42
CA THR H 532 -8.58 57.83 42.85
C THR H 532 -7.54 58.67 43.56
N ARG H 533 -6.86 58.10 44.57
CA ARG H 533 -5.85 58.84 45.31
C ARG H 533 -4.55 58.97 44.54
N GLU H 534 -4.17 57.93 43.80
CA GLU H 534 -2.86 57.86 43.15
C GLU H 534 -2.94 58.08 41.65
N ALA H 535 -3.98 58.77 41.17
CA ALA H 535 -4.16 58.95 39.73
C ALA H 535 -2.93 59.61 39.11
N ARG H 536 -2.69 60.87 39.48
CA ARG H 536 -1.57 61.64 38.93
C ARG H 536 -1.51 61.47 37.41
N ASN H 537 -2.67 61.60 36.78
CA ASN H 537 -2.79 61.30 35.36
C ASN H 537 -1.91 62.21 34.52
N GLY H 538 -1.91 63.51 34.82
CA GLY H 538 -1.01 64.46 34.19
C GLY H 538 0.20 64.67 35.08
N GLU H 539 1.39 64.57 34.48
CA GLU H 539 2.64 64.68 35.22
C GLU H 539 2.58 65.89 36.14
N GLY H 540 2.64 65.64 37.43
CA GLY H 540 2.46 66.71 38.40
C GLY H 540 1.12 67.39 38.28
N GLU H 541 0.07 66.61 37.98
CA GLU H 541 -1.28 67.15 37.82
C GLU H 541 -2.30 66.11 38.25
N PRO H 542 -2.58 66.02 39.55
CA PRO H 542 -3.69 65.18 40.00
C PRO H 542 -5.01 65.71 39.46
N TYR H 543 -5.66 64.94 38.59
CA TYR H 543 -6.82 65.44 37.87
C TYR H 543 -7.95 65.81 38.82
N ASP H 544 -8.68 66.86 38.48
CA ASP H 544 -9.75 67.37 39.31
C ASP H 544 -10.92 66.39 39.34
N PRO H 545 -11.79 66.51 40.35
CA PRO H 545 -12.92 65.57 40.44
C PRO H 545 -13.78 65.52 39.17
N ASP H 546 -13.99 66.65 38.51
CA ASP H 546 -14.71 66.65 37.24
C ASP H 546 -14.02 65.71 36.25
N VAL H 547 -12.70 65.80 36.15
CA VAL H 547 -11.97 64.97 35.20
C VAL H 547 -11.96 63.51 35.63
N LEU H 548 -11.81 63.25 36.93
CA LEU H 548 -11.73 61.87 37.39
C LEU H 548 -12.97 61.08 36.98
N TYR H 549 -14.15 61.67 37.12
CA TYR H 549 -15.36 60.99 36.67
C TYR H 549 -15.30 60.73 35.17
N TYR H 550 -14.74 61.67 34.40
CA TYR H 550 -14.62 61.49 32.96
C TYR H 550 -13.71 60.32 32.62
N ILE H 551 -12.58 60.20 33.30
CA ILE H 551 -11.65 59.12 33.00
C ILE H 551 -12.27 57.77 33.33
N PHE H 552 -12.99 57.69 34.44
CA PHE H 552 -13.62 56.43 34.82
C PHE H 552 -14.75 56.09 33.86
N LEU H 553 -15.48 57.09 33.38
CA LEU H 553 -16.48 56.84 32.35
C LEU H 553 -15.84 56.30 31.08
N CYS H 554 -14.69 56.85 30.70
CA CYS H 554 -13.96 56.34 29.54
C CYS H 554 -13.52 54.90 29.76
N ILE H 555 -13.06 54.58 30.97
CA ILE H 555 -12.66 53.20 31.28
C ILE H 555 -13.84 52.26 31.13
N GLN H 556 -15.00 52.67 31.65
CA GLN H 556 -16.20 51.83 31.53
C GLN H 556 -16.58 51.65 30.07
N LYS H 557 -16.49 52.72 29.28
CA LYS H 557 -16.81 52.61 27.86
C LYS H 557 -15.85 51.65 27.16
N TYR H 558 -14.57 51.71 27.51
CA TYR H 558 -13.62 50.77 26.94
C TYR H 558 -13.98 49.34 27.31
N LEU H 559 -14.35 49.11 28.57
CA LEU H 559 -14.73 47.76 28.99
C LEU H 559 -15.94 47.27 28.21
N PHE H 560 -16.92 48.14 27.98
CA PHE H 560 -18.04 47.75 27.12
C PHE H 560 -17.56 47.42 25.72
N GLU H 561 -16.68 48.25 25.16
CA GLU H 561 -16.27 48.11 23.77
C GLU H 561 -15.33 46.92 23.55
N ASN H 562 -14.81 46.31 24.61
CA ASN H 562 -13.88 45.20 24.49
C ASN H 562 -14.41 43.94 25.16
N GLY H 563 -15.70 43.67 24.99
CA GLY H 563 -16.26 42.40 25.42
C GLY H 563 -16.25 42.15 26.90
N ARG H 564 -16.63 43.15 27.71
CA ARG H 564 -16.81 42.99 29.13
C ARG H 564 -18.13 43.61 29.55
N VAL H 565 -18.86 42.90 30.41
CA VAL H 565 -20.19 43.33 30.83
C VAL H 565 -20.18 43.94 32.22
N ASP H 566 -19.00 44.17 32.79
CA ASP H 566 -18.92 44.71 34.14
C ASP H 566 -19.36 46.18 34.16
N ASP H 567 -20.19 46.53 35.14
CA ASP H 567 -20.66 47.90 35.34
C ASP H 567 -20.05 48.39 36.65
N ILE H 568 -18.98 49.19 36.54
CA ILE H 568 -18.23 49.59 37.72
C ILE H 568 -19.09 50.47 38.63
N PHE H 569 -19.95 51.30 38.05
CA PHE H 569 -20.67 52.30 38.82
C PHE H 569 -21.93 51.78 39.48
N SER H 570 -22.36 50.56 39.19
CA SER H 570 -23.61 50.06 39.75
C SER H 570 -23.47 48.66 40.34
N ASP H 571 -22.54 47.86 39.81
CA ASP H 571 -22.45 46.46 40.20
C ASP H 571 -22.03 46.34 41.66
N LEU H 572 -22.48 45.25 42.29
CA LEU H 572 -22.21 45.05 43.71
C LEU H 572 -20.74 44.82 43.97
N TYR H 573 -20.06 44.09 43.08
CA TYR H 573 -18.66 43.76 43.31
C TYR H 573 -17.78 44.99 43.39
N TYR H 574 -18.18 46.10 42.77
CA TYR H 574 -17.46 47.35 42.81
C TYR H 574 -18.06 48.34 43.80
N VAL H 575 -18.78 47.85 44.82
CA VAL H 575 -19.39 48.73 45.80
C VAL H 575 -18.31 49.45 46.60
N ARG H 576 -17.18 48.80 46.85
CA ARG H 576 -16.11 49.46 47.59
C ARG H 576 -15.59 50.67 46.83
N PHE H 577 -15.42 50.53 45.51
CA PHE H 577 -14.98 51.66 44.69
C PHE H 577 -15.96 52.81 44.73
N THR H 578 -17.20 52.58 44.26
CA THR H 578 -18.15 53.68 44.09
C THR H 578 -18.23 54.55 45.34
N GLU H 579 -18.01 53.96 46.51
CA GLU H 579 -17.92 54.76 47.73
C GLU H 579 -16.74 55.71 47.68
N TRP H 580 -15.60 55.24 47.16
CA TRP H 580 -14.40 56.08 47.14
C TRP H 580 -14.61 57.31 46.27
N LEU H 581 -15.28 57.16 45.12
CA LEU H 581 -15.58 58.32 44.30
C LEU H 581 -16.47 59.29 45.06
N HIS H 582 -17.47 58.79 45.79
CA HIS H 582 -18.30 59.68 46.59
C HIS H 582 -17.46 60.40 47.64
N GLU H 583 -16.54 59.68 48.29
CA GLU H 583 -15.71 60.32 49.31
C GLU H 583 -14.84 61.41 48.70
N VAL H 584 -14.33 61.18 47.49
CA VAL H 584 -13.50 62.20 46.83
C VAL H 584 -14.34 63.38 46.39
N LEU H 585 -15.52 63.13 45.83
CA LEU H 585 -16.30 64.17 45.17
C LEU H 585 -17.29 64.89 46.08
N LYS H 586 -17.45 64.43 47.33
CA LYS H 586 -18.45 65.05 48.19
C LYS H 586 -18.12 66.52 48.46
N ASP H 587 -16.84 66.82 48.69
CA ASP H 587 -16.41 68.19 48.98
C ASP H 587 -16.14 68.91 47.65
N VAL H 588 -17.21 69.15 46.92
CA VAL H 588 -17.10 69.84 45.64
C VAL H 588 -16.53 71.23 45.88
N GLN H 589 -15.41 71.53 45.23
CA GLN H 589 -14.82 72.86 45.27
C GLN H 589 -14.92 73.49 43.89
N PRO H 590 -15.83 74.44 43.67
CA PRO H 590 -15.98 75.00 42.32
C PRO H 590 -14.66 75.54 41.80
N ARG H 591 -14.38 75.23 40.53
CA ARG H 591 -13.17 75.72 39.86
C ARG H 591 -13.42 77.16 39.40
N VAL H 592 -13.44 78.06 40.37
CA VAL H 592 -13.78 79.45 40.09
C VAL H 592 -12.66 80.12 39.30
N THR H 593 -13.03 81.09 38.48
CA THR H 593 -12.12 81.85 37.66
C THR H 593 -12.45 83.34 37.81
N PRO H 594 -11.51 84.23 37.47
CA PRO H 594 -11.78 85.66 37.65
C PRO H 594 -13.03 86.12 36.94
N LEU H 595 -13.31 85.58 35.75
CA LEU H 595 -14.56 85.89 35.05
C LEU H 595 -15.77 85.26 35.72
N GLY H 596 -15.57 84.36 36.68
CA GLY H 596 -16.65 83.68 37.36
C GLY H 596 -16.58 82.18 37.14
N TYR H 597 -17.38 81.47 37.93
CA TYR H 597 -17.48 80.01 37.83
C TYR H 597 -18.53 79.62 36.79
N VAL H 598 -18.26 80.02 35.55
CA VAL H 598 -19.13 79.69 34.43
C VAL H 598 -18.54 78.50 33.68
N LEU H 599 -17.65 77.77 34.34
CA LEU H 599 -16.96 76.67 33.70
C LEU H 599 -17.92 75.49 33.51
N PRO H 600 -18.16 75.03 32.28
CA PRO H 600 -19.00 73.84 32.10
C PRO H 600 -18.17 72.57 32.23
N SER H 601 -18.59 71.71 33.14
CA SER H 601 -17.88 70.46 33.37
C SER H 601 -17.88 69.63 32.09
N HIS H 602 -16.78 68.91 31.87
CA HIS H 602 -16.66 68.12 30.63
C HIS H 602 -17.74 67.05 30.57
N VAL H 603 -18.02 66.38 31.69
CA VAL H 603 -19.05 65.36 31.71
C VAL H 603 -20.40 65.97 31.38
N THR H 604 -21.16 65.27 30.54
CA THR H 604 -22.44 65.79 30.06
C THR H 604 -23.40 64.64 29.87
N GLU H 605 -24.69 64.97 29.85
CA GLU H 605 -25.72 63.95 29.68
C GLU H 605 -25.50 63.13 28.43
N GLU H 606 -25.04 63.77 27.35
CA GLU H 606 -24.71 63.02 26.14
C GLU H 606 -23.61 62.00 26.43
N MET H 607 -22.61 62.40 27.21
CA MET H 607 -21.54 61.46 27.56
C MET H 607 -22.09 60.29 28.37
N LEU H 608 -22.98 60.57 29.33
CA LEU H 608 -23.54 59.49 30.14
C LEU H 608 -24.34 58.52 29.28
N TRP H 609 -25.17 59.03 28.37
CA TRP H 609 -25.99 58.13 27.57
C TRP H 609 -25.17 57.40 26.52
N GLU H 610 -24.07 57.99 26.05
CA GLU H 610 -23.16 57.23 25.20
C GLU H 610 -22.60 56.03 25.94
N CYS H 611 -22.28 56.20 27.22
CA CYS H 611 -21.99 55.08 28.09
C CYS H 611 -23.30 54.47 28.59
N LYS H 612 -23.19 53.52 29.51
CA LYS H 612 -24.35 52.82 30.03
C LYS H 612 -24.89 53.44 31.32
N GLN H 613 -24.31 54.55 31.77
CA GLN H 613 -24.71 55.12 33.06
C GLN H 613 -26.21 55.35 33.13
N LEU H 614 -26.79 55.91 32.07
CA LEU H 614 -28.20 56.26 32.03
C LEU H 614 -28.89 55.50 30.91
N GLY H 615 -30.08 55.01 31.17
CA GLY H 615 -30.84 54.25 30.20
C GLY H 615 -31.71 53.24 30.91
N ALA H 616 -32.27 52.32 30.11
CA ALA H 616 -33.13 51.26 30.61
C ALA H 616 -32.51 49.88 30.38
N HIS H 617 -31.19 49.80 30.40
CA HIS H 617 -30.52 48.53 30.15
C HIS H 617 -30.63 47.59 31.35
N SER H 618 -30.44 48.12 32.55
CA SER H 618 -30.41 47.33 33.78
C SER H 618 -31.13 48.11 34.88
N PRO H 619 -31.53 47.43 35.96
CA PRO H 619 -32.28 48.15 37.01
C PRO H 619 -31.57 49.36 37.55
N SER H 620 -30.25 49.24 37.80
CA SER H 620 -29.51 50.35 38.37
C SER H 620 -29.46 51.53 37.41
N THR H 621 -29.28 51.26 36.13
CA THR H 621 -29.26 52.33 35.14
C THR H 621 -30.60 53.07 35.12
N LEU H 622 -31.70 52.32 35.17
CA LEU H 622 -33.02 52.96 35.17
C LEU H 622 -33.21 53.79 36.43
N LEU H 623 -32.81 53.28 37.59
CA LEU H 623 -32.97 54.02 38.83
C LEU H 623 -32.17 55.33 38.78
N THR H 624 -30.91 55.25 38.36
CA THR H 624 -30.10 56.47 38.32
C THR H 624 -30.61 57.43 37.27
N THR H 625 -31.15 56.94 36.15
CA THR H 625 -31.72 57.83 35.16
C THR H 625 -32.94 58.55 35.71
N LEU H 626 -33.79 57.85 36.45
CA LEU H 626 -34.94 58.52 37.06
C LEU H 626 -34.48 59.56 38.06
N MET H 627 -33.46 59.24 38.87
CA MET H 627 -32.96 60.22 39.82
C MET H 627 -32.39 61.43 39.10
N PHE H 628 -31.71 61.21 37.98
CA PHE H 628 -31.17 62.31 37.19
C PHE H 628 -32.29 63.20 36.66
N PHE H 629 -33.33 62.59 36.10
CA PHE H 629 -34.45 63.37 35.58
C PHE H 629 -35.14 64.15 36.69
N ASN H 630 -35.27 63.54 37.86
CA ASN H 630 -35.90 64.21 38.99
C ASN H 630 -35.07 65.42 39.43
N THR H 631 -33.77 65.22 39.66
CA THR H 631 -32.94 66.35 40.05
C THR H 631 -32.88 67.41 38.96
N LYS H 632 -33.15 67.05 37.71
CA LYS H 632 -33.13 68.02 36.63
C LYS H 632 -34.40 68.86 36.60
N TYR H 633 -35.56 68.21 36.54
CA TYR H 633 -36.83 68.92 36.38
C TYR H 633 -37.55 69.18 37.70
N PHE H 634 -37.70 68.17 38.54
CA PHE H 634 -38.33 68.36 39.84
C PHE H 634 -37.48 69.20 40.79
N LEU H 635 -36.21 69.43 40.45
CA LEU H 635 -35.32 70.28 41.26
C LEU H 635 -35.22 69.76 42.70
N LEU H 636 -34.78 68.51 42.82
CA LEU H 636 -34.45 67.91 44.11
C LEU H 636 -32.93 67.87 44.22
N LYS H 637 -32.37 68.99 44.67
CA LYS H 637 -30.92 69.15 44.63
C LYS H 637 -30.22 68.32 45.70
N THR H 638 -30.77 68.31 46.91
CA THR H 638 -30.20 67.56 48.02
C THR H 638 -31.02 66.30 48.28
N VAL H 639 -30.36 65.30 48.88
CA VAL H 639 -31.00 64.02 49.13
C VAL H 639 -32.23 64.19 50.00
N ASP H 640 -32.25 65.21 50.85
CA ASP H 640 -33.40 65.41 51.73
C ASP H 640 -34.67 65.65 50.92
N GLN H 641 -34.59 66.46 49.88
CA GLN H 641 -35.75 66.65 49.01
C GLN H 641 -36.11 65.36 48.29
N HIS H 642 -35.10 64.59 47.87
CA HIS H 642 -35.37 63.35 47.14
C HIS H 642 -36.14 62.36 48.01
N MET H 643 -35.75 62.21 49.27
CA MET H 643 -36.36 61.19 50.13
C MET H 643 -37.85 61.46 50.30
N LYS H 644 -38.24 62.72 50.47
CA LYS H 644 -39.63 63.04 50.74
C LYS H 644 -40.56 62.59 49.63
N LEU H 645 -40.04 62.38 48.42
CA LEU H 645 -40.88 61.96 47.31
C LEU H 645 -41.29 60.50 47.47
N ALA H 646 -42.54 60.20 47.09
CA ALA H 646 -43.08 58.85 47.13
C ALA H 646 -43.99 58.65 45.93
N PHE H 647 -44.30 57.38 45.65
CA PHE H 647 -45.12 57.06 44.48
C PHE H 647 -46.41 57.88 44.48
N SER H 648 -47.11 57.90 45.61
CA SER H 648 -48.41 58.57 45.65
C SER H 648 -48.27 60.06 45.37
N LYS H 649 -47.24 60.70 45.91
CA LYS H 649 -47.10 62.14 45.75
C LYS H 649 -46.97 62.50 44.27
N VAL H 650 -46.17 61.76 43.53
CA VAL H 650 -46.03 61.97 42.10
C VAL H 650 -47.28 61.42 41.40
N LEU H 651 -47.92 62.25 40.59
CA LEU H 651 -49.19 61.91 39.96
C LEU H 651 -49.06 62.08 38.45
N ARG H 652 -49.49 61.07 37.70
CA ARG H 652 -49.45 61.09 36.25
C ARG H 652 -50.69 61.82 35.73
N GLN H 653 -50.49 63.03 35.23
CA GLN H 653 -51.58 63.86 34.72
C GLN H 653 -51.54 63.87 33.20
N THR H 654 -52.67 63.53 32.58
CA THR H 654 -52.82 63.65 31.13
C THR H 654 -53.41 65.01 30.78
N LYS H 655 -52.64 66.05 31.11
CA LYS H 655 -53.11 67.42 30.92
C LYS H 655 -53.37 67.69 29.46
N LYS H 656 -54.39 68.51 29.19
CA LYS H 656 -54.80 68.78 27.83
C LYS H 656 -53.69 69.48 27.06
N ASN H 657 -53.29 68.90 25.93
CA ASN H 657 -52.28 69.51 25.10
C ASN H 657 -52.87 70.67 24.29
N PRO H 658 -52.05 71.63 23.88
CA PRO H 658 -52.58 72.71 23.03
C PRO H 658 -53.17 72.21 21.72
N SER H 659 -52.62 71.12 21.17
CA SER H 659 -53.12 70.56 19.92
C SER H 659 -54.40 69.75 20.21
N ASN H 660 -55.52 70.22 19.67
CA ASN H 660 -56.80 69.54 19.90
C ASN H 660 -56.78 68.09 19.41
N PRO H 661 -56.38 67.80 18.17
CA PRO H 661 -56.46 66.40 17.72
C PRO H 661 -55.61 65.43 18.51
N LYS H 662 -54.52 65.91 19.12
CA LYS H 662 -53.59 65.04 19.84
C LYS H 662 -53.49 65.52 21.28
N ASP H 663 -53.95 64.68 22.22
CA ASP H 663 -53.79 64.92 23.65
C ASP H 663 -53.17 63.69 24.33
N LYS H 664 -52.61 62.78 23.54
CA LYS H 664 -52.14 61.50 24.08
C LYS H 664 -51.07 61.70 25.14
N SER H 665 -50.20 62.69 24.95
CA SER H 665 -49.07 62.89 25.84
C SER H 665 -49.56 63.13 27.27
N THR H 666 -48.82 62.58 28.22
CA THR H 666 -49.12 62.72 29.65
C THR H 666 -47.97 63.46 30.34
N SER H 667 -48.15 63.70 31.63
CA SER H 667 -47.17 64.42 32.42
C SER H 667 -47.17 63.90 33.85
N ILE H 668 -46.06 64.09 34.54
CA ILE H 668 -45.91 63.71 35.94
C ILE H 668 -45.42 64.92 36.72
N ARG H 669 -46.01 65.16 37.88
CA ARG H 669 -45.71 66.33 38.69
C ARG H 669 -45.59 65.92 40.16
N TYR H 670 -44.84 66.72 40.92
CA TYR H 670 -44.56 66.42 42.32
C TYR H 670 -44.69 67.71 43.12
N LEU H 671 -44.92 67.56 44.42
CA LEU H 671 -45.02 68.71 45.32
C LEU H 671 -43.77 69.57 45.20
N LYS H 672 -43.98 70.87 45.00
CA LYS H 672 -42.89 71.81 44.80
C LYS H 672 -43.41 73.22 45.08
N ALA H 673 -42.53 74.05 45.62
CA ALA H 673 -42.90 75.41 46.02
C ALA H 673 -44.14 75.40 46.89
N LEU H 674 -44.35 74.30 47.63
CA LEU H 674 -45.53 74.17 48.47
C LEU H 674 -45.58 75.22 49.57
N GLY H 675 -44.43 75.79 49.95
CA GLY H 675 -44.44 76.88 50.91
C GLY H 675 -45.07 76.49 52.23
N ILE H 676 -46.00 77.32 52.68
CA ILE H 676 -46.67 77.14 53.97
C ILE H 676 -48.14 76.85 53.72
N HIS H 677 -48.66 75.83 54.39
CA HIS H 677 -50.06 75.42 54.25
C HIS H 677 -50.92 75.89 55.41
N GLN H 678 -50.60 77.03 56.01
CA GLN H 678 -51.38 77.53 57.13
C GLN H 678 -52.78 77.88 56.67
N THR H 679 -53.79 77.39 57.40
CA THR H 679 -55.19 77.65 57.10
C THR H 679 -55.49 77.44 55.62
N GLY H 680 -54.84 76.42 55.04
CA GLY H 680 -55.03 76.13 53.63
C GLY H 680 -54.67 77.31 52.74
N GLN H 681 -53.50 77.90 53.00
CA GLN H 681 -53.09 79.09 52.27
C GLN H 681 -53.10 78.83 50.77
N LYS H 682 -53.68 79.77 50.03
CA LYS H 682 -53.77 79.63 48.58
C LYS H 682 -52.42 79.92 47.94
N VAL H 683 -52.00 79.04 47.02
CA VAL H 683 -50.75 79.17 46.29
C VAL H 683 -51.02 78.88 44.82
N THR H 684 -50.00 79.13 44.00
CA THR H 684 -50.14 78.92 42.56
C THR H 684 -50.51 77.47 42.28
N ASP H 685 -51.51 77.27 41.42
CA ASP H 685 -51.92 75.92 41.07
C ASP H 685 -50.79 75.15 40.41
N ASP H 686 -50.06 75.80 39.50
CA ASP H 686 -48.93 75.16 38.81
C ASP H 686 -47.62 75.40 39.57
N MET H 687 -47.63 75.11 40.86
CA MET H 687 -46.41 75.19 41.66
C MET H 687 -45.55 73.94 41.53
N TYR H 688 -46.09 72.86 40.97
CA TYR H 688 -45.34 71.64 40.76
C TYR H 688 -44.42 71.78 39.56
N ALA H 689 -43.45 70.87 39.48
CA ALA H 689 -42.56 70.78 38.33
C ALA H 689 -43.05 69.67 37.41
N GLU H 690 -43.32 70.02 36.16
CA GLU H 690 -43.87 69.08 35.20
C GLU H 690 -42.74 68.38 34.44
N GLN H 691 -43.10 67.29 33.76
CA GLN H 691 -42.16 66.55 32.91
C GLN H 691 -42.95 66.09 31.69
N THR H 692 -42.93 66.91 30.64
CA THR H 692 -43.66 66.59 29.43
C THR H 692 -42.96 65.49 28.65
N GLU H 693 -43.76 64.64 28.00
CA GLU H 693 -43.20 63.53 27.24
C GLU H 693 -42.36 64.05 26.09
N ASN H 694 -41.23 63.37 25.84
CA ASN H 694 -40.30 63.79 24.82
C ASN H 694 -40.46 62.90 23.59
N PRO H 695 -40.94 63.43 22.46
CA PRO H 695 -41.04 62.59 21.25
C PRO H 695 -39.77 62.52 20.42
N GLU H 696 -38.74 63.30 20.76
CA GLU H 696 -37.53 63.31 19.95
C GLU H 696 -36.88 61.93 19.91
N ASN H 697 -36.64 61.35 21.09
CA ASN H 697 -35.97 60.05 21.21
C ASN H 697 -36.81 59.15 22.07
N PRO H 698 -37.21 57.97 21.59
CA PRO H 698 -38.07 57.11 22.41
C PRO H 698 -37.43 56.68 23.72
N LEU H 699 -36.11 56.54 23.75
CA LEU H 699 -35.41 56.05 24.93
C LEU H 699 -35.07 57.16 25.91
N ARG H 700 -35.43 58.41 25.61
CA ARG H 700 -35.09 59.52 26.49
C ARG H 700 -36.32 60.22 27.07
N CYS H 701 -37.52 59.72 26.80
CA CYS H 701 -38.72 60.38 27.32
C CYS H 701 -38.73 60.30 28.83
N PRO H 702 -39.03 61.39 29.54
CA PRO H 702 -39.02 61.33 31.01
C PRO H 702 -40.01 60.34 31.59
N ILE H 703 -41.08 60.01 30.87
CA ILE H 703 -42.15 59.22 31.43
C ILE H 703 -42.08 57.78 30.91
N LYS H 704 -41.50 57.60 29.73
CA LYS H 704 -41.29 56.24 29.24
C LYS H 704 -40.28 55.48 30.09
N LEU H 705 -39.51 56.18 30.92
CA LEU H 705 -38.70 55.54 31.93
C LEU H 705 -39.39 55.46 33.27
N TYR H 706 -40.22 56.44 33.61
CA TYR H 706 -41.05 56.35 34.81
C TYR H 706 -42.06 55.22 34.67
N ASP H 707 -42.71 55.12 33.51
CA ASP H 707 -43.66 54.04 33.27
C ASP H 707 -42.97 52.69 33.28
N PHE H 708 -41.79 52.60 32.67
CA PHE H 708 -41.06 51.34 32.67
C PHE H 708 -40.61 50.97 34.07
N TYR H 709 -40.22 51.97 34.87
CA TYR H 709 -39.84 51.72 36.26
C TYR H 709 -41.01 51.17 37.06
N LEU H 710 -42.15 51.85 37.02
CA LEU H 710 -43.32 51.36 37.73
C LEU H 710 -43.86 50.06 37.13
N PHE H 711 -43.48 49.74 35.90
CA PHE H 711 -43.90 48.51 35.26
C PHE H 711 -43.10 47.30 35.73
N LYS H 712 -41.97 47.52 36.43
CA LYS H 712 -41.15 46.44 36.93
C LYS H 712 -41.15 46.33 38.45
N CYS H 713 -41.60 47.34 39.17
CA CYS H 713 -41.56 47.31 40.62
C CYS H 713 -42.56 46.29 41.15
N PRO H 714 -42.32 45.76 42.35
CA PRO H 714 -43.29 44.84 42.94
C PRO H 714 -44.65 45.51 43.09
N GLN H 715 -45.71 44.74 42.88
CA GLN H 715 -47.05 45.31 42.92
C GLN H 715 -47.36 45.89 44.29
N SER H 716 -46.73 45.37 45.34
CA SER H 716 -46.95 45.92 46.68
C SER H 716 -46.32 47.30 46.83
N VAL H 717 -45.26 47.58 46.07
CA VAL H 717 -44.61 48.88 46.17
C VAL H 717 -45.56 49.98 45.73
N LYS H 718 -46.28 49.76 44.64
CA LYS H 718 -47.20 50.77 44.13
C LYS H 718 -48.30 51.04 45.15
N GLY H 719 -48.76 52.28 45.17
CA GLY H 719 -49.83 52.68 46.08
C GLY H 719 -49.38 53.02 47.48
N ARG H 720 -48.08 53.18 47.72
CA ARG H 720 -47.56 53.54 49.03
C ARG H 720 -46.95 54.93 48.98
N ASN H 721 -47.23 55.73 50.01
CA ASN H 721 -46.67 57.05 50.15
C ASN H 721 -45.35 57.05 50.92
N ASP H 722 -44.83 55.86 51.26
CA ASP H 722 -43.66 55.78 52.13
C ASP H 722 -42.39 56.25 51.42
N THR H 723 -42.15 55.77 50.21
CA THR H 723 -40.88 56.00 49.54
C THR H 723 -41.05 55.85 48.03
N PHE H 724 -39.99 56.14 47.29
CA PHE H 724 -40.02 56.09 45.83
C PHE H 724 -38.91 55.24 45.22
N TYR H 725 -37.70 55.29 45.77
CA TYR H 725 -36.56 54.62 45.18
C TYR H 725 -36.37 53.26 45.83
N LEU H 726 -36.39 52.20 45.03
CA LEU H 726 -36.36 50.83 45.51
C LEU H 726 -35.08 50.16 45.04
N THR H 727 -34.54 49.26 45.87
CA THR H 727 -33.30 48.59 45.52
C THR H 727 -33.48 47.68 44.32
N PRO H 728 -32.42 47.43 43.56
CA PRO H 728 -32.52 46.52 42.41
C PRO H 728 -32.29 45.07 42.82
N GLU H 729 -33.07 44.18 42.20
CA GLU H 729 -32.90 42.76 42.47
C GLU H 729 -31.57 42.29 41.91
N PRO H 730 -30.71 41.65 42.73
CA PRO H 730 -29.36 41.33 42.24
C PRO H 730 -29.35 40.40 41.05
N VAL H 731 -30.42 39.65 40.80
CA VAL H 731 -30.51 38.73 39.68
C VAL H 731 -31.64 39.20 38.77
N VAL H 732 -31.34 39.34 37.48
CA VAL H 732 -32.32 39.80 36.50
C VAL H 732 -32.04 39.12 35.17
N ALA H 733 -33.09 38.91 34.41
CA ALA H 733 -33.03 38.27 33.11
C ALA H 733 -33.78 39.13 32.10
N PRO H 734 -33.55 38.91 30.79
CA PRO H 734 -34.24 39.75 29.80
C PRO H 734 -35.75 39.71 29.94
N ASN H 735 -36.32 38.56 30.31
CA ASN H 735 -37.76 38.42 30.48
C ASN H 735 -38.19 38.49 31.94
N SER H 736 -37.32 38.95 32.83
CA SER H 736 -37.69 39.06 34.23
C SER H 736 -38.82 40.07 34.39
N PRO H 737 -39.93 39.70 35.04
CA PRO H 737 -41.07 40.63 35.13
C PRO H 737 -40.97 41.58 36.31
N ILE H 738 -40.12 41.27 37.29
CA ILE H 738 -39.93 42.11 38.46
C ILE H 738 -38.44 42.36 38.62
N TRP H 739 -38.04 43.64 38.61
CA TRP H 739 -36.65 44.03 38.67
C TRP H 739 -36.21 44.56 40.03
N TYR H 740 -37.14 45.08 40.83
CA TYR H 740 -36.80 45.75 42.08
C TYR H 740 -37.44 45.03 43.25
N SER H 741 -36.78 45.12 44.39
CA SER H 741 -37.28 44.58 45.64
C SER H 741 -38.00 45.66 46.43
N VAL H 742 -38.72 45.24 47.47
CA VAL H 742 -39.52 46.18 48.24
C VAL H 742 -38.66 47.03 49.17
N GLN H 743 -37.48 46.56 49.52
CA GLN H 743 -36.61 47.30 50.43
C GLN H 743 -36.22 48.63 49.80
N PRO H 744 -36.46 49.76 50.46
CA PRO H 744 -36.11 51.05 49.85
C PRO H 744 -34.60 51.29 49.85
N ILE H 745 -34.18 52.20 48.96
CA ILE H 745 -32.78 52.55 48.86
C ILE H 745 -32.30 53.15 50.19
N SER H 746 -31.05 52.86 50.52
CA SER H 746 -30.47 53.37 51.76
C SER H 746 -29.96 54.80 51.56
N ARG H 747 -29.66 55.45 52.70
CA ARG H 747 -29.19 56.83 52.64
C ARG H 747 -27.84 56.93 51.95
N GLU H 748 -26.93 55.99 52.23
CA GLU H 748 -25.60 56.05 51.63
C GLU H 748 -25.67 55.92 50.11
N GLN H 749 -26.53 55.02 49.61
CA GLN H 749 -26.69 54.87 48.18
C GLN H 749 -27.25 56.15 47.56
N MET H 750 -28.24 56.75 48.22
CA MET H 750 -28.75 58.04 47.77
C MET H 750 -27.65 59.07 47.68
N GLY H 751 -26.80 59.13 48.71
CA GLY H 751 -25.72 60.11 48.72
C GLY H 751 -24.73 59.88 47.60
N GLN H 752 -24.35 58.63 47.37
CA GLN H 752 -23.39 58.32 46.31
C GLN H 752 -23.97 58.69 44.95
N MET H 753 -25.23 58.31 44.70
CA MET H 753 -25.85 58.65 43.42
C MET H 753 -25.96 60.16 43.24
N LEU H 754 -26.34 60.87 44.32
CA LEU H 754 -26.48 62.32 44.23
C LEU H 754 -25.14 62.97 43.93
N THR H 755 -24.07 62.51 44.59
CA THR H 755 -22.76 63.09 44.34
C THR H 755 -22.30 62.82 42.92
N ARG H 756 -22.56 61.61 42.41
CA ARG H 756 -22.15 61.32 41.04
C ARG H 756 -23.03 62.02 40.01
N ILE H 757 -24.24 62.45 40.38
CA ILE H 757 -25.14 63.11 39.45
C ILE H 757 -25.08 64.64 39.55
N LEU H 758 -24.48 65.17 40.61
CA LEU H 758 -24.42 66.62 40.81
C LEU H 758 -23.16 67.24 40.24
N VAL H 759 -22.33 66.47 39.55
CA VAL H 759 -21.13 66.98 38.88
C VAL H 759 -21.28 67.06 37.38
N ILE H 760 -22.36 66.51 36.81
CA ILE H 760 -22.59 66.63 35.38
C ILE H 760 -22.87 68.09 35.03
N ARG H 761 -22.52 68.48 33.81
CA ARG H 761 -22.61 69.90 33.43
C ARG H 761 -24.06 70.37 33.38
N GLU H 762 -24.94 69.60 32.74
CA GLU H 762 -26.29 70.10 32.46
C GLU H 762 -27.06 70.35 33.75
N ILE H 763 -26.91 69.48 34.74
CA ILE H 763 -27.60 69.70 36.01
C ILE H 763 -27.13 70.99 36.66
N GLN H 764 -25.83 71.28 36.57
CA GLN H 764 -25.31 72.53 37.11
C GLN H 764 -26.02 73.73 36.50
N GLU H 765 -26.41 73.62 35.22
CA GLU H 765 -27.14 74.71 34.58
C GLU H 765 -28.57 74.81 35.10
N ALA H 766 -29.25 73.67 35.22
CA ALA H 766 -30.65 73.71 35.67
C ALA H 766 -30.77 74.26 37.08
N ILE H 767 -29.91 73.83 37.99
CA ILE H 767 -30.00 74.30 39.37
C ILE H 767 -29.57 75.76 39.46
N ALA H 768 -28.64 76.20 38.61
CA ALA H 768 -28.17 77.58 38.67
C ALA H 768 -29.21 78.54 38.14
N VAL H 769 -29.82 78.21 36.99
CA VAL H 769 -30.79 79.11 36.38
C VAL H 769 -32.02 79.27 37.27
N ALA H 770 -32.48 78.17 37.88
CA ALA H 770 -33.70 78.23 38.67
C ALA H 770 -33.56 79.21 39.83
N ASN H 771 -32.42 79.18 40.52
CA ASN H 771 -32.22 80.09 41.64
C ASN H 771 -32.27 81.53 41.20
N ALA H 772 -31.68 81.85 40.04
CA ALA H 772 -31.68 83.23 39.56
C ALA H 772 -33.10 83.72 39.32
N SER H 773 -33.96 82.89 38.76
CA SER H 773 -35.35 83.26 38.51
C SER H 773 -36.07 83.59 39.81
N ASN I 471 -3.12 54.34 10.40
CA ASN I 471 -1.96 53.85 9.67
C ASN I 471 -2.37 53.28 8.32
N SER I 472 -1.45 52.56 7.67
CA SER I 472 -1.74 52.03 6.35
C SER I 472 -2.89 51.03 6.38
N LEU I 473 -2.93 50.18 7.39
CA LEU I 473 -3.91 49.10 7.48
C LEU I 473 -4.97 49.46 8.51
N LYS I 474 -6.24 49.35 8.12
CA LYS I 474 -7.36 49.72 8.97
C LYS I 474 -8.15 48.49 9.37
N PRO I 475 -8.21 48.10 10.65
CA PRO I 475 -8.96 46.88 11.00
C PRO I 475 -10.46 47.04 10.90
N GLU I 476 -10.97 48.26 11.05
CA GLU I 476 -12.42 48.46 11.05
C GLU I 476 -13.04 48.03 9.73
N GLU I 477 -12.35 48.27 8.62
CA GLU I 477 -12.88 47.86 7.31
C GLU I 477 -13.04 46.35 7.23
N GLY I 478 -12.03 45.61 7.68
CA GLY I 478 -12.14 44.17 7.69
C GLY I 478 -13.24 43.68 8.62
N LEU I 479 -13.36 44.30 9.79
CA LEU I 479 -14.43 43.93 10.70
C LEU I 479 -15.80 44.16 10.07
N GLU I 480 -15.97 45.29 9.38
CA GLU I 480 -17.24 45.58 8.74
C GLU I 480 -17.56 44.59 7.64
N VAL I 481 -16.56 44.24 6.82
CA VAL I 481 -16.79 43.27 5.75
C VAL I 481 -17.18 41.92 6.35
N TRP I 482 -16.46 41.48 7.39
CA TRP I 482 -16.79 40.22 8.03
C TRP I 482 -18.20 40.26 8.62
N LYS I 483 -18.58 41.39 9.22
CA LYS I 483 -19.91 41.51 9.81
C LYS I 483 -20.98 41.40 8.74
N ASN I 484 -20.80 42.08 7.60
CA ASN I 484 -21.78 42.01 6.53
C ASN I 484 -21.92 40.57 6.03
N TRP I 485 -20.79 39.92 5.77
CA TRP I 485 -20.85 38.54 5.31
C TRP I 485 -21.54 37.64 6.33
N ALA I 486 -21.22 37.83 7.60
CA ALA I 486 -21.81 36.99 8.64
C ALA I 486 -23.31 37.19 8.73
N GLN I 487 -23.77 38.44 8.62
CA GLN I 487 -25.20 38.69 8.63
C GLN I 487 -25.89 38.00 7.46
N THR I 488 -25.30 38.13 6.26
CA THR I 488 -25.89 37.46 5.10
C THR I 488 -25.93 35.95 5.28
N LYS I 489 -24.84 35.37 5.79
CA LYS I 489 -24.78 33.93 5.96
C LYS I 489 -25.76 33.46 7.03
N ASN I 490 -25.92 34.22 8.11
CA ASN I 490 -26.90 33.88 9.13
C ASN I 490 -28.31 33.92 8.56
N ALA I 491 -28.61 34.94 7.74
CA ALA I 491 -29.92 34.99 7.11
C ALA I 491 -30.14 33.78 6.21
N GLU I 492 -29.13 33.40 5.43
CA GLU I 492 -29.26 32.23 4.57
C GLU I 492 -29.51 30.98 5.41
N LEU I 493 -28.75 30.80 6.48
CA LEU I 493 -28.89 29.60 7.30
C LEU I 493 -30.26 29.54 7.96
N GLU I 494 -30.74 30.67 8.47
CA GLU I 494 -32.03 30.66 9.15
C GLU I 494 -33.18 30.46 8.18
N LYS I 495 -33.09 31.04 6.97
CA LYS I 495 -34.14 30.79 5.99
C LYS I 495 -34.13 29.32 5.55
N ASP I 496 -32.93 28.74 5.38
CA ASP I 496 -32.86 27.32 5.07
C ASP I 496 -33.32 26.48 6.25
N ALA I 497 -33.11 26.94 7.48
CA ALA I 497 -33.62 26.28 8.66
C ALA I 497 -33.21 24.81 8.71
N GLN I 498 -31.96 24.55 8.37
CA GLN I 498 -31.39 23.20 8.40
C GLN I 498 -30.46 23.08 9.60
N ASN I 499 -30.70 22.06 10.42
CA ASN I 499 -29.89 21.87 11.62
C ASN I 499 -28.43 21.64 11.27
N ARG I 500 -27.54 22.37 11.93
CA ARG I 500 -26.11 22.23 11.73
C ARG I 500 -25.42 22.60 13.02
N LEU I 501 -24.48 21.76 13.46
CA LEU I 501 -23.94 21.84 14.82
C LEU I 501 -22.57 22.52 14.81
N ALA I 502 -22.36 23.43 15.75
CA ALA I 502 -21.11 24.17 15.83
C ALA I 502 -19.99 23.28 16.34
N PRO I 503 -18.74 23.65 16.08
CA PRO I 503 -17.60 22.89 16.61
C PRO I 503 -17.28 23.14 18.07
N ILE I 504 -18.12 23.91 18.78
CA ILE I 504 -17.83 24.23 20.17
C ILE I 504 -18.25 23.07 21.06
N GLY I 505 -17.77 23.09 22.31
CA GLY I 505 -18.09 22.02 23.24
C GLY I 505 -19.58 21.98 23.58
N ARG I 506 -20.15 23.13 23.90
CA ARG I 506 -21.58 23.17 24.21
C ARG I 506 -22.39 22.90 22.96
N ARG I 507 -23.59 22.37 23.17
CA ARG I 507 -24.47 21.97 22.07
C ARG I 507 -25.24 23.19 21.59
N GLN I 508 -24.96 23.63 20.37
CA GLN I 508 -25.55 24.83 19.83
C GLN I 508 -25.54 24.76 18.31
N LEU I 509 -26.52 25.41 17.68
CA LEU I 509 -26.59 25.42 16.23
C LEU I 509 -25.47 26.27 15.65
N LEU I 510 -24.80 25.76 14.61
CA LEU I 510 -23.69 26.48 14.01
C LEU I 510 -24.16 27.84 13.49
N ARG I 511 -23.41 28.88 13.84
CA ARG I 511 -23.69 30.23 13.36
C ARG I 511 -22.40 31.01 13.40
N PHE I 512 -22.24 31.93 12.44
CA PHE I 512 -21.03 32.73 12.31
C PHE I 512 -21.20 34.01 13.11
N GLN I 513 -20.39 34.17 14.15
CA GLN I 513 -20.55 35.31 15.05
C GLN I 513 -20.40 36.61 14.28
N GLU I 514 -21.29 37.56 14.55
CA GLU I 514 -21.21 38.88 13.96
C GLU I 514 -19.98 39.64 14.44
N ASP I 515 -19.31 39.17 15.48
CA ASP I 515 -18.07 39.74 15.96
C ASP I 515 -16.93 38.75 15.73
N LEU I 516 -15.82 39.24 15.21
CA LEU I 516 -14.72 38.34 14.85
C LEU I 516 -14.16 37.60 16.06
N ILE I 517 -13.99 38.30 17.18
CA ILE I 517 -13.21 37.76 18.29
C ILE I 517 -13.85 36.49 18.82
N SER I 518 -15.17 36.51 19.03
CA SER I 518 -15.85 35.37 19.62
C SER I 518 -15.81 34.14 18.73
N SER I 519 -15.55 34.31 17.44
CA SER I 519 -15.57 33.18 16.52
C SER I 519 -14.58 32.11 16.94
N ALA I 520 -15.00 30.85 16.88
CA ALA I 520 -14.15 29.75 17.25
C ALA I 520 -13.04 29.55 16.22
N VAL I 521 -12.09 28.69 16.55
CA VAL I 521 -10.96 28.45 15.65
C VAL I 521 -11.44 27.85 14.34
N ALA I 522 -12.36 26.90 14.40
CA ALA I 522 -12.85 26.26 13.18
C ALA I 522 -13.79 27.18 12.42
N GLU I 523 -14.65 27.92 13.13
CA GLU I 523 -15.60 28.79 12.44
C GLU I 523 -14.89 29.86 11.62
N LEU I 524 -13.81 30.42 12.16
CA LEU I 524 -13.05 31.42 11.41
C LEU I 524 -12.50 30.82 10.13
N ASN I 525 -11.96 29.61 10.19
CA ASN I 525 -11.41 28.98 8.99
C ASN I 525 -12.49 28.79 7.93
N TYR I 526 -13.59 28.16 8.31
CA TYR I 526 -14.68 27.96 7.35
C TYR I 526 -15.30 29.29 6.95
N GLY I 527 -15.49 30.19 7.92
CA GLY I 527 -16.01 31.51 7.58
C GLY I 527 -15.10 32.26 6.64
N LEU I 528 -13.78 32.20 6.90
CA LEU I 528 -12.84 32.93 6.06
C LEU I 528 -12.73 32.32 4.67
N CYS I 529 -12.85 31.00 4.58
CA CYS I 529 -12.73 30.35 3.28
C CYS I 529 -13.84 30.80 2.33
N LEU I 530 -15.07 30.90 2.84
CA LEU I 530 -16.19 31.26 1.97
C LEU I 530 -16.18 32.73 1.58
N MET I 531 -15.61 33.60 2.42
CA MET I 531 -15.55 35.01 2.07
C MET I 531 -14.86 35.22 0.73
N THR I 532 -13.87 34.38 0.40
CA THR I 532 -13.17 34.53 -0.86
C THR I 532 -14.12 34.39 -2.06
N ARG I 533 -15.28 33.76 -1.87
CA ARG I 533 -16.23 33.58 -2.95
C ARG I 533 -17.52 34.37 -2.78
N GLU I 534 -17.85 34.81 -1.56
CA GLU I 534 -19.11 35.47 -1.29
C GLU I 534 -18.97 36.89 -0.75
N ALA I 535 -17.75 37.35 -0.49
CA ALA I 535 -17.56 38.70 0.03
C ALA I 535 -18.04 39.73 -0.98
N ARG I 536 -18.98 40.58 -0.57
CA ARG I 536 -19.55 41.60 -1.43
C ARG I 536 -19.18 42.98 -0.93
N ASN I 537 -19.54 43.99 -1.73
CA ASN I 537 -19.31 45.39 -1.42
C ASN I 537 -20.63 46.14 -1.54
N GLY I 538 -20.60 47.44 -1.20
CA GLY I 538 -21.81 48.24 -1.25
C GLY I 538 -22.45 48.22 -2.63
N GLU I 539 -21.63 48.36 -3.68
CA GLU I 539 -22.14 48.29 -5.04
C GLU I 539 -22.64 46.88 -5.36
N GLY I 540 -22.09 45.87 -4.70
CA GLY I 540 -22.42 44.48 -4.96
C GLY I 540 -21.44 43.75 -5.84
N GLU I 541 -20.52 44.47 -6.47
CA GLU I 541 -19.51 43.82 -7.30
C GLU I 541 -18.53 43.04 -6.42
N PRO I 542 -18.15 41.81 -6.81
CA PRO I 542 -17.14 41.09 -6.03
C PRO I 542 -15.85 41.88 -5.95
N TYR I 543 -15.21 41.80 -4.78
CA TYR I 543 -13.93 42.47 -4.60
C TYR I 543 -12.88 41.92 -5.56
N ASP I 544 -11.99 42.80 -6.02
CA ASP I 544 -10.84 42.35 -6.78
C ASP I 544 -9.85 41.67 -5.85
N PRO I 545 -8.97 40.82 -6.39
CA PRO I 545 -8.10 40.03 -5.51
C PRO I 545 -7.24 40.88 -4.58
N ASP I 546 -6.73 42.01 -5.07
CA ASP I 546 -5.84 42.84 -4.26
C ASP I 546 -6.55 43.41 -3.04
N VAL I 547 -7.72 44.02 -3.26
CA VAL I 547 -8.45 44.60 -2.13
C VAL I 547 -8.96 43.50 -1.21
N LEU I 548 -9.27 42.32 -1.74
CA LEU I 548 -9.67 41.21 -0.88
C LEU I 548 -8.54 40.78 0.03
N TYR I 549 -7.32 40.68 -0.51
CA TYR I 549 -6.16 40.37 0.32
C TYR I 549 -5.94 41.46 1.37
N TYR I 550 -6.15 42.72 0.97
CA TYR I 550 -6.04 43.82 1.92
C TYR I 550 -7.06 43.68 3.04
N ILE I 551 -8.28 43.26 2.71
CA ILE I 551 -9.31 43.09 3.73
C ILE I 551 -8.96 41.95 4.67
N PHE I 552 -8.38 40.87 4.14
CA PHE I 552 -7.95 39.77 5.00
C PHE I 552 -6.83 40.23 5.93
N LEU I 553 -5.92 41.05 5.42
CA LEU I 553 -4.87 41.61 6.28
C LEU I 553 -5.49 42.48 7.36
N CYS I 554 -6.51 43.26 7.02
CA CYS I 554 -7.21 44.06 8.02
C CYS I 554 -7.84 43.17 9.09
N ILE I 555 -8.42 42.05 8.67
CA ILE I 555 -8.99 41.10 9.64
C ILE I 555 -7.92 40.59 10.57
N GLN I 556 -6.75 40.24 10.03
CA GLN I 556 -5.67 39.74 10.88
C GLN I 556 -5.21 40.82 11.86
N LYS I 557 -5.12 42.07 11.39
CA LYS I 557 -4.76 43.16 12.29
C LYS I 557 -5.79 43.30 13.41
N TYR I 558 -7.07 43.20 13.07
CA TYR I 558 -8.11 43.27 14.08
C TYR I 558 -7.95 42.16 15.11
N LEU I 559 -7.69 40.94 14.65
CA LEU I 559 -7.50 39.83 15.59
C LEU I 559 -6.33 40.09 16.51
N PHE I 560 -5.19 40.55 15.96
CA PHE I 560 -4.05 40.87 16.81
C PHE I 560 -4.38 41.97 17.82
N GLU I 561 -5.18 42.96 17.42
CA GLU I 561 -5.47 44.07 18.33
C GLU I 561 -6.26 43.62 19.54
N ASN I 562 -7.15 42.64 19.38
CA ASN I 562 -8.11 42.26 20.42
C ASN I 562 -7.72 41.01 21.17
N GLY I 563 -6.46 40.60 21.12
CA GLY I 563 -5.93 39.55 21.95
C GLY I 563 -5.80 38.20 21.29
N ARG I 564 -6.50 37.96 20.18
CA ARG I 564 -6.36 36.70 19.48
C ARG I 564 -4.93 36.55 18.97
N VAL I 565 -4.38 35.34 19.12
CA VAL I 565 -3.00 35.06 18.72
C VAL I 565 -2.92 34.23 17.46
N ASP I 566 -4.05 33.83 16.89
CA ASP I 566 -4.03 32.98 15.70
C ASP I 566 -3.50 33.75 14.50
N ASP I 567 -2.71 33.07 13.68
CA ASP I 567 -2.19 33.62 12.43
C ASP I 567 -2.91 32.92 11.29
N ILE I 568 -3.84 33.63 10.65
CA ILE I 568 -4.69 33.00 9.65
C ILE I 568 -3.91 32.60 8.41
N PHE I 569 -2.72 33.14 8.20
CA PHE I 569 -1.94 32.87 7.01
C PHE I 569 -0.88 31.78 7.20
N SER I 570 -0.55 31.41 8.43
CA SER I 570 0.55 30.49 8.67
C SER I 570 0.17 29.34 9.57
N ASP I 571 -0.82 29.52 10.44
CA ASP I 571 -1.20 28.47 11.36
C ASP I 571 -1.72 27.26 10.60
N LEU I 572 -1.32 26.07 11.06
CA LEU I 572 -1.71 24.85 10.36
C LEU I 572 -3.22 24.66 10.35
N TYR I 573 -3.91 25.15 11.38
CA TYR I 573 -5.36 25.04 11.44
C TYR I 573 -6.05 25.89 10.38
N TYR I 574 -5.32 26.79 9.73
CA TYR I 574 -5.89 27.68 8.72
C TYR I 574 -5.36 27.36 7.32
N VAL I 575 -4.99 26.10 7.09
CA VAL I 575 -4.38 25.74 5.82
C VAL I 575 -5.34 25.93 4.66
N ARG I 576 -6.60 25.53 4.84
CA ARG I 576 -7.56 25.58 3.74
C ARG I 576 -7.79 27.01 3.28
N PHE I 577 -7.88 27.95 4.21
CA PHE I 577 -8.01 29.36 3.82
C PHE I 577 -6.89 29.76 2.89
N THR I 578 -5.66 29.35 3.20
CA THR I 578 -4.54 29.65 2.32
C THR I 578 -4.75 29.07 0.94
N GLU I 579 -5.26 27.83 0.87
CA GLU I 579 -5.50 27.21 -0.43
C GLU I 579 -6.51 28.01 -1.25
N TRP I 580 -7.65 28.37 -0.64
CA TRP I 580 -8.67 29.11 -1.37
C TRP I 580 -8.14 30.48 -1.79
N LEU I 581 -7.39 31.15 -0.91
CA LEU I 581 -6.83 32.44 -1.27
C LEU I 581 -5.85 32.30 -2.42
N HIS I 582 -5.03 31.24 -2.42
CA HIS I 582 -4.11 31.01 -3.52
C HIS I 582 -4.84 30.78 -4.82
N GLU I 583 -5.93 30.01 -4.79
CA GLU I 583 -6.71 29.81 -6.00
C GLU I 583 -7.29 31.12 -6.50
N VAL I 584 -7.77 31.96 -5.59
CA VAL I 584 -8.33 33.25 -6.00
C VAL I 584 -7.26 34.12 -6.64
N LEU I 585 -6.06 34.15 -6.06
CA LEU I 585 -4.99 35.01 -6.52
C LEU I 585 -4.12 34.36 -7.60
N LYS I 586 -4.45 33.15 -8.04
CA LYS I 586 -3.54 32.40 -8.90
C LYS I 586 -3.35 33.09 -10.24
N ASP I 587 -4.45 33.41 -10.92
CA ASP I 587 -4.40 33.94 -12.28
C ASP I 587 -4.61 35.45 -12.33
N VAL I 588 -4.17 36.16 -11.29
CA VAL I 588 -4.35 37.61 -11.27
C VAL I 588 -3.24 38.28 -12.07
N GLN I 589 -3.54 39.47 -12.56
CA GLN I 589 -2.59 40.28 -13.32
C GLN I 589 -2.78 41.74 -12.96
N PRO I 590 -1.73 42.56 -13.08
CA PRO I 590 -1.90 43.99 -12.84
C PRO I 590 -2.81 44.60 -13.89
N ARG I 591 -3.57 45.62 -13.48
CA ARG I 591 -4.52 46.28 -14.35
C ARG I 591 -3.97 47.62 -14.82
N VAL I 592 -3.98 47.82 -16.13
CA VAL I 592 -3.69 49.12 -16.71
C VAL I 592 -4.98 49.88 -17.03
N THR I 593 -6.10 49.44 -16.45
CA THR I 593 -7.39 50.08 -16.73
C THR I 593 -7.38 51.58 -16.47
N PRO I 594 -6.82 52.10 -15.38
CA PRO I 594 -6.78 53.55 -15.21
C PRO I 594 -5.95 54.22 -16.30
N LEU I 595 -6.30 55.47 -16.59
CA LEU I 595 -5.59 56.21 -17.62
C LEU I 595 -4.08 56.16 -17.40
N GLY I 596 -3.65 56.26 -16.14
CA GLY I 596 -2.25 56.06 -15.84
C GLY I 596 -1.80 54.65 -16.19
N TYR I 597 -0.61 54.54 -16.77
CA TYR I 597 -0.12 53.26 -17.24
C TYR I 597 0.31 52.34 -16.11
N VAL I 598 0.41 52.84 -14.87
CA VAL I 598 0.78 52.03 -13.71
C VAL I 598 -0.30 52.20 -12.66
N LEU I 599 -0.79 51.08 -12.13
CA LEU I 599 -1.84 51.09 -11.12
C LEU I 599 -1.26 50.75 -9.76
N PRO I 600 -1.49 51.55 -8.72
CA PRO I 600 -0.89 51.25 -7.42
C PRO I 600 -1.75 50.25 -6.64
N SER I 601 -1.19 49.06 -6.40
CA SER I 601 -1.92 48.05 -5.65
C SER I 601 -2.19 48.54 -4.23
N HIS I 602 -3.36 48.17 -3.70
CA HIS I 602 -3.70 48.56 -2.34
C HIS I 602 -2.74 47.96 -1.33
N VAL I 603 -2.36 46.70 -1.52
CA VAL I 603 -1.39 46.07 -0.64
C VAL I 603 -0.04 46.75 -0.80
N THR I 604 0.65 46.97 0.32
CA THR I 604 1.91 47.69 0.33
C THR I 604 2.91 46.98 1.25
N GLU I 605 4.17 47.39 1.13
CA GLU I 605 5.20 46.83 2.00
C GLU I 605 4.94 47.20 3.46
N GLU I 606 4.68 48.49 3.72
CA GLU I 606 4.41 48.91 5.08
C GLU I 606 3.15 48.25 5.65
N MET I 607 2.24 47.81 4.78
CA MET I 607 1.03 47.14 5.25
C MET I 607 1.36 45.80 5.88
N LEU I 608 2.17 44.98 5.20
CA LEU I 608 2.54 43.68 5.75
C LEU I 608 3.42 43.85 6.99
N TRP I 609 4.34 44.82 6.97
CA TRP I 609 5.18 45.04 8.13
C TRP I 609 4.35 45.36 9.36
N GLU I 610 3.35 46.24 9.22
CA GLU I 610 2.53 46.61 10.37
C GLU I 610 1.72 45.43 10.87
N CYS I 611 1.19 44.61 9.97
CA CYS I 611 0.35 43.48 10.33
C CYS I 611 1.15 42.29 10.85
N LYS I 612 2.45 42.46 11.08
CA LYS I 612 3.31 41.40 11.62
C LYS I 612 3.40 40.19 10.70
N GLN I 613 3.14 40.39 9.40
CA GLN I 613 3.40 39.32 8.43
C GLN I 613 4.89 39.13 8.22
N LEU I 614 5.65 40.21 8.20
CA LEU I 614 7.08 40.18 7.94
C LEU I 614 7.84 40.55 9.21
N GLY I 615 8.91 39.82 9.48
CA GLY I 615 9.73 40.04 10.64
C GLY I 615 10.16 38.72 11.23
N ALA I 616 10.73 38.79 12.44
CA ALA I 616 11.23 37.62 13.15
C ALA I 616 10.30 37.21 14.30
N HIS I 617 9.00 37.49 14.17
CA HIS I 617 8.07 37.15 15.24
C HIS I 617 7.91 35.65 15.40
N SER I 618 7.64 34.95 14.30
CA SER I 618 7.35 33.53 14.33
C SER I 618 8.13 32.86 13.20
N PRO I 619 8.35 31.54 13.29
CA PRO I 619 9.12 30.87 12.24
C PRO I 619 8.54 31.06 10.85
N SER I 620 7.21 31.04 10.71
CA SER I 620 6.61 31.17 9.38
C SER I 620 6.80 32.57 8.83
N THR I 621 6.62 33.59 9.67
CA THR I 621 6.79 34.96 9.19
C THR I 621 8.22 35.22 8.77
N LEU I 622 9.19 34.72 9.53
CA LEU I 622 10.59 34.88 9.14
C LEU I 622 10.85 34.20 7.80
N LEU I 623 10.34 32.99 7.62
CA LEU I 623 10.53 32.29 6.35
C LEU I 623 9.92 33.07 5.20
N THR I 624 8.76 33.70 5.44
CA THR I 624 8.16 34.55 4.43
C THR I 624 9.00 35.79 4.18
N THR I 625 9.60 36.35 5.23
CA THR I 625 10.41 37.55 5.06
C THR I 625 11.59 37.30 4.11
N LEU I 626 12.25 36.16 4.25
CA LEU I 626 13.35 35.84 3.35
C LEU I 626 12.89 35.78 1.91
N MET I 627 11.71 35.20 1.68
CA MET I 627 11.15 35.17 0.33
C MET I 627 10.88 36.58 -0.17
N PHE I 628 10.40 37.47 0.70
CA PHE I 628 10.11 38.84 0.27
C PHE I 628 11.38 39.55 -0.19
N PHE I 629 12.45 39.47 0.59
CA PHE I 629 13.69 40.14 0.22
C PHE I 629 14.41 39.41 -0.89
N ASN I 630 14.35 38.08 -0.91
CA ASN I 630 14.96 37.34 -2.01
C ASN I 630 14.32 37.69 -3.34
N THR I 631 12.98 37.74 -3.38
CA THR I 631 12.28 38.03 -4.62
C THR I 631 12.33 39.50 -5.00
N LYS I 632 12.75 40.39 -4.09
CA LYS I 632 12.86 41.80 -4.39
C LYS I 632 14.23 42.16 -4.93
N TYR I 633 15.30 41.72 -4.26
CA TYR I 633 16.65 42.04 -4.66
C TYR I 633 17.16 41.10 -5.75
N PHE I 634 17.08 39.79 -5.50
CA PHE I 634 17.47 38.83 -6.53
C PHE I 634 16.47 38.76 -7.67
N LEU I 635 15.32 39.40 -7.54
CA LEU I 635 14.32 39.47 -8.61
C LEU I 635 13.92 38.08 -9.09
N LEU I 636 13.76 37.16 -8.14
CA LEU I 636 13.34 35.78 -8.46
C LEU I 636 11.82 35.71 -8.49
N LYS I 637 11.25 36.32 -9.55
CA LYS I 637 9.80 36.36 -9.67
C LYS I 637 9.21 34.96 -9.79
N THR I 638 9.87 34.09 -10.55
CA THR I 638 9.34 32.76 -10.80
C THR I 638 9.52 31.87 -9.57
N VAL I 639 8.60 30.92 -9.42
CA VAL I 639 8.71 29.94 -8.33
C VAL I 639 9.94 29.07 -8.54
N ASP I 640 10.22 28.69 -9.79
CA ASP I 640 11.36 27.84 -10.08
C ASP I 640 12.66 28.51 -9.69
N GLN I 641 12.76 29.83 -9.89
CA GLN I 641 13.97 30.54 -9.50
C GLN I 641 14.23 30.41 -8.01
N HIS I 642 13.18 30.55 -7.20
CA HIS I 642 13.33 30.34 -5.76
C HIS I 642 13.69 28.90 -5.45
N MET I 643 12.99 27.95 -6.07
CA MET I 643 13.20 26.54 -5.72
C MET I 643 14.63 26.12 -6.03
N LYS I 644 15.19 26.58 -7.14
CA LYS I 644 16.58 26.26 -7.47
C LYS I 644 17.55 26.82 -6.44
N LEU I 645 17.12 27.81 -5.65
CA LEU I 645 18.01 28.41 -4.67
C LEU I 645 18.40 27.39 -3.61
N ALA I 646 19.62 27.53 -3.10
CA ALA I 646 20.11 26.67 -2.04
C ALA I 646 21.08 27.45 -1.17
N PHE I 647 21.27 26.97 0.06
CA PHE I 647 22.10 27.69 1.02
C PHE I 647 23.54 27.78 0.55
N SER I 648 24.06 26.71 -0.05
CA SER I 648 25.46 26.73 -0.50
C SER I 648 25.69 27.83 -1.53
N LYS I 649 24.76 27.98 -2.47
CA LYS I 649 24.94 28.99 -3.51
C LYS I 649 24.98 30.39 -2.92
N VAL I 650 24.12 30.67 -1.93
CA VAL I 650 24.14 31.97 -1.27
C VAL I 650 25.40 32.09 -0.44
N LEU I 651 26.11 33.20 -0.60
CA LEU I 651 27.35 33.46 0.12
C LEU I 651 27.31 34.86 0.72
N ARG I 652 27.86 34.99 1.92
CA ARG I 652 27.97 36.28 2.60
C ARG I 652 29.44 36.64 2.71
N GLN I 653 29.79 37.82 2.22
CA GLN I 653 31.17 38.33 2.28
C GLN I 653 31.16 39.72 2.87
N THR I 654 31.98 39.94 3.90
CA THR I 654 32.10 41.27 4.46
C THR I 654 32.64 42.26 3.43
N LYS I 655 33.69 41.86 2.70
CA LYS I 655 34.26 42.70 1.65
C LYS I 655 34.54 44.10 2.18
N LYS I 656 35.06 44.16 3.41
CA LYS I 656 35.25 45.45 4.07
C LYS I 656 36.17 46.34 3.24
N ASN I 657 35.75 47.60 3.07
CA ASN I 657 36.49 48.54 2.26
C ASN I 657 37.48 49.30 3.11
N PRO I 658 38.79 49.23 2.83
CA PRO I 658 39.75 50.01 3.64
C PRO I 658 39.55 51.50 3.53
N SER I 659 38.85 51.99 2.50
CA SER I 659 38.66 53.43 2.35
C SER I 659 37.92 54.01 3.55
N ASN I 660 36.88 53.33 4.02
CA ASN I 660 36.15 53.76 5.21
C ASN I 660 36.57 52.91 6.38
N PRO I 661 37.25 53.45 7.39
CA PRO I 661 37.64 52.62 8.54
C PRO I 661 36.43 52.05 9.24
N LYS I 662 36.53 50.78 9.65
CA LYS I 662 35.45 50.10 10.35
C LYS I 662 34.14 50.21 9.60
N ASP I 663 34.22 50.13 8.26
CA ASP I 663 33.00 50.20 7.45
C ASP I 663 32.07 49.04 7.76
N LYS I 664 32.62 47.84 7.91
CA LYS I 664 31.84 46.66 8.29
C LYS I 664 30.71 46.41 7.30
N SER I 665 30.98 46.65 6.01
CA SER I 665 30.01 46.35 4.98
C SER I 665 29.71 44.85 4.98
N THR I 666 28.44 44.50 4.77
CA THR I 666 28.03 43.11 4.73
C THR I 666 26.88 42.96 3.75
N SER I 667 26.90 41.87 2.98
CA SER I 667 25.86 41.61 2.00
C SER I 667 25.98 40.19 1.52
N ILE I 668 24.89 39.68 0.96
CA ILE I 668 24.82 38.33 0.41
C ILE I 668 24.64 38.45 -1.10
N ARG I 669 25.40 37.66 -1.85
CA ARG I 669 25.36 37.68 -3.30
C ARG I 669 24.86 36.34 -3.81
N TYR I 670 24.20 36.38 -4.97
CA TYR I 670 23.66 35.18 -5.60
C TYR I 670 23.78 35.32 -7.11
N LEU I 671 24.32 34.29 -7.75
CA LEU I 671 24.40 34.30 -9.21
C LEU I 671 23.01 34.29 -9.81
N LYS I 672 22.86 34.97 -10.94
CA LYS I 672 21.59 35.01 -11.65
C LYS I 672 21.58 33.97 -12.77
N ALA I 673 20.41 33.39 -13.01
CA ALA I 673 20.24 32.35 -14.02
C ALA I 673 20.04 32.99 -15.39
N LEU I 674 21.11 33.58 -15.89
CA LEU I 674 21.13 34.21 -17.21
C LEU I 674 21.88 33.29 -18.17
N GLY I 675 21.13 32.66 -19.07
CA GLY I 675 21.73 31.74 -20.03
C GLY I 675 22.28 32.45 -21.24
N ILE I 676 23.61 32.50 -21.35
CA ILE I 676 24.28 33.17 -22.46
C ILE I 676 25.36 32.25 -23.00
N HIS I 677 25.64 32.38 -24.30
CA HIS I 677 26.65 31.53 -24.93
C HIS I 677 28.03 31.76 -24.33
N GLN I 678 28.37 33.02 -24.06
CA GLN I 678 29.69 33.34 -23.54
C GLN I 678 29.88 32.72 -22.17
N THR I 679 31.14 32.39 -21.85
CA THR I 679 31.51 31.78 -20.59
C THR I 679 32.34 32.75 -19.78
N GLY I 680 32.42 32.49 -18.47
CA GLY I 680 33.15 33.34 -17.57
C GLY I 680 32.30 34.46 -17.02
N GLN I 681 32.88 35.16 -16.03
CA GLN I 681 32.21 36.27 -15.37
C GLN I 681 32.49 37.54 -16.16
N LYS I 682 31.53 37.94 -17.00
CA LYS I 682 31.72 39.13 -17.82
C LYS I 682 31.79 40.38 -16.94
N VAL I 683 30.81 40.55 -16.06
CA VAL I 683 30.79 41.66 -15.10
C VAL I 683 30.29 41.14 -13.78
N THR I 684 30.97 41.51 -12.69
CA THR I 684 30.57 41.03 -11.37
C THR I 684 29.19 41.54 -10.97
N ASP I 685 28.92 42.82 -11.22
CA ASP I 685 27.66 43.42 -10.78
C ASP I 685 26.50 43.02 -11.67
N ASP I 686 26.72 42.88 -12.98
CA ASP I 686 25.63 42.58 -13.89
C ASP I 686 25.03 41.20 -13.61
N MET I 687 25.87 40.22 -13.33
CA MET I 687 25.43 38.84 -13.16
C MET I 687 24.92 38.53 -11.76
N TYR I 688 25.13 39.42 -10.78
CA TYR I 688 24.83 39.12 -9.40
C TYR I 688 24.02 40.25 -8.77
N ALA I 689 23.20 39.89 -7.79
CA ALA I 689 22.41 40.84 -7.01
C ALA I 689 22.82 40.73 -5.55
N GLU I 690 23.12 41.88 -4.94
CA GLU I 690 23.60 41.94 -3.56
C GLU I 690 22.64 42.74 -2.72
N GLN I 691 22.30 42.20 -1.54
CA GLN I 691 21.48 42.92 -0.58
C GLN I 691 22.32 43.97 0.14
N THR I 692 21.66 44.82 0.91
CA THR I 692 22.33 45.91 1.61
C THR I 692 21.69 46.13 2.97
N GLU I 693 22.51 46.51 3.94
CA GLU I 693 22.02 46.81 5.27
C GLU I 693 21.10 48.01 5.26
N ASN I 694 20.10 47.99 6.14
CA ASN I 694 19.14 49.09 6.27
C ASN I 694 19.29 49.73 7.64
N PRO I 695 19.95 50.90 7.74
CA PRO I 695 20.07 51.56 9.04
C PRO I 695 18.79 52.27 9.48
N GLU I 696 17.79 52.38 8.61
CA GLU I 696 16.56 53.06 8.98
C GLU I 696 15.81 52.30 10.06
N ASN I 697 15.85 50.97 10.02
CA ASN I 697 15.37 50.14 11.12
C ASN I 697 16.15 48.84 11.19
N PRO I 698 16.77 48.51 12.33
CA PRO I 698 17.41 47.18 12.45
C PRO I 698 16.43 46.03 12.30
N LEU I 699 15.14 46.27 12.54
CA LEU I 699 14.13 45.22 12.39
C LEU I 699 13.88 44.85 10.93
N ARG I 700 14.42 45.62 9.98
CA ARG I 700 14.14 45.42 8.58
C ARG I 700 15.39 45.07 7.76
N CYS I 701 16.55 45.04 8.38
CA CYS I 701 17.78 44.75 7.64
C CYS I 701 17.75 43.33 7.10
N PRO I 702 17.79 43.12 5.78
CA PRO I 702 17.80 41.74 5.28
C PRO I 702 18.99 40.94 5.75
N ILE I 703 20.15 41.58 5.93
CA ILE I 703 21.31 40.85 6.43
C ILE I 703 21.06 40.36 7.85
N LYS I 704 20.45 41.21 8.70
CA LYS I 704 20.20 40.80 10.07
C LYS I 704 19.22 39.63 10.11
N LEU I 705 18.14 39.71 9.33
CA LEU I 705 17.16 38.63 9.32
C LEU I 705 17.76 37.34 8.78
N TYR I 706 18.57 37.44 7.72
CA TYR I 706 19.24 36.25 7.20
C TYR I 706 20.16 35.64 8.25
N ASP I 707 20.94 36.47 8.94
CA ASP I 707 21.80 35.96 9.99
C ASP I 707 20.99 35.31 11.10
N PHE I 708 19.86 35.92 11.47
CA PHE I 708 19.00 35.33 12.48
C PHE I 708 18.35 34.05 11.98
N TYR I 709 18.09 33.96 10.67
CA TYR I 709 17.51 32.74 10.12
C TYR I 709 18.45 31.56 10.29
N LEU I 710 19.72 31.73 9.92
CA LEU I 710 20.70 30.65 10.09
C LEU I 710 20.87 30.31 11.57
N PHE I 711 20.91 31.32 12.43
CA PHE I 711 21.07 31.09 13.85
C PHE I 711 19.97 30.22 14.42
N LYS I 712 18.81 30.16 13.76
CA LYS I 712 17.66 29.39 14.23
C LYS I 712 17.35 28.23 13.27
N CYS I 713 18.39 27.60 12.75
CA CYS I 713 18.24 26.45 11.86
C CYS I 713 19.15 25.33 12.33
N PRO I 714 18.81 24.08 12.01
CA PRO I 714 19.66 22.96 12.43
C PRO I 714 21.06 23.08 11.84
N GLN I 715 22.05 22.70 12.64
CA GLN I 715 23.44 22.78 12.18
C GLN I 715 23.70 21.83 11.03
N SER I 716 22.98 20.71 10.96
CA SER I 716 23.21 19.74 9.90
C SER I 716 22.91 20.32 8.53
N VAL I 717 21.82 21.09 8.42
CA VAL I 717 21.38 21.57 7.11
C VAL I 717 22.41 22.53 6.52
N LYS I 718 23.01 23.38 7.35
CA LYS I 718 24.00 24.32 6.84
C LYS I 718 25.12 23.56 6.14
N GLY I 719 25.50 24.05 4.97
CA GLY I 719 26.42 23.35 4.10
C GLY I 719 25.75 22.41 3.11
N ARG I 720 24.45 22.56 2.89
CA ARG I 720 23.70 21.72 1.97
C ARG I 720 23.28 22.53 0.76
N ASN I 721 23.25 21.89 -0.41
CA ASN I 721 22.99 22.56 -1.68
C ASN I 721 21.68 22.09 -2.32
N ASP I 722 20.74 21.57 -1.54
CA ASP I 722 19.49 21.06 -2.09
C ASP I 722 18.39 22.12 -2.05
N THR I 723 18.10 22.65 -0.86
CA THR I 723 17.05 23.64 -0.71
C THR I 723 17.44 24.66 0.35
N PHE I 724 16.88 25.87 0.23
CA PHE I 724 17.22 26.95 1.14
C PHE I 724 16.15 27.15 2.21
N TYR I 725 14.90 26.88 1.89
CA TYR I 725 13.79 27.10 2.81
C TYR I 725 13.41 25.80 3.51
N LEU I 726 13.21 25.89 4.83
CA LEU I 726 12.96 24.74 5.69
C LEU I 726 11.58 24.86 6.30
N THR I 727 10.89 23.74 6.42
CA THR I 727 9.54 23.74 6.95
C THR I 727 9.55 24.16 8.42
N PRO I 728 8.70 25.08 8.84
CA PRO I 728 8.69 25.50 10.24
C PRO I 728 8.32 24.36 11.18
N GLU I 729 8.86 24.42 12.39
CA GLU I 729 8.44 23.49 13.43
C GLU I 729 7.04 23.86 13.93
N PRO I 730 6.12 22.90 14.05
CA PRO I 730 4.78 23.25 14.54
C PRO I 730 4.78 23.80 15.96
N VAL I 731 5.79 23.50 16.76
CA VAL I 731 5.88 23.96 18.15
C VAL I 731 7.17 24.72 18.31
N VAL I 732 7.07 25.95 18.83
CA VAL I 732 8.23 26.79 19.09
C VAL I 732 7.97 27.64 20.33
N ALA I 733 9.05 28.11 20.92
CA ALA I 733 9.01 28.94 22.12
C ALA I 733 9.96 30.10 21.93
N PRO I 734 9.76 31.21 22.66
CA PRO I 734 10.68 32.35 22.50
C PRO I 734 12.13 32.02 22.77
N ASN I 735 12.39 31.09 23.69
CA ASN I 735 13.76 30.68 24.03
C ASN I 735 14.11 29.33 23.42
N SER I 736 13.61 29.04 22.23
CA SER I 736 13.88 27.78 21.56
C SER I 736 15.10 27.93 20.65
N PRO I 737 16.16 27.15 20.84
CA PRO I 737 17.35 27.32 19.98
C PRO I 737 17.06 27.10 18.51
N ILE I 738 16.13 26.21 18.17
CA ILE I 738 15.87 25.83 16.79
C ILE I 738 14.39 26.06 16.48
N TRP I 739 14.12 26.60 15.30
CA TRP I 739 12.76 26.83 14.84
C TRP I 739 12.36 25.96 13.64
N TYR I 740 13.31 25.46 12.88
CA TYR I 740 13.05 24.88 11.58
C TYR I 740 13.51 23.43 11.53
N SER I 741 12.79 22.63 10.76
CA SER I 741 13.10 21.22 10.58
C SER I 741 14.10 21.06 9.43
N VAL I 742 14.35 19.82 9.02
CA VAL I 742 15.28 19.52 7.95
C VAL I 742 14.54 19.13 6.66
N GLN I 743 13.22 19.28 6.63
CA GLN I 743 12.43 18.89 5.48
C GLN I 743 12.06 20.14 4.69
N PRO I 744 12.56 20.31 3.47
CA PRO I 744 12.26 21.54 2.72
C PRO I 744 10.78 21.70 2.46
N ILE I 745 10.33 22.96 2.41
CA ILE I 745 8.92 23.24 2.20
C ILE I 745 8.47 22.65 0.86
N SER I 746 7.21 22.24 0.81
CA SER I 746 6.68 21.60 -0.38
C SER I 746 6.51 22.62 -1.51
N ARG I 747 6.41 22.09 -2.74
CA ARG I 747 6.22 22.96 -3.90
C ARG I 747 4.91 23.72 -3.81
N GLU I 748 3.84 23.04 -3.37
CA GLU I 748 2.55 23.71 -3.25
C GLU I 748 2.61 24.85 -2.25
N GLN I 749 3.24 24.64 -1.10
CA GLN I 749 3.38 25.71 -0.12
C GLN I 749 4.26 26.84 -0.66
N MET I 750 5.32 26.49 -1.39
CA MET I 750 6.16 27.51 -1.99
C MET I 750 5.34 28.39 -2.93
N GLY I 751 4.56 27.77 -3.80
CA GLY I 751 3.74 28.54 -4.73
C GLY I 751 2.68 29.35 -4.01
N GLN I 752 2.09 28.81 -2.95
CA GLN I 752 1.09 29.54 -2.19
C GLN I 752 1.71 30.79 -1.57
N MET I 753 2.90 30.66 -0.99
CA MET I 753 3.57 31.83 -0.41
C MET I 753 3.95 32.83 -1.49
N LEU I 754 4.43 32.35 -2.64
CA LEU I 754 4.82 33.27 -3.70
C LEU I 754 3.62 34.04 -4.23
N THR I 755 2.50 33.36 -4.48
CA THR I 755 1.33 34.02 -5.04
C THR I 755 0.93 35.23 -4.21
N ARG I 756 1.08 35.15 -2.89
CA ARG I 756 0.72 36.27 -2.03
C ARG I 756 1.77 37.36 -2.06
N ILE I 757 3.04 37.02 -2.21
CA ILE I 757 4.08 38.03 -2.13
C ILE I 757 4.03 38.96 -3.35
N LEU I 758 3.78 38.40 -4.53
CA LEU I 758 3.77 39.21 -5.74
C LEU I 758 2.73 40.31 -5.72
N VAL I 759 1.65 40.13 -4.93
CA VAL I 759 0.58 41.12 -4.91
C VAL I 759 1.05 42.46 -4.33
N ILE I 760 2.15 42.45 -3.56
CA ILE I 760 2.61 43.69 -2.96
C ILE I 760 2.95 44.71 -4.03
N ARG I 761 2.73 45.99 -3.72
CA ARG I 761 2.97 47.04 -4.71
C ARG I 761 4.48 47.26 -4.92
N GLU I 762 5.25 47.32 -3.84
CA GLU I 762 6.68 47.57 -3.98
C GLU I 762 7.35 46.49 -4.79
N ILE I 763 7.08 45.22 -4.46
CA ILE I 763 7.68 44.12 -5.20
C ILE I 763 7.18 44.12 -6.64
N GLN I 764 5.89 44.42 -6.84
CA GLN I 764 5.32 44.41 -8.17
C GLN I 764 6.02 45.42 -9.07
N GLU I 765 6.16 46.67 -8.60
CA GLU I 765 6.83 47.67 -9.42
C GLU I 765 8.32 47.37 -9.56
N ALA I 766 8.95 46.80 -8.53
CA ALA I 766 10.36 46.47 -8.63
C ALA I 766 10.60 45.42 -9.72
N ILE I 767 9.75 44.40 -9.79
CA ILE I 767 9.91 43.40 -10.84
C ILE I 767 9.50 43.96 -12.19
N ALA I 768 8.51 44.85 -12.22
CA ALA I 768 8.11 45.45 -13.49
C ALA I 768 9.25 46.26 -14.09
N VAL I 769 9.98 47.01 -13.25
CA VAL I 769 11.11 47.78 -13.75
C VAL I 769 12.26 46.86 -14.16
N ALA I 770 12.55 45.84 -13.35
CA ALA I 770 13.71 44.99 -13.60
C ALA I 770 13.58 44.26 -14.93
N ASN I 771 12.47 43.56 -15.14
CA ASN I 771 12.32 42.78 -16.37
C ASN I 771 12.29 43.68 -17.59
N ALA I 772 11.60 44.83 -17.50
CA ALA I 772 11.54 45.73 -18.64
C ALA I 772 12.92 46.22 -19.03
N SER I 773 13.75 46.56 -18.05
CA SER I 773 15.11 47.01 -18.33
C SER I 773 16.04 45.83 -18.50
#